data_8DR5
#
_entry.id   8DR5
#
_cell.length_a   1.00
_cell.length_b   1.00
_cell.length_c   1.00
_cell.angle_alpha   90.00
_cell.angle_beta   90.00
_cell.angle_gamma   90.00
#
_symmetry.space_group_name_H-M   'P 1'
#
loop_
_entity.id
_entity.type
_entity.pdbx_description
1 polymer 'Replication factor C subunit 1'
2 polymer 'Replication factor C subunit 4'
3 polymer 'Replication factor C subunit 3'
4 polymer 'Replication factor C subunit 2'
5 polymer 'Replication factor C subunit 5'
6 polymer 'Proliferating cell nuclear antigen'
7 polymer "DNA (5'-D(P*TP*TP*TP*CP*GP*GP*GP*GP*GP*GP*GP*CP*C)-3')"
8 polymer "DNA (5'-D(P*GP*GP*CP*CP*CP*CP*CP*CP*CP*GP*GP*C)-3')"
9 polymer "DNA (5'-D(P*AP*GP*GP*GP*GP*GP*GP*GP*GP*GP*G)-3')"
10 polymer "DNA (5'-D(P*CP*CP*CP*CP*CP*CP*CP*CP*CP*CP*TP*TP*T)-3')"
11 non-polymer 'MAGNESIUM ION'
12 non-polymer 'PHOSPHOTHIOPHOSPHORIC ACID-ADENYLATE ESTER'
13 non-polymer "GUANOSINE-5'-DIPHOSPHATE"
#
loop_
_entity_poly.entity_id
_entity_poly.type
_entity_poly.pdbx_seq_one_letter_code
_entity_poly.pdbx_strand_id
1 'polypeptide(L)'
;MVNISDFFGKNKKSVRSSTSRPTRQVGSSKPEVIDLDTESDQESTNKTPKKMPVSNVIDVSETPEGEKKLPLPAKRKASS
PTVKPASSKKTKPSSKSSDSASNITAQDVLDKIPSLDLSNVHVKENAKFDFKSANSNADPDEIVSEIGSFPEGKPNCLLG
LTIVFTGVLPTLERGASEALAKRYGARVTKSISSKTSVVVLGDEAGPKKLEKIKQLKIKAIDEEGFKQLIAGMPAEGGDG
EAAEKARRKLEEQHNIATKEAELLVKKEEERSKKLAATRVSGGHLERDNVVREEDKLWTVKYAPTNLQQVCGNKGSVMKL
KNWLANWENSKKNSFKHAGKDGSGVFRAAMLYGPPGIGKTTAAHLVAQELGYDILEQNASDVRSKTLLNAGVKNALDNMS
VVGYFKHNEEAQNLNGKHFVIIMDEVDGMSGGDRGGVGQLAQFCRKTSTPLILICNERNLPKMRPFDRVCLDIQFRRPDA
NSIKSRLMTIAIREKFKLDPNVIDRLIQTTRGDIRQVINLLSTISTTTKTINHENINEISKAWEKNIALKPFDIAHKMLD
GQIYSDIGSRNFTLNDKIALYFDDFDFTPLMIQENYLSTRPSVLKPGQSHLEAVAEAANCISLGDIVEKKIRSSEQLWSL
LPLHAVLSSVYPASKVAGHMAGRINFTAWLGQNSKSAKYYRLLQEIHYHTRLGTSTDKIGLRLDYLPTFRKRLLDPFLKQ
GADAISSVIEVMDDYYLTKEDWDSIMEFFVGPDVTTAIIKKIPATVKSGFTRKYNSMTHPVAIYRTGSTIGGGGVGTSTS
TPDFEDVVDADDNPVPADDEETQDSSTDLKKDKLIKQKAKPTKRKTATSKPGGSKKRKTKAGLNENLYFQGGGDYKDDDD
KDYKDDDDKDYKDDDDKGGKDHLIHNVHKEEHAHAHNK
;
A
2 'polypeptide(L)'
;MSKTLSLQLPWVEKYRPQVLSDIVGNKETIDRLQQIAKDGNMPHMIISGMPGIGKTTSVHCLAHELLGRSYADGVLELNA
SDDRGIDVVRNQIKHFAQKKLHLPPGKHKIVILDEADSMTAGAQQALRRTMELYSNSTRFAFACNQSNKIIEPLQSRCAI
LRYSKLSDEDVLKRLLQIIKLEDVKYTNDGLEAIIFTAEGDMRQAINNLQSTVAGHGLVNADNVFKIVDSPHPLIVKKML
LASNLEDSIQILRTDLWKKGYSSIDIVTTSFRVTKNLAQVKESVRLEMIKEIGLTHMRILEGVGTYLQLASMLAKIHKLN
NKA
;
B
3 'polypeptide(L)'
;MSTSTEKRSKENLPWVEKYRPETLDEVYGQNEVITTVRKFVDEGKLPHLLFYGPPGTGKTSTIVALAREIYGKNYSNMVL
ELNASDDRGIDVVRNQIKDFASTRQIFSKGFKLIILDEADAMTNAAQNALRRVIERYTKNTRFCVLANYAHKLTPALLSR
CTRFRFQPLPQEAIERRIANVLVHEKLKLSPNAEKALIELSNGDMRRVLNVLQSCKATLDNPDEDEISDDVIYECCGAPR
PSDLKAVLKSILEDDWGTAHYTLNKVRSAKGLALIDLIEGIVKILEDYELQNEETRVHLLTKLADIEYSISKGGNDQIQG
SAVIGAIKASFENETVKANV
;
C
4 'polypeptide(L)'
;MFEGFGPNKKRKISKLAAEQSLAQQPWVEKYRPKNLDEVTAQDHAVTVLKKTLKSANLPHMLFYGPPGTGKTSTILALTK
ELYGPDLMKSRILELNASDERGISIVREKVKNFARLTVSKPSKHDLENYPCPPYKIIILDEADSMTADAQSALRRTMETY
SGVTRFCLICNYVTRIIDPLASRCSKFRFKALDASNAIDRLRFISEQENVKCDDGVLERILDISAGDLRRGITLLQSASK
GAQYLGDGKNITSTQVEELAGVVPHDILIEIVEKVKSGDFDEIKKYVNTFMKSGWSAASVVNQLHEYYITNDNFDTNFKN
QISWLLFTTDSRLNNGTNEHIQLLNLLVKISQL
;
D
5 'polypeptide(L)'
;MSLWVDKYRPKSLNALSHNEELTNFLKSLSDQPRDLPHLLLYGPNGTGKKTRCMALLESIFGPGVYRLKIDVRQFVTASN
RKLELNVVSSPYHLEITPSDMGNNDRIVIQELLKEVAQMEQVDFQDSKDGLAHRYKCVIINEANSLTKDAQAALRRTMEK
YSKNIRLIMVCDSMSPIIAPIKSRCLLIRCPAPSDSEISTILSDVVTNERIQLETKDILKRIAQASNGNLRVSLLMLESM
ALNNELALKSSSPIIKPDWIIVIHKLTRKIVKERSVNSLIECRAVLYDLLAHCIPANIILKELTFSLLDVETLNTTNKSS
IIEYSSVFDERLSLGNKAIFHLEGFIAKVMCCLD
;
E
6 'polypeptide(L)'
;MGSSHHHHHHSSGLVPRASMLEAKFEEASLFKRIIDGFKDCVQLVNFQCKEDGIIAQAVDDSRVLLVSLEIGVEAFQEYR
CDHPVTLGMDLTSLSKILRCGNNTDTLTLIADNTPDSIILLFEDTKKDRIAEYSLKLMDIDADFLKIEELQYDSTLSLPS
SEFSKIVRDLSQLSDSINIMITKETIKFVADGDIGSGSVIIKPFVDMEHPETSIKLEMDQPVDLTFGAKYLLDIIKGSSL
SDRVGIRLSSEAPALFQFDLKSGFLQFFLAPKFNDEE
;
F,G,H
7 'polydeoxyribonucleotide' (DT)(DT)(DT)(DC)(DG)(DG)(DG)(DG)(DG)(DG)(DG)(DC)(DC) I
8 'polydeoxyribonucleotide' (DG)(DG)(DC)(DC)(DC)(DC)(DC)(DC)(DC)(DG)(DG)(DC) J
9 'polydeoxyribonucleotide' (DA)(DG)(DG)(DG)(DG)(DG)(DG)(DG)(DG)(DG)(DG) K
10 'polydeoxyribonucleotide' (DC)(DC)(DC)(DC)(DC)(DC)(DC)(DC)(DC)(DC)(DT)(DT)(DT) L
#
loop_
_chem_comp.id
_chem_comp.type
_chem_comp.name
_chem_comp.formula
AGS non-polymer 'PHOSPHOTHIOPHOSPHORIC ACID-ADENYLATE ESTER' 'C10 H16 N5 O12 P3 S'
DA DNA linking 2'-DEOXYADENOSINE-5'-MONOPHOSPHATE 'C10 H14 N5 O6 P'
DC DNA linking 2'-DEOXYCYTIDINE-5'-MONOPHOSPHATE 'C9 H14 N3 O7 P'
DG DNA linking 2'-DEOXYGUANOSINE-5'-MONOPHOSPHATE 'C10 H14 N5 O7 P'
DT DNA linking THYMIDINE-5'-MONOPHOSPHATE 'C10 H15 N2 O8 P'
GDP RNA linking GUANOSINE-5'-DIPHOSPHATE 'C10 H15 N5 O11 P2'
MG non-polymer 'MAGNESIUM ION' 'Mg 2'
#
# COMPACT_ATOMS: atom_id res chain seq x y z
N ASN A 103 -4.43 0.20 76.20
CA ASN A 103 -5.62 1.00 76.42
C ASN A 103 -6.82 0.39 75.71
N ILE A 104 -6.87 0.55 74.38
CA ILE A 104 -7.95 0.02 73.56
C ILE A 104 -7.34 -0.94 72.55
N THR A 105 -7.86 -2.16 72.51
CA THR A 105 -7.40 -3.18 71.58
C THR A 105 -8.33 -3.25 70.38
N ALA A 106 -7.74 -3.51 69.21
CA ALA A 106 -8.54 -3.55 67.98
C ALA A 106 -9.61 -4.62 68.05
N GLN A 107 -9.29 -5.77 68.65
CA GLN A 107 -10.25 -6.87 68.72
C GLN A 107 -11.49 -6.47 69.50
N ASP A 108 -11.32 -5.74 70.60
CA ASP A 108 -12.47 -5.32 71.40
C ASP A 108 -13.39 -4.40 70.59
N VAL A 109 -12.79 -3.41 69.91
CA VAL A 109 -13.59 -2.50 69.10
C VAL A 109 -14.31 -3.26 68.00
N LEU A 110 -13.62 -4.21 67.37
CA LEU A 110 -14.26 -5.02 66.33
C LEU A 110 -15.42 -5.81 66.92
N ASP A 111 -15.25 -6.35 68.12
CA ASP A 111 -16.34 -7.08 68.76
C ASP A 111 -17.54 -6.18 69.00
N LYS A 112 -17.30 -4.93 69.40
CA LYS A 112 -18.41 -4.01 69.61
C LYS A 112 -19.19 -3.79 68.31
N ILE A 113 -18.49 -3.65 67.19
CA ILE A 113 -19.17 -3.40 65.91
C ILE A 113 -20.03 -4.61 65.56
N PRO A 114 -21.20 -4.41 64.96
CA PRO A 114 -22.02 -5.58 64.56
C PRO A 114 -21.32 -6.42 63.51
N SER A 115 -21.62 -7.71 63.52
CA SER A 115 -21.04 -8.68 62.60
C SER A 115 -22.13 -9.24 61.70
N LEU A 116 -21.86 -9.25 60.40
CA LEU A 116 -22.81 -9.81 59.45
C LEU A 116 -22.71 -11.35 59.44
N ASP A 117 -23.75 -11.97 58.91
CA ASP A 117 -23.83 -13.43 58.82
C ASP A 117 -24.18 -13.84 57.41
N LEU A 118 -23.71 -15.02 57.02
CA LEU A 118 -23.96 -15.55 55.69
C LEU A 118 -25.18 -16.46 55.70
N SER A 149 -19.16 13.00 53.97
CA SER A 149 -20.30 12.41 54.68
C SER A 149 -19.84 11.55 55.85
N PHE A 150 -18.89 10.66 55.58
CA PHE A 150 -18.38 9.79 56.62
C PHE A 150 -17.61 10.60 57.65
N PRO A 151 -17.62 10.19 58.92
CA PRO A 151 -16.90 10.94 59.94
C PRO A 151 -15.39 10.85 59.75
N GLU A 152 -14.70 11.90 60.19
CA GLU A 152 -13.25 11.95 60.10
C GLU A 152 -12.63 11.33 61.34
N GLY A 153 -11.74 10.37 61.14
CA GLY A 153 -11.08 9.70 62.24
C GLY A 153 -9.82 10.40 62.68
N LYS A 154 -8.77 9.64 62.93
CA LYS A 154 -7.48 10.15 63.36
C LYS A 154 -6.38 9.50 62.52
N PRO A 155 -5.21 10.13 62.43
CA PRO A 155 -4.16 9.60 61.54
C PRO A 155 -3.81 8.16 61.88
N ASN A 156 -3.69 7.34 60.84
CA ASN A 156 -3.28 5.95 60.98
C ASN A 156 -4.14 5.22 62.01
N CYS A 157 -5.45 5.48 61.97
CA CYS A 157 -6.36 4.79 62.88
C CYS A 157 -6.59 3.34 62.46
N LEU A 158 -6.50 3.05 61.17
CA LEU A 158 -6.65 1.70 60.65
C LEU A 158 -5.32 1.02 60.40
N LEU A 159 -4.21 1.62 60.81
CA LEU A 159 -2.91 1.03 60.57
C LEU A 159 -2.80 -0.33 61.23
N GLY A 160 -2.27 -1.30 60.49
CA GLY A 160 -2.11 -2.66 60.98
C GLY A 160 -3.29 -3.56 60.75
N LEU A 161 -4.38 -3.05 60.20
CA LEU A 161 -5.58 -3.85 59.93
C LEU A 161 -5.72 -4.05 58.44
N THR A 162 -5.75 -5.31 58.01
CA THR A 162 -5.90 -5.64 56.59
C THR A 162 -7.38 -5.72 56.24
N ILE A 163 -7.78 -5.01 55.20
CA ILE A 163 -9.17 -4.91 54.78
C ILE A 163 -9.27 -5.36 53.33
N VAL A 164 -10.24 -6.22 53.05
CA VAL A 164 -10.53 -6.69 51.70
C VAL A 164 -11.91 -6.22 51.31
N PHE A 165 -12.03 -5.57 50.16
CA PHE A 165 -13.28 -5.01 49.69
C PHE A 165 -13.87 -5.92 48.60
N THR A 166 -15.12 -6.33 48.81
CA THR A 166 -15.83 -7.18 47.86
C THR A 166 -17.24 -6.65 47.67
N GLY A 167 -17.81 -6.94 46.50
CA GLY A 167 -19.14 -6.49 46.19
C GLY A 167 -19.18 -5.02 45.82
N VAL A 168 -20.41 -4.50 45.75
CA VAL A 168 -20.67 -3.12 45.39
C VAL A 168 -21.21 -2.40 46.62
N LEU A 169 -20.54 -1.31 47.00
CA LEU A 169 -20.97 -0.52 48.15
C LEU A 169 -21.94 0.57 47.71
N PRO A 170 -23.12 0.68 48.31
CA PRO A 170 -24.09 1.67 47.82
C PRO A 170 -23.56 3.10 47.81
N THR A 171 -22.73 3.48 48.78
CA THR A 171 -22.28 4.86 48.92
C THR A 171 -21.00 5.12 48.13
N LEU A 172 -19.94 4.37 48.44
CA LEU A 172 -18.62 4.60 47.87
C LEU A 172 -18.34 3.60 46.76
N GLU A 173 -17.70 4.09 45.70
CA GLU A 173 -17.26 3.23 44.61
C GLU A 173 -16.00 2.46 45.03
N ARG A 174 -15.63 1.47 44.22
CA ARG A 174 -14.44 0.67 44.52
C ARG A 174 -13.21 1.55 44.69
N GLY A 175 -13.00 2.46 43.74
CA GLY A 175 -11.85 3.36 43.84
C GLY A 175 -11.95 4.28 45.04
N ALA A 176 -13.13 4.87 45.25
CA ALA A 176 -13.32 5.76 46.39
C ALA A 176 -13.16 5.01 47.71
N SER A 177 -13.72 3.80 47.79
CA SER A 177 -13.58 3.01 49.02
C SER A 177 -12.12 2.66 49.27
N GLU A 178 -11.39 2.28 48.22
CA GLU A 178 -9.97 1.97 48.39
C GLU A 178 -9.19 3.19 48.84
N ALA A 179 -9.50 4.35 48.27
CA ALA A 179 -8.82 5.58 48.69
C ALA A 179 -9.11 5.90 50.15
N LEU A 180 -10.37 5.75 50.57
CA LEU A 180 -10.72 6.00 51.97
C LEU A 180 -10.01 5.03 52.89
N ALA A 181 -9.89 3.76 52.47
CA ALA A 181 -9.17 2.79 53.29
C ALA A 181 -7.70 3.15 53.41
N LYS A 182 -7.07 3.51 52.29
CA LYS A 182 -5.65 3.86 52.31
C LYS A 182 -5.38 5.17 53.02
N ARG A 183 -6.40 6.03 53.15
CA ARG A 183 -6.24 7.28 53.90
C ARG A 183 -5.69 7.01 55.30
N TYR A 184 -6.21 5.99 55.97
CA TYR A 184 -5.86 5.70 57.36
C TYR A 184 -4.75 4.66 57.50
N GLY A 185 -4.00 4.41 56.42
CA GLY A 185 -2.89 3.49 56.48
C GLY A 185 -3.26 2.02 56.40
N ALA A 186 -4.53 1.70 56.18
CA ALA A 186 -4.93 0.31 56.07
C ALA A 186 -4.34 -0.32 54.81
N ARG A 187 -4.01 -1.60 54.90
CA ARG A 187 -3.47 -2.35 53.77
C ARG A 187 -4.60 -3.09 53.08
N VAL A 188 -4.79 -2.82 51.80
CA VAL A 188 -5.85 -3.42 51.00
C VAL A 188 -5.27 -4.62 50.25
N THR A 189 -5.91 -5.77 50.41
CA THR A 189 -5.49 -7.01 49.77
C THR A 189 -6.52 -7.44 48.75
N LYS A 190 -6.07 -7.74 47.53
CA LYS A 190 -6.98 -8.11 46.46
C LYS A 190 -7.61 -9.48 46.66
N SER A 191 -7.05 -10.32 47.53
CA SER A 191 -7.55 -11.66 47.76
C SER A 191 -7.75 -11.88 49.26
N ILE A 192 -8.75 -12.69 49.60
CA ILE A 192 -9.03 -13.02 50.98
C ILE A 192 -8.04 -14.08 51.46
N SER A 193 -7.50 -13.89 52.65
CA SER A 193 -6.48 -14.77 53.20
C SER A 193 -6.72 -14.94 54.69
N SER A 194 -6.12 -16.00 55.25
CA SER A 194 -6.29 -16.29 56.66
C SER A 194 -5.82 -15.13 57.53
N LYS A 195 -4.83 -14.38 57.07
CA LYS A 195 -4.31 -13.24 57.84
C LYS A 195 -5.23 -12.02 57.77
N THR A 196 -6.25 -12.04 56.91
CA THR A 196 -7.14 -10.89 56.79
C THR A 196 -7.85 -10.62 58.10
N SER A 197 -7.93 -9.35 58.47
CA SER A 197 -8.60 -8.94 59.70
C SER A 197 -10.11 -8.81 59.50
N VAL A 198 -10.53 -7.92 58.59
CA VAL A 198 -11.93 -7.70 58.30
C VAL A 198 -12.13 -7.70 56.78
N VAL A 199 -13.37 -7.98 56.38
CA VAL A 199 -13.74 -7.98 54.96
C VAL A 199 -15.10 -7.31 54.81
N VAL A 200 -15.10 -6.06 54.36
CA VAL A 200 -16.36 -5.36 54.13
C VAL A 200 -17.10 -6.03 52.99
N LEU A 201 -18.38 -6.36 53.22
CA LEU A 201 -19.19 -7.06 52.24
C LEU A 201 -20.46 -6.25 51.98
N GLY A 202 -20.78 -6.09 50.70
CA GLY A 202 -21.98 -5.38 50.30
C GLY A 202 -22.95 -6.27 49.54
N ASP A 203 -23.13 -5.99 48.25
CA ASP A 203 -24.00 -6.77 47.39
C ASP A 203 -23.24 -7.18 46.14
N GLU A 204 -23.75 -8.21 45.47
CA GLU A 204 -23.14 -8.75 44.25
C GLU A 204 -21.71 -9.22 44.53
N ALA A 205 -21.61 -10.24 45.39
CA ALA A 205 -20.34 -10.84 45.75
C ALA A 205 -20.21 -12.19 45.06
N GLY A 206 -19.03 -12.44 44.47
CA GLY A 206 -18.81 -13.66 43.73
C GLY A 206 -18.80 -14.89 44.62
N PRO A 207 -19.13 -16.05 44.06
CA PRO A 207 -19.16 -17.28 44.88
C PRO A 207 -17.82 -17.59 45.51
N LYS A 208 -16.72 -17.32 44.81
CA LYS A 208 -15.40 -17.60 45.37
C LYS A 208 -15.15 -16.77 46.63
N LYS A 209 -15.57 -15.50 46.62
CA LYS A 209 -15.40 -14.65 47.80
C LYS A 209 -16.11 -15.24 49.00
N LEU A 210 -17.38 -15.62 48.83
CA LEU A 210 -18.13 -16.21 49.93
C LEU A 210 -17.52 -17.52 50.39
N GLU A 211 -17.08 -18.36 49.44
CA GLU A 211 -16.47 -19.63 49.80
C GLU A 211 -15.23 -19.42 50.65
N LYS A 212 -14.35 -18.51 50.22
CA LYS A 212 -13.15 -18.22 50.99
C LYS A 212 -13.49 -17.65 52.36
N ILE A 213 -14.46 -16.74 52.42
CA ILE A 213 -14.84 -16.14 53.70
C ILE A 213 -15.32 -17.21 54.66
N LYS A 214 -16.18 -18.10 54.19
CA LYS A 214 -16.70 -19.16 55.05
C LYS A 214 -15.59 -20.13 55.46
N GLN A 215 -14.70 -20.49 54.53
CA GLN A 215 -13.65 -21.44 54.85
C GLN A 215 -12.68 -20.87 55.88
N LEU A 216 -12.31 -19.61 55.74
CA LEU A 216 -11.33 -18.98 56.62
C LEU A 216 -11.94 -18.27 57.81
N LYS A 217 -13.26 -18.34 57.98
CA LYS A 217 -13.97 -17.77 59.13
C LYS A 217 -13.47 -16.36 59.43
N ILE A 218 -13.66 -15.47 58.46
CA ILE A 218 -13.23 -14.09 58.56
C ILE A 218 -14.44 -13.21 58.77
N LYS A 219 -14.34 -12.28 59.72
CA LYS A 219 -15.44 -11.39 60.04
C LYS A 219 -15.74 -10.44 58.87
N ALA A 220 -17.00 -10.04 58.76
CA ALA A 220 -17.45 -9.10 57.74
C ALA A 220 -18.35 -8.06 58.39
N ILE A 221 -18.39 -6.88 57.77
CA ILE A 221 -19.16 -5.74 58.26
C ILE A 221 -19.83 -5.05 57.08
N ASP A 222 -20.69 -4.08 57.39
CA ASP A 222 -21.45 -3.34 56.40
C ASP A 222 -20.94 -1.90 56.34
N GLU A 223 -21.62 -1.08 55.53
CA GLU A 223 -21.23 0.32 55.40
C GLU A 223 -21.26 1.02 56.76
N GLU A 224 -22.32 0.81 57.53
CA GLU A 224 -22.37 1.37 58.87
C GLU A 224 -21.26 0.80 59.75
N GLY A 225 -20.98 -0.49 59.59
CA GLY A 225 -19.88 -1.09 60.33
C GLY A 225 -18.55 -0.43 60.03
N PHE A 226 -18.28 -0.20 58.73
CA PHE A 226 -17.03 0.45 58.35
C PHE A 226 -17.00 1.90 58.85
N LYS A 227 -18.13 2.59 58.80
CA LYS A 227 -18.19 3.96 59.30
C LYS A 227 -17.88 4.00 60.79
N GLN A 228 -18.41 3.06 61.56
CA GLN A 228 -18.09 2.99 62.98
C GLN A 228 -16.62 2.63 63.19
N LEU A 229 -16.09 1.70 62.37
CA LEU A 229 -14.71 1.26 62.53
C LEU A 229 -13.73 2.42 62.30
N ILE A 230 -13.97 3.22 61.26
CA ILE A 230 -13.05 4.31 60.94
C ILE A 230 -13.00 5.36 62.02
N ALA A 231 -13.97 5.39 62.94
CA ALA A 231 -14.00 6.34 64.03
C ALA A 231 -13.88 5.68 65.39
N GLY A 232 -13.78 4.36 65.46
CA GLY A 232 -13.68 3.63 66.71
C GLY A 232 -12.28 3.34 67.19
N MET A 233 -11.26 3.97 66.60
CA MET A 233 -9.87 3.74 66.98
C MET A 233 -9.18 5.07 67.27
N PRO A 234 -9.63 5.79 68.29
CA PRO A 234 -8.99 7.07 68.62
C PRO A 234 -7.52 6.94 69.00
N ALA A 235 -7.11 5.81 69.55
CA ALA A 235 -5.74 5.63 70.03
C ALA A 235 -4.76 5.28 68.92
N GLU A 236 -5.24 5.05 67.69
CA GLU A 236 -4.41 4.72 66.54
C GLU A 236 -3.25 3.82 66.93
N GLY A 237 -3.53 2.77 67.70
CA GLY A 237 -2.49 1.88 68.17
C GLY A 237 -2.96 1.14 69.42
N GLY A 238 -1.99 0.73 70.23
CA GLY A 238 -2.30 -0.02 71.43
C GLY A 238 -3.01 -1.32 71.15
N ASP A 239 -2.58 -2.04 70.12
CA ASP A 239 -3.25 -3.27 69.70
C ASP A 239 -2.25 -4.43 69.65
N GLY A 240 -2.67 -5.54 69.04
CA GLY A 240 -1.83 -6.72 68.98
C GLY A 240 -0.49 -6.47 68.31
N GLU A 241 0.32 -7.53 68.19
CA GLU A 241 1.67 -7.38 67.67
C GLU A 241 1.68 -6.87 66.23
N ALA A 242 0.58 -7.03 65.49
CA ALA A 242 0.56 -6.59 64.10
C ALA A 242 0.76 -5.08 63.98
N ALA A 243 0.01 -4.32 64.78
CA ALA A 243 0.12 -2.87 64.71
C ALA A 243 1.49 -2.40 65.16
N GLU A 244 2.02 -3.00 66.23
CA GLU A 244 3.35 -2.62 66.70
C GLU A 244 4.41 -2.92 65.65
N LYS A 245 4.31 -4.07 64.98
CA LYS A 245 5.27 -4.41 63.93
C LYS A 245 5.15 -3.44 62.75
N ALA A 246 3.93 -3.06 62.39
CA ALA A 246 3.74 -2.09 61.31
C ALA A 246 4.37 -0.74 61.69
N ARG A 247 4.17 -0.30 62.92
CA ARG A 247 4.77 0.96 63.36
C ARG A 247 6.30 0.86 63.37
N ARG A 248 6.83 -0.29 63.79
CA ARG A 248 8.28 -0.47 63.75
C ARG A 248 8.81 -0.40 62.33
N LYS A 249 8.09 -1.02 61.39
CA LYS A 249 8.51 -0.95 59.98
C LYS A 249 8.46 0.48 59.47
N LEU A 250 7.41 1.22 59.83
CA LEU A 250 7.33 2.62 59.40
C LEU A 250 8.48 3.44 59.97
N GLU A 251 8.81 3.23 61.25
CA GLU A 251 9.92 3.95 61.85
C GLU A 251 11.24 3.57 61.20
N GLU A 252 11.42 2.30 60.85
CA GLU A 252 12.63 1.88 60.16
C GLU A 252 12.74 2.54 58.79
N GLN A 253 11.63 2.63 58.07
CA GLN A 253 11.65 3.31 56.78
C GLN A 253 12.00 4.79 56.95
N HIS A 254 11.43 5.45 57.96
CA HIS A 254 11.76 6.84 58.21
C HIS A 254 13.23 7.01 58.53
N ASN A 255 13.78 6.11 59.36
CA ASN A 255 15.19 6.20 59.72
C ASN A 255 16.08 5.99 58.51
N ILE A 256 15.72 5.04 57.63
CA ILE A 256 16.51 4.82 56.42
C ILE A 256 16.47 6.06 55.54
N ALA A 257 15.29 6.67 55.39
CA ALA A 257 15.19 7.87 54.58
C ALA A 257 16.04 8.99 55.17
N THR A 258 16.00 9.16 56.49
CA THR A 258 16.80 10.20 57.13
C THR A 258 18.28 9.96 56.93
N LYS A 259 18.73 8.71 57.07
CA LYS A 259 20.14 8.39 56.86
C LYS A 259 20.55 8.66 55.42
N GLU A 260 19.70 8.30 54.46
CA GLU A 260 20.01 8.58 53.06
C GLU A 260 20.12 10.08 52.81
N ALA A 261 19.21 10.86 53.38
CA ALA A 261 19.28 12.32 53.23
C ALA A 261 20.55 12.87 53.85
N GLU A 262 20.93 12.36 55.03
CA GLU A 262 22.16 12.81 55.67
C GLU A 262 23.38 12.51 54.81
N LEU A 263 23.44 11.30 54.25
CA LEU A 263 24.57 10.95 53.39
C LEU A 263 24.59 11.83 52.14
N LEU A 264 23.42 12.11 51.58
CA LEU A 264 23.36 12.95 50.38
C LEU A 264 23.85 14.37 50.67
N VAL A 265 23.43 14.93 51.81
CA VAL A 265 23.88 16.28 52.14
C VAL A 265 25.37 16.29 52.45
N LYS A 266 25.88 15.22 53.07
CA LYS A 266 27.32 15.14 53.30
C LYS A 266 28.08 15.09 51.98
N LYS A 267 27.58 14.31 51.01
CA LYS A 267 28.21 14.27 49.70
C LYS A 267 28.18 15.65 49.04
N GLU A 268 27.06 16.35 49.15
CA GLU A 268 26.98 17.69 48.59
C GLU A 268 28.00 18.62 49.26
N GLU A 269 28.14 18.52 50.58
CA GLU A 269 29.08 19.37 51.30
C GLU A 269 30.51 19.09 50.85
N GLU A 270 30.89 17.83 50.73
CA GLU A 270 32.25 17.52 50.30
C GLU A 270 32.47 17.95 48.86
N ARG A 271 31.47 17.81 48.00
CA ARG A 271 31.59 18.30 46.63
C ARG A 271 31.81 19.80 46.61
N SER A 272 31.06 20.54 47.42
CA SER A 272 31.24 21.99 47.50
C SER A 272 32.62 22.34 48.01
N LYS A 273 33.12 21.60 49.00
CA LYS A 273 34.46 21.85 49.51
C LYS A 273 35.51 21.63 48.43
N LYS A 274 35.38 20.55 47.67
CA LYS A 274 36.33 20.29 46.58
C LYS A 274 36.25 21.38 45.52
N LEU A 275 35.04 21.82 45.18
CA LEU A 275 34.89 22.90 44.19
C LEU A 275 35.56 24.17 44.68
N ALA A 276 35.35 24.53 45.95
CA ALA A 276 35.98 25.72 46.51
C ALA A 276 37.49 25.60 46.49
N ALA A 277 38.02 24.43 46.88
CA ALA A 277 39.47 24.24 46.87
C ALA A 277 40.03 24.39 45.46
N THR A 278 39.35 23.81 44.47
CA THR A 278 39.81 23.93 43.09
C THR A 278 39.76 25.37 42.62
N ARG A 279 38.69 26.10 42.98
CA ARG A 279 38.54 27.46 42.49
C ARG A 279 39.48 28.44 43.19
N VAL A 280 39.92 28.12 44.41
CA VAL A 280 40.85 28.99 45.11
C VAL A 280 42.16 29.10 44.34
N SER A 281 42.67 27.98 43.85
CA SER A 281 43.92 27.97 43.10
C SER A 281 43.82 27.00 41.92
N VAL A 290 30.81 21.97 36.93
CA VAL A 290 30.46 23.16 36.18
C VAL A 290 28.94 23.29 36.06
N VAL A 291 28.25 22.15 36.12
CA VAL A 291 26.80 22.11 36.03
C VAL A 291 26.23 22.28 37.43
N ARG A 292 25.36 23.27 37.60
CA ARG A 292 24.78 23.55 38.91
C ARG A 292 23.89 22.40 39.35
N GLU A 293 23.96 22.06 40.64
CA GLU A 293 23.19 20.95 41.17
C GLU A 293 21.68 21.22 41.17
N GLU A 294 21.28 22.49 41.12
CA GLU A 294 19.87 22.85 41.09
C GLU A 294 19.35 22.99 39.66
N ASP A 295 20.16 22.65 38.66
CA ASP A 295 19.78 22.75 37.26
C ASP A 295 19.69 21.39 36.59
N LYS A 296 19.66 20.31 37.36
CA LYS A 296 19.62 18.96 36.83
C LYS A 296 18.23 18.35 37.05
N LEU A 297 17.87 17.43 36.15
CA LEU A 297 16.63 16.69 36.34
C LEU A 297 16.71 15.84 37.60
N TRP A 298 15.59 15.75 38.33
CA TRP A 298 15.58 14.97 39.55
C TRP A 298 15.94 13.51 39.29
N THR A 299 15.67 13.02 38.08
CA THR A 299 16.03 11.64 37.75
C THR A 299 17.54 11.46 37.62
N VAL A 300 18.27 12.53 37.31
CA VAL A 300 19.73 12.45 37.26
C VAL A 300 20.34 12.71 38.63
N LYS A 301 19.79 13.66 39.39
CA LYS A 301 20.34 13.97 40.69
C LYS A 301 20.25 12.77 41.64
N TYR A 302 19.11 12.07 41.63
CA TYR A 302 18.87 10.95 42.53
C TYR A 302 19.05 9.61 41.84
N ALA A 303 19.79 9.57 40.74
CA ALA A 303 20.06 8.30 40.09
C ALA A 303 20.89 7.41 41.03
N PRO A 304 20.66 6.10 41.03
CA PRO A 304 21.45 5.23 41.91
C PRO A 304 22.94 5.37 41.65
N THR A 305 23.72 5.37 42.72
CA THR A 305 25.18 5.43 42.63
C THR A 305 25.82 4.06 42.80
N ASN A 306 25.19 3.17 43.58
CA ASN A 306 25.68 1.81 43.78
C ASN A 306 24.54 0.84 43.52
N LEU A 307 24.86 -0.45 43.53
CA LEU A 307 23.85 -1.47 43.28
C LEU A 307 22.98 -1.74 44.50
N GLN A 308 23.39 -1.29 45.68
CA GLN A 308 22.53 -1.38 46.86
C GLN A 308 21.50 -0.27 46.94
N GLN A 309 21.64 0.78 46.13
CA GLN A 309 20.68 1.86 46.07
C GLN A 309 19.59 1.64 45.03
N VAL A 310 19.68 0.57 44.24
CA VAL A 310 18.67 0.25 43.25
C VAL A 310 17.50 -0.44 43.97
N CYS A 311 16.29 -0.01 43.66
CA CYS A 311 15.08 -0.51 44.31
C CYS A 311 14.42 -1.57 43.44
N GLY A 312 14.06 -2.69 44.05
CA GLY A 312 13.38 -3.76 43.35
C GLY A 312 14.33 -4.60 42.52
N ASN A 313 13.81 -5.75 42.08
CA ASN A 313 14.56 -6.65 41.20
C ASN A 313 15.91 -7.03 41.82
N LYS A 314 15.91 -7.23 43.14
CA LYS A 314 17.14 -7.59 43.83
C LYS A 314 17.72 -8.89 43.28
N GLY A 315 16.86 -9.88 43.05
CA GLY A 315 17.34 -11.15 42.52
C GLY A 315 17.99 -11.01 41.16
N SER A 316 17.38 -10.23 40.27
CA SER A 316 17.93 -10.05 38.93
C SER A 316 19.28 -9.35 38.97
N VAL A 317 19.40 -8.30 39.78
CA VAL A 317 20.67 -7.59 39.90
C VAL A 317 21.74 -8.51 40.48
N MET A 318 21.36 -9.30 41.50
CA MET A 318 22.32 -10.23 42.08
C MET A 318 22.76 -11.27 41.06
N LYS A 319 21.83 -11.78 40.25
CA LYS A 319 22.18 -12.75 39.23
C LYS A 319 23.14 -12.14 38.21
N LEU A 320 22.86 -10.91 37.77
CA LEU A 320 23.74 -10.26 36.81
C LEU A 320 25.13 -10.03 37.40
N LYS A 321 25.20 -9.59 38.66
CA LYS A 321 26.48 -9.39 39.31
C LYS A 321 27.26 -10.69 39.42
N ASN A 322 26.59 -11.77 39.80
CA ASN A 322 27.26 -13.07 39.88
C ASN A 322 27.76 -13.52 38.51
N TRP A 323 26.94 -13.33 37.47
CA TRP A 323 27.34 -13.74 36.13
C TRP A 323 28.56 -12.98 35.67
N LEU A 324 28.59 -11.66 35.88
CA LEU A 324 29.72 -10.86 35.43
C LEU A 324 30.96 -11.02 36.32
N ALA A 325 30.77 -11.44 37.57
CA ALA A 325 31.89 -11.64 38.48
C ALA A 325 32.58 -12.99 38.29
N ASN A 326 31.95 -13.93 37.57
CA ASN A 326 32.54 -15.23 37.29
C ASN A 326 32.77 -15.43 35.80
N TRP A 327 32.79 -14.34 35.01
CA TRP A 327 32.99 -14.47 33.57
C TRP A 327 34.38 -15.01 33.27
N GLU A 328 35.39 -14.60 34.03
CA GLU A 328 36.73 -15.09 33.80
C GLU A 328 36.82 -16.60 33.97
N ASN A 329 36.20 -17.13 35.02
CA ASN A 329 36.22 -18.57 35.24
C ASN A 329 35.54 -19.31 34.10
N SER A 330 34.39 -18.81 33.64
CA SER A 330 33.69 -19.45 32.53
C SER A 330 34.52 -19.42 31.27
N LYS A 331 35.19 -18.28 30.99
CA LYS A 331 36.04 -18.19 29.81
C LYS A 331 37.20 -19.17 29.90
N LYS A 332 37.82 -19.28 31.08
CA LYS A 332 38.90 -20.23 31.25
C LYS A 332 38.43 -21.67 31.03
N ASN A 333 37.16 -21.93 31.32
CA ASN A 333 36.57 -23.25 31.12
C ASN A 333 35.84 -23.38 29.78
N SER A 334 35.94 -22.36 28.92
CA SER A 334 35.31 -22.36 27.61
C SER A 334 33.78 -22.32 27.70
N PHE A 335 33.27 -21.74 28.78
CA PHE A 335 31.83 -21.58 28.96
C PHE A 335 31.10 -22.91 28.82
N LYS A 336 31.68 -23.96 29.41
CA LYS A 336 31.08 -25.29 29.39
C LYS A 336 30.84 -25.88 30.77
N HIS A 337 31.46 -25.36 31.81
CA HIS A 337 31.26 -25.85 33.18
C HIS A 337 30.05 -25.14 33.78
N ALA A 338 28.87 -25.62 33.38
CA ALA A 338 27.62 -25.05 33.88
C ALA A 338 27.56 -25.12 35.40
N GLY A 339 27.50 -23.96 36.05
CA GLY A 339 27.44 -23.91 37.49
C GLY A 339 26.05 -24.19 38.02
N LYS A 340 25.93 -24.09 39.35
CA LYS A 340 24.63 -24.32 39.98
C LYS A 340 23.60 -23.31 39.49
N ASP A 341 24.00 -22.05 39.35
CA ASP A 341 23.08 -21.03 38.84
C ASP A 341 22.85 -21.18 37.35
N GLY A 342 23.70 -21.91 36.65
CA GLY A 342 23.55 -22.09 35.22
C GLY A 342 24.00 -20.91 34.37
N SER A 343 24.67 -19.93 34.97
CA SER A 343 25.11 -18.74 34.25
C SER A 343 26.53 -18.87 33.71
N GLY A 344 27.18 -20.02 33.92
CA GLY A 344 28.53 -20.22 33.41
C GLY A 344 28.60 -20.62 31.96
N VAL A 345 27.48 -21.00 31.36
CA VAL A 345 27.47 -21.40 29.95
C VAL A 345 27.21 -20.22 29.02
N PHE A 346 26.62 -19.14 29.52
CA PHE A 346 26.24 -18.01 28.70
C PHE A 346 27.33 -16.94 28.79
N ARG A 347 27.84 -16.53 27.63
CA ARG A 347 28.79 -15.42 27.55
C ARG A 347 28.11 -14.09 27.26
N ALA A 348 26.79 -14.08 27.08
CA ALA A 348 26.05 -12.86 26.81
C ALA A 348 24.81 -12.84 27.69
N ALA A 349 24.30 -11.64 27.95
CA ALA A 349 23.13 -11.45 28.80
C ALA A 349 22.06 -10.65 28.06
N MET A 350 20.80 -10.97 28.35
CA MET A 350 19.65 -10.31 27.74
C MET A 350 18.73 -9.85 28.87
N LEU A 351 18.76 -8.55 29.15
CA LEU A 351 17.93 -7.94 30.19
C LEU A 351 16.65 -7.43 29.57
N TYR A 352 15.50 -7.83 30.11
CA TYR A 352 14.22 -7.39 29.58
C TYR A 352 13.26 -7.04 30.70
N GLY A 353 12.47 -6.00 30.48
CA GLY A 353 11.47 -5.55 31.43
C GLY A 353 10.77 -4.30 30.95
N PRO A 354 9.74 -3.87 31.69
CA PRO A 354 8.98 -2.67 31.28
C PRO A 354 9.81 -1.40 31.46
N PRO A 355 9.32 -0.27 30.97
CA PRO A 355 10.10 0.97 31.04
C PRO A 355 10.31 1.45 32.47
N GLY A 356 11.44 2.15 32.67
CA GLY A 356 11.70 2.87 33.89
C GLY A 356 11.79 2.03 35.14
N ILE A 357 12.52 0.91 35.08
CA ILE A 357 12.69 0.01 36.21
C ILE A 357 14.14 -0.12 36.64
N GLY A 358 15.08 0.49 35.91
CA GLY A 358 16.48 0.45 36.31
C GLY A 358 17.26 -0.65 35.62
N LYS A 359 17.12 -0.76 34.30
CA LYS A 359 17.83 -1.75 33.52
C LYS A 359 19.18 -1.21 33.05
N THR A 360 19.17 -0.07 32.34
CA THR A 360 20.41 0.55 31.93
C THR A 360 21.26 0.95 33.13
N THR A 361 20.61 1.50 34.16
CA THR A 361 21.33 1.87 35.38
C THR A 361 21.99 0.65 36.01
N ALA A 362 21.24 -0.45 36.12
CA ALA A 362 21.79 -1.66 36.73
C ALA A 362 22.96 -2.19 35.92
N ALA A 363 22.83 -2.22 34.59
CA ALA A 363 23.90 -2.73 33.76
C ALA A 363 25.16 -1.89 33.90
N HIS A 364 25.01 -0.56 33.83
CA HIS A 364 26.17 0.31 33.94
C HIS A 364 26.82 0.19 35.31
N LEU A 365 26.02 0.12 36.37
CA LEU A 365 26.58 0.01 37.72
C LEU A 365 27.29 -1.32 37.91
N VAL A 366 26.73 -2.41 37.39
CA VAL A 366 27.39 -3.71 37.49
C VAL A 366 28.71 -3.69 36.74
N ALA A 367 28.73 -3.10 35.54
CA ALA A 367 29.96 -3.03 34.78
C ALA A 367 31.01 -2.19 35.51
N GLN A 368 30.60 -1.06 36.09
CA GLN A 368 31.55 -0.18 36.76
C GLN A 368 32.09 -0.80 38.03
N GLU A 369 31.23 -1.46 38.81
CA GLU A 369 31.67 -1.99 40.10
C GLU A 369 32.75 -3.05 39.93
N LEU A 370 32.74 -3.76 38.82
CA LEU A 370 33.70 -4.83 38.57
C LEU A 370 34.94 -4.35 37.82
N GLY A 371 35.02 -3.07 37.50
CA GLY A 371 36.21 -2.50 36.89
C GLY A 371 36.24 -2.51 35.38
N TYR A 372 35.29 -3.19 34.73
CA TYR A 372 35.29 -3.25 33.27
C TYR A 372 35.09 -1.88 32.67
N ASP A 373 35.73 -1.66 31.52
CA ASP A 373 35.52 -0.44 30.74
C ASP A 373 34.30 -0.63 29.84
N ILE A 374 33.41 0.36 29.84
CA ILE A 374 32.11 0.23 29.21
C ILE A 374 32.18 0.74 27.77
N LEU A 375 31.75 -0.09 26.83
CA LEU A 375 31.51 0.31 25.45
C LEU A 375 30.02 0.17 25.19
N GLU A 376 29.37 1.26 24.79
CA GLU A 376 27.91 1.32 24.70
C GLU A 376 27.49 1.73 23.29
N GLN A 377 26.42 1.10 22.81
CA GLN A 377 25.78 1.47 21.56
C GLN A 377 24.27 1.50 21.77
N ASN A 378 23.64 2.59 21.35
CA ASN A 378 22.23 2.83 21.57
C ASN A 378 21.51 2.93 20.23
N ALA A 379 20.19 3.14 20.29
CA ALA A 379 19.40 3.22 19.06
C ALA A 379 19.77 4.44 18.22
N SER A 380 20.40 5.46 18.82
CA SER A 380 20.84 6.61 18.05
C SER A 380 21.98 6.25 17.09
N ASP A 381 22.60 5.09 17.25
CA ASP A 381 23.63 4.61 16.33
C ASP A 381 23.02 3.64 15.34
N VAL A 382 23.51 3.69 14.10
CA VAL A 382 23.01 2.80 13.04
C VAL A 382 23.71 1.45 13.23
N ARG A 383 23.00 0.50 13.81
CA ARG A 383 23.55 -0.82 14.11
C ARG A 383 23.10 -1.84 13.05
N SER A 384 23.62 -1.64 11.84
CA SER A 384 23.36 -2.53 10.72
C SER A 384 24.55 -3.47 10.51
N LYS A 385 24.29 -4.57 9.80
CA LYS A 385 25.33 -5.57 9.59
C LYS A 385 26.57 -4.95 8.96
N THR A 386 26.38 -4.05 7.99
CA THR A 386 27.53 -3.47 7.30
C THR A 386 28.44 -2.72 8.26
N LEU A 387 27.86 -1.87 9.11
CA LEU A 387 28.68 -1.06 10.02
C LEU A 387 28.98 -1.81 11.32
N LEU A 388 28.08 -2.70 11.75
CA LEU A 388 28.34 -3.51 12.93
C LEU A 388 29.55 -4.41 12.73
N ASN A 389 29.67 -5.00 11.54
CA ASN A 389 30.82 -5.86 11.21
C ASN A 389 32.09 -5.06 10.97
N ALA A 390 32.00 -3.73 10.87
CA ALA A 390 33.17 -2.88 10.69
C ALA A 390 33.45 -2.01 11.91
N GLY A 391 32.59 -2.05 12.93
CA GLY A 391 32.76 -1.23 14.11
C GLY A 391 33.07 -2.03 15.37
N VAL A 392 32.04 -2.28 16.17
CA VAL A 392 32.22 -2.92 17.47
C VAL A 392 32.87 -4.28 17.36
N LYS A 393 32.79 -4.93 16.20
CA LYS A 393 33.34 -6.28 16.06
C LYS A 393 34.80 -6.33 16.50
N ASN A 394 35.60 -5.37 16.03
CA ASN A 394 37.02 -5.40 16.36
C ASN A 394 37.25 -5.30 17.86
N ALA A 395 36.36 -4.63 18.58
CA ALA A 395 36.50 -4.49 20.02
C ALA A 395 36.15 -5.78 20.77
N LEU A 396 35.54 -6.77 20.11
CA LEU A 396 35.16 -7.98 20.81
C LEU A 396 36.37 -8.74 21.32
N ASP A 397 37.54 -8.57 20.69
CA ASP A 397 38.77 -9.26 21.08
C ASP A 397 39.94 -8.30 21.04
N ASN A 398 39.75 -7.08 21.54
CA ASN A 398 40.81 -6.08 21.58
C ASN A 398 40.79 -5.39 22.92
N MET A 399 41.98 -4.99 23.38
CA MET A 399 42.09 -4.27 24.64
C MET A 399 41.62 -2.83 24.48
N SER A 400 41.46 -2.15 25.61
CA SER A 400 41.00 -0.77 25.65
C SER A 400 42.19 0.15 25.89
N VAL A 401 42.46 1.04 24.93
CA VAL A 401 43.51 2.02 25.12
C VAL A 401 43.18 2.93 26.29
N VAL A 402 41.89 3.29 26.44
CA VAL A 402 41.48 4.10 27.58
C VAL A 402 41.77 3.38 28.89
N GLY A 403 41.48 2.08 28.94
CA GLY A 403 41.74 1.33 30.16
C GLY A 403 43.21 1.30 30.52
N TYR A 404 44.08 1.07 29.53
CA TYR A 404 45.51 1.02 29.80
C TYR A 404 46.03 2.39 30.22
N PHE A 405 45.62 3.46 29.54
CA PHE A 405 46.13 4.78 29.85
C PHE A 405 45.46 5.40 31.07
N LYS A 406 44.42 4.77 31.62
CA LYS A 406 43.74 5.26 32.80
C LYS A 406 44.02 4.43 34.05
N HIS A 407 44.31 3.14 33.90
CA HIS A 407 44.57 2.26 35.03
C HIS A 407 46.03 1.81 35.09
N ASN A 408 46.94 2.58 34.47
CA ASN A 408 48.35 2.20 34.50
C ASN A 408 48.91 2.26 35.90
N GLU A 409 48.44 3.19 36.73
CA GLU A 409 48.92 3.34 38.09
C GLU A 409 48.15 2.50 39.10
N GLU A 410 47.05 1.88 38.69
CA GLU A 410 46.26 1.06 39.61
C GLU A 410 46.85 -0.35 39.72
N ALA A 411 46.41 -1.06 40.74
CA ALA A 411 46.86 -2.43 41.01
C ALA A 411 45.65 -3.33 41.23
N GLN A 412 45.74 -4.56 40.74
CA GLN A 412 44.71 -5.59 40.85
C GLN A 412 43.47 -5.28 40.02
N ASN A 413 43.48 -4.20 39.23
CA ASN A 413 42.32 -3.82 38.42
C ASN A 413 42.51 -4.36 37.00
N LEU A 414 42.45 -5.69 36.90
CA LEU A 414 42.57 -6.34 35.59
C LEU A 414 41.43 -5.93 34.67
N ASN A 415 40.21 -5.94 35.19
CA ASN A 415 39.04 -5.62 34.38
C ASN A 415 39.14 -4.25 33.73
N GLY A 416 39.91 -3.34 34.32
CA GLY A 416 40.07 -2.02 33.73
C GLY A 416 40.56 -2.09 32.30
N LYS A 417 41.38 -3.10 31.98
CA LYS A 417 41.91 -3.22 30.63
C LYS A 417 40.98 -3.95 29.68
N HIS A 418 39.90 -4.54 30.19
CA HIS A 418 38.96 -5.29 29.38
C HIS A 418 37.77 -4.43 28.98
N PHE A 419 36.96 -4.96 28.07
CA PHE A 419 35.76 -4.29 27.58
C PHE A 419 34.51 -5.00 28.07
N VAL A 420 33.45 -4.23 28.28
CA VAL A 420 32.12 -4.75 28.52
C VAL A 420 31.18 -4.07 27.53
N ILE A 421 30.60 -4.84 26.62
CA ILE A 421 29.75 -4.31 25.58
C ILE A 421 28.32 -4.23 26.11
N ILE A 422 27.66 -3.09 25.91
CA ILE A 422 26.28 -2.90 26.33
C ILE A 422 25.49 -2.42 25.11
N MET A 423 24.61 -3.28 24.61
CA MET A 423 23.73 -2.95 23.49
C MET A 423 22.37 -2.58 24.08
N ASP A 424 22.10 -1.29 24.16
CA ASP A 424 20.87 -0.78 24.73
C ASP A 424 19.81 -0.60 23.64
N GLU A 425 18.56 -0.94 23.98
CA GLU A 425 17.42 -0.72 23.10
C GLU A 425 17.56 -1.54 21.81
N VAL A 426 17.72 -2.86 21.99
CA VAL A 426 17.77 -3.75 20.84
C VAL A 426 16.42 -3.80 20.14
N ASP A 427 15.33 -3.72 20.92
CA ASP A 427 14.00 -3.71 20.33
C ASP A 427 13.73 -2.47 19.50
N GLY A 428 14.54 -1.41 19.66
CA GLY A 428 14.40 -0.21 18.87
C GLY A 428 15.05 -0.25 17.52
N MET A 429 15.64 -1.38 17.15
CA MET A 429 16.31 -1.52 15.85
C MET A 429 15.25 -1.65 14.77
N SER A 430 14.97 -0.54 14.09
CA SER A 430 13.96 -0.49 13.05
C SER A 430 14.61 -0.83 11.70
N GLY A 431 13.90 -0.53 10.61
CA GLY A 431 14.44 -0.78 9.28
C GLY A 431 15.77 -0.08 9.04
N GLY A 432 16.07 0.96 9.79
CA GLY A 432 17.35 1.64 9.66
C GLY A 432 18.54 0.77 10.00
N ASP A 433 18.31 -0.36 10.67
CA ASP A 433 19.36 -1.29 11.08
C ASP A 433 19.06 -2.63 10.42
N ARG A 434 19.58 -2.83 9.21
CA ARG A 434 19.31 -4.04 8.45
C ARG A 434 20.24 -5.16 8.91
N GLY A 435 19.66 -6.32 9.24
CA GLY A 435 20.44 -7.47 9.66
C GLY A 435 21.18 -7.30 10.96
N GLY A 436 20.88 -6.26 11.73
CA GLY A 436 21.59 -6.06 12.99
C GLY A 436 21.28 -7.12 14.01
N VAL A 437 20.02 -7.58 14.06
CA VAL A 437 19.63 -8.55 15.08
C VAL A 437 20.37 -9.87 14.87
N GLY A 438 20.44 -10.33 13.63
CA GLY A 438 21.15 -11.57 13.35
C GLY A 438 22.63 -11.46 13.68
N GLN A 439 23.24 -10.31 13.36
CA GLN A 439 24.64 -10.12 13.67
C GLN A 439 24.88 -10.09 15.17
N LEU A 440 23.98 -9.46 15.93
CA LEU A 440 24.09 -9.49 17.39
C LEU A 440 23.97 -10.92 17.91
N ALA A 441 23.03 -11.69 17.37
CA ALA A 441 22.89 -13.07 17.79
C ALA A 441 24.16 -13.87 17.51
N GLN A 442 24.76 -13.65 16.33
CA GLN A 442 26.02 -14.33 16.00
C GLN A 442 27.13 -13.91 16.96
N PHE A 443 27.20 -12.62 17.28
CA PHE A 443 28.22 -12.15 18.22
C PHE A 443 28.04 -12.77 19.58
N CYS A 444 26.80 -12.96 20.01
CA CYS A 444 26.53 -13.48 21.35
C CYS A 444 27.25 -14.80 21.57
N ARG A 445 27.39 -15.61 20.53
CA ARG A 445 28.04 -16.91 20.63
C ARG A 445 29.51 -16.88 20.27
N LYS A 446 30.02 -15.77 19.75
CA LYS A 446 31.41 -15.66 19.30
C LYS A 446 32.02 -14.36 19.78
N THR A 447 31.82 -14.03 21.05
CA THR A 447 32.36 -12.82 21.66
C THR A 447 33.37 -13.20 22.73
N SER A 448 34.51 -12.52 22.74
CA SER A 448 35.57 -12.76 23.72
C SER A 448 35.48 -11.85 24.93
N THR A 449 34.50 -10.96 24.98
CA THR A 449 34.30 -10.06 26.11
C THR A 449 32.84 -10.10 26.55
N PRO A 450 32.56 -9.76 27.80
CA PRO A 450 31.17 -9.78 28.26
C PRO A 450 30.29 -8.85 27.45
N LEU A 451 29.07 -9.32 27.15
CA LEU A 451 28.13 -8.60 26.30
C LEU A 451 26.76 -8.65 26.96
N ILE A 452 26.16 -7.49 27.18
CA ILE A 452 24.86 -7.37 27.82
C ILE A 452 23.92 -6.66 26.85
N LEU A 453 22.80 -7.29 26.55
CA LEU A 453 21.75 -6.73 25.71
C LEU A 453 20.58 -6.27 26.57
N ILE A 454 20.03 -5.11 26.25
CA ILE A 454 18.90 -4.54 26.98
C ILE A 454 17.75 -4.32 26.01
N CYS A 455 16.56 -4.77 26.39
CA CYS A 455 15.36 -4.58 25.59
C CYS A 455 14.18 -4.36 26.54
N ASN A 456 13.09 -3.81 26.00
CA ASN A 456 11.88 -3.60 26.79
C ASN A 456 11.00 -4.84 26.81
N GLU A 457 10.57 -5.31 25.65
CA GLU A 457 9.72 -6.50 25.53
C GLU A 457 10.49 -7.59 24.80
N ARG A 458 10.60 -8.75 25.44
CA ARG A 458 11.42 -9.85 24.94
C ARG A 458 10.63 -10.85 24.10
N ASN A 459 9.30 -10.85 24.21
CA ASN A 459 8.47 -11.87 23.58
C ASN A 459 8.03 -11.50 22.17
N LEU A 460 8.78 -10.63 21.47
CA LEU A 460 8.42 -10.35 20.09
C LEU A 460 9.02 -11.39 19.15
N PRO A 461 8.38 -11.63 18.00
CA PRO A 461 9.02 -12.51 17.01
C PRO A 461 10.39 -12.01 16.58
N LYS A 462 10.56 -10.69 16.45
CA LYS A 462 11.83 -10.14 16.00
C LYS A 462 12.97 -10.48 16.94
N MET A 463 12.68 -10.75 18.21
CA MET A 463 13.69 -11.10 19.19
C MET A 463 13.93 -12.60 19.29
N ARG A 464 13.30 -13.39 18.41
CA ARG A 464 13.50 -14.84 18.44
C ARG A 464 14.98 -15.22 18.26
N PRO A 465 15.78 -14.57 17.42
CA PRO A 465 17.16 -15.04 17.23
C PRO A 465 17.95 -15.16 18.53
N PHE A 466 17.61 -14.38 19.55
CA PHE A 466 18.24 -14.49 20.85
C PHE A 466 17.60 -15.56 21.73
N ASP A 467 16.93 -16.55 21.13
CA ASP A 467 16.17 -17.53 21.89
C ASP A 467 17.02 -18.17 22.99
N ARG A 468 18.12 -18.83 22.60
CA ARG A 468 18.93 -19.60 23.53
C ARG A 468 20.41 -19.33 23.32
N VAL A 469 20.77 -18.06 23.16
CA VAL A 469 22.17 -17.66 23.02
C VAL A 469 22.59 -16.66 24.09
N CYS A 470 21.68 -16.27 24.99
CA CYS A 470 22.01 -15.35 26.07
C CYS A 470 21.31 -15.80 27.34
N LEU A 471 21.86 -15.38 28.48
CA LEU A 471 21.23 -15.60 29.76
C LEU A 471 20.15 -14.54 29.95
N ASP A 472 18.89 -14.98 30.06
CA ASP A 472 17.76 -14.06 30.14
C ASP A 472 17.55 -13.61 31.57
N ILE A 473 17.47 -12.30 31.78
CA ILE A 473 17.25 -11.71 33.10
C ILE A 473 16.03 -10.81 32.99
N GLN A 474 15.00 -11.12 33.77
CA GLN A 474 13.75 -10.37 33.78
C GLN A 474 13.77 -9.36 34.92
N PHE A 475 13.42 -8.12 34.61
CA PHE A 475 13.26 -7.05 35.59
C PHE A 475 11.78 -6.75 35.70
N ARG A 476 11.17 -7.14 36.81
CA ARG A 476 9.75 -6.92 37.03
C ARG A 476 9.52 -5.53 37.65
N ARG A 477 8.28 -5.07 37.55
CA ARG A 477 7.93 -3.76 38.09
C ARG A 477 8.18 -3.74 39.60
N PRO A 478 8.95 -2.78 40.12
CA PRO A 478 9.17 -2.75 41.57
C PRO A 478 7.88 -2.49 42.33
N ASP A 479 7.79 -3.06 43.53
CA ASP A 479 6.64 -2.86 44.38
C ASP A 479 6.70 -1.48 45.04
N ALA A 480 5.54 -1.04 45.53
CA ALA A 480 5.45 0.27 46.17
C ALA A 480 6.20 0.33 47.50
N ASN A 481 6.61 -0.82 48.04
CA ASN A 481 7.35 -0.86 49.30
C ASN A 481 8.86 -0.81 49.08
N SER A 482 9.32 -0.81 47.84
CA SER A 482 10.75 -0.79 47.54
C SER A 482 11.32 0.61 47.37
N ILE A 483 10.54 1.55 46.82
CA ILE A 483 11.00 2.90 46.57
C ILE A 483 10.44 3.88 47.58
N LYS A 484 9.80 3.39 48.65
CA LYS A 484 9.17 4.29 49.60
C LYS A 484 10.20 5.21 50.26
N SER A 485 11.28 4.64 50.79
CA SER A 485 12.29 5.45 51.47
C SER A 485 12.95 6.42 50.50
N ARG A 486 13.14 5.99 49.24
CA ARG A 486 13.68 6.89 48.24
C ARG A 486 12.77 8.10 48.05
N LEU A 487 11.46 7.87 48.05
CA LEU A 487 10.52 8.98 47.90
C LEU A 487 10.53 9.90 49.11
N MET A 488 10.63 9.34 50.33
CA MET A 488 10.82 10.21 51.50
C MET A 488 12.10 11.04 51.38
N THR A 489 13.19 10.42 50.94
CA THR A 489 14.44 11.17 50.82
C THR A 489 14.32 12.30 49.81
N ILE A 490 13.68 12.02 48.67
CA ILE A 490 13.48 13.07 47.66
C ILE A 490 12.62 14.19 48.23
N ALA A 491 11.55 13.84 48.95
CA ALA A 491 10.68 14.85 49.52
C ALA A 491 11.44 15.70 50.55
N ILE A 492 12.25 15.06 51.38
CA ILE A 492 13.00 15.79 52.41
C ILE A 492 13.98 16.75 51.76
N ARG A 493 14.70 16.28 50.73
CA ARG A 493 15.70 17.12 50.09
C ARG A 493 15.06 18.25 49.29
N GLU A 494 13.89 18.02 48.70
CA GLU A 494 13.25 18.99 47.85
C GLU A 494 12.27 19.90 48.60
N LYS A 495 12.08 19.67 49.90
CA LYS A 495 11.33 20.58 50.75
C LYS A 495 9.86 20.65 50.33
N PHE A 496 9.25 19.47 50.17
CA PHE A 496 7.81 19.38 49.99
C PHE A 496 7.31 18.15 50.72
N LYS A 497 6.04 18.20 51.13
CA LYS A 497 5.45 17.16 51.96
C LYS A 497 4.79 16.11 51.06
N LEU A 498 5.18 14.85 51.25
CA LEU A 498 4.62 13.72 50.53
C LEU A 498 4.13 12.72 51.56
N ASP A 499 2.83 12.71 51.81
CA ASP A 499 2.28 11.78 52.78
C ASP A 499 2.51 10.34 52.30
N PRO A 500 3.09 9.47 53.13
CA PRO A 500 3.37 8.11 52.64
C PRO A 500 2.14 7.37 52.14
N ASN A 501 0.98 7.62 52.74
CA ASN A 501 -0.21 6.85 52.39
C ASN A 501 -0.62 7.02 50.94
N VAL A 502 -0.26 8.13 50.29
CA VAL A 502 -0.60 8.35 48.90
C VAL A 502 0.52 7.92 47.95
N ILE A 503 1.65 7.45 48.48
CA ILE A 503 2.73 6.99 47.61
C ILE A 503 2.28 5.80 46.79
N ASP A 504 1.64 4.82 47.43
CA ASP A 504 1.23 3.61 46.73
C ASP A 504 0.40 3.95 45.49
N ARG A 505 -0.59 4.82 45.66
CA ARG A 505 -1.44 5.20 44.54
C ARG A 505 -0.59 5.67 43.36
N LEU A 506 0.42 6.51 43.64
CA LEU A 506 1.24 7.04 42.55
C LEU A 506 1.88 5.92 41.74
N ILE A 507 2.30 4.84 42.42
CA ILE A 507 2.93 3.74 41.70
C ILE A 507 1.95 3.12 40.71
N GLN A 508 0.67 3.03 41.06
CA GLN A 508 -0.30 2.52 40.09
C GLN A 508 -0.56 3.53 38.98
N THR A 509 -0.39 4.82 39.25
CA THR A 509 -0.62 5.83 38.22
C THR A 509 0.35 5.66 37.06
N THR A 510 1.62 5.39 37.37
CA THR A 510 2.66 5.20 36.36
C THR A 510 2.92 3.74 36.04
N ARG A 511 2.16 2.81 36.62
CA ARG A 511 2.34 1.38 36.38
C ARG A 511 3.77 0.94 36.71
N GLY A 512 4.23 1.32 37.89
CA GLY A 512 5.55 0.92 38.35
C GLY A 512 6.70 1.49 37.54
N ASP A 513 6.64 2.77 37.20
CA ASP A 513 7.70 3.46 36.47
C ASP A 513 8.36 4.46 37.42
N ILE A 514 9.60 4.19 37.79
CA ILE A 514 10.30 5.06 38.74
C ILE A 514 10.63 6.40 38.09
N ARG A 515 11.09 6.37 36.84
CA ARG A 515 11.36 7.62 36.13
C ARG A 515 10.11 8.48 36.03
N GLN A 516 8.98 7.86 35.69
CA GLN A 516 7.74 8.61 35.54
C GLN A 516 7.27 9.18 36.88
N VAL A 517 7.39 8.40 37.96
CA VAL A 517 6.92 8.91 39.25
C VAL A 517 7.82 10.04 39.74
N ILE A 518 9.13 9.94 39.49
CA ILE A 518 10.03 11.03 39.85
C ILE A 518 9.70 12.28 39.06
N ASN A 519 9.44 12.12 37.75
CA ASN A 519 9.05 13.27 36.94
C ASN A 519 7.74 13.87 37.43
N LEU A 520 6.79 13.02 37.80
CA LEU A 520 5.52 13.51 38.33
C LEU A 520 5.73 14.32 39.61
N LEU A 521 6.56 13.79 40.52
CA LEU A 521 6.85 14.53 41.75
C LEU A 521 7.50 15.87 41.43
N SER A 522 8.47 15.88 40.52
CA SER A 522 9.16 17.12 40.18
C SER A 522 8.19 18.14 39.59
N THR A 523 7.28 17.69 38.71
CA THR A 523 6.37 18.62 38.07
C THR A 523 5.31 19.13 39.04
N ILE A 524 4.74 18.26 39.86
CA ILE A 524 3.68 18.67 40.77
C ILE A 524 4.23 19.54 41.88
N SER A 525 5.42 19.21 42.41
CA SER A 525 6.02 20.01 43.46
C SER A 525 6.35 21.42 42.99
N THR A 526 6.34 21.67 41.69
CA THR A 526 6.69 22.99 41.17
C THR A 526 5.74 24.06 41.74
N THR A 527 4.45 23.77 41.79
CA THR A 527 3.46 24.69 42.34
C THR A 527 2.77 24.18 43.59
N THR A 528 2.54 22.87 43.70
CA THR A 528 1.87 22.28 44.86
C THR A 528 2.91 21.80 45.85
N LYS A 529 2.90 22.36 47.05
CA LYS A 529 3.88 22.03 48.08
C LYS A 529 3.47 20.88 48.97
N THR A 530 2.25 20.34 48.79
CA THR A 530 1.76 19.25 49.62
C THR A 530 1.09 18.22 48.73
N ILE A 531 1.53 16.97 48.82
CA ILE A 531 0.91 15.86 48.10
C ILE A 531 0.19 14.99 49.11
N ASN A 532 -1.09 15.26 49.33
CA ASN A 532 -1.87 14.59 50.36
C ASN A 532 -3.10 13.94 49.74
N HIS A 533 -3.97 13.40 50.60
CA HIS A 533 -5.17 12.71 50.15
C HIS A 533 -6.22 13.66 49.58
N GLU A 534 -6.10 14.96 49.83
CA GLU A 534 -7.08 15.92 49.32
C GLU A 534 -6.85 16.28 47.86
N ASN A 535 -5.70 15.91 47.28
CA ASN A 535 -5.42 16.22 45.89
C ASN A 535 -4.83 15.05 45.12
N ILE A 536 -4.61 13.91 45.76
CA ILE A 536 -4.00 12.77 45.07
C ILE A 536 -4.88 12.28 43.93
N ASN A 537 -6.20 12.34 44.11
CA ASN A 537 -7.10 11.86 43.07
C ASN A 537 -6.90 12.61 41.76
N GLU A 538 -6.82 13.94 41.83
CA GLU A 538 -6.66 14.74 40.62
C GLU A 538 -5.34 14.43 39.93
N ILE A 539 -4.25 14.35 40.70
CA ILE A 539 -2.94 14.06 40.11
C ILE A 539 -2.94 12.68 39.48
N SER A 540 -3.51 11.69 40.16
CA SER A 540 -3.54 10.33 39.63
C SER A 540 -4.36 10.27 38.34
N LYS A 541 -5.50 10.97 38.29
CA LYS A 541 -6.33 10.93 37.10
C LYS A 541 -5.68 11.67 35.94
N ALA A 542 -4.95 12.75 36.23
CA ALA A 542 -4.33 13.55 35.18
C ALA A 542 -3.02 12.97 34.68
N TRP A 543 -2.43 12.01 35.39
CA TRP A 543 -1.16 11.41 35.01
C TRP A 543 -1.29 9.93 34.69
N GLU A 544 -2.51 9.44 34.48
CA GLU A 544 -2.70 8.02 34.22
C GLU A 544 -1.93 7.59 32.97
N LYS A 545 -1.27 6.44 33.07
CA LYS A 545 -0.55 5.85 31.95
C LYS A 545 -1.49 4.95 31.17
N ASN A 546 -1.65 5.22 29.88
CA ASN A 546 -2.55 4.47 29.01
C ASN A 546 -1.72 3.50 28.18
N ILE A 547 -1.57 2.28 28.69
CA ILE A 547 -0.80 1.23 28.04
C ILE A 547 -1.77 0.36 27.24
N ALA A 548 -1.49 0.19 25.96
CA ALA A 548 -2.34 -0.64 25.12
C ALA A 548 -2.33 -2.08 25.63
N LEU A 549 -3.51 -2.66 25.76
CA LEU A 549 -3.63 -4.03 26.22
C LEU A 549 -3.20 -5.01 25.12
N LYS A 550 -2.92 -6.23 25.53
CA LYS A 550 -2.49 -7.30 24.64
C LYS A 550 -3.66 -8.23 24.33
N PRO A 551 -3.51 -9.09 23.31
CA PRO A 551 -4.60 -9.99 22.92
C PRO A 551 -5.31 -10.66 24.09
N PHE A 552 -4.56 -11.34 24.96
CA PHE A 552 -5.19 -12.06 26.07
C PHE A 552 -5.90 -11.10 27.02
N ASP A 553 -5.25 -9.98 27.34
CA ASP A 553 -5.87 -9.02 28.24
C ASP A 553 -7.11 -8.40 27.61
N ILE A 554 -7.06 -8.10 26.32
CA ILE A 554 -8.22 -7.56 25.63
C ILE A 554 -9.37 -8.56 25.67
N ALA A 555 -9.08 -9.84 25.40
CA ALA A 555 -10.12 -10.85 25.46
C ALA A 555 -10.72 -10.96 26.85
N HIS A 556 -9.87 -10.95 27.88
CA HIS A 556 -10.37 -11.06 29.25
C HIS A 556 -11.26 -9.87 29.60
N LYS A 557 -10.84 -8.65 29.24
CA LYS A 557 -11.62 -7.47 29.59
C LYS A 557 -12.93 -7.40 28.82
N MET A 558 -12.90 -7.75 27.53
CA MET A 558 -14.08 -7.60 26.70
C MET A 558 -15.11 -8.69 26.93
N LEU A 559 -14.70 -9.85 27.46
CA LEU A 559 -15.61 -10.94 27.79
C LEU A 559 -16.01 -10.92 29.25
N ASP A 560 -16.04 -9.73 29.86
CA ASP A 560 -16.42 -9.56 31.26
C ASP A 560 -17.82 -8.97 31.33
N GLY A 561 -18.68 -9.60 32.14
CA GLY A 561 -20.07 -9.17 32.21
C GLY A 561 -20.27 -7.86 32.95
N GLN A 562 -19.32 -7.45 33.77
CA GLN A 562 -19.49 -6.23 34.56
C GLN A 562 -19.62 -5.01 33.65
N ILE A 563 -18.72 -4.88 32.66
CA ILE A 563 -18.71 -3.69 31.83
C ILE A 563 -19.99 -3.55 31.01
N TYR A 564 -20.66 -4.65 30.71
CA TYR A 564 -21.88 -4.61 29.89
C TYR A 564 -23.14 -4.32 30.70
N SER A 565 -23.06 -4.35 32.04
CA SER A 565 -24.20 -3.98 32.86
C SER A 565 -24.42 -2.46 32.77
N ASP A 566 -25.58 -2.04 33.28
CA ASP A 566 -25.94 -0.62 33.21
C ASP A 566 -24.88 0.25 33.88
N ILE A 567 -24.49 -0.11 35.09
CA ILE A 567 -23.46 0.66 35.80
C ILE A 567 -22.12 0.53 35.10
N GLY A 568 -21.76 -0.70 34.71
CA GLY A 568 -20.50 -0.89 34.01
C GLY A 568 -20.46 -0.17 32.67
N SER A 569 -21.55 -0.25 31.91
CA SER A 569 -21.62 0.49 30.66
C SER A 569 -21.55 1.99 30.90
N ARG A 570 -22.09 2.45 32.03
CA ARG A 570 -21.97 3.86 32.38
C ARG A 570 -20.52 4.24 32.65
N ASN A 571 -19.76 3.37 33.31
CA ASN A 571 -18.36 3.65 33.57
C ASN A 571 -17.49 3.33 32.35
N PHE A 572 -17.55 2.09 31.87
CA PHE A 572 -16.82 1.66 30.70
C PHE A 572 -17.78 1.76 29.51
N THR A 573 -17.61 2.81 28.71
CA THR A 573 -18.58 3.13 27.68
C THR A 573 -18.30 2.37 26.39
N LEU A 574 -19.24 2.48 25.44
CA LEU A 574 -19.08 1.81 24.15
C LEU A 574 -17.87 2.35 23.40
N ASN A 575 -17.62 3.66 23.51
CA ASN A 575 -16.41 4.22 22.91
C ASN A 575 -15.17 3.57 23.48
N ASP A 576 -15.16 3.31 24.79
CA ASP A 576 -14.02 2.63 25.40
C ASP A 576 -13.86 1.22 24.86
N LYS A 577 -14.98 0.53 24.63
CA LYS A 577 -14.90 -0.82 24.07
C LYS A 577 -14.34 -0.80 22.65
N ILE A 578 -14.78 0.17 21.85
CA ILE A 578 -14.26 0.28 20.48
C ILE A 578 -12.77 0.61 20.50
N ALA A 579 -12.35 1.47 21.42
CA ALA A 579 -10.93 1.77 21.56
C ALA A 579 -10.14 0.54 22.00
N LEU A 580 -10.70 -0.26 22.90
CA LEU A 580 -10.04 -1.48 23.32
C LEU A 580 -9.88 -2.43 22.15
N TYR A 581 -10.89 -2.51 21.29
CA TYR A 581 -10.74 -3.28 20.05
C TYR A 581 -9.61 -2.72 19.19
N PHE A 582 -9.62 -1.40 18.98
CA PHE A 582 -8.62 -0.79 18.11
C PHE A 582 -7.21 -0.93 18.66
N ASP A 583 -7.07 -1.17 19.97
CA ASP A 583 -5.75 -1.41 20.53
C ASP A 583 -5.00 -2.48 19.73
N ASP A 584 -5.70 -3.55 19.36
CA ASP A 584 -5.17 -4.56 18.43
C ASP A 584 -6.33 -5.02 17.55
N PHE A 585 -6.50 -4.34 16.42
CA PHE A 585 -7.62 -4.61 15.53
C PHE A 585 -7.37 -5.81 14.62
N ASP A 586 -6.15 -6.35 14.59
CA ASP A 586 -5.86 -7.51 13.77
C ASP A 586 -6.03 -8.83 14.50
N PHE A 587 -6.04 -8.81 15.84
CA PHE A 587 -6.13 -10.03 16.63
C PHE A 587 -7.33 -10.06 17.56
N THR A 588 -7.96 -8.92 17.85
CA THR A 588 -9.16 -8.92 18.69
C THR A 588 -10.28 -9.78 18.11
N PRO A 589 -10.66 -9.65 16.84
CA PRO A 589 -11.75 -10.50 16.32
C PRO A 589 -11.45 -11.98 16.43
N LEU A 590 -10.22 -12.40 16.14
CA LEU A 590 -9.88 -13.82 16.22
C LEU A 590 -9.96 -14.32 17.67
N MET A 591 -9.43 -13.53 18.61
CA MET A 591 -9.50 -13.94 20.01
C MET A 591 -10.94 -14.02 20.49
N ILE A 592 -11.77 -13.06 20.08
CA ILE A 592 -13.19 -13.09 20.46
C ILE A 592 -13.86 -14.32 19.90
N GLN A 593 -13.62 -14.61 18.61
CA GLN A 593 -14.21 -15.79 18.00
C GLN A 593 -13.73 -17.08 18.66
N GLU A 594 -12.50 -17.09 19.15
CA GLU A 594 -11.95 -18.28 19.78
C GLU A 594 -12.47 -18.47 21.20
N ASN A 595 -12.76 -17.39 21.94
CA ASN A 595 -13.03 -17.47 23.36
C ASN A 595 -14.47 -17.11 23.72
N TYR A 596 -15.39 -17.09 22.73
CA TYR A 596 -16.78 -16.76 23.02
C TYR A 596 -17.64 -17.99 23.29
N LEU A 597 -17.07 -19.19 23.26
CA LEU A 597 -17.79 -20.41 23.58
C LEU A 597 -17.37 -21.01 24.92
N SER A 598 -16.41 -20.40 25.62
CA SER A 598 -15.88 -20.98 26.85
C SER A 598 -16.10 -20.05 28.03
N THR A 599 -17.31 -19.51 28.17
CA THR A 599 -17.65 -18.62 29.27
C THR A 599 -19.01 -18.98 29.83
N ARG A 600 -19.18 -18.71 31.13
CA ARG A 600 -20.49 -18.79 31.77
C ARG A 600 -21.09 -17.40 31.74
N PRO A 601 -22.15 -17.16 30.96
CA PRO A 601 -22.66 -15.79 30.82
C PRO A 601 -23.33 -15.28 32.08
N SER A 602 -23.33 -13.95 32.22
CA SER A 602 -24.06 -13.27 33.28
C SER A 602 -24.97 -12.17 32.72
N VAL A 603 -25.16 -12.12 31.40
CA VAL A 603 -25.97 -11.10 30.75
C VAL A 603 -27.16 -11.72 30.01
N LEU A 604 -27.46 -12.99 30.25
CA LEU A 604 -28.54 -13.65 29.53
C LEU A 604 -29.86 -12.93 29.77
N LYS A 605 -30.60 -12.68 28.70
CA LYS A 605 -31.89 -12.04 28.80
C LYS A 605 -32.91 -13.02 29.37
N PRO A 606 -33.98 -12.51 30.00
CA PRO A 606 -34.97 -13.40 30.60
C PRO A 606 -35.56 -14.35 29.58
N GLY A 607 -35.48 -15.65 29.87
CA GLY A 607 -35.99 -16.68 28.98
C GLY A 607 -34.99 -17.16 27.95
N GLN A 608 -33.83 -16.52 27.83
CA GLN A 608 -32.84 -16.92 26.85
C GLN A 608 -31.89 -17.96 27.46
N SER A 609 -31.38 -18.84 26.60
CA SER A 609 -30.43 -19.86 26.99
C SER A 609 -29.05 -19.51 26.45
N HIS A 610 -28.05 -20.23 26.97
CA HIS A 610 -26.68 -20.00 26.55
C HIS A 610 -26.49 -20.28 25.06
N LEU A 611 -27.14 -21.35 24.56
CA LEU A 611 -27.00 -21.72 23.16
C LEU A 611 -27.55 -20.64 22.24
N GLU A 612 -28.69 -20.05 22.59
CA GLU A 612 -29.28 -19.02 21.74
C GLU A 612 -28.38 -17.79 21.67
N ALA A 613 -27.80 -17.38 22.80
CA ALA A 613 -26.86 -16.27 22.80
C ALA A 613 -25.64 -16.60 21.97
N VAL A 614 -25.15 -17.84 22.06
CA VAL A 614 -24.01 -18.25 21.24
C VAL A 614 -24.36 -18.15 19.77
N ALA A 615 -25.57 -18.58 19.40
CA ALA A 615 -25.98 -18.53 17.99
C ALA A 615 -26.05 -17.09 17.49
N GLU A 616 -26.62 -16.19 18.30
CA GLU A 616 -26.67 -14.78 17.90
C GLU A 616 -25.27 -14.21 17.74
N ALA A 617 -24.37 -14.53 18.67
CA ALA A 617 -23.00 -14.06 18.56
C ALA A 617 -22.34 -14.59 17.29
N ALA A 618 -22.57 -15.86 16.95
CA ALA A 618 -22.00 -16.43 15.74
C ALA A 618 -22.54 -15.74 14.50
N ASN A 619 -23.84 -15.43 14.49
CA ASN A 619 -24.42 -14.71 13.35
C ASN A 619 -23.75 -13.36 13.16
N CYS A 620 -23.59 -12.61 14.26
CA CYS A 620 -22.92 -11.31 14.13
C CYS A 620 -21.45 -11.47 13.75
N ILE A 621 -20.80 -12.55 14.19
CA ILE A 621 -19.42 -12.78 13.80
C ILE A 621 -19.33 -13.03 12.30
N SER A 622 -20.30 -13.77 11.74
CA SER A 622 -20.32 -13.98 10.29
C SER A 622 -20.52 -12.66 9.55
N LEU A 623 -21.44 -11.82 10.05
CA LEU A 623 -21.64 -10.51 9.43
C LEU A 623 -20.35 -9.69 9.47
N GLY A 624 -19.67 -9.70 10.61
CA GLY A 624 -18.41 -8.99 10.71
C GLY A 624 -17.36 -9.55 9.78
N ASP A 625 -17.35 -10.86 9.55
CA ASP A 625 -16.44 -11.45 8.59
C ASP A 625 -16.71 -10.92 7.19
N ILE A 626 -17.99 -10.81 6.82
CA ILE A 626 -18.32 -10.23 5.52
C ILE A 626 -17.82 -8.80 5.43
N VAL A 627 -18.03 -8.02 6.48
CA VAL A 627 -17.56 -6.63 6.48
C VAL A 627 -16.05 -6.59 6.35
N GLU A 628 -15.34 -7.50 7.02
CA GLU A 628 -13.89 -7.55 6.92
C GLU A 628 -13.46 -7.86 5.49
N LYS A 629 -14.10 -8.83 4.85
CA LYS A 629 -13.79 -9.11 3.46
C LYS A 629 -13.98 -7.87 2.60
N LYS A 630 -15.01 -7.08 2.89
CA LYS A 630 -15.21 -5.85 2.14
C LYS A 630 -14.10 -4.84 2.41
N ILE A 631 -13.62 -4.77 3.66
CA ILE A 631 -12.57 -3.80 4.00
C ILE A 631 -11.28 -4.15 3.27
N ARG A 632 -10.86 -5.41 3.33
CA ARG A 632 -9.65 -5.87 2.66
C ARG A 632 -10.08 -6.41 1.29
N SER A 633 -10.06 -5.53 0.30
CA SER A 633 -10.62 -5.79 -1.02
C SER A 633 -9.81 -4.99 -2.03
N SER A 634 -10.38 -4.76 -3.20
CA SER A 634 -9.74 -3.88 -4.18
C SER A 634 -10.04 -2.41 -3.92
N GLU A 635 -10.93 -2.09 -2.97
CA GLU A 635 -11.35 -0.72 -2.74
C GLU A 635 -10.77 -0.10 -1.47
N GLN A 636 -10.18 -0.89 -0.58
CA GLN A 636 -9.58 -0.41 0.67
C GLN A 636 -10.58 0.47 1.43
N LEU A 637 -11.69 -0.15 1.83
CA LEU A 637 -12.73 0.55 2.59
C LEU A 637 -12.41 0.49 4.08
N TRP A 638 -11.30 1.14 4.43
CA TRP A 638 -10.86 1.18 5.83
C TRP A 638 -11.78 2.02 6.70
N SER A 639 -12.59 2.90 6.10
CA SER A 639 -13.52 3.70 6.88
C SER A 639 -14.54 2.84 7.61
N LEU A 640 -14.68 1.58 7.22
CA LEU A 640 -15.59 0.65 7.88
C LEU A 640 -14.96 -0.07 9.06
N LEU A 641 -13.71 0.25 9.40
CA LEU A 641 -13.07 -0.42 10.55
C LEU A 641 -13.88 -0.27 11.83
N PRO A 642 -14.38 0.91 12.19
CA PRO A 642 -15.20 1.00 13.41
C PRO A 642 -16.40 0.06 13.39
N LEU A 643 -17.10 -0.02 12.26
CA LEU A 643 -18.24 -0.93 12.18
C LEU A 643 -17.81 -2.36 12.43
N HIS A 644 -16.70 -2.78 11.82
CA HIS A 644 -16.15 -4.09 12.10
C HIS A 644 -15.96 -4.29 13.60
N ALA A 645 -15.44 -3.26 14.28
CA ALA A 645 -15.23 -3.36 15.72
C ALA A 645 -16.51 -3.79 16.43
N VAL A 646 -17.65 -3.23 16.00
CA VAL A 646 -18.91 -3.57 16.65
C VAL A 646 -19.42 -4.93 16.19
N LEU A 647 -19.13 -5.33 14.95
CA LEU A 647 -19.70 -6.54 14.40
C LEU A 647 -18.92 -7.80 14.74
N SER A 648 -17.60 -7.69 14.89
CA SER A 648 -16.75 -8.85 15.11
C SER A 648 -16.43 -9.11 16.57
N SER A 649 -16.33 -8.07 17.39
CA SER A 649 -15.83 -8.22 18.76
C SER A 649 -16.82 -7.76 19.83
N VAL A 650 -17.40 -6.57 19.69
CA VAL A 650 -18.15 -5.98 20.79
C VAL A 650 -19.50 -6.66 20.96
N TYR A 651 -20.27 -6.73 19.87
CA TYR A 651 -21.64 -7.27 19.96
C TYR A 651 -21.67 -8.72 20.42
N PRO A 652 -20.91 -9.65 19.82
CA PRO A 652 -20.96 -11.03 20.32
C PRO A 652 -20.56 -11.14 21.78
N ALA A 653 -19.53 -10.41 22.21
CA ALA A 653 -19.13 -10.44 23.60
C ALA A 653 -20.24 -9.93 24.50
N SER A 654 -20.89 -8.84 24.11
CA SER A 654 -22.02 -8.33 24.88
C SER A 654 -23.14 -9.35 24.95
N LYS A 655 -23.27 -10.20 23.93
CA LYS A 655 -24.28 -11.24 23.97
C LYS A 655 -23.88 -12.43 24.83
N VAL A 656 -22.59 -12.71 24.99
CA VAL A 656 -22.15 -13.85 25.81
C VAL A 656 -21.23 -13.39 26.92
N ALA A 657 -21.35 -12.12 27.33
CA ALA A 657 -20.49 -11.61 28.38
C ALA A 657 -20.75 -12.32 29.70
N GLY A 658 -19.68 -12.62 30.42
CA GLY A 658 -19.80 -13.30 31.70
C GLY A 658 -18.46 -13.55 32.36
N HIS A 659 -18.30 -14.74 32.93
CA HIS A 659 -17.05 -15.15 33.58
C HIS A 659 -16.43 -16.29 32.79
N MET A 660 -15.14 -16.17 32.49
CA MET A 660 -14.46 -17.22 31.74
C MET A 660 -14.54 -18.53 32.50
N ALA A 661 -14.90 -19.61 31.80
CA ALA A 661 -15.01 -20.93 32.40
C ALA A 661 -13.73 -21.75 32.28
N GLY A 662 -12.67 -21.16 31.73
CA GLY A 662 -11.42 -21.88 31.60
C GLY A 662 -10.32 -20.93 31.18
N ARG A 663 -9.16 -21.51 30.89
CA ARG A 663 -8.03 -20.70 30.47
C ARG A 663 -8.33 -20.06 29.12
N ILE A 664 -7.96 -18.80 28.98
CA ILE A 664 -8.11 -18.12 27.69
C ILE A 664 -7.13 -18.74 26.71
N ASN A 665 -7.66 -19.21 25.58
CA ASN A 665 -6.86 -19.90 24.58
C ASN A 665 -6.52 -18.99 23.41
N PHE A 666 -5.31 -19.14 22.88
CA PHE A 666 -4.89 -18.39 21.71
C PHE A 666 -5.67 -18.87 20.49
N THR A 667 -5.91 -17.95 19.56
CA THR A 667 -6.67 -18.29 18.36
C THR A 667 -6.01 -19.43 17.61
N ALA A 668 -6.80 -20.41 17.21
CA ALA A 668 -6.31 -21.57 16.48
C ALA A 668 -6.51 -21.45 14.98
N TRP A 669 -6.99 -20.31 14.49
CA TRP A 669 -7.28 -20.18 13.06
C TRP A 669 -6.02 -20.04 12.23
N LEU A 670 -4.96 -19.44 12.79
CA LEU A 670 -3.76 -19.17 12.00
C LEU A 670 -3.01 -20.45 11.65
N GLY A 671 -2.80 -21.31 12.64
CA GLY A 671 -2.15 -22.59 12.36
C GLY A 671 -2.96 -23.45 11.42
N GLN A 672 -4.28 -23.48 11.61
CA GLN A 672 -5.14 -24.24 10.72
C GLN A 672 -5.08 -23.70 9.29
N ASN A 673 -5.06 -22.37 9.14
CA ASN A 673 -4.96 -21.78 7.82
C ASN A 673 -3.64 -22.12 7.16
N SER A 674 -2.54 -22.07 7.92
CA SER A 674 -1.25 -22.44 7.36
C SER A 674 -1.23 -23.90 6.92
N LYS A 675 -1.80 -24.78 7.75
CA LYS A 675 -1.89 -26.19 7.37
C LYS A 675 -2.72 -26.37 6.11
N SER A 676 -3.84 -25.64 6.01
CA SER A 676 -4.68 -25.74 4.82
C SER A 676 -3.93 -25.27 3.58
N ALA A 677 -3.17 -24.18 3.71
CA ALA A 677 -2.40 -23.70 2.56
C ALA A 677 -1.36 -24.72 2.14
N LYS A 678 -0.66 -25.31 3.10
CA LYS A 678 0.34 -26.33 2.77
C LYS A 678 -0.30 -27.51 2.05
N TYR A 679 -1.43 -27.99 2.57
CA TYR A 679 -2.09 -29.13 1.95
C TYR A 679 -2.65 -28.78 0.57
N TYR A 680 -3.12 -27.54 0.38
CA TYR A 680 -3.59 -27.14 -0.94
C TYR A 680 -2.44 -27.08 -1.94
N ARG A 681 -1.28 -26.59 -1.52
CA ARG A 681 -0.12 -26.60 -2.42
C ARG A 681 0.28 -28.03 -2.77
N LEU A 682 0.27 -28.93 -1.78
CA LEU A 682 0.57 -30.32 -2.07
C LEU A 682 -0.44 -30.92 -3.05
N LEU A 683 -1.72 -30.62 -2.84
CA LEU A 683 -2.76 -31.12 -3.75
C LEU A 683 -2.54 -30.59 -5.16
N GLN A 684 -2.17 -29.32 -5.29
CA GLN A 684 -1.90 -28.76 -6.61
C GLN A 684 -0.72 -29.47 -7.28
N GLU A 685 0.32 -29.77 -6.49
CA GLU A 685 1.46 -30.49 -7.04
C GLU A 685 1.04 -31.86 -7.55
N ILE A 686 0.24 -32.59 -6.76
CA ILE A 686 -0.23 -33.91 -7.19
C ILE A 686 -1.09 -33.77 -8.44
N HIS A 687 -1.97 -32.78 -8.47
CA HIS A 687 -2.87 -32.61 -9.60
C HIS A 687 -2.11 -32.36 -10.89
N TYR A 688 -1.11 -31.48 -10.84
CA TYR A 688 -0.34 -31.19 -12.04
C TYR A 688 0.71 -32.25 -12.34
N HIS A 689 0.96 -33.17 -11.41
CA HIS A 689 1.76 -34.36 -11.69
C HIS A 689 0.95 -35.48 -12.32
N THR A 690 -0.39 -35.39 -12.28
CA THR A 690 -1.26 -36.44 -12.81
C THR A 690 -2.28 -35.90 -13.79
N ARG A 691 -2.15 -34.65 -14.24
CA ARG A 691 -3.15 -34.06 -15.11
C ARG A 691 -3.27 -34.83 -16.42
N LEU A 692 -2.14 -35.29 -16.96
CA LEU A 692 -2.16 -35.92 -18.28
C LEU A 692 -3.03 -37.16 -18.31
N GLY A 693 -3.07 -37.92 -17.21
CA GLY A 693 -3.80 -39.18 -17.19
C GLY A 693 -5.18 -39.10 -16.55
N THR A 694 -5.52 -37.95 -15.97
CA THR A 694 -6.76 -37.78 -15.24
C THR A 694 -7.63 -36.71 -15.89
N SER A 695 -8.94 -36.86 -15.73
CA SER A 695 -9.93 -35.91 -16.23
C SER A 695 -10.72 -35.39 -15.03
N THR A 696 -10.20 -34.35 -14.39
CA THR A 696 -10.84 -33.77 -13.22
C THR A 696 -10.09 -32.52 -12.76
N ASP A 697 -10.64 -31.83 -11.78
CA ASP A 697 -9.99 -30.69 -11.16
C ASP A 697 -9.34 -31.12 -9.85
N LYS A 698 -8.67 -30.18 -9.17
CA LYS A 698 -8.03 -30.50 -7.91
C LYS A 698 -9.04 -30.98 -6.88
N ILE A 699 -10.20 -30.31 -6.80
CA ILE A 699 -11.23 -30.70 -5.85
C ILE A 699 -11.76 -32.09 -6.19
N GLY A 700 -12.04 -32.33 -7.47
CA GLY A 700 -12.48 -33.65 -7.88
C GLY A 700 -11.41 -34.71 -7.64
N LEU A 701 -10.15 -34.34 -7.83
CA LEU A 701 -9.06 -35.26 -7.54
C LEU A 701 -9.04 -35.65 -6.07
N ARG A 702 -9.24 -34.68 -5.18
CA ARG A 702 -9.20 -34.96 -3.75
C ARG A 702 -10.41 -35.77 -3.31
N LEU A 703 -11.60 -35.39 -3.78
CA LEU A 703 -12.83 -35.97 -3.27
C LEU A 703 -13.11 -37.36 -3.82
N ASP A 704 -12.71 -37.65 -5.06
CA ASP A 704 -13.06 -38.90 -5.71
C ASP A 704 -11.86 -39.77 -6.06
N TYR A 705 -10.82 -39.21 -6.66
CA TYR A 705 -9.73 -40.03 -7.18
C TYR A 705 -8.88 -40.62 -6.05
N LEU A 706 -8.52 -39.81 -5.07
CA LEU A 706 -7.52 -40.23 -4.08
C LEU A 706 -7.89 -41.51 -3.34
N PRO A 707 -9.14 -41.75 -2.93
CA PRO A 707 -9.44 -43.05 -2.30
C PRO A 707 -9.08 -44.25 -3.16
N THR A 708 -9.42 -44.20 -4.46
CA THR A 708 -9.06 -45.30 -5.34
C THR A 708 -7.55 -45.41 -5.50
N PHE A 709 -6.86 -44.28 -5.53
CA PHE A 709 -5.40 -44.32 -5.58
C PHE A 709 -4.82 -44.96 -4.34
N ARG A 710 -5.44 -44.72 -3.17
CA ARG A 710 -5.04 -45.44 -1.96
C ARG A 710 -5.24 -46.94 -2.13
N LYS A 711 -6.41 -47.33 -2.62
CA LYS A 711 -6.65 -48.76 -2.83
C LYS A 711 -5.64 -49.37 -3.78
N ARG A 712 -5.15 -48.59 -4.75
CA ARG A 712 -4.19 -49.08 -5.73
C ARG A 712 -2.73 -48.97 -5.28
N LEU A 713 -2.45 -48.16 -4.25
CA LEU A 713 -1.08 -47.82 -3.89
C LEU A 713 -0.66 -48.26 -2.49
N LEU A 714 -1.56 -48.20 -1.50
CA LEU A 714 -1.24 -48.54 -0.13
C LEU A 714 -1.72 -49.92 0.27
N ASP A 715 -2.93 -50.30 -0.17
CA ASP A 715 -3.44 -51.62 0.18
C ASP A 715 -2.51 -52.75 -0.27
N PRO A 716 -1.95 -52.74 -1.48
CA PRO A 716 -1.09 -53.87 -1.89
C PRO A 716 0.06 -54.14 -0.93
N PHE A 717 0.67 -53.10 -0.38
CA PHE A 717 1.78 -53.31 0.55
C PHE A 717 1.34 -54.07 1.79
N LEU A 718 0.07 -53.92 2.19
CA LEU A 718 -0.44 -54.55 3.40
C LEU A 718 -0.85 -56.00 3.20
N LYS A 719 -0.99 -56.45 1.95
CA LYS A 719 -1.51 -57.79 1.66
C LYS A 719 -0.44 -58.76 1.19
N GLN A 720 0.29 -58.41 0.12
CA GLN A 720 1.26 -59.30 -0.50
C GLN A 720 2.70 -58.97 -0.11
N GLY A 721 2.89 -58.10 0.88
CA GLY A 721 4.24 -57.79 1.33
C GLY A 721 5.05 -57.11 0.26
N ALA A 722 6.34 -57.48 0.19
CA ALA A 722 7.25 -56.80 -0.75
C ALA A 722 6.82 -56.99 -2.19
N ASP A 723 6.12 -58.08 -2.51
CA ASP A 723 5.72 -58.35 -3.89
C ASP A 723 4.86 -57.23 -4.46
N ALA A 724 4.23 -56.43 -3.61
CA ALA A 724 3.41 -55.32 -4.11
C ALA A 724 4.24 -54.27 -4.83
N ILE A 725 5.53 -54.15 -4.45
CA ILE A 725 6.33 -53.02 -4.90
C ILE A 725 6.17 -52.81 -6.40
N SER A 726 6.55 -53.82 -7.19
CA SER A 726 6.44 -53.73 -8.64
C SER A 726 5.11 -53.13 -9.05
N SER A 727 4.01 -53.79 -8.65
CA SER A 727 2.69 -53.32 -9.04
C SER A 727 2.52 -51.85 -8.69
N VAL A 728 2.80 -51.50 -7.43
CA VAL A 728 2.64 -50.11 -7.01
C VAL A 728 3.44 -49.19 -7.92
N ILE A 729 4.70 -49.55 -8.18
CA ILE A 729 5.54 -48.73 -9.04
C ILE A 729 4.85 -48.52 -10.37
N GLU A 730 4.34 -49.60 -10.96
CA GLU A 730 3.65 -49.48 -12.24
C GLU A 730 2.57 -48.42 -12.16
N VAL A 731 1.72 -48.49 -11.14
CA VAL A 731 0.64 -47.51 -11.01
C VAL A 731 1.22 -46.11 -10.97
N MET A 732 2.27 -45.91 -10.16
CA MET A 732 2.89 -44.60 -10.10
C MET A 732 3.41 -44.19 -11.47
N ASP A 733 4.06 -45.11 -12.18
CA ASP A 733 4.55 -44.80 -13.52
C ASP A 733 3.39 -44.44 -14.44
N ASP A 734 2.22 -45.04 -14.22
CA ASP A 734 1.07 -44.74 -15.06
C ASP A 734 0.54 -43.33 -14.84
N TYR A 735 0.95 -42.66 -13.76
CA TYR A 735 0.44 -41.33 -13.44
C TYR A 735 1.56 -40.36 -13.07
N TYR A 736 2.80 -40.66 -13.43
CA TYR A 736 3.92 -39.76 -13.21
C TYR A 736 3.99 -39.32 -11.74
N LEU A 737 3.98 -40.31 -10.85
CA LEU A 737 3.97 -40.08 -9.42
C LEU A 737 5.32 -40.44 -8.82
N THR A 738 5.74 -39.68 -7.81
CA THR A 738 7.00 -39.89 -7.13
C THR A 738 6.76 -40.31 -5.69
N LYS A 739 7.86 -40.63 -4.99
CA LYS A 739 7.76 -41.02 -3.59
C LYS A 739 7.21 -39.88 -2.74
N GLU A 740 7.68 -38.66 -2.98
CA GLU A 740 7.14 -37.52 -2.25
C GLU A 740 5.66 -37.35 -2.52
N ASP A 741 5.24 -37.53 -3.77
CA ASP A 741 3.81 -37.50 -4.08
C ASP A 741 3.09 -38.64 -3.39
N TRP A 742 3.73 -39.80 -3.29
CA TRP A 742 3.12 -40.93 -2.58
C TRP A 742 2.84 -40.56 -1.13
N ASP A 743 3.83 -40.00 -0.44
CA ASP A 743 3.63 -39.59 0.96
C ASP A 743 2.57 -38.51 1.07
N SER A 744 2.60 -37.52 0.16
CA SER A 744 1.62 -36.45 0.21
C SER A 744 0.20 -36.99 0.05
N ILE A 745 0.01 -37.90 -0.90
CA ILE A 745 -1.32 -38.49 -1.09
C ILE A 745 -1.72 -39.28 0.16
N MET A 746 -0.79 -40.04 0.73
CA MET A 746 -1.10 -40.79 1.94
C MET A 746 -1.42 -39.89 3.12
N GLU A 747 -0.99 -38.63 3.10
CA GLU A 747 -1.18 -37.72 4.22
C GLU A 747 -2.49 -36.93 4.14
N PHE A 748 -3.33 -37.19 3.14
CA PHE A 748 -4.55 -36.40 2.96
C PHE A 748 -5.75 -37.00 3.67
N PHE A 749 -5.85 -38.32 3.76
CA PHE A 749 -7.08 -38.96 4.20
C PHE A 749 -7.35 -38.69 5.68
N VAL A 750 -8.63 -38.68 6.03
CA VAL A 750 -9.10 -38.32 7.36
C VAL A 750 -10.15 -39.33 7.79
N GLY A 751 -10.44 -39.35 9.09
CA GLY A 751 -11.54 -40.12 9.62
C GLY A 751 -11.20 -41.59 9.80
N PRO A 752 -11.97 -42.48 9.19
CA PRO A 752 -11.65 -43.91 9.26
C PRO A 752 -10.54 -44.35 8.31
N ASP A 753 -10.03 -43.45 7.46
CA ASP A 753 -9.05 -43.80 6.45
C ASP A 753 -7.70 -43.12 6.71
N VAL A 754 -7.36 -42.91 7.96
CA VAL A 754 -6.06 -42.33 8.31
C VAL A 754 -5.01 -43.43 8.20
N THR A 755 -3.96 -43.15 7.42
CA THR A 755 -2.94 -44.15 7.11
C THR A 755 -1.69 -44.02 7.97
N THR A 756 -1.65 -43.06 8.89
CA THR A 756 -0.43 -42.85 9.67
C THR A 756 -0.07 -44.09 10.47
N ALA A 757 -1.02 -44.61 11.26
CA ALA A 757 -0.74 -45.81 12.04
C ALA A 757 -0.44 -47.00 11.15
N ILE A 758 -1.23 -47.19 10.10
CA ILE A 758 -1.01 -48.32 9.19
C ILE A 758 0.36 -48.20 8.52
N ILE A 759 0.69 -47.00 8.05
CA ILE A 759 1.98 -46.80 7.38
C ILE A 759 3.12 -47.08 8.35
N LYS A 760 3.01 -46.61 9.59
CA LYS A 760 4.04 -46.91 10.58
C LYS A 760 4.14 -48.41 10.82
N LYS A 761 3.01 -49.12 10.82
CA LYS A 761 3.01 -50.56 11.04
C LYS A 761 3.61 -51.34 9.87
N ILE A 762 3.82 -50.71 8.72
CA ILE A 762 4.38 -51.46 7.59
C ILE A 762 5.77 -51.95 7.97
N PRO A 763 6.16 -53.16 7.58
CA PRO A 763 7.51 -53.64 7.92
C PRO A 763 8.58 -52.72 7.33
N ALA A 764 9.66 -52.54 8.10
CA ALA A 764 10.76 -51.69 7.62
C ALA A 764 11.39 -52.27 6.36
N THR A 765 11.53 -53.59 6.30
CA THR A 765 12.14 -54.21 5.13
C THR A 765 11.33 -53.94 3.87
N VAL A 766 10.00 -53.97 3.98
CA VAL A 766 9.16 -53.72 2.81
C VAL A 766 9.39 -52.31 2.28
N LYS A 767 9.40 -51.32 3.18
CA LYS A 767 9.63 -49.95 2.76
C LYS A 767 11.02 -49.77 2.18
N SER A 768 12.03 -50.40 2.79
CA SER A 768 13.38 -50.30 2.26
C SER A 768 13.47 -50.89 0.85
N GLY A 769 12.84 -52.05 0.63
CA GLY A 769 12.84 -52.63 -0.69
C GLY A 769 12.09 -51.78 -1.70
N PHE A 770 10.98 -51.18 -1.27
CA PHE A 770 10.23 -50.29 -2.16
C PHE A 770 11.10 -49.10 -2.57
N THR A 771 11.79 -48.50 -1.61
CA THR A 771 12.68 -47.38 -1.93
C THR A 771 13.81 -47.81 -2.86
N ARG A 772 14.41 -48.98 -2.59
CA ARG A 772 15.50 -49.46 -3.44
C ARG A 772 15.01 -49.68 -4.87
N LYS A 773 13.83 -50.29 -5.03
CA LYS A 773 13.29 -50.51 -6.36
C LYS A 773 13.01 -49.19 -7.06
N TYR A 774 12.44 -48.22 -6.33
CA TYR A 774 12.15 -46.93 -6.95
C TYR A 774 13.41 -46.22 -7.41
N ASN A 775 14.46 -46.25 -6.59
CA ASN A 775 15.69 -45.55 -6.92
C ASN A 775 16.59 -46.34 -7.88
N SER A 776 16.26 -47.59 -8.17
CA SER A 776 17.06 -48.42 -9.06
C SER A 776 16.58 -48.37 -10.50
N MET A 777 15.58 -47.55 -10.82
CA MET A 777 15.02 -47.45 -12.15
C MET A 777 15.01 -46.00 -12.61
N THR A 778 14.67 -45.81 -13.87
CA THR A 778 14.50 -44.49 -14.47
C THR A 778 13.01 -44.22 -14.64
N HIS A 779 12.56 -43.06 -14.17
CA HIS A 779 11.15 -42.73 -14.19
C HIS A 779 10.89 -41.51 -15.07
N PRO A 780 9.71 -41.41 -15.67
CA PRO A 780 9.40 -40.24 -16.51
C PRO A 780 9.11 -39.01 -15.66
N VAL A 781 9.02 -37.87 -16.33
CA VAL A 781 8.78 -36.58 -15.69
C VAL A 781 7.58 -35.93 -16.36
N ALA A 782 6.60 -35.54 -15.54
CA ALA A 782 5.40 -34.89 -16.08
C ALA A 782 5.69 -33.45 -16.50
N ILE A 783 6.44 -32.71 -15.68
CA ILE A 783 6.76 -31.31 -15.94
C ILE A 783 8.27 -31.14 -15.82
N TYR A 784 8.88 -30.53 -16.82
CA TYR A 784 10.32 -30.30 -16.84
C TYR A 784 10.64 -28.96 -16.22
N ARG A 785 11.61 -28.94 -15.31
CA ARG A 785 12.06 -27.73 -14.63
C ARG A 785 10.92 -27.12 -13.81
N THR A 786 10.38 -27.93 -12.90
CA THR A 786 9.30 -27.48 -12.02
C THR A 786 9.75 -26.29 -11.18
N THR B 4 -5.61 46.37 -3.05
CA THR B 4 -6.41 45.19 -3.32
C THR B 4 -5.56 43.92 -3.26
N LEU B 5 -4.26 44.07 -3.50
CA LEU B 5 -3.31 42.96 -3.48
C LEU B 5 -2.57 42.84 -2.16
N SER B 6 -2.96 43.61 -1.14
CA SER B 6 -2.33 43.57 0.17
C SER B 6 -3.27 42.88 1.14
N LEU B 7 -2.74 41.94 1.91
CA LEU B 7 -3.54 41.14 2.84
C LEU B 7 -3.37 41.65 4.26
N GLN B 8 -4.46 41.56 5.03
CA GLN B 8 -4.46 41.90 6.44
C GLN B 8 -4.20 40.65 7.26
N LEU B 9 -3.44 40.81 8.35
CA LEU B 9 -3.11 39.68 9.19
C LEU B 9 -4.37 39.19 9.91
N PRO B 10 -4.69 37.89 9.84
CA PRO B 10 -5.88 37.41 10.55
C PRO B 10 -5.73 37.56 12.06
N TRP B 11 -6.87 37.73 12.74
CA TRP B 11 -6.86 37.92 14.18
C TRP B 11 -6.28 36.71 14.90
N VAL B 12 -6.37 35.52 14.31
CA VAL B 12 -5.80 34.34 14.95
C VAL B 12 -4.29 34.48 15.09
N GLU B 13 -3.64 35.10 14.11
CA GLU B 13 -2.21 35.37 14.18
C GLU B 13 -1.89 36.74 14.76
N LYS B 14 -2.78 37.72 14.61
CA LYS B 14 -2.51 39.05 15.14
C LYS B 14 -2.61 39.09 16.65
N TYR B 15 -3.43 38.23 17.24
CA TYR B 15 -3.63 38.18 18.69
C TYR B 15 -3.23 36.83 19.27
N ARG B 16 -2.33 36.13 18.59
CA ARG B 16 -1.77 34.91 19.17
C ARG B 16 -1.04 35.28 20.44
N PRO B 17 -1.35 34.65 21.58
CA PRO B 17 -0.68 35.03 22.83
C PRO B 17 0.84 34.97 22.69
N GLN B 18 1.50 36.02 23.17
CA GLN B 18 2.96 36.10 23.15
C GLN B 18 3.57 35.92 24.53
N VAL B 19 2.78 35.98 25.59
CA VAL B 19 3.25 35.73 26.95
C VAL B 19 2.29 34.71 27.58
N LEU B 20 2.83 33.91 28.50
CA LEU B 20 2.03 32.84 29.10
C LEU B 20 0.84 33.38 29.88
N SER B 21 0.85 34.66 30.26
CA SER B 21 -0.26 35.22 31.01
C SER B 21 -1.50 35.43 30.15
N ASP B 22 -1.36 35.45 28.83
CA ASP B 22 -2.46 35.71 27.92
C ASP B 22 -3.13 34.44 27.40
N ILE B 23 -2.71 33.27 27.86
CA ILE B 23 -3.31 32.00 27.46
C ILE B 23 -4.44 31.69 28.44
N VAL B 24 -5.64 31.48 27.92
CA VAL B 24 -6.82 31.25 28.74
C VAL B 24 -7.08 29.75 28.81
N GLY B 25 -7.61 29.30 29.94
CA GLY B 25 -7.89 27.90 30.16
C GLY B 25 -6.70 27.15 30.72
N ASN B 26 -6.99 25.96 31.26
CA ASN B 26 -5.98 25.10 31.87
C ASN B 26 -5.11 25.89 32.84
N LYS B 27 -5.77 26.48 33.84
CA LYS B 27 -5.08 27.42 34.73
C LYS B 27 -3.93 26.75 35.46
N GLU B 28 -4.13 25.52 35.93
CA GLU B 28 -3.09 24.84 36.69
C GLU B 28 -1.83 24.64 35.86
N THR B 29 -1.99 24.11 34.64
CA THR B 29 -0.83 23.86 33.80
C THR B 29 -0.12 25.15 33.40
N ILE B 30 -0.89 26.19 33.09
CA ILE B 30 -0.28 27.47 32.73
C ILE B 30 0.48 28.05 33.92
N ASP B 31 -0.07 27.92 35.13
CA ASP B 31 0.65 28.38 36.31
C ASP B 31 1.93 27.59 36.51
N ARG B 32 1.89 26.27 36.30
CA ARG B 32 3.11 25.48 36.40
C ARG B 32 4.15 25.94 35.40
N LEU B 33 3.73 26.20 34.15
CA LEU B 33 4.67 26.66 33.14
C LEU B 33 5.24 28.03 33.51
N GLN B 34 4.39 28.93 34.02
CA GLN B 34 4.87 30.25 34.42
C GLN B 34 5.90 30.15 35.53
N GLN B 35 5.65 29.29 36.53
CA GLN B 35 6.60 29.14 37.61
C GLN B 35 7.90 28.49 37.12
N ILE B 36 7.79 27.54 36.18
CA ILE B 36 9.00 26.96 35.59
C ILE B 36 9.82 28.04 34.89
N ALA B 37 9.13 28.91 34.13
CA ALA B 37 9.82 30.00 33.46
C ALA B 37 10.48 30.93 34.47
N LYS B 38 9.77 31.24 35.55
CA LYS B 38 10.34 32.11 36.58
C LYS B 38 11.60 31.50 37.19
N ASP B 39 11.57 30.19 37.47
CA ASP B 39 12.71 29.52 38.08
C ASP B 39 13.64 28.95 37.02
N GLY B 40 13.12 28.09 36.13
CA GLY B 40 13.92 27.44 35.11
C GLY B 40 13.86 25.92 35.25
N ASN B 41 14.93 25.27 34.83
CA ASN B 41 15.04 23.82 34.90
C ASN B 41 13.84 23.15 34.22
N MET B 42 13.59 23.55 32.99
CA MET B 42 12.48 22.98 32.24
C MET B 42 12.72 21.49 32.02
N PRO B 43 11.76 20.62 32.29
CA PRO B 43 11.93 19.19 32.03
C PRO B 43 11.42 18.81 30.64
N HIS B 44 11.74 17.57 30.25
CA HIS B 44 11.13 17.01 29.07
C HIS B 44 9.63 16.88 29.30
N MET B 45 8.84 17.38 28.34
CA MET B 45 7.40 17.45 28.52
C MET B 45 6.68 17.06 27.24
N ILE B 46 5.46 16.56 27.39
CA ILE B 46 4.57 16.24 26.29
C ILE B 46 3.23 16.90 26.56
N ILE B 47 2.83 17.83 25.70
CA ILE B 47 1.57 18.55 25.82
C ILE B 47 0.57 17.93 24.84
N SER B 48 -0.53 17.42 25.37
CA SER B 48 -1.56 16.75 24.59
C SER B 48 -2.89 17.50 24.73
N GLY B 49 -3.74 17.34 23.73
CA GLY B 49 -5.04 17.99 23.75
C GLY B 49 -5.72 17.88 22.41
N MET B 50 -6.71 18.74 22.20
CA MET B 50 -7.50 18.80 20.99
C MET B 50 -7.28 20.12 20.27
N PRO B 51 -7.71 20.22 19.01
CA PRO B 51 -7.37 21.40 18.20
C PRO B 51 -7.89 22.69 18.81
N GLY B 52 -7.13 23.77 18.59
CA GLY B 52 -7.55 25.11 18.96
C GLY B 52 -7.63 25.36 20.45
N ILE B 53 -6.64 24.90 21.21
CA ILE B 53 -6.62 25.08 22.65
C ILE B 53 -5.40 25.84 23.15
N GLY B 54 -4.30 25.89 22.38
CA GLY B 54 -3.14 26.67 22.78
C GLY B 54 -1.95 25.84 23.18
N LYS B 55 -1.74 24.69 22.52
CA LYS B 55 -0.57 23.88 22.82
C LYS B 55 0.68 24.47 22.19
N THR B 56 0.64 24.71 20.88
CA THR B 56 1.77 25.33 20.21
C THR B 56 2.07 26.71 20.79
N THR B 57 1.03 27.48 21.06
CA THR B 57 1.21 28.79 21.69
C THR B 57 1.91 28.64 23.03
N SER B 58 1.48 27.67 23.85
CA SER B 58 2.09 27.47 25.16
C SER B 58 3.56 27.13 25.02
N VAL B 59 3.90 26.18 24.14
CA VAL B 59 5.29 25.77 23.99
C VAL B 59 6.15 26.93 23.49
N HIS B 60 5.66 27.66 22.50
CA HIS B 60 6.43 28.77 21.95
C HIS B 60 6.63 29.87 22.99
N CYS B 61 5.58 30.21 23.74
CA CYS B 61 5.72 31.23 24.77
C CYS B 61 6.70 30.80 25.84
N LEU B 62 6.63 29.54 26.27
CA LEU B 62 7.56 29.04 27.27
C LEU B 62 9.00 29.14 26.77
N ALA B 63 9.25 28.68 25.54
CA ALA B 63 10.60 28.71 25.01
C ALA B 63 11.10 30.15 24.89
N HIS B 64 10.27 31.05 24.36
CA HIS B 64 10.68 32.44 24.20
C HIS B 64 11.03 33.06 25.55
N GLU B 65 10.14 32.93 26.53
CA GLU B 65 10.39 33.55 27.82
C GLU B 65 11.57 32.90 28.54
N LEU B 66 11.82 31.61 28.29
CA LEU B 66 12.95 30.95 28.93
C LEU B 66 14.28 31.40 28.34
N LEU B 67 14.36 31.50 27.02
CA LEU B 67 15.65 31.69 26.35
C LEU B 67 15.93 33.13 25.95
N GLY B 68 14.96 34.05 26.06
CA GLY B 68 15.26 35.45 25.83
C GLY B 68 15.90 35.68 24.48
N ARG B 69 17.02 36.40 24.48
CA ARG B 69 17.72 36.74 23.25
C ARG B 69 18.32 35.52 22.57
N SER B 70 18.53 34.42 23.30
CA SER B 70 19.13 33.22 22.75
C SER B 70 18.11 32.29 22.10
N TYR B 71 16.92 32.80 21.76
CA TYR B 71 15.92 31.95 21.12
C TYR B 71 16.39 31.45 19.76
N ALA B 72 17.03 32.32 18.98
CA ALA B 72 17.47 31.96 17.64
C ALA B 72 18.60 30.94 17.63
N ASP B 73 19.28 30.73 18.76
CA ASP B 73 20.41 29.81 18.82
C ASP B 73 20.16 28.58 19.69
N GLY B 74 19.20 28.64 20.62
CA GLY B 74 18.92 27.53 21.51
C GLY B 74 17.60 26.82 21.30
N VAL B 75 16.89 27.12 20.22
CA VAL B 75 15.60 26.48 19.93
C VAL B 75 15.69 25.82 18.56
N LEU B 76 15.37 24.53 18.51
CA LEU B 76 15.30 23.77 17.27
C LEU B 76 13.88 23.28 17.10
N GLU B 77 13.13 23.87 16.17
CA GLU B 77 11.72 23.58 15.97
C GLU B 77 11.54 22.73 14.72
N LEU B 78 10.81 21.63 14.85
CA LEU B 78 10.51 20.76 13.72
C LEU B 78 9.05 20.33 13.81
N ASN B 79 8.37 20.34 12.65
CA ASN B 79 6.96 19.98 12.59
C ASN B 79 6.71 19.01 11.45
N ALA B 80 5.44 18.71 11.16
CA ALA B 80 5.10 17.75 10.12
C ALA B 80 5.48 18.23 8.74
N SER B 81 5.74 19.52 8.56
CA SER B 81 6.16 20.05 7.27
C SER B 81 7.65 19.91 7.04
N ASP B 82 8.39 19.35 7.99
CA ASP B 82 9.82 19.14 7.87
C ASP B 82 10.13 17.64 7.90
N ASP B 83 11.21 17.25 7.25
CA ASP B 83 11.65 15.87 7.29
C ASP B 83 12.14 15.54 8.70
N ARG B 84 11.53 14.51 9.30
CA ARG B 84 11.84 14.09 10.67
C ARG B 84 12.01 12.58 10.73
N GLY B 85 12.75 12.03 9.76
CA GLY B 85 12.99 10.61 9.69
C GLY B 85 14.08 10.18 10.66
N ILE B 86 14.44 8.91 10.55
CA ILE B 86 15.46 8.35 11.43
C ILE B 86 16.80 9.05 11.22
N ASP B 87 17.14 9.33 9.96
CA ASP B 87 18.41 10.00 9.69
C ASP B 87 18.43 11.40 10.30
N VAL B 88 17.32 12.13 10.20
CA VAL B 88 17.27 13.47 10.78
C VAL B 88 17.49 13.41 12.28
N VAL B 89 16.78 12.49 12.95
CA VAL B 89 16.94 12.37 14.40
C VAL B 89 18.37 11.99 14.75
N ARG B 90 18.97 11.08 13.99
CA ARG B 90 20.29 10.57 14.33
C ARG B 90 21.41 11.53 13.98
N ASN B 91 21.18 12.51 13.11
CA ASN B 91 22.22 13.47 12.74
C ASN B 91 21.94 14.88 13.21
N GLN B 92 20.83 15.49 12.76
CA GLN B 92 20.62 16.90 13.05
C GLN B 92 20.30 17.14 14.52
N ILE B 93 19.37 16.36 15.08
CA ILE B 93 19.00 16.54 16.47
C ILE B 93 20.16 16.16 17.38
N LYS B 94 20.90 15.10 17.03
CA LYS B 94 22.04 14.72 17.84
C LYS B 94 23.11 15.81 17.83
N HIS B 95 23.38 16.40 16.67
CA HIS B 95 24.35 17.48 16.59
C HIS B 95 23.89 18.69 17.39
N PHE B 96 22.60 19.01 17.31
CA PHE B 96 22.08 20.14 18.08
C PHE B 96 22.21 19.89 19.58
N ALA B 97 21.94 18.66 20.03
CA ALA B 97 22.05 18.36 21.44
C ALA B 97 23.50 18.39 21.91
N GLN B 98 24.42 17.96 21.04
CA GLN B 98 25.84 17.98 21.37
C GLN B 98 26.47 19.36 21.18
N LYS B 99 25.72 20.33 20.65
CA LYS B 99 26.26 21.66 20.43
C LYS B 99 26.61 22.32 21.75
N LYS B 100 27.57 23.24 21.70
CA LYS B 100 28.02 23.98 22.85
C LYS B 100 27.48 25.40 22.75
N LEU B 101 26.81 25.87 23.81
CA LEU B 101 26.22 27.20 23.81
C LEU B 101 26.19 27.73 25.24
N HIS B 102 26.45 29.02 25.38
CA HIS B 102 26.45 29.66 26.69
C HIS B 102 25.08 30.27 26.97
N LEU B 103 24.47 29.86 28.06
CA LEU B 103 23.15 30.30 28.47
C LEU B 103 23.17 30.68 29.94
N PRO B 104 22.19 31.45 30.41
CA PRO B 104 22.15 31.83 31.82
C PRO B 104 22.18 30.60 32.71
N PRO B 105 22.39 30.79 34.03
CA PRO B 105 22.57 29.63 34.91
C PRO B 105 21.58 28.50 34.70
N GLY B 106 20.28 28.78 34.82
CA GLY B 106 19.29 27.72 34.81
C GLY B 106 18.51 27.61 33.52
N LYS B 107 19.20 27.72 32.38
CA LYS B 107 18.57 27.65 31.07
C LYS B 107 19.23 26.55 30.25
N HIS B 108 18.45 25.94 29.37
CA HIS B 108 18.90 24.85 28.52
C HIS B 108 18.37 25.06 27.11
N LYS B 109 19.02 24.42 26.15
CA LYS B 109 18.52 24.41 24.78
C LYS B 109 17.20 23.64 24.71
N ILE B 110 16.35 24.05 23.78
CA ILE B 110 15.00 23.49 23.64
C ILE B 110 14.86 22.89 22.25
N VAL B 111 14.37 21.66 22.20
CA VAL B 111 14.05 20.97 20.95
C VAL B 111 12.54 20.79 20.91
N ILE B 112 11.87 21.56 20.08
CA ILE B 112 10.41 21.53 19.96
C ILE B 112 10.05 20.65 18.77
N LEU B 113 9.22 19.64 19.01
CA LEU B 113 8.73 18.72 17.98
C LEU B 113 7.21 18.86 17.95
N ASP B 114 6.73 19.78 17.13
CA ASP B 114 5.29 20.00 16.99
C ASP B 114 4.67 18.86 16.19
N GLU B 115 3.48 18.44 16.61
CA GLU B 115 2.80 17.30 16.00
C GLU B 115 3.69 16.05 16.01
N ALA B 116 4.20 15.73 17.19
CA ALA B 116 5.09 14.59 17.33
C ALA B 116 4.38 13.26 17.07
N ASP B 117 3.05 13.26 17.05
CA ASP B 117 2.33 12.01 16.82
C ASP B 117 2.66 11.40 15.46
N SER B 118 2.84 12.25 14.44
CA SER B 118 3.15 11.76 13.09
C SER B 118 4.52 11.09 13.00
N MET B 119 5.40 11.30 13.97
CA MET B 119 6.73 10.73 13.90
C MET B 119 6.66 9.20 13.93
N THR B 120 7.55 8.57 13.17
CA THR B 120 7.57 7.12 13.10
C THR B 120 8.18 6.52 14.37
N ALA B 121 8.00 5.22 14.52
CA ALA B 121 8.51 4.53 15.71
C ALA B 121 10.03 4.56 15.76
N GLY B 122 10.69 4.43 14.60
CA GLY B 122 12.15 4.42 14.60
C GLY B 122 12.75 5.70 15.12
N ALA B 123 12.23 6.85 14.67
CA ALA B 123 12.73 8.13 15.14
C ALA B 123 12.50 8.30 16.64
N GLN B 124 11.32 7.91 17.12
CA GLN B 124 11.03 8.02 18.55
C GLN B 124 11.98 7.15 19.35
N GLN B 125 12.25 5.93 18.88
CA GLN B 125 13.21 5.06 19.57
C GLN B 125 14.60 5.67 19.58
N ALA B 126 15.02 6.23 18.44
CA ALA B 126 16.35 6.85 18.37
C ALA B 126 16.47 8.03 19.32
N LEU B 127 15.37 8.76 19.55
CA LEU B 127 15.43 9.90 20.46
C LEU B 127 15.68 9.50 21.90
N ARG B 128 15.51 8.22 22.25
CA ARG B 128 15.49 7.82 23.65
C ARG B 128 16.79 8.20 24.36
N ARG B 129 17.91 7.60 23.94
CA ARG B 129 19.16 7.85 24.62
C ARG B 129 19.69 9.26 24.38
N THR B 130 19.27 9.91 23.28
CA THR B 130 19.68 11.29 23.05
C THR B 130 19.07 12.22 24.09
N MET B 131 17.81 12.00 24.45
CA MET B 131 17.19 12.80 25.50
C MET B 131 17.83 12.59 26.86
N GLU B 132 18.56 11.48 27.05
CA GLU B 132 19.15 11.16 28.34
C GLU B 132 20.60 11.59 28.46
N LEU B 133 21.41 11.30 27.45
CA LEU B 133 22.85 11.61 27.53
C LEU B 133 23.10 13.11 27.62
N TYR B 134 22.21 13.93 27.05
CA TYR B 134 22.41 15.38 26.98
C TYR B 134 21.30 16.14 27.68
N SER B 135 20.76 15.57 28.76
CA SER B 135 19.70 16.23 29.52
C SER B 135 20.22 17.41 30.34
N ASN B 136 21.54 17.52 30.53
CA ASN B 136 22.10 18.63 31.28
C ASN B 136 22.25 19.91 30.44
N SER B 137 21.99 19.83 29.13
CA SER B 137 22.06 21.01 28.27
C SER B 137 20.88 21.16 27.33
N THR B 138 20.11 20.10 27.07
CA THR B 138 19.00 20.16 26.13
C THR B 138 17.77 19.50 26.74
N ARG B 139 16.60 20.07 26.46
CA ARG B 139 15.33 19.54 26.93
C ARG B 139 14.34 19.52 25.76
N PHE B 140 13.42 18.56 25.81
CA PHE B 140 12.51 18.28 24.70
C PHE B 140 11.08 18.59 25.09
N ALA B 141 10.36 19.24 24.17
CA ALA B 141 8.95 19.61 24.36
C ALA B 141 8.16 19.09 23.17
N PHE B 142 7.45 17.97 23.37
CA PHE B 142 6.59 17.42 22.34
C PHE B 142 5.19 18.02 22.45
N ALA B 143 4.56 18.27 21.31
CA ALA B 143 3.18 18.71 21.25
C ALA B 143 2.42 17.79 20.32
N CYS B 144 1.31 17.23 20.81
CA CYS B 144 0.57 16.24 20.03
C CYS B 144 -0.91 16.36 20.30
N ASN B 145 -1.71 15.78 19.41
CA ASN B 145 -3.14 15.67 19.59
C ASN B 145 -3.53 14.33 20.21
N GLN B 146 -2.86 13.25 19.81
CA GLN B 146 -3.14 11.91 20.31
C GLN B 146 -1.89 11.40 21.01
N SER B 147 -1.93 11.36 22.34
CA SER B 147 -0.77 10.92 23.11
C SER B 147 -0.43 9.46 22.87
N ASN B 148 -1.41 8.63 22.48
CA ASN B 148 -1.14 7.21 22.29
C ASN B 148 -0.17 6.95 21.13
N LYS B 149 0.02 7.92 20.24
CA LYS B 149 0.94 7.74 19.12
C LYS B 149 2.40 7.86 19.54
N ILE B 150 2.66 8.35 20.75
CA ILE B 150 4.02 8.45 21.26
C ILE B 150 4.34 7.20 22.06
N ILE B 151 5.49 6.59 21.77
CA ILE B 151 5.81 5.29 22.36
C ILE B 151 5.99 5.42 23.87
N GLU B 152 5.77 4.31 24.57
CA GLU B 152 5.85 4.31 26.02
C GLU B 152 7.21 4.76 26.54
N PRO B 153 8.35 4.31 26.00
CA PRO B 153 9.64 4.79 26.52
C PRO B 153 9.78 6.30 26.48
N LEU B 154 9.26 6.95 25.42
CA LEU B 154 9.35 8.40 25.35
C LEU B 154 8.43 9.06 26.38
N GLN B 155 7.24 8.51 26.57
CA GLN B 155 6.33 9.06 27.59
C GLN B 155 6.93 8.94 28.98
N SER B 156 7.65 7.85 29.24
CA SER B 156 8.26 7.66 30.56
C SER B 156 9.25 8.77 30.88
N ARG B 157 9.98 9.27 29.87
CA ARG B 157 11.03 10.25 30.10
C ARG B 157 10.52 11.67 30.25
N CYS B 158 9.27 11.95 29.89
CA CYS B 158 8.73 13.30 29.87
C CYS B 158 7.66 13.48 30.93
N ALA B 159 7.27 14.73 31.13
CA ALA B 159 6.16 15.09 32.02
C ALA B 159 4.89 15.24 31.18
N ILE B 160 3.83 14.58 31.60
CA ILE B 160 2.57 14.59 30.86
C ILE B 160 1.80 15.85 31.21
N LEU B 161 1.33 16.56 30.18
CA LEU B 161 0.52 17.77 30.35
C LEU B 161 -0.68 17.62 29.41
N ARG B 162 -1.77 17.08 29.94
CA ARG B 162 -2.99 16.87 29.17
C ARG B 162 -3.89 18.10 29.32
N TYR B 163 -4.15 18.77 28.21
CA TYR B 163 -4.94 19.99 28.21
C TYR B 163 -6.42 19.66 28.06
N SER B 164 -7.26 20.46 28.71
CA SER B 164 -8.70 20.32 28.64
C SER B 164 -9.28 21.35 27.67
N LYS B 165 -10.50 21.07 27.21
CA LYS B 165 -11.17 21.98 26.29
C LYS B 165 -11.54 23.27 27.01
N LEU B 166 -11.35 24.40 26.32
CA LEU B 166 -11.66 25.69 26.89
C LEU B 166 -13.15 25.79 27.19
N SER B 167 -13.49 26.25 28.38
CA SER B 167 -14.88 26.44 28.76
C SER B 167 -15.45 27.69 28.10
N ASP B 168 -16.77 27.82 28.16
CA ASP B 168 -17.42 28.96 27.55
C ASP B 168 -16.94 30.27 28.18
N GLU B 169 -16.68 30.27 29.48
CA GLU B 169 -16.24 31.49 30.16
C GLU B 169 -14.90 31.98 29.63
N ASP B 170 -13.94 31.07 29.47
CA ASP B 170 -12.61 31.47 28.99
C ASP B 170 -12.67 31.98 27.55
N VAL B 171 -13.42 31.27 26.69
CA VAL B 171 -13.58 31.72 25.32
C VAL B 171 -14.22 33.09 25.28
N LEU B 172 -15.25 33.29 26.11
CA LEU B 172 -15.90 34.61 26.16
C LEU B 172 -14.92 35.68 26.63
N LYS B 173 -14.09 35.37 27.62
CA LYS B 173 -13.12 36.35 28.10
C LYS B 173 -12.16 36.77 27.00
N ARG B 174 -11.56 35.79 26.32
CA ARG B 174 -10.61 36.13 25.25
C ARG B 174 -11.30 36.85 24.11
N LEU B 175 -12.52 36.44 23.76
CA LEU B 175 -13.26 37.11 22.70
C LEU B 175 -13.57 38.54 23.07
N LEU B 176 -13.95 38.79 24.34
CA LEU B 176 -14.23 40.15 24.78
C LEU B 176 -12.97 41.01 24.73
N GLN B 177 -11.82 40.44 25.11
CA GLN B 177 -10.57 41.18 24.98
C GLN B 177 -10.31 41.56 23.53
N ILE B 178 -10.51 40.61 22.60
CA ILE B 178 -10.26 40.89 21.19
C ILE B 178 -11.22 41.98 20.69
N ILE B 179 -12.49 41.89 21.07
CA ILE B 179 -13.47 42.91 20.68
C ILE B 179 -13.06 44.28 21.21
N LYS B 180 -12.65 44.34 22.48
CA LYS B 180 -12.22 45.61 23.05
C LYS B 180 -11.05 46.19 22.26
N LEU B 181 -10.08 45.33 21.91
CA LEU B 181 -8.92 45.81 21.17
C LEU B 181 -9.30 46.30 19.77
N GLU B 182 -10.19 45.58 19.08
CA GLU B 182 -10.60 45.95 17.73
C GLU B 182 -11.83 46.84 17.68
N ASP B 183 -12.45 47.17 18.82
CA ASP B 183 -13.60 48.06 18.84
C ASP B 183 -14.68 47.57 17.87
N VAL B 184 -15.18 46.38 18.15
CA VAL B 184 -16.16 45.70 17.32
C VAL B 184 -17.51 45.76 18.00
N LYS B 185 -18.50 46.34 17.33
CA LYS B 185 -19.85 46.36 17.86
C LYS B 185 -20.41 44.95 17.88
N TYR B 186 -21.11 44.62 18.96
CA TYR B 186 -21.57 43.26 19.17
C TYR B 186 -22.81 43.25 20.05
N THR B 187 -23.49 42.11 20.06
CA THR B 187 -24.62 41.86 20.94
C THR B 187 -24.38 40.56 21.68
N ASN B 188 -25.02 40.42 22.84
CA ASN B 188 -24.79 39.24 23.68
C ASN B 188 -25.16 37.96 22.95
N ASP B 189 -26.28 37.97 22.23
CA ASP B 189 -26.70 36.76 21.51
C ASP B 189 -25.68 36.37 20.45
N GLY B 190 -25.06 37.34 19.79
CA GLY B 190 -24.04 37.01 18.80
C GLY B 190 -22.86 36.29 19.42
N LEU B 191 -22.38 36.80 20.57
CA LEU B 191 -21.28 36.14 21.25
C LEU B 191 -21.68 34.74 21.72
N GLU B 192 -22.92 34.60 22.21
CA GLU B 192 -23.39 33.29 22.62
C GLU B 192 -23.40 32.32 21.45
N ALA B 193 -23.85 32.77 20.28
CA ALA B 193 -23.84 31.91 19.10
C ALA B 193 -22.42 31.56 18.67
N ILE B 194 -21.50 32.52 18.75
CA ILE B 194 -20.11 32.25 18.40
C ILE B 194 -19.54 31.17 19.31
N ILE B 195 -19.79 31.30 20.62
CA ILE B 195 -19.31 30.28 21.56
C ILE B 195 -19.98 28.94 21.27
N PHE B 196 -21.28 28.96 20.97
CA PHE B 196 -22.00 27.71 20.71
C PHE B 196 -21.41 26.97 19.52
N THR B 197 -21.06 27.70 18.45
CA THR B 197 -20.44 27.06 17.29
C THR B 197 -18.99 26.68 17.57
N ALA B 198 -18.31 27.40 18.45
CA ALA B 198 -16.89 27.17 18.66
C ALA B 198 -16.63 25.75 19.15
N GLU B 199 -17.46 25.26 20.06
CA GLU B 199 -17.28 23.92 20.64
C GLU B 199 -15.94 23.81 21.36
N GLY B 200 -15.52 24.90 22.00
CA GLY B 200 -14.26 24.92 22.72
C GLY B 200 -13.04 25.19 21.87
N ASP B 201 -13.21 25.48 20.58
CA ASP B 201 -12.11 25.75 19.67
C ASP B 201 -11.96 27.26 19.54
N MET B 202 -10.87 27.79 20.10
CA MET B 202 -10.66 29.24 20.06
C MET B 202 -10.36 29.71 18.65
N ARG B 203 -9.62 28.92 17.88
CA ARG B 203 -9.31 29.31 16.51
C ARG B 203 -10.59 29.48 15.69
N GLN B 204 -11.51 28.52 15.79
CA GLN B 204 -12.78 28.63 15.08
C GLN B 204 -13.58 29.83 15.57
N ALA B 205 -13.57 30.07 16.88
CA ALA B 205 -14.30 31.21 17.42
C ALA B 205 -13.79 32.52 16.83
N ILE B 206 -12.46 32.70 16.81
CA ILE B 206 -11.90 33.93 16.28
C ILE B 206 -12.16 34.04 14.78
N ASN B 207 -12.04 32.92 14.06
CA ASN B 207 -12.29 32.95 12.62
C ASN B 207 -13.72 33.36 12.33
N ASN B 208 -14.69 32.80 13.05
CA ASN B 208 -16.08 33.17 12.84
C ASN B 208 -16.34 34.61 13.25
N LEU B 209 -15.71 35.07 14.32
CA LEU B 209 -15.88 36.46 14.72
C LEU B 209 -15.36 37.41 13.65
N GLN B 210 -14.24 37.07 13.01
CA GLN B 210 -13.73 37.91 11.93
C GLN B 210 -14.64 37.84 10.71
N SER B 211 -15.10 36.63 10.35
CA SER B 211 -16.00 36.49 9.22
C SER B 211 -17.23 37.36 9.40
N THR B 212 -17.88 37.26 10.56
CA THR B 212 -18.79 38.32 10.99
C THR B 212 -17.98 39.58 11.21
N VAL B 213 -18.64 40.73 11.10
CA VAL B 213 -17.96 42.02 11.12
C VAL B 213 -17.33 42.24 9.76
N ALA B 214 -16.45 41.32 9.33
CA ALA B 214 -15.95 41.40 7.96
C ALA B 214 -17.08 41.24 6.95
N GLY B 215 -18.05 40.39 7.25
CA GLY B 215 -19.15 40.13 6.34
C GLY B 215 -20.34 41.04 6.51
N HIS B 216 -20.87 41.14 7.73
CA HIS B 216 -22.10 41.89 7.98
C HIS B 216 -21.96 43.06 8.95
N GLY B 217 -20.97 43.05 9.84
CA GLY B 217 -20.79 44.17 10.76
C GLY B 217 -21.11 43.81 12.20
N LEU B 218 -22.21 44.34 12.71
CA LEU B 218 -22.59 44.09 14.10
C LEU B 218 -22.77 42.59 14.32
N VAL B 219 -22.18 42.10 15.41
CA VAL B 219 -22.17 40.68 15.72
C VAL B 219 -23.44 40.34 16.48
N ASN B 220 -24.34 39.62 15.82
CA ASN B 220 -25.57 39.13 16.43
C ASN B 220 -25.83 37.71 15.92
N ALA B 221 -26.73 37.01 16.62
CA ALA B 221 -27.03 35.64 16.23
C ALA B 221 -27.45 35.54 14.77
N ASP B 222 -28.18 36.54 14.29
CA ASP B 222 -28.69 36.49 12.91
C ASP B 222 -27.54 36.42 11.91
N ASN B 223 -26.60 37.35 11.99
CA ASN B 223 -25.49 37.35 11.05
C ASN B 223 -24.60 36.12 11.21
N VAL B 224 -24.32 35.74 12.46
CA VAL B 224 -23.47 34.58 12.70
C VAL B 224 -24.07 33.35 12.04
N PHE B 225 -25.36 33.09 12.28
CA PHE B 225 -26.01 31.94 11.67
C PHE B 225 -26.21 32.10 10.18
N LYS B 226 -26.22 33.34 9.68
CA LYS B 226 -26.25 33.55 8.23
C LYS B 226 -24.95 33.08 7.59
N ILE B 227 -23.82 33.35 8.22
CA ILE B 227 -22.54 32.90 7.70
C ILE B 227 -22.13 31.56 8.27
N VAL B 228 -22.50 31.29 9.51
CA VAL B 228 -22.13 30.06 10.21
C VAL B 228 -23.31 29.11 10.20
N ASP B 229 -23.02 27.81 10.22
CA ASP B 229 -24.03 26.77 10.29
C ASP B 229 -23.92 26.05 11.62
N SER B 230 -25.06 25.79 12.24
CA SER B 230 -25.07 25.02 13.47
C SER B 230 -24.45 23.65 13.20
N PRO B 231 -23.59 23.14 14.09
CA PRO B 231 -22.92 21.85 13.81
C PRO B 231 -23.92 20.77 13.45
N HIS B 232 -23.71 20.12 12.31
CA HIS B 232 -24.63 19.11 11.81
C HIS B 232 -24.72 17.90 12.75
N PRO B 233 -23.71 17.62 13.59
CA PRO B 233 -23.88 16.53 14.57
C PRO B 233 -25.09 16.74 15.47
N LEU B 234 -25.36 17.98 15.88
CA LEU B 234 -26.55 18.23 16.70
C LEU B 234 -27.82 17.94 15.93
N ILE B 235 -27.86 18.31 14.65
CA ILE B 235 -29.02 18.02 13.81
C ILE B 235 -29.22 16.51 13.70
N VAL B 236 -28.13 15.76 13.49
CA VAL B 236 -28.24 14.31 13.40
C VAL B 236 -28.73 13.73 14.71
N LYS B 237 -28.24 14.26 15.84
CA LYS B 237 -28.70 13.78 17.14
C LYS B 237 -30.19 14.03 17.30
N LYS B 238 -30.66 15.21 16.91
CA LYS B 238 -32.09 15.50 17.00
C LYS B 238 -32.89 14.57 16.10
N MET B 239 -32.38 14.30 14.90
CA MET B 239 -33.07 13.40 13.98
C MET B 239 -33.19 11.99 14.57
N LEU B 240 -32.12 11.49 15.18
CA LEU B 240 -32.11 10.13 15.71
C LEU B 240 -32.84 10.00 17.04
N LEU B 241 -33.22 11.11 17.67
CA LEU B 241 -33.93 11.09 18.94
C LEU B 241 -35.39 11.49 18.80
N ALA B 242 -35.87 11.67 17.58
CA ALA B 242 -37.27 12.04 17.38
C ALA B 242 -38.19 10.92 17.84
N SER B 243 -39.34 11.31 18.40
CA SER B 243 -40.28 10.33 18.93
C SER B 243 -40.98 9.56 17.81
N ASN B 244 -41.19 10.19 16.66
CA ASN B 244 -41.94 9.60 15.56
C ASN B 244 -41.09 9.59 14.29
N LEU B 245 -41.39 8.63 13.41
CA LEU B 245 -40.67 8.55 12.14
C LEU B 245 -40.91 9.79 11.29
N GLU B 246 -42.12 10.36 11.36
CA GLU B 246 -42.42 11.55 10.56
C GLU B 246 -41.48 12.70 10.91
N ASP B 247 -41.27 12.95 12.20
CA ASP B 247 -40.40 14.05 12.62
C ASP B 247 -38.96 13.80 12.20
N SER B 248 -38.48 12.56 12.35
CA SER B 248 -37.11 12.25 11.95
C SER B 248 -36.92 12.45 10.45
N ILE B 249 -37.88 11.99 9.65
CA ILE B 249 -37.78 12.18 8.20
C ILE B 249 -37.84 13.67 7.85
N GLN B 250 -38.70 14.42 8.53
CA GLN B 250 -38.79 15.86 8.27
C GLN B 250 -37.46 16.55 8.57
N ILE B 251 -36.82 16.20 9.69
CA ILE B 251 -35.53 16.78 10.01
C ILE B 251 -34.50 16.39 8.95
N LEU B 252 -34.46 15.10 8.60
CA LEU B 252 -33.48 14.63 7.63
C LEU B 252 -33.62 15.38 6.30
N ARG B 253 -34.86 15.61 5.87
CA ARG B 253 -35.07 16.29 4.59
C ARG B 253 -34.75 17.76 4.70
N THR B 254 -35.43 18.47 5.60
CA THR B 254 -35.32 19.93 5.63
C THR B 254 -33.91 20.38 6.02
N ASP B 255 -33.33 19.77 7.05
CA ASP B 255 -32.11 20.30 7.65
C ASP B 255 -30.83 19.73 7.05
N LEU B 256 -30.87 18.52 6.50
CA LEU B 256 -29.65 17.88 6.00
C LEU B 256 -29.67 17.69 4.48
N TRP B 257 -30.69 17.01 3.95
CA TRP B 257 -30.68 16.70 2.52
C TRP B 257 -30.82 17.97 1.68
N LYS B 258 -31.78 18.83 2.02
CA LYS B 258 -31.99 20.05 1.26
C LYS B 258 -30.92 21.11 1.51
N LYS B 259 -30.08 20.92 2.53
CA LYS B 259 -29.01 21.86 2.82
C LYS B 259 -27.73 21.57 2.05
N GLY B 260 -27.62 20.40 1.43
CA GLY B 260 -26.46 20.05 0.64
C GLY B 260 -25.49 19.07 1.26
N TYR B 261 -25.84 18.45 2.39
CA TYR B 261 -24.96 17.49 3.03
C TYR B 261 -25.02 16.15 2.32
N SER B 262 -23.86 15.54 2.13
CA SER B 262 -23.78 14.26 1.42
C SER B 262 -24.29 13.13 2.29
N SER B 263 -24.72 12.05 1.63
CA SER B 263 -25.24 10.90 2.36
C SER B 263 -24.16 10.23 3.20
N ILE B 264 -22.94 10.14 2.67
CA ILE B 264 -21.85 9.51 3.42
C ILE B 264 -21.55 10.31 4.68
N ASP B 265 -21.53 11.64 4.58
CA ASP B 265 -21.33 12.46 5.77
C ASP B 265 -22.45 12.24 6.78
N ILE B 266 -23.69 12.17 6.31
CA ILE B 266 -24.82 11.99 7.21
C ILE B 266 -24.71 10.66 7.95
N VAL B 267 -24.39 9.59 7.22
CA VAL B 267 -24.35 8.28 7.85
C VAL B 267 -23.17 8.17 8.82
N THR B 268 -22.01 8.74 8.45
CA THR B 268 -20.87 8.72 9.38
C THR B 268 -21.19 9.51 10.64
N THR B 269 -21.82 10.68 10.49
CA THR B 269 -22.19 11.47 11.67
C THR B 269 -23.21 10.72 12.52
N SER B 270 -24.15 10.03 11.89
CA SER B 270 -25.13 9.25 12.64
C SER B 270 -24.44 8.14 13.43
N PHE B 271 -23.49 7.45 12.81
CA PHE B 271 -22.73 6.43 13.52
C PHE B 271 -22.03 7.04 14.73
N ARG B 272 -21.31 8.14 14.53
CA ARG B 272 -20.56 8.75 15.63
C ARG B 272 -21.49 9.21 16.76
N VAL B 273 -22.62 9.82 16.40
CA VAL B 273 -23.55 10.32 17.41
C VAL B 273 -24.17 9.16 18.17
N THR B 274 -24.55 8.08 17.47
CA THR B 274 -25.13 6.93 18.15
C THR B 274 -24.12 6.27 19.07
N LYS B 275 -22.83 6.35 18.73
CA LYS B 275 -21.82 5.75 19.61
C LYS B 275 -21.85 6.38 21.00
N ASN B 276 -22.09 7.69 21.08
CA ASN B 276 -21.98 8.44 22.33
C ASN B 276 -23.33 9.01 22.78
N LEU B 277 -24.38 8.20 22.72
CA LEU B 277 -25.70 8.58 23.24
C LEU B 277 -25.87 7.91 24.59
N ALA B 278 -25.41 8.58 25.65
CA ALA B 278 -25.44 8.00 27.00
C ALA B 278 -26.85 7.86 27.55
N GLN B 279 -27.86 8.44 26.91
CA GLN B 279 -29.23 8.37 27.39
C GLN B 279 -29.99 7.17 26.82
N VAL B 280 -29.37 6.37 25.97
CA VAL B 280 -29.98 5.19 25.39
C VAL B 280 -29.20 3.96 25.83
N LYS B 281 -29.90 2.84 25.98
CA LYS B 281 -29.26 1.62 26.45
C LYS B 281 -28.25 1.12 25.42
N GLU B 282 -27.25 0.38 25.92
CA GLU B 282 -26.16 -0.07 25.07
C GLU B 282 -26.65 -1.03 23.99
N SER B 283 -27.58 -1.92 24.32
CA SER B 283 -28.08 -2.87 23.33
C SER B 283 -28.82 -2.17 22.20
N VAL B 284 -29.65 -1.18 22.54
CA VAL B 284 -30.35 -0.42 21.51
C VAL B 284 -29.36 0.31 20.62
N ARG B 285 -28.33 0.90 21.22
CA ARG B 285 -27.30 1.58 20.44
C ARG B 285 -26.58 0.61 19.52
N LEU B 286 -26.31 -0.60 20.00
CA LEU B 286 -25.61 -1.59 19.17
C LEU B 286 -26.48 -2.01 17.98
N GLU B 287 -27.77 -2.22 18.20
CA GLU B 287 -28.66 -2.56 17.09
C GLU B 287 -28.73 -1.41 16.09
N MET B 288 -28.84 -0.18 16.59
CA MET B 288 -28.85 0.98 15.71
C MET B 288 -27.55 1.08 14.92
N ILE B 289 -26.43 0.76 15.56
CA ILE B 289 -25.14 0.81 14.87
C ILE B 289 -25.07 -0.26 13.79
N LYS B 290 -25.65 -1.43 14.06
CA LYS B 290 -25.70 -2.47 13.02
C LYS B 290 -26.49 -1.99 11.81
N GLU B 291 -27.66 -1.38 12.05
CA GLU B 291 -28.45 -0.87 10.93
C GLU B 291 -27.70 0.24 10.18
N ILE B 292 -27.06 1.14 10.92
CA ILE B 292 -26.32 2.24 10.30
C ILE B 292 -25.16 1.70 9.49
N GLY B 293 -24.52 0.63 9.98
CA GLY B 293 -23.45 0.02 9.22
C GLY B 293 -23.94 -0.62 7.93
N LEU B 294 -25.10 -1.25 7.98
CA LEU B 294 -25.70 -1.78 6.75
C LEU B 294 -25.92 -0.66 5.75
N THR B 295 -26.50 0.45 6.21
CA THR B 295 -26.75 1.58 5.31
C THR B 295 -25.45 2.18 4.79
N HIS B 296 -24.43 2.26 5.65
CA HIS B 296 -23.14 2.80 5.24
C HIS B 296 -22.50 1.93 4.17
N MET B 297 -22.57 0.61 4.33
CA MET B 297 -22.06 -0.29 3.30
C MET B 297 -22.81 -0.11 2.00
N ARG B 298 -24.14 0.02 2.07
CA ARG B 298 -24.92 0.24 0.85
C ARG B 298 -24.49 1.53 0.16
N ILE B 299 -24.30 2.61 0.94
CA ILE B 299 -23.88 3.88 0.35
C ILE B 299 -22.50 3.76 -0.28
N LEU B 300 -21.59 3.07 0.40
CA LEU B 300 -20.24 2.90 -0.13
C LEU B 300 -20.28 2.13 -1.46
N GLU B 301 -21.15 1.12 -1.55
CA GLU B 301 -21.27 0.37 -2.80
C GLU B 301 -21.67 1.27 -3.96
N GLY B 302 -22.28 2.43 -3.68
CA GLY B 302 -22.63 3.37 -4.72
C GLY B 302 -24.07 3.84 -4.64
N VAL B 303 -24.91 3.10 -3.92
CA VAL B 303 -26.33 3.44 -3.81
C VAL B 303 -26.47 4.39 -2.63
N GLY B 304 -26.26 5.68 -2.92
CA GLY B 304 -26.45 6.72 -1.93
C GLY B 304 -27.61 7.62 -2.28
N THR B 305 -28.77 7.39 -1.66
CA THR B 305 -29.98 8.10 -2.01
C THR B 305 -30.77 8.45 -0.76
N TYR B 306 -31.68 9.41 -0.91
CA TYR B 306 -32.56 9.78 0.19
C TYR B 306 -33.37 8.59 0.69
N LEU B 307 -33.75 7.69 -0.22
CA LEU B 307 -34.54 6.53 0.16
C LEU B 307 -33.78 5.64 1.13
N GLN B 308 -32.47 5.47 0.91
CA GLN B 308 -31.68 4.63 1.81
C GLN B 308 -31.63 5.20 3.21
N LEU B 309 -31.43 6.51 3.33
CA LEU B 309 -31.42 7.15 4.65
C LEU B 309 -32.79 7.06 5.31
N ALA B 310 -33.86 7.24 4.53
CA ALA B 310 -35.20 7.09 5.08
C ALA B 310 -35.43 5.67 5.59
N SER B 311 -34.97 4.67 4.84
CA SER B 311 -35.08 3.28 5.30
C SER B 311 -34.29 3.05 6.57
N MET B 312 -33.10 3.65 6.66
CA MET B 312 -32.30 3.54 7.88
C MET B 312 -33.05 4.12 9.07
N LEU B 313 -33.66 5.29 8.90
CA LEU B 313 -34.43 5.89 9.98
C LEU B 313 -35.62 5.02 10.36
N ALA B 314 -36.31 4.45 9.37
CA ALA B 314 -37.44 3.59 9.65
C ALA B 314 -37.02 2.36 10.45
N LYS B 315 -35.90 1.74 10.06
CA LYS B 315 -35.39 0.59 10.81
C LYS B 315 -34.99 0.97 12.23
N ILE B 316 -34.37 2.15 12.39
CA ILE B 316 -33.98 2.61 13.72
C ILE B 316 -35.21 2.76 14.59
N HIS B 317 -36.27 3.37 14.05
CA HIS B 317 -37.49 3.52 14.83
C HIS B 317 -38.14 2.17 15.11
N LYS B 318 -38.00 1.21 14.18
CA LYS B 318 -38.47 -0.14 14.45
C LYS B 318 -37.77 -0.73 15.67
N LEU B 319 -36.44 -0.58 15.72
CA LEU B 319 -35.69 -1.09 16.87
C LEU B 319 -36.09 -0.38 18.15
N ASN B 320 -36.25 0.94 18.10
CA ASN B 320 -36.56 1.73 19.29
C ASN B 320 -38.07 1.75 19.54
N ASN B 321 -38.63 0.56 19.67
CA ASN B 321 -40.06 0.40 19.92
C ASN B 321 -40.36 -0.99 20.48
N GLU C 6 -7.81 24.80 -26.08
CA GLU C 6 -8.99 24.42 -26.83
C GLU C 6 -8.75 24.50 -28.33
N LYS C 7 -9.78 24.20 -29.12
CA LYS C 7 -9.71 24.26 -30.56
C LYS C 7 -10.94 24.96 -31.10
N ARG C 8 -10.74 25.77 -32.15
CA ARG C 8 -11.84 26.53 -32.75
C ARG C 8 -12.47 27.45 -31.71
N SER C 9 -13.63 28.02 -32.03
CA SER C 9 -14.29 28.95 -31.14
C SER C 9 -14.94 28.22 -29.97
N LYS C 10 -15.51 28.99 -29.05
CA LYS C 10 -16.19 28.41 -27.89
C LYS C 10 -17.47 27.69 -28.27
N GLU C 11 -17.99 27.90 -29.48
CA GLU C 11 -19.20 27.22 -29.91
C GLU C 11 -19.00 25.72 -30.06
N ASN C 12 -17.76 25.24 -30.11
CA ASN C 12 -17.48 23.82 -30.17
C ASN C 12 -17.46 23.16 -28.80
N LEU C 13 -17.56 23.92 -27.73
CA LEU C 13 -17.48 23.38 -26.38
C LEU C 13 -18.84 22.92 -25.89
N PRO C 14 -18.89 21.97 -24.97
CA PRO C 14 -20.17 21.61 -24.35
C PRO C 14 -20.74 22.76 -23.54
N TRP C 15 -22.06 22.80 -23.45
CA TRP C 15 -22.73 23.91 -22.75
C TRP C 15 -22.27 24.02 -21.31
N VAL C 16 -21.93 22.89 -20.68
CA VAL C 16 -21.47 22.94 -19.29
C VAL C 16 -20.22 23.80 -19.17
N GLU C 17 -19.34 23.73 -20.17
CA GLU C 17 -18.12 24.53 -20.19
C GLU C 17 -18.28 25.85 -20.92
N LYS C 18 -19.20 25.94 -21.89
CA LYS C 18 -19.39 27.18 -22.61
C LYS C 18 -19.96 28.27 -21.72
N TYR C 19 -20.79 27.91 -20.75
CA TYR C 19 -21.46 28.88 -19.88
C TYR C 19 -20.82 28.96 -18.50
N ARG C 20 -19.55 28.56 -18.38
CA ARG C 20 -18.86 28.63 -17.10
C ARG C 20 -18.76 30.09 -16.66
N PRO C 21 -19.15 30.43 -15.43
CA PRO C 21 -19.02 31.82 -14.99
C PRO C 21 -17.59 32.31 -15.12
N GLU C 22 -17.44 33.53 -15.64
CA GLU C 22 -16.14 34.18 -15.78
C GLU C 22 -15.87 35.20 -14.70
N THR C 23 -16.88 35.93 -14.25
CA THR C 23 -16.79 36.89 -13.17
C THR C 23 -17.62 36.40 -11.99
N LEU C 24 -17.58 37.16 -10.89
CA LEU C 24 -18.29 36.79 -9.68
C LEU C 24 -19.76 37.20 -9.69
N ASP C 25 -20.18 38.04 -10.64
CA ASP C 25 -21.58 38.41 -10.76
C ASP C 25 -22.37 37.44 -11.63
N GLU C 26 -21.71 36.47 -12.25
CA GLU C 26 -22.38 35.46 -13.07
C GLU C 26 -22.68 34.19 -12.30
N VAL C 27 -22.39 34.14 -11.00
CA VAL C 27 -22.70 33.00 -10.17
C VAL C 27 -24.05 33.23 -9.51
N TYR C 28 -24.94 32.25 -9.64
CA TYR C 28 -26.31 32.37 -9.15
C TYR C 28 -26.58 31.32 -8.07
N GLY C 29 -27.49 31.66 -7.17
CA GLY C 29 -27.94 30.74 -6.15
C GLY C 29 -27.11 30.73 -4.88
N GLN C 30 -26.02 31.49 -4.83
CA GLN C 30 -25.13 31.55 -3.67
C GLN C 30 -24.88 32.98 -3.27
N ASN C 31 -25.97 33.77 -3.17
CA ASN C 31 -25.84 35.20 -2.97
C ASN C 31 -25.04 35.52 -1.70
N GLU C 32 -25.32 34.82 -0.61
CA GLU C 32 -24.65 35.12 0.64
C GLU C 32 -23.15 34.89 0.54
N VAL C 33 -22.74 33.73 0.03
CA VAL C 33 -21.32 33.41 -0.08
C VAL C 33 -20.64 34.38 -1.04
N ILE C 34 -21.27 34.66 -2.18
CA ILE C 34 -20.67 35.56 -3.16
C ILE C 34 -20.49 36.94 -2.56
N THR C 35 -21.51 37.45 -1.87
CA THR C 35 -21.39 38.77 -1.25
C THR C 35 -20.30 38.80 -0.19
N THR C 36 -20.22 37.76 0.63
CA THR C 36 -19.20 37.73 1.68
C THR C 36 -17.80 37.71 1.07
N VAL C 37 -17.57 36.87 0.05
CA VAL C 37 -16.25 36.78 -0.54
C VAL C 37 -15.90 38.08 -1.27
N ARG C 38 -16.89 38.71 -1.93
CA ARG C 38 -16.63 39.97 -2.59
C ARG C 38 -16.24 41.05 -1.58
N LYS C 39 -16.93 41.09 -0.43
CA LYS C 39 -16.56 42.06 0.60
C LYS C 39 -15.17 41.75 1.15
N PHE C 40 -14.84 40.48 1.34
CA PHE C 40 -13.51 40.12 1.82
C PHE C 40 -12.43 40.58 0.84
N VAL C 41 -12.64 40.36 -0.45
CA VAL C 41 -11.63 40.73 -1.44
C VAL C 41 -11.58 42.24 -1.65
N ASP C 42 -12.67 42.96 -1.40
CA ASP C 42 -12.72 44.40 -1.61
C ASP C 42 -12.10 45.18 -0.45
N GLU C 43 -11.70 44.51 0.63
CA GLU C 43 -11.08 45.19 1.77
C GLU C 43 -9.78 44.54 2.21
N GLY C 44 -9.25 43.58 1.45
CA GLY C 44 -8.03 42.90 1.82
C GLY C 44 -8.17 41.90 2.95
N LYS C 45 -9.39 41.61 3.39
CA LYS C 45 -9.62 40.69 4.50
C LYS C 45 -9.97 39.30 3.95
N LEU C 46 -8.97 38.67 3.35
CA LEU C 46 -9.14 37.36 2.75
C LEU C 46 -8.60 36.29 3.69
N PRO C 47 -9.46 35.46 4.30
CA PRO C 47 -8.93 34.39 5.17
C PRO C 47 -8.72 33.09 4.41
N HIS C 48 -8.22 32.06 5.10
CA HIS C 48 -8.13 30.73 4.53
C HIS C 48 -9.53 30.18 4.31
N LEU C 49 -9.92 30.02 3.05
CA LEU C 49 -11.30 29.70 2.71
C LEU C 49 -11.48 28.20 2.50
N LEU C 50 -12.68 27.72 2.81
CA LEU C 50 -13.10 26.37 2.51
C LEU C 50 -14.50 26.43 1.93
N PHE C 51 -14.70 25.74 0.79
CA PHE C 51 -15.98 25.69 0.11
C PHE C 51 -16.46 24.25 0.14
N TYR C 52 -17.46 23.97 0.97
CA TYR C 52 -18.05 22.65 1.09
C TYR C 52 -19.41 22.64 0.38
N GLY C 53 -19.59 21.70 -0.54
CA GLY C 53 -20.85 21.64 -1.25
C GLY C 53 -21.04 20.40 -2.09
N PRO C 54 -22.27 20.19 -2.58
CA PRO C 54 -22.55 19.04 -3.44
C PRO C 54 -22.13 19.29 -4.86
N PRO C 55 -22.15 18.27 -5.72
CA PRO C 55 -21.64 18.43 -7.08
C PRO C 55 -22.42 19.48 -7.88
N GLY C 56 -21.70 20.17 -8.75
CA GLY C 56 -22.32 21.10 -9.68
C GLY C 56 -23.04 22.27 -9.04
N THR C 57 -22.41 22.90 -8.04
CA THR C 57 -22.99 24.04 -7.35
C THR C 57 -22.29 25.36 -7.64
N GLY C 58 -21.07 25.32 -8.16
CA GLY C 58 -20.33 26.51 -8.53
C GLY C 58 -19.10 26.81 -7.69
N LYS C 59 -18.56 25.83 -6.96
CA LYS C 59 -17.42 26.08 -6.11
C LYS C 59 -16.18 26.41 -6.93
N THR C 60 -15.86 25.57 -7.92
CA THR C 60 -14.69 25.83 -8.76
C THR C 60 -14.87 27.13 -9.55
N SER C 61 -16.07 27.35 -10.10
CA SER C 61 -16.33 28.58 -10.82
C SER C 61 -16.14 29.79 -9.90
N THR C 62 -16.66 29.71 -8.68
CA THR C 62 -16.54 30.83 -7.76
C THR C 62 -15.09 31.12 -7.41
N ILE C 63 -14.30 30.09 -7.13
CA ILE C 63 -12.92 30.32 -6.72
C ILE C 63 -12.10 30.86 -7.90
N VAL C 64 -12.33 30.33 -9.10
CA VAL C 64 -11.61 30.84 -10.27
C VAL C 64 -12.00 32.29 -10.55
N ALA C 65 -13.28 32.62 -10.43
CA ALA C 65 -13.71 34.01 -10.62
C ALA C 65 -13.09 34.92 -9.58
N LEU C 66 -13.02 34.47 -8.32
CA LEU C 66 -12.39 35.28 -7.28
C LEU C 66 -10.91 35.51 -7.57
N ALA C 67 -10.22 34.46 -8.02
CA ALA C 67 -8.81 34.60 -8.37
C ALA C 67 -8.63 35.58 -9.53
N ARG C 68 -9.51 35.50 -10.53
CA ARG C 68 -9.45 36.44 -11.64
C ARG C 68 -9.68 37.87 -11.16
N GLU C 69 -10.64 38.05 -10.25
CA GLU C 69 -10.92 39.39 -9.72
C GLU C 69 -9.71 39.95 -8.97
N ILE C 70 -9.08 39.12 -8.14
CA ILE C 70 -7.95 39.61 -7.34
C ILE C 70 -6.77 39.95 -8.24
N TYR C 71 -6.41 39.04 -9.14
CA TYR C 71 -5.20 39.19 -9.94
C TYR C 71 -5.49 39.82 -11.30
N GLY C 72 -6.34 39.17 -12.10
CA GLY C 72 -6.69 39.64 -13.41
C GLY C 72 -6.64 38.52 -14.41
N LYS C 73 -6.45 38.88 -15.69
CA LYS C 73 -6.44 37.89 -16.75
C LYS C 73 -5.29 36.90 -16.59
N ASN C 74 -4.20 37.31 -15.94
CA ASN C 74 -3.03 36.46 -15.76
C ASN C 74 -3.05 35.71 -14.44
N TYR C 75 -4.23 35.39 -13.90
CA TYR C 75 -4.31 34.70 -12.63
C TYR C 75 -3.63 33.33 -12.69
N SER C 76 -3.62 32.70 -13.86
CA SER C 76 -3.02 31.38 -13.98
C SER C 76 -1.52 31.41 -13.73
N ASN C 77 -0.89 32.58 -13.82
CA ASN C 77 0.54 32.73 -13.57
C ASN C 77 0.84 33.29 -12.19
N MET C 78 -0.16 33.38 -11.32
CA MET C 78 0.03 33.95 -9.99
C MET C 78 -0.61 33.10 -8.89
N VAL C 79 -1.10 31.89 -9.22
CA VAL C 79 -1.72 31.01 -8.25
C VAL C 79 -1.18 29.61 -8.45
N LEU C 80 -1.25 28.82 -7.38
CA LEU C 80 -0.86 27.41 -7.41
C LEU C 80 -2.12 26.57 -7.26
N GLU C 81 -2.60 26.04 -8.38
CA GLU C 81 -3.83 25.25 -8.40
C GLU C 81 -3.47 23.77 -8.51
N LEU C 82 -3.95 22.98 -7.56
CA LEU C 82 -3.74 21.54 -7.55
C LEU C 82 -5.07 20.85 -7.31
N ASN C 83 -5.23 19.67 -7.92
CA ASN C 83 -6.47 18.92 -7.84
C ASN C 83 -6.14 17.43 -7.83
N ALA C 84 -7.18 16.60 -7.94
CA ALA C 84 -7.00 15.16 -7.84
C ALA C 84 -6.20 14.58 -9.00
N SER C 85 -6.11 15.29 -10.13
CA SER C 85 -5.35 14.79 -11.26
C SER C 85 -3.85 14.93 -11.05
N ASP C 86 -3.42 15.77 -10.12
CA ASP C 86 -2.00 15.95 -9.82
C ASP C 86 -1.64 15.23 -8.53
N ASP C 87 -0.45 14.64 -8.50
CA ASP C 87 0.03 14.01 -7.28
C ASP C 87 0.20 15.06 -6.17
N ARG C 88 -0.31 14.74 -4.99
CA ARG C 88 -0.29 15.65 -3.84
C ARG C 88 0.16 14.90 -2.59
N GLY C 89 1.25 14.15 -2.71
CA GLY C 89 1.77 13.40 -1.59
C GLY C 89 2.47 14.28 -0.57
N ILE C 90 3.09 13.61 0.41
CA ILE C 90 3.80 14.34 1.47
C ILE C 90 4.96 15.13 0.88
N ASP C 91 5.69 14.53 -0.07
CA ASP C 91 6.82 15.23 -0.68
C ASP C 91 6.35 16.47 -1.42
N VAL C 92 5.22 16.38 -2.12
CA VAL C 92 4.70 17.53 -2.84
C VAL C 92 4.39 18.66 -1.88
N VAL C 93 3.70 18.36 -0.78
CA VAL C 93 3.37 19.38 0.19
C VAL C 93 4.64 19.98 0.78
N ARG C 94 5.62 19.13 1.10
CA ARG C 94 6.82 19.60 1.78
C ARG C 94 7.76 20.38 0.89
N ASN C 95 7.68 20.21 -0.44
CA ASN C 95 8.58 20.91 -1.35
C ASN C 95 7.86 21.96 -2.20
N GLN C 96 6.90 21.55 -3.02
CA GLN C 96 6.34 22.48 -4.00
C GLN C 96 5.47 23.54 -3.33
N ILE C 97 4.56 23.11 -2.46
CA ILE C 97 3.68 24.06 -1.79
C ILE C 97 4.48 24.98 -0.88
N LYS C 98 5.45 24.42 -0.15
CA LYS C 98 6.27 25.25 0.73
C LYS C 98 7.06 26.28 -0.05
N ASP C 99 7.66 25.88 -1.18
CA ASP C 99 8.39 26.83 -2.00
C ASP C 99 7.48 27.91 -2.54
N PHE C 100 6.30 27.54 -3.00
CA PHE C 100 5.38 28.54 -3.54
C PHE C 100 4.93 29.52 -2.45
N ALA C 101 4.69 29.02 -1.24
CA ALA C 101 4.21 29.88 -0.17
C ALA C 101 5.31 30.75 0.40
N SER C 102 6.56 30.30 0.36
CA SER C 102 7.67 31.02 0.98
C SER C 102 8.39 31.96 0.03
N THR C 103 7.94 32.08 -1.22
CA THR C 103 8.62 32.87 -2.23
C THR C 103 7.70 33.98 -2.75
N ARG C 104 8.32 35.05 -3.23
CA ARG C 104 7.58 36.16 -3.84
C ARG C 104 7.02 35.75 -5.21
N GLN C 105 6.07 36.55 -5.68
CA GLN C 105 5.54 36.35 -7.02
C GLN C 105 6.61 36.63 -8.07
N ILE C 106 6.59 35.84 -9.15
CA ILE C 106 7.52 36.07 -10.25
C ILE C 106 7.08 37.27 -11.08
N PHE C 107 5.83 37.24 -11.56
CA PHE C 107 5.40 38.20 -12.56
C PHE C 107 5.17 39.58 -11.96
N SER C 108 4.22 39.68 -11.03
CA SER C 108 3.87 40.96 -10.42
C SER C 108 3.67 40.76 -8.92
N LYS C 109 3.88 41.84 -8.17
CA LYS C 109 3.79 41.79 -6.72
C LYS C 109 2.38 41.36 -6.29
N GLY C 110 2.27 41.02 -5.01
CA GLY C 110 1.02 40.58 -4.44
C GLY C 110 1.20 39.32 -3.60
N PHE C 111 0.12 38.94 -2.93
CA PHE C 111 0.13 37.75 -2.10
C PHE C 111 -0.03 36.49 -2.95
N LYS C 112 0.23 35.35 -2.33
CA LYS C 112 0.22 34.05 -3.00
C LYS C 112 -1.06 33.31 -2.66
N LEU C 113 -1.71 32.73 -3.68
CA LEU C 113 -2.94 31.98 -3.52
C LEU C 113 -2.71 30.54 -3.94
N ILE C 114 -3.08 29.60 -3.07
CA ILE C 114 -2.99 28.18 -3.34
C ILE C 114 -4.39 27.60 -3.29
N ILE C 115 -4.83 27.00 -4.38
CA ILE C 115 -6.17 26.43 -4.51
C ILE C 115 -6.02 24.92 -4.58
N LEU C 116 -6.35 24.24 -3.47
CA LEU C 116 -6.33 22.79 -3.41
C LEU C 116 -7.75 22.28 -3.68
N ASP C 117 -8.08 22.18 -4.96
CA ASP C 117 -9.40 21.71 -5.36
C ASP C 117 -9.54 20.22 -5.07
N GLU C 118 -10.73 19.82 -4.65
CA GLU C 118 -11.01 18.43 -4.33
C GLU C 118 -10.04 17.89 -3.28
N ALA C 119 -9.81 18.68 -2.24
CA ALA C 119 -8.85 18.30 -1.20
C ALA C 119 -9.29 17.06 -0.43
N ASP C 120 -10.57 16.69 -0.51
CA ASP C 120 -11.03 15.50 0.20
C ASP C 120 -10.34 14.24 -0.30
N ALA C 121 -9.71 14.28 -1.47
CA ALA C 121 -8.97 13.15 -1.99
C ALA C 121 -7.56 13.05 -1.43
N MET C 122 -7.08 14.09 -0.73
CA MET C 122 -5.72 14.06 -0.19
C MET C 122 -5.64 13.13 1.01
N THR C 123 -4.46 12.54 1.19
CA THR C 123 -4.24 11.63 2.30
C THR C 123 -4.14 12.40 3.62
N ASN C 124 -4.26 11.65 4.72
CA ASN C 124 -4.18 12.26 6.04
C ASN C 124 -2.79 12.84 6.31
N ALA C 125 -1.74 12.16 5.85
CA ALA C 125 -0.38 12.64 6.09
C ALA C 125 -0.14 14.00 5.42
N ALA C 126 -0.60 14.15 4.18
CA ALA C 126 -0.41 15.43 3.50
C ALA C 126 -1.18 16.54 4.18
N GLN C 127 -2.42 16.27 4.60
CA GLN C 127 -3.19 17.28 5.31
C GLN C 127 -2.51 17.67 6.61
N ASN C 128 -1.99 16.68 7.34
CA ASN C 128 -1.28 16.98 8.58
C ASN C 128 -0.04 17.83 8.31
N ALA C 129 0.70 17.51 7.25
CA ALA C 129 1.87 18.31 6.91
C ALA C 129 1.49 19.73 6.50
N LEU C 130 0.29 19.90 5.95
CA LEU C 130 -0.16 21.22 5.53
C LEU C 130 -0.43 22.18 6.69
N ARG C 131 -0.52 21.68 7.93
CA ARG C 131 -0.98 22.51 9.03
C ARG C 131 -0.03 23.69 9.28
N ARG C 132 1.23 23.39 9.61
CA ARG C 132 2.18 24.45 9.88
C ARG C 132 2.53 25.23 8.62
N VAL C 133 2.43 24.60 7.44
CA VAL C 133 2.63 25.34 6.20
C VAL C 133 1.60 26.46 6.09
N ILE C 134 0.35 26.15 6.41
CA ILE C 134 -0.69 27.17 6.39
C ILE C 134 -0.47 28.21 7.48
N GLU C 135 -0.13 27.75 8.70
CA GLU C 135 -0.06 28.66 9.83
C GLU C 135 1.17 29.56 9.83
N ARG C 136 2.24 29.18 9.12
CA ARG C 136 3.50 29.90 9.20
C ARG C 136 3.62 31.00 8.14
N TYR C 137 3.07 30.79 6.95
CA TYR C 137 3.16 31.76 5.86
C TYR C 137 1.87 32.52 5.64
N THR C 138 1.03 32.62 6.68
CA THR C 138 -0.23 33.34 6.57
C THR C 138 -0.02 34.82 6.27
N LYS C 139 1.18 35.34 6.52
CA LYS C 139 1.44 36.76 6.26
C LYS C 139 1.40 37.07 4.77
N ASN C 140 1.83 36.14 3.92
CA ASN C 140 1.94 36.38 2.49
C ASN C 140 1.19 35.37 1.63
N THR C 141 0.55 34.36 2.23
CA THR C 141 -0.12 33.31 1.48
C THR C 141 -1.49 33.03 2.07
N ARG C 142 -2.43 32.66 1.20
CA ARG C 142 -3.77 32.27 1.61
C ARG C 142 -4.13 30.96 0.93
N PHE C 143 -4.78 30.07 1.68
CA PHE C 143 -5.14 28.74 1.20
C PHE C 143 -6.65 28.65 0.99
N CYS C 144 -7.04 28.05 -0.12
CA CYS C 144 -8.44 27.77 -0.41
C CYS C 144 -8.62 26.28 -0.65
N VAL C 145 -9.58 25.68 0.04
CA VAL C 145 -9.88 24.26 -0.06
C VAL C 145 -11.30 24.10 -0.58
N LEU C 146 -11.52 23.10 -1.42
CA LEU C 146 -12.83 22.80 -1.97
C LEU C 146 -13.15 21.33 -1.73
N ALA C 147 -14.35 21.05 -1.25
CA ALA C 147 -14.70 19.69 -0.84
C ALA C 147 -16.18 19.41 -1.09
N ASN C 148 -16.47 18.13 -1.31
CA ASN C 148 -17.82 17.60 -1.34
C ASN C 148 -18.15 16.74 -0.14
N TYR C 149 -17.16 16.06 0.44
CA TYR C 149 -17.32 15.23 1.62
C TYR C 149 -16.43 15.78 2.72
N ALA C 150 -17.04 16.26 3.80
CA ALA C 150 -16.30 16.87 4.89
C ALA C 150 -15.70 15.86 5.85
N HIS C 151 -16.13 14.59 5.79
CA HIS C 151 -15.60 13.59 6.70
C HIS C 151 -14.18 13.17 6.33
N LYS C 152 -13.74 13.42 5.10
CA LYS C 152 -12.40 13.07 4.69
C LYS C 152 -11.35 14.07 5.14
N LEU C 153 -11.76 15.30 5.46
CA LEU C 153 -10.82 16.32 5.92
C LEU C 153 -10.53 16.15 7.40
N THR C 154 -9.26 16.33 7.77
CA THR C 154 -8.87 16.17 9.15
C THR C 154 -9.43 17.31 10.01
N PRO C 155 -9.65 17.07 11.31
CA PRO C 155 -10.20 18.14 12.15
C PRO C 155 -9.33 19.39 12.19
N ALA C 156 -8.01 19.23 12.19
CA ALA C 156 -7.13 20.39 12.29
C ALA C 156 -7.25 21.29 11.07
N LEU C 157 -7.26 20.70 9.87
CA LEU C 157 -7.37 21.50 8.65
C LEU C 157 -8.70 22.25 8.62
N LEU C 158 -9.78 21.60 9.03
CA LEU C 158 -11.06 22.28 9.14
C LEU C 158 -10.98 23.42 10.15
N SER C 159 -10.29 23.19 11.27
CA SER C 159 -10.15 24.23 12.28
C SER C 159 -9.41 25.44 11.73
N ARG C 160 -8.47 25.23 10.81
CA ARG C 160 -7.66 26.32 10.27
C ARG C 160 -8.35 27.05 9.11
N CYS C 161 -9.54 26.64 8.71
CA CYS C 161 -10.21 27.20 7.54
C CYS C 161 -11.57 27.78 7.92
N THR C 162 -11.97 28.84 7.21
CA THR C 162 -13.28 29.43 7.37
C THR C 162 -14.23 28.76 6.37
N ARG C 163 -15.32 28.18 6.89
CA ARG C 163 -16.20 27.33 6.09
C ARG C 163 -17.30 28.14 5.43
N PHE C 164 -17.59 27.79 4.17
CA PHE C 164 -18.71 28.32 3.43
C PHE C 164 -19.43 27.15 2.76
N ARG C 165 -20.74 27.07 2.97
CA ARG C 165 -21.55 25.98 2.46
C ARG C 165 -22.26 26.42 1.19
N PHE C 166 -22.10 25.65 0.12
CA PHE C 166 -22.76 25.90 -1.16
C PHE C 166 -24.04 25.08 -1.20
N GLN C 167 -25.19 25.74 -1.06
CA GLN C 167 -26.46 25.04 -1.02
C GLN C 167 -26.83 24.53 -2.41
N PRO C 168 -27.72 23.55 -2.49
CA PRO C 168 -28.26 23.16 -3.79
C PRO C 168 -28.91 24.35 -4.47
N LEU C 169 -28.77 24.42 -5.78
CA LEU C 169 -29.16 25.62 -6.51
C LEU C 169 -30.65 25.89 -6.33
N PRO C 170 -31.05 27.13 -6.02
CA PRO C 170 -32.49 27.42 -5.90
C PRO C 170 -33.18 27.43 -7.25
N GLN C 171 -34.52 27.40 -7.18
CA GLN C 171 -35.35 27.41 -8.38
C GLN C 171 -35.19 28.72 -9.16
N GLU C 172 -35.17 29.85 -8.46
CA GLU C 172 -35.08 31.14 -9.14
C GLU C 172 -33.78 31.28 -9.91
N ALA C 173 -32.65 30.89 -9.30
CA ALA C 173 -31.37 30.98 -9.97
C ALA C 173 -31.35 30.11 -11.22
N ILE C 174 -31.90 28.91 -11.13
CA ILE C 174 -31.95 28.02 -12.28
C ILE C 174 -32.77 28.63 -13.40
N GLU C 175 -33.91 29.24 -13.06
CA GLU C 175 -34.72 29.87 -14.10
C GLU C 175 -33.99 31.04 -14.75
N ARG C 176 -33.29 31.86 -13.96
CA ARG C 176 -32.55 32.98 -14.55
C ARG C 176 -31.46 32.46 -15.49
N ARG C 177 -30.72 31.44 -15.08
CA ARG C 177 -29.68 30.89 -15.95
C ARG C 177 -30.28 30.29 -17.21
N ILE C 178 -31.42 29.60 -17.09
CA ILE C 178 -32.08 29.05 -18.26
C ILE C 178 -32.52 30.16 -19.20
N ALA C 179 -33.01 31.27 -18.65
CA ALA C 179 -33.40 32.39 -19.48
C ALA C 179 -32.21 32.94 -20.25
N ASN C 180 -31.07 33.09 -19.58
CA ASN C 180 -29.87 33.57 -20.27
C ASN C 180 -29.46 32.60 -21.37
N VAL C 181 -29.47 31.30 -21.08
CA VAL C 181 -29.06 30.31 -22.07
C VAL C 181 -30.01 30.33 -23.26
N LEU C 182 -31.31 30.41 -23.01
CA LEU C 182 -32.29 30.47 -24.10
C LEU C 182 -32.07 31.71 -24.96
N VAL C 183 -31.84 32.85 -24.33
CA VAL C 183 -31.63 34.08 -25.08
C VAL C 183 -30.39 33.97 -25.97
N HIS C 184 -29.31 33.42 -25.42
CA HIS C 184 -28.08 33.32 -26.20
C HIS C 184 -28.22 32.30 -27.33
N GLU C 185 -28.91 31.19 -27.07
CA GLU C 185 -29.03 30.10 -28.04
C GLU C 185 -30.19 30.26 -29.00
N LYS C 186 -31.03 31.28 -28.83
CA LYS C 186 -32.22 31.46 -29.65
C LYS C 186 -33.13 30.24 -29.55
N LEU C 187 -33.61 29.98 -28.34
CA LEU C 187 -34.43 28.82 -28.04
C LEU C 187 -35.72 29.26 -27.35
N LYS C 188 -36.73 28.39 -27.44
CA LYS C 188 -38.02 28.61 -26.81
C LYS C 188 -38.33 27.43 -25.92
N LEU C 189 -38.72 27.70 -24.67
CA LEU C 189 -39.00 26.65 -23.69
C LEU C 189 -40.39 26.88 -23.11
N SER C 190 -41.19 25.81 -23.07
CA SER C 190 -42.53 25.92 -22.52
C SER C 190 -42.48 25.96 -20.99
N PRO C 191 -43.46 26.59 -20.34
CA PRO C 191 -43.45 26.63 -18.87
C PRO C 191 -43.38 25.25 -18.24
N ASN C 192 -44.12 24.28 -18.78
CA ASN C 192 -44.07 22.93 -18.24
C ASN C 192 -42.74 22.28 -18.53
N ALA C 193 -42.12 22.59 -19.67
CA ALA C 193 -40.78 22.09 -19.95
C ALA C 193 -39.79 22.59 -18.91
N GLU C 194 -39.87 23.89 -18.57
CA GLU C 194 -39.00 24.43 -17.53
C GLU C 194 -39.28 23.77 -16.18
N LYS C 195 -40.55 23.56 -15.86
CA LYS C 195 -40.90 22.88 -14.62
C LYS C 195 -40.26 21.50 -14.54
N ALA C 196 -40.39 20.72 -15.62
CA ALA C 196 -39.81 19.38 -15.64
C ALA C 196 -38.29 19.43 -15.54
N LEU C 197 -37.67 20.38 -16.25
CA LEU C 197 -36.21 20.51 -16.20
C LEU C 197 -35.75 20.80 -14.78
N ILE C 198 -36.41 21.75 -14.11
CA ILE C 198 -36.03 22.08 -12.75
C ILE C 198 -36.25 20.89 -11.82
N GLU C 199 -37.37 20.19 -11.99
CA GLU C 199 -37.65 19.05 -11.13
C GLU C 199 -36.61 17.97 -11.27
N LEU C 200 -36.20 17.66 -12.50
CA LEU C 200 -35.21 16.62 -12.72
C LEU C 200 -33.78 17.08 -12.47
N SER C 201 -33.54 18.40 -12.37
CA SER C 201 -32.19 18.89 -12.15
C SER C 201 -31.67 18.50 -10.76
N ASN C 202 -32.51 18.58 -9.74
CA ASN C 202 -32.11 18.30 -8.36
C ASN C 202 -31.05 19.30 -7.88
N GLY C 203 -31.14 20.55 -8.34
CA GLY C 203 -30.23 21.58 -7.88
C GLY C 203 -28.86 21.55 -8.51
N ASP C 204 -28.70 20.89 -9.64
CA ASP C 204 -27.43 20.81 -10.35
C ASP C 204 -27.57 21.53 -11.69
N MET C 205 -26.70 22.51 -11.92
CA MET C 205 -26.74 23.24 -13.19
C MET C 205 -26.18 22.42 -14.33
N ARG C 206 -25.24 21.52 -14.05
CA ARG C 206 -24.69 20.66 -15.09
C ARG C 206 -25.78 19.82 -15.74
N ARG C 207 -26.65 19.23 -14.94
CA ARG C 207 -27.76 18.46 -15.48
C ARG C 207 -28.67 19.33 -16.34
N VAL C 208 -28.96 20.54 -15.87
CA VAL C 208 -29.82 21.44 -16.62
C VAL C 208 -29.23 21.71 -17.99
N LEU C 209 -27.94 22.09 -18.03
CA LEU C 209 -27.31 22.43 -19.30
C LEU C 209 -27.23 21.21 -20.22
N ASN C 210 -26.88 20.05 -19.68
CA ASN C 210 -26.80 18.85 -20.52
C ASN C 210 -28.16 18.50 -21.12
N VAL C 211 -29.21 18.53 -20.29
CA VAL C 211 -30.53 18.18 -20.78
C VAL C 211 -31.01 19.21 -21.79
N LEU C 212 -30.70 20.49 -21.57
CA LEU C 212 -31.11 21.51 -22.54
C LEU C 212 -30.39 21.34 -23.86
N GLN C 213 -29.09 21.01 -23.84
CA GLN C 213 -28.37 20.75 -25.08
C GLN C 213 -28.96 19.55 -25.81
N SER C 214 -29.28 18.49 -25.07
CA SER C 214 -29.88 17.32 -25.70
C SER C 214 -31.25 17.65 -26.29
N CYS C 215 -32.03 18.49 -25.59
CA CYS C 215 -33.32 18.91 -26.12
C CYS C 215 -33.15 19.72 -27.40
N LYS C 216 -32.18 20.64 -27.43
CA LYS C 216 -31.92 21.39 -28.65
C LYS C 216 -31.55 20.45 -29.79
N ALA C 217 -30.72 19.45 -29.51
CA ALA C 217 -30.37 18.48 -30.55
C ALA C 217 -31.60 17.70 -31.01
N THR C 218 -32.51 17.39 -30.09
CA THR C 218 -33.69 16.60 -30.44
C THR C 218 -34.58 17.34 -31.43
N LEU C 219 -34.77 18.64 -31.23
CA LEU C 219 -35.65 19.40 -32.11
C LEU C 219 -35.17 19.32 -33.55
N ASP C 220 -36.12 19.15 -34.48
CA ASP C 220 -35.75 19.03 -35.89
C ASP C 220 -35.33 20.39 -36.47
N ASN C 221 -36.07 21.45 -36.14
CA ASN C 221 -35.76 22.80 -36.61
C ASN C 221 -35.76 23.72 -35.41
N PRO C 222 -34.66 23.78 -34.67
CA PRO C 222 -34.63 24.59 -33.44
C PRO C 222 -34.96 26.06 -33.64
N ASP C 223 -34.92 26.56 -34.87
CA ASP C 223 -35.05 28.00 -35.08
C ASP C 223 -36.39 28.52 -34.56
N GLU C 224 -37.50 27.84 -34.89
CA GLU C 224 -38.82 28.26 -34.46
C GLU C 224 -39.55 27.19 -33.67
N ASP C 225 -38.95 26.02 -33.46
CA ASP C 225 -39.56 24.98 -32.64
C ASP C 225 -39.45 25.34 -31.17
N GLU C 226 -40.45 24.90 -30.41
CA GLU C 226 -40.53 25.16 -28.98
C GLU C 226 -40.29 23.86 -28.22
N ILE C 227 -39.45 23.93 -27.19
CA ILE C 227 -39.19 22.76 -26.35
C ILE C 227 -40.35 22.60 -25.38
N SER C 228 -40.98 21.44 -25.40
CA SER C 228 -42.08 21.11 -24.51
C SER C 228 -41.67 20.00 -23.55
N ASP C 229 -42.48 19.80 -22.52
CA ASP C 229 -42.19 18.75 -21.54
C ASP C 229 -42.03 17.40 -22.22
N ASP C 230 -42.77 17.17 -23.30
CA ASP C 230 -42.64 15.91 -24.03
C ASP C 230 -41.22 15.73 -24.55
N VAL C 231 -40.63 16.81 -25.09
CA VAL C 231 -39.26 16.72 -25.59
C VAL C 231 -38.31 16.30 -24.48
N ILE C 232 -38.46 16.90 -23.30
CA ILE C 232 -37.62 16.53 -22.16
C ILE C 232 -37.81 15.06 -21.82
N TYR C 233 -39.07 14.60 -21.79
CA TYR C 233 -39.35 13.24 -21.37
C TYR C 233 -38.75 12.23 -22.35
N GLU C 234 -38.87 12.48 -23.66
CA GLU C 234 -38.26 11.55 -24.62
C GLU C 234 -36.74 11.64 -24.59
N CYS C 235 -36.19 12.85 -24.43
CA CYS C 235 -34.74 12.99 -24.41
C CYS C 235 -34.13 12.25 -23.22
N CYS C 236 -34.65 12.49 -22.03
CA CYS C 236 -34.12 11.87 -20.81
C CYS C 236 -34.61 10.45 -20.60
N GLY C 237 -35.67 10.03 -21.28
CA GLY C 237 -36.23 8.71 -21.05
C GLY C 237 -36.97 8.58 -19.73
N ALA C 238 -37.24 9.71 -19.06
CA ALA C 238 -37.87 9.66 -17.75
C ALA C 238 -39.37 9.38 -17.89
N PRO C 239 -39.98 8.70 -16.92
CA PRO C 239 -41.42 8.48 -16.97
C PRO C 239 -42.19 9.79 -16.90
N ARG C 240 -43.32 9.84 -17.59
CA ARG C 240 -44.22 10.98 -17.47
C ARG C 240 -44.95 10.93 -16.14
N PRO C 241 -45.29 12.09 -15.57
CA PRO C 241 -46.07 12.06 -14.32
C PRO C 241 -47.38 11.30 -14.45
N SER C 242 -48.04 11.40 -15.61
CA SER C 242 -49.27 10.65 -15.83
C SER C 242 -49.02 9.15 -15.75
N ASP C 243 -47.90 8.69 -16.30
CA ASP C 243 -47.59 7.26 -16.25
C ASP C 243 -47.42 6.80 -14.81
N LEU C 244 -46.68 7.55 -14.01
CA LEU C 244 -46.48 7.18 -12.61
C LEU C 244 -47.80 7.18 -11.86
N LYS C 245 -48.64 8.19 -12.09
CA LYS C 245 -49.92 8.24 -11.41
C LYS C 245 -50.80 7.06 -11.79
N ALA C 246 -50.83 6.71 -13.08
CA ALA C 246 -51.62 5.56 -13.52
C ALA C 246 -51.11 4.27 -12.90
N VAL C 247 -49.79 4.08 -12.87
CA VAL C 247 -49.22 2.87 -12.29
C VAL C 247 -49.59 2.77 -10.82
N LEU C 248 -49.46 3.88 -10.07
CA LEU C 248 -49.79 3.85 -8.66
C LEU C 248 -51.28 3.59 -8.45
N LYS C 249 -52.13 4.21 -9.26
CA LYS C 249 -53.57 3.98 -9.14
C LYS C 249 -53.90 2.51 -9.37
N SER C 250 -53.34 1.92 -10.42
CA SER C 250 -53.60 0.51 -10.69
C SER C 250 -53.09 -0.37 -9.57
N ILE C 251 -51.91 -0.06 -9.03
CA ILE C 251 -51.35 -0.87 -7.95
C ILE C 251 -52.23 -0.78 -6.71
N LEU C 252 -52.82 0.39 -6.47
CA LEU C 252 -53.55 0.62 -5.22
C LEU C 252 -55.01 0.19 -5.26
N GLU C 253 -55.65 0.17 -6.45
CA GLU C 253 -57.07 -0.16 -6.49
C GLU C 253 -57.41 -1.11 -7.63
N ASP C 254 -56.53 -2.06 -7.94
CA ASP C 254 -56.82 -3.10 -8.92
C ASP C 254 -56.20 -4.41 -8.46
N ASP C 255 -56.65 -5.51 -9.06
CA ASP C 255 -56.14 -6.82 -8.72
C ASP C 255 -54.74 -7.01 -9.31
N TRP C 256 -54.10 -8.13 -8.96
CA TRP C 256 -52.72 -8.36 -9.36
C TRP C 256 -52.58 -8.41 -10.88
N GLY C 257 -53.51 -9.09 -11.56
CA GLY C 257 -53.40 -9.17 -13.02
C GLY C 257 -53.48 -7.81 -13.68
N THR C 258 -54.45 -7.00 -13.27
CA THR C 258 -54.58 -5.66 -13.84
C THR C 258 -53.36 -4.80 -13.56
N ALA C 259 -52.84 -4.87 -12.33
CA ALA C 259 -51.66 -4.09 -11.99
C ALA C 259 -50.46 -4.51 -12.82
N HIS C 260 -50.25 -5.82 -12.97
CA HIS C 260 -49.14 -6.31 -13.79
C HIS C 260 -49.28 -5.85 -15.23
N TYR C 261 -50.50 -5.98 -15.79
CA TYR C 261 -50.72 -5.55 -17.17
C TYR C 261 -50.46 -4.06 -17.33
N THR C 262 -50.97 -3.25 -16.40
CA THR C 262 -50.78 -1.80 -16.50
C THR C 262 -49.30 -1.44 -16.42
N LEU C 263 -48.57 -2.03 -15.48
CA LEU C 263 -47.15 -1.72 -15.36
C LEU C 263 -46.40 -2.10 -16.62
N ASN C 264 -46.67 -3.31 -17.15
CA ASN C 264 -45.98 -3.75 -18.36
C ASN C 264 -46.29 -2.85 -19.54
N LYS C 265 -47.57 -2.48 -19.70
CA LYS C 265 -47.94 -1.62 -20.83
C LYS C 265 -47.30 -0.25 -20.71
N VAL C 266 -47.32 0.32 -19.51
CA VAL C 266 -46.74 1.65 -19.30
C VAL C 266 -45.25 1.62 -19.60
N ARG C 267 -44.57 0.56 -19.15
CA ARG C 267 -43.12 0.49 -19.35
C ARG C 267 -42.77 0.23 -20.81
N SER C 268 -43.57 -0.60 -21.50
CA SER C 268 -43.28 -0.94 -22.88
C SER C 268 -43.73 0.12 -23.87
N ALA C 269 -44.57 1.06 -23.44
CA ALA C 269 -44.99 2.14 -24.35
C ALA C 269 -43.79 2.96 -24.81
N LYS C 270 -42.89 3.29 -23.88
CA LYS C 270 -41.72 4.11 -24.20
C LYS C 270 -40.43 3.48 -23.69
N GLY C 271 -40.44 2.20 -23.34
CA GLY C 271 -39.23 1.56 -22.84
C GLY C 271 -38.70 2.19 -21.57
N LEU C 272 -39.58 2.48 -20.62
CA LEU C 272 -39.16 3.12 -19.39
C LEU C 272 -38.44 2.14 -18.48
N ALA C 273 -37.55 2.67 -17.65
CA ALA C 273 -36.80 1.88 -16.69
C ALA C 273 -37.53 1.79 -15.36
N LEU C 274 -37.36 0.65 -14.68
CA LEU C 274 -38.06 0.43 -13.42
C LEU C 274 -37.55 1.34 -12.31
N ILE C 275 -36.25 1.67 -12.34
CA ILE C 275 -35.68 2.49 -11.27
C ILE C 275 -36.32 3.87 -11.26
N ASP C 276 -36.51 4.48 -12.43
CA ASP C 276 -37.15 5.78 -12.49
C ASP C 276 -38.58 5.71 -11.98
N LEU C 277 -39.29 4.64 -12.31
CA LEU C 277 -40.64 4.46 -11.80
C LEU C 277 -40.63 4.35 -10.27
N ILE C 278 -39.68 3.62 -9.71
CA ILE C 278 -39.61 3.46 -8.27
C ILE C 278 -39.35 4.81 -7.60
N GLU C 279 -38.43 5.60 -8.15
CA GLU C 279 -38.19 6.93 -7.61
C GLU C 279 -39.45 7.80 -7.70
N GLY C 280 -40.15 7.76 -8.83
CA GLY C 280 -41.36 8.56 -8.97
C GLY C 280 -42.43 8.15 -7.98
N ILE C 281 -42.64 6.84 -7.80
CA ILE C 281 -43.65 6.38 -6.85
C ILE C 281 -43.25 6.74 -5.42
N VAL C 282 -41.96 6.68 -5.11
CA VAL C 282 -41.50 7.08 -3.78
C VAL C 282 -41.80 8.55 -3.55
N LYS C 283 -41.52 9.40 -4.55
CA LYS C 283 -41.80 10.82 -4.41
C LYS C 283 -43.29 11.07 -4.24
N ILE C 284 -44.13 10.34 -4.99
CA ILE C 284 -45.57 10.52 -4.86
C ILE C 284 -46.04 10.08 -3.48
N LEU C 285 -45.53 8.95 -2.98
CA LEU C 285 -46.02 8.40 -1.72
C LEU C 285 -45.53 9.20 -0.53
N GLU C 286 -44.37 9.85 -0.64
CA GLU C 286 -43.87 10.61 0.50
C GLU C 286 -44.76 11.80 0.82
N ASP C 287 -45.66 12.18 -0.09
CA ASP C 287 -46.66 13.21 0.17
C ASP C 287 -47.97 12.65 0.69
N TYR C 288 -48.11 11.33 0.79
CA TYR C 288 -49.34 10.74 1.28
C TYR C 288 -49.43 10.88 2.80
N GLU C 289 -50.67 10.93 3.30
CA GLU C 289 -50.95 11.00 4.73
C GLU C 289 -51.41 9.61 5.18
N LEU C 290 -50.45 8.79 5.57
CA LEU C 290 -50.74 7.43 5.99
C LEU C 290 -51.20 7.41 7.44
N GLN C 291 -52.31 6.73 7.70
CA GLN C 291 -52.83 6.65 9.07
C GLN C 291 -51.87 5.92 9.99
N ASN C 292 -51.25 4.85 9.51
CA ASN C 292 -50.43 3.97 10.32
C ASN C 292 -48.96 4.11 9.93
N GLU C 293 -48.09 4.17 10.95
CA GLU C 293 -46.66 4.36 10.70
C GLU C 293 -46.02 3.11 10.10
N GLU C 294 -46.48 1.92 10.50
CA GLU C 294 -45.88 0.70 9.96
C GLU C 294 -46.04 0.63 8.45
N THR C 295 -47.09 1.23 7.90
CA THR C 295 -47.23 1.30 6.45
C THR C 295 -46.03 2.00 5.82
N ARG C 296 -45.70 3.18 6.33
CA ARG C 296 -44.56 3.92 5.81
C ARG C 296 -43.26 3.16 6.06
N VAL C 297 -43.12 2.54 7.23
CA VAL C 297 -41.92 1.80 7.54
C VAL C 297 -41.70 0.68 6.53
N HIS C 298 -42.74 -0.12 6.29
CA HIS C 298 -42.65 -1.23 5.35
C HIS C 298 -42.37 -0.72 3.94
N LEU C 299 -43.06 0.34 3.53
CA LEU C 299 -42.81 0.90 2.20
C LEU C 299 -41.35 1.29 2.04
N LEU C 300 -40.83 2.07 2.98
CA LEU C 300 -39.45 2.53 2.88
C LEU C 300 -38.48 1.35 2.85
N THR C 301 -38.63 0.40 3.78
CA THR C 301 -37.69 -0.70 3.88
C THR C 301 -37.71 -1.54 2.60
N LYS C 302 -38.90 -1.94 2.15
CA LYS C 302 -38.99 -2.82 1.00
C LYS C 302 -38.53 -2.13 -0.28
N LEU C 303 -38.90 -0.85 -0.46
CA LEU C 303 -38.46 -0.15 -1.66
C LEU C 303 -36.95 0.08 -1.65
N ALA C 304 -36.37 0.35 -0.49
CA ALA C 304 -34.91 0.47 -0.42
C ALA C 304 -34.23 -0.85 -0.76
N ASP C 305 -34.78 -1.96 -0.25
CA ASP C 305 -34.22 -3.26 -0.60
C ASP C 305 -34.31 -3.52 -2.10
N ILE C 306 -35.45 -3.19 -2.70
CA ILE C 306 -35.62 -3.40 -4.15
C ILE C 306 -34.65 -2.53 -4.92
N GLU C 307 -34.47 -1.28 -4.51
CA GLU C 307 -33.53 -0.40 -5.19
C GLU C 307 -32.10 -0.93 -5.11
N TYR C 308 -31.70 -1.41 -3.93
CA TYR C 308 -30.37 -1.97 -3.78
C TYR C 308 -30.20 -3.21 -4.66
N SER C 309 -31.21 -4.07 -4.71
CA SER C 309 -31.14 -5.25 -5.58
C SER C 309 -31.04 -4.86 -7.04
N ILE C 310 -31.79 -3.83 -7.45
CA ILE C 310 -31.74 -3.37 -8.83
C ILE C 310 -30.35 -2.84 -9.17
N SER C 311 -29.70 -2.20 -8.19
CA SER C 311 -28.39 -1.61 -8.46
C SER C 311 -27.38 -2.65 -8.92
N LYS C 312 -27.60 -3.93 -8.63
CA LYS C 312 -26.68 -4.99 -9.00
C LYS C 312 -27.23 -5.91 -10.09
N GLY C 313 -28.20 -5.44 -10.87
CA GLY C 313 -28.76 -6.25 -11.94
C GLY C 313 -30.01 -7.00 -11.53
N GLY C 314 -30.03 -8.31 -11.79
CA GLY C 314 -31.17 -9.13 -11.42
C GLY C 314 -32.21 -9.23 -12.51
N ASN C 315 -33.34 -9.82 -12.13
CA ASN C 315 -34.45 -10.05 -13.05
C ASN C 315 -35.44 -8.89 -12.97
N ASP C 316 -35.68 -8.24 -14.10
CA ASP C 316 -36.51 -7.03 -14.12
C ASP C 316 -37.96 -7.36 -13.77
N GLN C 317 -38.52 -8.42 -14.35
CA GLN C 317 -39.92 -8.76 -14.11
C GLN C 317 -40.15 -9.09 -12.64
N ILE C 318 -39.26 -9.88 -12.05
CA ILE C 318 -39.39 -10.23 -10.64
C ILE C 318 -39.32 -8.97 -9.78
N GLN C 319 -38.44 -8.03 -10.15
CA GLN C 319 -38.30 -6.80 -9.39
C GLN C 319 -39.57 -5.96 -9.47
N GLY C 320 -40.18 -5.86 -10.65
CA GLY C 320 -41.43 -5.12 -10.77
C GLY C 320 -42.56 -5.76 -9.97
N SER C 321 -42.66 -7.09 -10.03
CA SER C 321 -43.68 -7.78 -9.24
C SER C 321 -43.43 -7.57 -7.75
N ALA C 322 -42.16 -7.56 -7.34
CA ALA C 322 -41.84 -7.30 -5.94
C ALA C 322 -42.26 -5.90 -5.54
N VAL C 323 -42.05 -4.91 -6.41
CA VAL C 323 -42.50 -3.55 -6.12
C VAL C 323 -44.02 -3.54 -5.91
N ILE C 324 -44.76 -4.17 -6.82
CA ILE C 324 -46.21 -4.17 -6.72
C ILE C 324 -46.66 -4.84 -5.42
N GLY C 325 -46.09 -6.00 -5.12
CA GLY C 325 -46.47 -6.73 -3.92
C GLY C 325 -46.12 -5.98 -2.65
N ALA C 326 -44.94 -5.34 -2.63
CA ALA C 326 -44.55 -4.56 -1.46
C ALA C 326 -45.51 -3.41 -1.23
N ILE C 327 -45.88 -2.69 -2.29
CA ILE C 327 -46.81 -1.58 -2.12
C ILE C 327 -48.15 -2.08 -1.60
N LYS C 328 -48.66 -3.17 -2.20
CA LYS C 328 -49.95 -3.70 -1.76
C LYS C 328 -49.92 -4.14 -0.31
N ALA C 329 -48.88 -4.89 0.07
CA ALA C 329 -48.79 -5.38 1.45
C ALA C 329 -48.66 -4.22 2.43
N SER C 330 -47.83 -3.22 2.11
CA SER C 330 -47.67 -2.09 3.01
C SER C 330 -48.97 -1.33 3.18
N PHE C 331 -49.71 -1.11 2.09
CA PHE C 331 -50.95 -0.37 2.19
C PHE C 331 -52.08 -1.18 2.81
N GLU C 332 -51.96 -2.51 2.85
CA GLU C 332 -52.95 -3.30 3.56
C GLU C 332 -53.05 -2.90 5.03
N ASN C 333 -51.95 -2.44 5.62
CA ASN C 333 -51.96 -2.04 7.03
C ASN C 333 -52.83 -0.82 7.29
N GLU C 334 -53.15 -0.04 6.25
CA GLU C 334 -53.95 1.17 6.46
C GLU C 334 -55.32 0.83 7.03
N THR C 335 -55.96 -0.21 6.50
CA THR C 335 -57.27 -0.63 6.97
C THR C 335 -58.28 0.52 6.87
N LEU D 22 -17.44 -11.82 -41.83
CA LEU D 22 -17.49 -12.68 -43.00
C LEU D 22 -17.99 -14.07 -42.62
N ALA D 23 -17.80 -15.04 -43.52
CA ALA D 23 -18.23 -16.41 -43.26
C ALA D 23 -17.45 -17.07 -42.13
N GLN D 24 -16.33 -16.49 -41.72
CA GLN D 24 -15.50 -17.04 -40.66
C GLN D 24 -15.69 -16.33 -39.33
N GLN D 25 -16.74 -15.52 -39.18
CA GLN D 25 -16.94 -14.73 -37.99
C GLN D 25 -18.32 -15.01 -37.40
N PRO D 26 -18.45 -14.99 -36.06
CA PRO D 26 -19.77 -15.16 -35.46
C PRO D 26 -20.74 -14.08 -35.89
N TRP D 27 -22.02 -14.44 -35.93
CA TRP D 27 -23.04 -13.55 -36.46
C TRP D 27 -23.14 -12.27 -35.63
N VAL D 28 -22.88 -12.37 -34.34
CA VAL D 28 -22.97 -11.20 -33.45
C VAL D 28 -21.98 -10.14 -33.88
N GLU D 29 -20.74 -10.55 -34.18
CA GLU D 29 -19.74 -9.59 -34.66
C GLU D 29 -19.94 -9.24 -36.12
N LYS D 30 -20.47 -10.17 -36.92
CA LYS D 30 -20.61 -9.92 -38.36
C LYS D 30 -21.73 -8.93 -38.64
N TYR D 31 -22.72 -8.85 -37.77
CA TYR D 31 -23.82 -7.89 -37.90
C TYR D 31 -23.71 -6.77 -36.88
N ARG D 32 -22.49 -6.40 -36.52
CA ARG D 32 -22.28 -5.25 -35.64
C ARG D 32 -22.58 -3.96 -36.42
N PRO D 33 -23.45 -3.07 -35.90
CA PRO D 33 -23.77 -1.86 -36.66
C PRO D 33 -22.56 -1.12 -37.16
N LYS D 34 -22.44 -1.01 -38.50
CA LYS D 34 -21.30 -0.32 -39.08
C LYS D 34 -21.41 1.19 -38.98
N ASN D 35 -22.63 1.72 -39.08
CA ASN D 35 -22.90 3.15 -38.97
C ASN D 35 -24.03 3.36 -37.97
N LEU D 36 -24.29 4.63 -37.66
CA LEU D 36 -25.32 4.98 -36.69
C LEU D 36 -26.74 4.74 -37.20
N ASP D 37 -26.90 4.49 -38.50
CA ASP D 37 -28.21 4.15 -39.04
C ASP D 37 -28.56 2.68 -38.87
N GLU D 38 -27.60 1.85 -38.44
CA GLU D 38 -27.84 0.44 -38.19
C GLU D 38 -28.20 0.14 -36.74
N VAL D 39 -28.26 1.17 -35.88
CA VAL D 39 -28.73 1.00 -34.51
C VAL D 39 -30.25 0.98 -34.54
N THR D 40 -30.84 -0.07 -33.96
CA THR D 40 -32.25 -0.35 -34.21
C THR D 40 -33.19 0.46 -33.32
N ALA D 41 -33.02 0.38 -32.00
CA ALA D 41 -34.01 0.89 -31.06
C ALA D 41 -33.37 1.77 -30.01
N GLN D 42 -32.51 2.69 -30.45
CA GLN D 42 -31.89 3.67 -29.56
C GLN D 42 -31.91 5.05 -30.21
N ASP D 43 -33.04 5.41 -30.81
CA ASP D 43 -33.12 6.65 -31.57
C ASP D 43 -33.08 7.87 -30.67
N HIS D 44 -33.61 7.76 -29.45
CA HIS D 44 -33.67 8.92 -28.57
C HIS D 44 -32.31 9.52 -28.28
N ALA D 45 -31.24 8.72 -28.38
CA ALA D 45 -29.88 9.21 -28.23
C ALA D 45 -29.11 9.28 -29.54
N VAL D 46 -29.37 8.34 -30.46
CA VAL D 46 -28.70 8.38 -31.76
C VAL D 46 -29.06 9.65 -32.51
N THR D 47 -30.26 10.19 -32.27
CA THR D 47 -30.64 11.44 -32.93
C THR D 47 -29.71 12.58 -32.54
N VAL D 48 -29.49 12.77 -31.24
CA VAL D 48 -28.61 13.84 -30.79
C VAL D 48 -27.17 13.54 -31.20
N LEU D 49 -26.76 12.26 -31.18
CA LEU D 49 -25.42 11.93 -31.64
C LEU D 49 -25.22 12.31 -33.10
N LYS D 50 -26.22 12.04 -33.94
CA LYS D 50 -26.15 12.47 -35.33
C LYS D 50 -26.14 13.99 -35.45
N LYS D 51 -26.93 14.67 -34.62
CA LYS D 51 -26.94 16.13 -34.66
C LYS D 51 -25.57 16.69 -34.34
N THR D 52 -24.83 16.04 -33.44
CA THR D 52 -23.48 16.51 -33.12
C THR D 52 -22.56 16.48 -34.33
N LEU D 53 -22.83 15.59 -35.29
CA LEU D 53 -22.00 15.54 -36.48
C LEU D 53 -22.02 16.87 -37.24
N LYS D 54 -23.13 17.60 -37.15
CA LYS D 54 -23.24 18.91 -37.79
C LYS D 54 -22.97 20.06 -36.82
N SER D 55 -23.33 19.90 -35.55
CA SER D 55 -23.10 20.95 -34.56
C SER D 55 -21.64 21.03 -34.12
N ALA D 56 -20.93 19.91 -34.11
CA ALA D 56 -19.52 19.88 -33.71
C ALA D 56 -19.33 20.42 -32.29
N ASN D 57 -20.26 20.07 -31.40
CA ASN D 57 -20.19 20.44 -29.99
C ASN D 57 -20.53 19.23 -29.13
N LEU D 58 -19.93 18.10 -29.44
CA LEU D 58 -20.23 16.85 -28.74
C LEU D 58 -19.91 17.00 -27.26
N PRO D 59 -20.85 16.73 -26.36
CA PRO D 59 -20.55 16.79 -24.93
C PRO D 59 -19.97 15.48 -24.41
N HIS D 60 -19.46 15.53 -23.18
CA HIS D 60 -19.03 14.32 -22.51
C HIS D 60 -20.23 13.40 -22.32
N MET D 61 -20.05 12.13 -22.68
CA MET D 61 -21.15 11.17 -22.73
C MET D 61 -20.95 10.08 -21.69
N LEU D 62 -22.08 9.64 -21.11
CA LEU D 62 -22.11 8.51 -20.18
C LEU D 62 -23.22 7.57 -20.66
N PHE D 63 -22.84 6.51 -21.35
CA PHE D 63 -23.78 5.50 -21.81
C PHE D 63 -23.98 4.45 -20.73
N TYR D 64 -25.23 4.14 -20.41
CA TYR D 64 -25.53 3.08 -19.47
C TYR D 64 -26.80 2.35 -19.89
N GLY D 65 -26.82 1.05 -19.60
CA GLY D 65 -27.95 0.20 -19.93
C GLY D 65 -27.64 -1.26 -19.69
N PRO D 66 -28.62 -2.12 -19.93
CA PRO D 66 -28.42 -3.56 -19.72
C PRO D 66 -27.55 -4.16 -20.81
N PRO D 67 -27.10 -5.40 -20.64
CA PRO D 67 -26.18 -5.99 -21.63
C PRO D 67 -26.82 -6.13 -23.01
N GLY D 68 -25.97 -6.01 -24.03
CA GLY D 68 -26.40 -6.27 -25.40
C GLY D 68 -27.41 -5.28 -25.94
N THR D 69 -27.28 -4.00 -25.57
CA THR D 69 -28.17 -2.96 -26.09
C THR D 69 -27.52 -2.08 -27.15
N GLY D 70 -26.24 -2.28 -27.43
CA GLY D 70 -25.57 -1.55 -28.50
C GLY D 70 -24.95 -0.24 -28.07
N LYS D 71 -24.14 -0.28 -27.01
CA LYS D 71 -23.42 0.91 -26.54
C LYS D 71 -22.04 1.01 -27.17
N THR D 72 -21.25 -0.07 -27.09
CA THR D 72 -19.96 -0.10 -27.75
C THR D 72 -20.12 0.09 -29.25
N SER D 73 -21.10 -0.59 -29.84
CA SER D 73 -21.37 -0.42 -31.26
C SER D 73 -21.72 1.03 -31.59
N THR D 74 -22.54 1.66 -30.74
CA THR D 74 -22.95 3.03 -31.01
C THR D 74 -21.75 3.97 -30.97
N ILE D 75 -20.89 3.83 -29.96
CA ILE D 75 -19.75 4.74 -29.88
C ILE D 75 -18.78 4.49 -31.03
N LEU D 76 -18.55 3.21 -31.39
CA LEU D 76 -17.67 2.92 -32.50
C LEU D 76 -18.21 3.48 -33.81
N ALA D 77 -19.53 3.38 -34.02
CA ALA D 77 -20.12 3.93 -35.23
C ALA D 77 -20.04 5.45 -35.24
N LEU D 78 -20.20 6.09 -34.08
CA LEU D 78 -20.03 7.53 -34.00
C LEU D 78 -18.62 7.93 -34.39
N THR D 79 -17.62 7.18 -33.91
CA THR D 79 -16.24 7.45 -34.30
C THR D 79 -16.06 7.24 -35.80
N LYS D 80 -16.65 6.18 -36.36
CA LYS D 80 -16.60 5.97 -37.81
C LYS D 80 -17.11 7.19 -38.55
N GLU D 81 -18.29 7.68 -38.16
CA GLU D 81 -18.93 8.78 -38.89
C GLU D 81 -18.31 10.14 -38.60
N LEU D 82 -17.50 10.25 -37.54
CA LEU D 82 -16.91 11.54 -37.19
C LEU D 82 -15.55 11.77 -37.86
N TYR D 83 -14.64 10.82 -37.74
CA TYR D 83 -13.26 10.99 -38.19
C TYR D 83 -12.92 10.23 -39.47
N GLY D 84 -13.48 9.03 -39.65
CA GLY D 84 -13.21 8.24 -40.82
C GLY D 84 -12.23 7.11 -40.56
N PRO D 85 -12.10 6.19 -41.51
CA PRO D 85 -11.27 5.00 -41.28
C PRO D 85 -9.81 5.31 -40.96
N ASP D 86 -9.25 6.36 -41.55
CA ASP D 86 -7.82 6.66 -41.41
C ASP D 86 -7.51 7.53 -40.21
N LEU D 87 -8.24 8.64 -40.04
CA LEU D 87 -7.98 9.55 -38.94
C LEU D 87 -8.42 8.99 -37.60
N MET D 88 -9.10 7.85 -37.58
CA MET D 88 -9.63 7.30 -36.34
C MET D 88 -8.52 7.02 -35.32
N LYS D 89 -7.49 6.28 -35.72
CA LYS D 89 -6.52 5.79 -34.74
C LYS D 89 -5.75 6.92 -34.08
N SER D 90 -5.63 8.07 -34.72
CA SER D 90 -4.95 9.22 -34.14
C SER D 90 -5.87 10.11 -33.33
N ARG D 91 -7.17 9.78 -33.25
CA ARG D 91 -8.14 10.59 -32.54
C ARG D 91 -8.91 9.82 -31.47
N ILE D 92 -8.62 8.54 -31.27
CA ILE D 92 -9.36 7.70 -30.35
C ILE D 92 -8.38 7.05 -29.38
N LEU D 93 -8.71 7.09 -28.09
CA LEU D 93 -7.99 6.34 -27.07
C LEU D 93 -9.00 5.50 -26.32
N GLU D 94 -8.99 4.19 -26.56
CA GLU D 94 -9.95 3.26 -25.99
C GLU D 94 -9.26 2.44 -24.90
N LEU D 95 -9.84 2.45 -23.71
CA LEU D 95 -9.37 1.63 -22.60
C LEU D 95 -10.55 0.90 -21.98
N ASN D 96 -10.40 -0.40 -21.78
CA ASN D 96 -11.45 -1.25 -21.23
C ASN D 96 -10.92 -1.99 -20.00
N ALA D 97 -11.74 -2.90 -19.47
CA ALA D 97 -11.37 -3.61 -18.26
C ALA D 97 -10.11 -4.46 -18.46
N SER D 98 -9.82 -4.87 -19.69
CA SER D 98 -8.62 -5.64 -19.96
C SER D 98 -7.35 -4.82 -19.80
N ASP D 99 -7.46 -3.50 -19.71
CA ASP D 99 -6.32 -2.61 -19.57
C ASP D 99 -6.25 -2.10 -18.13
N GLU D 100 -5.02 -1.95 -17.63
CA GLU D 100 -4.83 -1.41 -16.29
C GLU D 100 -5.21 0.06 -16.26
N ARG D 101 -6.07 0.43 -15.33
CA ARG D 101 -6.61 1.78 -15.22
C ARG D 101 -6.57 2.27 -13.77
N GLY D 102 -5.43 2.08 -13.12
CA GLY D 102 -5.25 2.57 -11.76
C GLY D 102 -5.10 4.07 -11.72
N ILE D 103 -4.96 4.57 -10.49
CA ILE D 103 -4.85 6.02 -10.29
C ILE D 103 -3.63 6.57 -11.01
N SER D 104 -2.51 5.84 -10.99
CA SER D 104 -1.32 6.28 -11.70
C SER D 104 -1.55 6.33 -13.20
N ILE D 105 -2.20 5.30 -13.75
CA ILE D 105 -2.51 5.30 -15.18
C ILE D 105 -3.40 6.48 -15.52
N VAL D 106 -4.43 6.71 -14.71
CA VAL D 106 -5.35 7.83 -14.97
C VAL D 106 -4.60 9.15 -14.94
N ARG D 107 -3.68 9.31 -13.98
CA ARG D 107 -3.00 10.59 -13.79
C ARG D 107 -1.85 10.79 -14.77
N GLU D 108 -1.38 9.74 -15.45
CA GLU D 108 -0.29 9.89 -16.41
C GLU D 108 -0.74 9.69 -17.86
N LYS D 109 -1.26 8.51 -18.21
CA LYS D 109 -1.50 8.20 -19.61
C LYS D 109 -2.72 8.95 -20.15
N VAL D 110 -3.83 8.89 -19.42
CA VAL D 110 -5.04 9.58 -19.86
C VAL D 110 -4.80 11.08 -19.91
N LYS D 111 -4.12 11.62 -18.88
CA LYS D 111 -3.82 13.04 -18.86
C LYS D 111 -2.93 13.44 -20.03
N ASN D 112 -1.90 12.65 -20.31
CA ASN D 112 -1.01 12.98 -21.43
C ASN D 112 -1.75 12.95 -22.75
N PHE D 113 -2.60 11.94 -22.96
CA PHE D 113 -3.35 11.87 -24.22
C PHE D 113 -4.31 13.04 -24.34
N ALA D 114 -4.99 13.39 -23.24
CA ALA D 114 -5.93 14.50 -23.29
C ALA D 114 -5.24 15.85 -23.45
N ARG D 115 -3.98 15.98 -23.03
CA ARG D 115 -3.26 17.23 -23.15
C ARG D 115 -2.73 17.48 -24.56
N LEU D 116 -2.66 16.45 -25.39
CA LEU D 116 -2.05 16.59 -26.71
C LEU D 116 -2.97 17.38 -27.65
N THR D 117 -2.35 17.98 -28.66
CA THR D 117 -3.12 18.59 -29.74
C THR D 117 -3.66 17.51 -30.66
N VAL D 118 -4.81 17.80 -31.27
CA VAL D 118 -5.44 16.83 -32.15
C VAL D 118 -4.58 16.62 -33.39
N SER D 119 -4.60 15.40 -33.91
CA SER D 119 -3.80 15.06 -35.08
C SER D 119 -4.28 15.83 -36.31
N LYS D 120 -3.36 16.09 -37.21
CA LYS D 120 -3.67 16.86 -38.42
C LYS D 120 -4.51 16.05 -39.39
N PRO D 121 -5.72 16.50 -39.75
CA PRO D 121 -6.48 15.79 -40.78
C PRO D 121 -5.88 16.01 -42.16
N SER D 122 -6.12 15.05 -43.04
CA SER D 122 -5.69 15.16 -44.42
C SER D 122 -6.70 15.98 -45.23
N LYS D 123 -6.30 16.34 -46.45
CA LYS D 123 -7.22 17.06 -47.34
C LYS D 123 -8.44 16.21 -47.67
N HIS D 124 -8.23 14.92 -47.88
CA HIS D 124 -9.35 14.01 -48.12
C HIS D 124 -10.29 13.97 -46.92
N ASP D 125 -9.73 13.89 -45.72
CA ASP D 125 -10.55 13.83 -44.51
C ASP D 125 -11.41 15.08 -44.37
N LEU D 126 -10.82 16.25 -44.58
CA LEU D 126 -11.59 17.49 -44.48
C LEU D 126 -12.58 17.65 -45.62
N GLU D 127 -12.28 17.07 -46.79
CA GLU D 127 -13.20 17.16 -47.91
C GLU D 127 -14.41 16.25 -47.74
N ASN D 128 -14.25 15.13 -47.04
CA ASN D 128 -15.32 14.15 -46.88
C ASN D 128 -15.93 14.11 -45.49
N TYR D 129 -15.10 13.95 -44.46
CA TYR D 129 -15.63 13.76 -43.11
C TYR D 129 -15.66 15.07 -42.34
N PRO D 130 -16.63 15.23 -41.42
CA PRO D 130 -16.71 16.51 -40.68
C PRO D 130 -15.46 16.82 -39.87
N CYS D 131 -14.82 15.81 -39.28
CA CYS D 131 -13.61 15.99 -38.51
C CYS D 131 -13.76 17.08 -37.45
N PRO D 132 -14.56 16.86 -36.41
CA PRO D 132 -14.64 17.81 -35.31
C PRO D 132 -13.25 18.14 -34.77
N PRO D 133 -13.09 19.30 -34.12
CA PRO D 133 -11.77 19.71 -33.62
C PRO D 133 -11.44 19.17 -32.22
N TYR D 134 -11.61 17.87 -32.03
CA TYR D 134 -11.27 17.25 -30.75
C TYR D 134 -11.11 15.76 -30.95
N LYS D 135 -10.45 15.13 -29.98
CA LYS D 135 -10.29 13.68 -29.92
C LYS D 135 -11.24 13.10 -28.90
N ILE D 136 -11.29 11.77 -28.84
CA ILE D 136 -12.23 11.06 -27.99
C ILE D 136 -11.50 10.00 -27.18
N ILE D 137 -11.80 9.94 -25.88
CA ILE D 137 -11.30 8.90 -24.99
C ILE D 137 -12.51 8.09 -24.53
N ILE D 138 -12.45 6.79 -24.76
CA ILE D 138 -13.54 5.87 -24.45
C ILE D 138 -13.09 4.96 -23.33
N LEU D 139 -13.62 5.19 -22.12
CA LEU D 139 -13.36 4.33 -20.97
C LEU D 139 -14.52 3.33 -20.89
N ASP D 140 -14.38 2.24 -21.65
CA ASP D 140 -15.41 1.22 -21.66
C ASP D 140 -15.35 0.39 -20.39
N GLU D 141 -16.51 -0.12 -19.97
CA GLU D 141 -16.62 -0.87 -18.73
C GLU D 141 -16.10 -0.04 -17.55
N ALA D 142 -16.47 1.24 -17.53
CA ALA D 142 -15.98 2.16 -16.51
C ALA D 142 -16.45 1.78 -15.11
N ASP D 143 -17.49 0.94 -15.00
CA ASP D 143 -17.99 0.54 -13.69
C ASP D 143 -16.98 -0.30 -12.92
N SER D 144 -15.93 -0.80 -13.57
CA SER D 144 -14.90 -1.58 -12.90
C SER D 144 -13.74 -0.72 -12.40
N MET D 145 -13.84 0.60 -12.52
CA MET D 145 -12.79 1.50 -12.07
C MET D 145 -13.01 1.88 -10.61
N THR D 146 -11.91 2.02 -9.87
CA THR D 146 -11.99 2.38 -8.47
C THR D 146 -12.43 3.83 -8.31
N ALA D 147 -12.92 4.16 -7.10
CA ALA D 147 -13.42 5.50 -6.84
C ALA D 147 -12.30 6.55 -6.98
N ASP D 148 -11.11 6.23 -6.49
CA ASP D 148 -10.00 7.19 -6.59
C ASP D 148 -9.62 7.45 -8.04
N ALA D 149 -9.57 6.39 -8.85
CA ALA D 149 -9.26 6.56 -10.26
C ALA D 149 -10.31 7.42 -10.94
N GLN D 150 -11.59 7.22 -10.60
CA GLN D 150 -12.65 8.05 -11.16
C GLN D 150 -12.48 9.50 -10.74
N SER D 151 -12.16 9.74 -9.47
CA SER D 151 -11.96 11.11 -8.99
C SER D 151 -10.79 11.77 -9.70
N ALA D 152 -9.78 10.99 -10.08
CA ALA D 152 -8.63 11.56 -10.79
C ALA D 152 -9.00 12.12 -12.16
N LEU D 153 -10.16 11.75 -12.71
CA LEU D 153 -10.58 12.20 -14.02
C LEU D 153 -11.41 13.47 -13.98
N ARG D 154 -11.84 13.92 -12.80
CA ARG D 154 -12.83 14.98 -12.72
C ARG D 154 -12.32 16.27 -13.36
N ARG D 155 -11.15 16.74 -12.95
CA ARG D 155 -10.63 17.99 -13.49
C ARG D 155 -9.99 17.80 -14.85
N THR D 156 -9.50 16.60 -15.15
CA THR D 156 -8.99 16.32 -16.49
C THR D 156 -10.09 16.48 -17.52
N MET D 157 -11.30 16.02 -17.20
CA MET D 157 -12.42 16.16 -18.13
C MET D 157 -12.72 17.63 -18.41
N GLU D 158 -12.72 18.47 -17.37
CA GLU D 158 -13.18 19.85 -17.54
C GLU D 158 -12.09 20.75 -18.12
N THR D 159 -10.84 20.58 -17.67
CA THR D 159 -9.79 21.51 -18.08
C THR D 159 -9.51 21.41 -19.58
N TYR D 160 -9.48 20.20 -20.13
CA TYR D 160 -9.13 19.97 -21.52
C TYR D 160 -10.35 19.61 -22.37
N SER D 161 -11.50 20.19 -22.05
CA SER D 161 -12.71 19.92 -22.82
C SER D 161 -12.65 20.48 -24.23
N GLY D 162 -11.76 21.44 -24.48
CA GLY D 162 -11.64 22.02 -25.81
C GLY D 162 -10.87 21.19 -26.80
N VAL D 163 -10.14 20.18 -26.34
CA VAL D 163 -9.37 19.30 -27.22
C VAL D 163 -9.71 17.83 -27.04
N THR D 164 -10.46 17.47 -26.00
CA THR D 164 -10.76 16.08 -25.70
C THR D 164 -12.18 15.95 -25.20
N ARG D 165 -12.81 14.83 -25.52
CA ARG D 165 -14.12 14.48 -25.01
C ARG D 165 -14.09 13.04 -24.51
N PHE D 166 -14.87 12.79 -23.46
CA PHE D 166 -14.85 11.52 -22.76
C PHE D 166 -16.17 10.78 -22.96
N CYS D 167 -16.08 9.46 -23.13
CA CYS D 167 -17.24 8.58 -23.23
C CYS D 167 -17.07 7.47 -22.21
N LEU D 168 -17.91 7.49 -21.17
CA LEU D 168 -17.91 6.46 -20.14
C LEU D 168 -19.06 5.50 -20.41
N ILE D 169 -18.75 4.24 -20.68
CA ILE D 169 -19.74 3.22 -20.99
C ILE D 169 -19.77 2.23 -19.83
N CYS D 170 -20.97 1.99 -19.29
CA CYS D 170 -21.10 1.13 -18.12
C CYS D 170 -22.41 0.38 -18.17
N ASN D 171 -22.50 -0.66 -17.34
CA ASN D 171 -23.73 -1.41 -17.15
C ASN D 171 -24.48 -1.01 -15.88
N TYR D 172 -23.76 -0.59 -14.84
CA TYR D 172 -24.34 -0.20 -13.55
C TYR D 172 -23.97 1.26 -13.31
N VAL D 173 -24.92 2.16 -13.56
CA VAL D 173 -24.66 3.60 -13.42
C VAL D 173 -24.35 3.98 -11.98
N THR D 174 -24.81 3.19 -11.01
CA THR D 174 -24.54 3.50 -9.61
C THR D 174 -23.07 3.41 -9.26
N ARG D 175 -22.28 2.65 -10.02
CA ARG D 175 -20.86 2.49 -9.73
C ARG D 175 -20.03 3.68 -10.18
N ILE D 176 -20.62 4.64 -10.88
CA ILE D 176 -19.93 5.87 -11.28
C ILE D 176 -20.17 6.90 -10.19
N ILE D 177 -19.08 7.55 -9.75
CA ILE D 177 -19.19 8.51 -8.66
C ILE D 177 -20.04 9.70 -9.11
N ASP D 178 -20.67 10.36 -8.15
CA ASP D 178 -21.60 11.44 -8.48
C ASP D 178 -20.97 12.56 -9.28
N PRO D 179 -19.78 13.06 -8.95
CA PRO D 179 -19.19 14.13 -9.78
C PRO D 179 -19.02 13.76 -11.24
N LEU D 180 -18.59 12.53 -11.52
CA LEU D 180 -18.41 12.12 -12.91
C LEU D 180 -19.74 12.07 -13.65
N ALA D 181 -20.77 11.52 -13.01
CA ALA D 181 -22.09 11.50 -13.62
C ALA D 181 -22.61 12.91 -13.85
N SER D 182 -22.29 13.83 -12.93
CA SER D 182 -22.69 15.21 -13.10
C SER D 182 -22.01 15.84 -14.32
N ARG D 183 -20.73 15.53 -14.52
CA ARG D 183 -19.99 16.13 -15.63
C ARG D 183 -20.40 15.57 -16.99
N CYS D 184 -21.00 14.38 -17.02
CA CYS D 184 -21.28 13.68 -18.27
C CYS D 184 -22.77 13.73 -18.58
N SER D 185 -23.09 13.99 -19.84
CA SER D 185 -24.48 13.89 -20.31
C SER D 185 -24.86 12.41 -20.38
N LYS D 186 -25.98 12.07 -19.74
CA LYS D 186 -26.36 10.68 -19.56
C LYS D 186 -27.23 10.19 -20.72
N PHE D 187 -26.95 8.97 -21.17
CA PHE D 187 -27.71 8.32 -22.24
C PHE D 187 -28.04 6.90 -21.79
N ARG D 188 -29.33 6.63 -21.62
CA ARG D 188 -29.81 5.31 -21.22
C ARG D 188 -30.20 4.52 -22.46
N PHE D 189 -29.69 3.29 -22.54
CA PHE D 189 -30.00 2.39 -23.64
C PHE D 189 -31.10 1.44 -23.19
N LYS D 190 -32.24 1.48 -23.89
CA LYS D 190 -33.41 0.70 -23.50
C LYS D 190 -33.23 -0.77 -23.86
N ALA D 191 -33.98 -1.62 -23.16
CA ALA D 191 -33.96 -3.04 -23.46
C ALA D 191 -34.56 -3.32 -24.82
N LEU D 192 -34.02 -4.33 -25.50
CA LEU D 192 -34.43 -4.68 -26.85
C LEU D 192 -35.39 -5.87 -26.78
N ASP D 193 -36.62 -5.67 -27.27
CA ASP D 193 -37.66 -6.68 -27.17
C ASP D 193 -38.26 -6.97 -28.54
N ALA D 194 -39.31 -7.78 -28.58
CA ALA D 194 -39.93 -8.17 -29.86
C ALA D 194 -40.66 -7.01 -30.53
N SER D 195 -40.87 -5.89 -29.84
CA SER D 195 -41.59 -4.76 -30.42
C SER D 195 -40.67 -3.72 -31.05
N ASN D 196 -39.39 -3.68 -30.66
CA ASN D 196 -38.47 -2.67 -31.16
C ASN D 196 -37.20 -3.26 -31.79
N ALA D 197 -37.02 -4.59 -31.75
CA ALA D 197 -35.83 -5.21 -32.32
C ALA D 197 -36.18 -6.33 -33.30
N ILE D 198 -37.46 -6.52 -33.62
CA ILE D 198 -37.85 -7.60 -34.53
C ILE D 198 -37.32 -7.34 -35.94
N ASP D 199 -37.28 -6.08 -36.36
CA ASP D 199 -36.86 -5.77 -37.72
C ASP D 199 -35.41 -6.19 -37.96
N ARG D 200 -34.52 -5.90 -37.02
CA ARG D 200 -33.11 -6.26 -37.20
C ARG D 200 -32.93 -7.77 -37.24
N LEU D 201 -33.61 -8.50 -36.35
CA LEU D 201 -33.49 -9.95 -36.34
C LEU D 201 -34.04 -10.55 -37.62
N ARG D 202 -35.16 -10.02 -38.11
CA ARG D 202 -35.72 -10.50 -39.37
C ARG D 202 -34.77 -10.23 -40.53
N PHE D 203 -34.14 -9.05 -40.54
CA PHE D 203 -33.15 -8.75 -41.57
C PHE D 203 -31.99 -9.73 -41.51
N ILE D 204 -31.49 -10.02 -40.32
CA ILE D 204 -30.37 -10.96 -40.19
C ILE D 204 -30.78 -12.33 -40.70
N SER D 205 -31.97 -12.79 -40.32
CA SER D 205 -32.45 -14.09 -40.78
C SER D 205 -32.60 -14.13 -42.30
N GLU D 206 -33.14 -13.06 -42.89
CA GLU D 206 -33.30 -13.02 -44.34
C GLU D 206 -31.97 -13.06 -45.05
N GLN D 207 -31.00 -12.26 -44.60
CA GLN D 207 -29.69 -12.29 -45.23
C GLN D 207 -29.03 -13.65 -45.08
N GLU D 208 -29.21 -14.30 -43.93
CA GLU D 208 -28.62 -15.60 -43.69
C GLU D 208 -29.50 -16.74 -44.20
N ASN D 209 -30.67 -16.44 -44.75
CA ASN D 209 -31.58 -17.43 -45.31
C ASN D 209 -31.94 -18.51 -44.29
N VAL D 210 -32.46 -18.04 -43.16
CA VAL D 210 -32.93 -18.92 -42.09
C VAL D 210 -34.45 -18.99 -42.18
N LYS D 211 -34.98 -20.17 -42.48
CA LYS D 211 -36.41 -20.38 -42.63
C LYS D 211 -37.00 -20.76 -41.28
N CYS D 212 -37.87 -19.90 -40.74
CA CYS D 212 -38.44 -20.08 -39.42
C CYS D 212 -39.96 -19.98 -39.49
N ASP D 213 -40.62 -20.67 -38.58
CA ASP D 213 -42.07 -20.60 -38.49
C ASP D 213 -42.50 -19.26 -37.90
N ASP D 214 -43.77 -18.91 -38.13
CA ASP D 214 -44.31 -17.67 -37.62
C ASP D 214 -44.21 -17.63 -36.10
N GLY D 215 -43.75 -16.50 -35.56
CA GLY D 215 -43.60 -16.33 -34.13
C GLY D 215 -42.33 -16.87 -33.54
N VAL D 216 -41.45 -17.48 -34.35
CA VAL D 216 -40.19 -18.00 -33.84
C VAL D 216 -39.28 -16.86 -33.43
N LEU D 217 -39.18 -15.83 -34.27
CA LEU D 217 -38.32 -14.68 -33.94
C LEU D 217 -38.85 -13.94 -32.72
N GLU D 218 -40.18 -13.79 -32.63
CA GLU D 218 -40.76 -13.17 -31.44
C GLU D 218 -40.44 -13.98 -30.20
N ARG D 219 -40.52 -15.31 -30.30
CA ARG D 219 -40.18 -16.15 -29.16
C ARG D 219 -38.71 -16.00 -28.77
N ILE D 220 -37.83 -15.91 -29.78
CA ILE D 220 -36.41 -15.73 -29.51
C ILE D 220 -36.18 -14.42 -28.76
N LEU D 221 -36.82 -13.35 -29.23
CA LEU D 221 -36.62 -12.04 -28.60
C LEU D 221 -37.20 -12.01 -27.20
N ASP D 222 -38.33 -12.68 -26.98
CA ASP D 222 -38.89 -12.77 -25.63
C ASP D 222 -37.97 -13.55 -24.69
N ILE D 223 -37.39 -14.65 -25.18
CA ILE D 223 -36.46 -15.42 -24.35
C ILE D 223 -35.21 -14.61 -24.05
N SER D 224 -34.76 -13.79 -25.01
CA SER D 224 -33.54 -13.02 -24.81
C SER D 224 -33.68 -12.06 -23.63
N ALA D 225 -34.84 -11.43 -23.49
CA ALA D 225 -35.13 -10.54 -22.37
C ALA D 225 -34.20 -9.32 -22.39
N GLY D 226 -34.25 -8.59 -23.51
CA GLY D 226 -33.52 -7.36 -23.65
C GLY D 226 -32.14 -7.48 -24.26
N ASP D 227 -31.66 -8.68 -24.53
CA ASP D 227 -30.31 -8.91 -25.04
C ASP D 227 -30.39 -9.36 -26.49
N LEU D 228 -30.07 -8.46 -27.42
CA LEU D 228 -30.11 -8.80 -28.84
C LEU D 228 -28.93 -9.69 -29.23
N ARG D 229 -27.80 -9.57 -28.54
CA ARG D 229 -26.68 -10.47 -28.79
C ARG D 229 -27.08 -11.92 -28.52
N ARG D 230 -27.77 -12.16 -27.41
CA ARG D 230 -28.24 -13.51 -27.10
C ARG D 230 -29.22 -14.01 -28.16
N GLY D 231 -30.11 -13.13 -28.61
CA GLY D 231 -31.05 -13.52 -29.66
C GLY D 231 -30.35 -13.90 -30.95
N ILE D 232 -29.34 -13.13 -31.35
CA ILE D 232 -28.60 -13.45 -32.56
C ILE D 232 -27.86 -14.77 -32.41
N THR D 233 -27.26 -15.01 -31.23
CA THR D 233 -26.56 -16.26 -31.01
C THR D 233 -27.53 -17.44 -31.06
N LEU D 234 -28.72 -17.29 -30.48
CA LEU D 234 -29.71 -18.35 -30.53
C LEU D 234 -30.16 -18.61 -31.96
N LEU D 235 -30.35 -17.55 -32.75
CA LEU D 235 -30.73 -17.72 -34.14
C LEU D 235 -29.64 -18.46 -34.91
N GLN D 236 -28.37 -18.13 -34.64
CA GLN D 236 -27.28 -18.82 -35.30
C GLN D 236 -27.26 -20.30 -34.93
N SER D 237 -27.49 -20.61 -33.65
CA SER D 237 -27.50 -22.00 -33.23
C SER D 237 -28.64 -22.77 -33.90
N ALA D 238 -29.82 -22.15 -33.98
CA ALA D 238 -30.95 -22.79 -34.65
C ALA D 238 -30.66 -23.00 -36.13
N SER D 239 -30.04 -22.01 -36.78
CA SER D 239 -29.69 -22.15 -38.18
C SER D 239 -28.70 -23.28 -38.40
N LYS D 240 -27.70 -23.40 -37.52
CA LYS D 240 -26.74 -24.49 -37.64
C LYS D 240 -27.42 -25.83 -37.46
N GLY D 241 -28.32 -25.93 -36.48
CA GLY D 241 -29.05 -27.17 -36.31
C GLY D 241 -29.89 -27.53 -37.52
N ALA D 242 -30.59 -26.55 -38.09
CA ALA D 242 -31.41 -26.81 -39.28
C ALA D 242 -30.55 -27.24 -40.45
N GLN D 243 -29.40 -26.59 -40.64
CA GLN D 243 -28.52 -26.95 -41.75
C GLN D 243 -27.98 -28.36 -41.57
N TYR D 244 -27.58 -28.72 -40.35
CA TYR D 244 -27.06 -30.07 -40.12
C TYR D 244 -28.14 -31.12 -40.25
N LEU D 245 -29.39 -30.77 -39.91
CA LEU D 245 -30.47 -31.74 -40.03
C LEU D 245 -30.69 -32.16 -41.49
N GLY D 246 -30.60 -31.20 -42.41
CA GLY D 246 -30.79 -31.50 -43.82
C GLY D 246 -32.17 -31.97 -44.17
N ASP D 247 -33.21 -31.36 -43.59
CA ASP D 247 -34.59 -31.70 -43.86
C ASP D 247 -35.34 -30.63 -44.63
N GLY D 248 -34.80 -29.41 -44.73
CA GLY D 248 -35.50 -28.34 -45.41
C GLY D 248 -36.83 -28.00 -44.78
N LYS D 249 -36.88 -27.97 -43.45
CA LYS D 249 -38.10 -27.68 -42.72
C LYS D 249 -37.91 -26.43 -41.86
N ASN D 250 -39.00 -25.70 -41.66
CA ASN D 250 -38.96 -24.47 -40.89
C ASN D 250 -38.55 -24.75 -39.45
N ILE D 251 -37.72 -23.87 -38.88
CA ILE D 251 -37.38 -23.98 -37.47
C ILE D 251 -38.61 -23.68 -36.63
N THR D 252 -38.84 -24.49 -35.59
CA THR D 252 -39.99 -24.36 -34.74
C THR D 252 -39.59 -23.77 -33.39
N SER D 253 -40.60 -23.28 -32.66
CA SER D 253 -40.35 -22.66 -31.36
C SER D 253 -39.89 -23.68 -30.33
N THR D 254 -40.29 -24.94 -30.48
CA THR D 254 -39.86 -25.97 -29.53
C THR D 254 -38.34 -26.12 -29.54
N GLN D 255 -37.74 -26.17 -30.73
CA GLN D 255 -36.29 -26.30 -30.82
C GLN D 255 -35.59 -25.05 -30.28
N VAL D 256 -36.16 -23.87 -30.54
CA VAL D 256 -35.58 -22.64 -30.00
C VAL D 256 -35.59 -22.67 -28.48
N GLU D 257 -36.71 -23.09 -27.88
CA GLU D 257 -36.79 -23.19 -26.43
C GLU D 257 -35.79 -24.22 -25.91
N GLU D 258 -35.65 -25.34 -26.61
CA GLU D 258 -34.69 -26.36 -26.18
C GLU D 258 -33.27 -25.83 -26.19
N LEU D 259 -32.90 -25.07 -27.23
CA LEU D 259 -31.56 -24.52 -27.31
C LEU D 259 -31.33 -23.40 -26.31
N ALA D 260 -32.40 -22.79 -25.80
CA ALA D 260 -32.28 -21.69 -24.84
C ALA D 260 -32.31 -22.16 -23.39
N GLY D 261 -32.44 -23.46 -23.14
CA GLY D 261 -32.47 -23.96 -21.79
C GLY D 261 -33.75 -23.71 -21.05
N VAL D 262 -34.85 -23.47 -21.75
CA VAL D 262 -36.15 -23.25 -21.13
C VAL D 262 -36.72 -24.59 -20.68
N VAL D 263 -37.21 -24.64 -19.44
CA VAL D 263 -37.74 -25.88 -18.90
C VAL D 263 -39.07 -26.21 -19.60
N PRO D 264 -39.30 -27.45 -20.03
CA PRO D 264 -40.58 -27.78 -20.65
C PRO D 264 -41.74 -27.57 -19.68
N HIS D 265 -42.91 -27.22 -20.24
CA HIS D 265 -44.07 -26.93 -19.41
C HIS D 265 -44.51 -28.14 -18.61
N ASP D 266 -44.22 -29.35 -19.09
CA ASP D 266 -44.56 -30.55 -18.32
C ASP D 266 -43.81 -30.60 -17.00
N ILE D 267 -42.51 -30.29 -17.04
CA ILE D 267 -41.72 -30.28 -15.81
C ILE D 267 -42.22 -29.19 -14.87
N LEU D 268 -42.60 -28.03 -15.44
CA LEU D 268 -43.07 -26.94 -14.60
C LEU D 268 -44.40 -27.29 -13.92
N ILE D 269 -45.33 -27.89 -14.65
CA ILE D 269 -46.59 -28.28 -14.03
C ILE D 269 -46.35 -29.39 -13.01
N GLU D 270 -45.40 -30.30 -13.26
CA GLU D 270 -45.06 -31.28 -12.25
C GLU D 270 -44.54 -30.61 -10.98
N ILE D 271 -43.68 -29.60 -11.15
CA ILE D 271 -43.11 -28.91 -9.99
C ILE D 271 -44.21 -28.21 -9.20
N VAL D 272 -45.12 -27.51 -9.88
CA VAL D 272 -46.16 -26.79 -9.17
C VAL D 272 -47.12 -27.76 -8.49
N GLU D 273 -47.38 -28.92 -9.12
CA GLU D 273 -48.21 -29.93 -8.47
C GLU D 273 -47.54 -30.46 -7.20
N LYS D 274 -46.23 -30.73 -7.27
CA LYS D 274 -45.54 -31.20 -6.08
C LYS D 274 -45.55 -30.15 -4.98
N VAL D 275 -45.41 -28.87 -5.35
CA VAL D 275 -45.50 -27.80 -4.37
C VAL D 275 -46.89 -27.75 -3.75
N LYS D 276 -47.92 -27.92 -4.58
CA LYS D 276 -49.29 -27.93 -4.08
C LYS D 276 -49.52 -29.08 -3.10
N SER D 277 -48.87 -30.22 -3.34
CA SER D 277 -48.99 -31.34 -2.42
C SER D 277 -48.56 -30.94 -1.01
N GLY D 278 -47.44 -30.22 -0.90
CA GLY D 278 -46.99 -29.69 0.37
C GLY D 278 -46.11 -30.60 1.20
N ASP D 279 -45.82 -31.81 0.72
CA ASP D 279 -44.98 -32.73 1.47
C ASP D 279 -43.51 -32.39 1.28
N PHE D 280 -42.79 -32.21 2.40
CA PHE D 280 -41.38 -31.82 2.32
C PHE D 280 -40.54 -32.90 1.67
N ASP D 281 -40.76 -34.17 2.03
CA ASP D 281 -39.92 -35.24 1.51
C ASP D 281 -40.09 -35.42 0.01
N GLU D 282 -41.34 -35.40 -0.47
CA GLU D 282 -41.57 -35.55 -1.90
C GLU D 282 -40.99 -34.40 -2.68
N ILE D 283 -41.13 -33.18 -2.17
CA ILE D 283 -40.55 -32.01 -2.83
C ILE D 283 -39.03 -32.13 -2.89
N LYS D 284 -38.42 -32.57 -1.79
CA LYS D 284 -36.98 -32.73 -1.76
C LYS D 284 -36.52 -33.77 -2.78
N LYS D 285 -37.22 -34.91 -2.84
CA LYS D 285 -36.85 -35.94 -3.80
C LYS D 285 -37.00 -35.44 -5.23
N TYR D 286 -38.09 -34.74 -5.52
CA TYR D 286 -38.30 -34.24 -6.88
C TYR D 286 -37.24 -33.22 -7.25
N VAL D 287 -36.86 -32.34 -6.32
CA VAL D 287 -35.84 -31.35 -6.62
C VAL D 287 -34.49 -32.04 -6.82
N ASN D 288 -34.21 -33.07 -6.04
CA ASN D 288 -32.96 -33.81 -6.23
C ASN D 288 -32.91 -34.43 -7.62
N THR D 289 -34.02 -35.03 -8.06
CA THR D 289 -34.05 -35.60 -9.41
C THR D 289 -33.95 -34.52 -10.47
N PHE D 290 -34.62 -33.38 -10.24
CA PHE D 290 -34.65 -32.31 -11.24
C PHE D 290 -33.27 -31.68 -11.42
N MET D 291 -32.53 -31.50 -10.33
CA MET D 291 -31.22 -30.85 -10.43
C MET D 291 -30.21 -31.65 -11.25
N LYS D 292 -30.47 -32.92 -11.50
CA LYS D 292 -29.56 -33.75 -12.29
C LYS D 292 -29.67 -33.49 -13.79
N SER D 293 -30.65 -32.69 -14.21
CA SER D 293 -30.80 -32.35 -15.63
C SER D 293 -30.00 -31.12 -16.04
N GLY D 294 -29.49 -30.34 -15.10
CA GLY D 294 -28.66 -29.20 -15.41
C GLY D 294 -29.41 -27.91 -15.66
N TRP D 295 -30.72 -27.87 -15.46
CA TRP D 295 -31.47 -26.63 -15.65
C TRP D 295 -30.92 -25.54 -14.74
N SER D 296 -30.80 -24.34 -15.29
CA SER D 296 -30.36 -23.20 -14.50
C SER D 296 -31.45 -22.76 -13.54
N ALA D 297 -31.06 -22.38 -12.32
CA ALA D 297 -32.04 -21.95 -11.34
C ALA D 297 -32.70 -20.64 -11.73
N ALA D 298 -31.99 -19.76 -12.43
CA ALA D 298 -32.58 -18.49 -12.84
C ALA D 298 -33.76 -18.71 -13.78
N SER D 299 -33.61 -19.62 -14.75
CA SER D 299 -34.71 -19.91 -15.66
C SER D 299 -35.90 -20.51 -14.91
N VAL D 300 -35.63 -21.42 -13.98
CA VAL D 300 -36.72 -22.02 -13.20
C VAL D 300 -37.47 -20.96 -12.41
N VAL D 301 -36.73 -20.05 -11.77
CA VAL D 301 -37.37 -19.01 -10.97
C VAL D 301 -38.19 -18.08 -11.87
N ASN D 302 -37.64 -17.71 -13.02
CA ASN D 302 -38.37 -16.85 -13.94
C ASN D 302 -39.66 -17.50 -14.42
N GLN D 303 -39.59 -18.79 -14.79
CA GLN D 303 -40.78 -19.49 -15.27
C GLN D 303 -41.81 -19.66 -14.15
N LEU D 304 -41.36 -19.93 -12.92
CA LEU D 304 -42.27 -20.03 -11.80
C LEU D 304 -42.96 -18.70 -11.54
N HIS D 305 -42.21 -17.61 -11.60
CA HIS D 305 -42.81 -16.29 -11.44
C HIS D 305 -43.87 -16.04 -12.51
N GLU D 306 -43.55 -16.36 -13.76
CA GLU D 306 -44.52 -16.18 -14.83
C GLU D 306 -45.77 -17.02 -14.60
N TYR D 307 -45.60 -18.28 -14.18
CA TYR D 307 -46.75 -19.15 -13.97
C TYR D 307 -47.62 -18.65 -12.83
N TYR D 308 -47.01 -18.19 -11.73
CA TYR D 308 -47.79 -17.88 -10.53
C TYR D 308 -48.41 -16.50 -10.61
N ILE D 309 -47.63 -15.48 -10.96
CA ILE D 309 -48.14 -14.11 -10.91
C ILE D 309 -49.27 -13.90 -11.89
N THR D 310 -49.25 -14.61 -13.03
CA THR D 310 -50.25 -14.45 -14.07
C THR D 310 -51.28 -15.57 -14.06
N ASN D 311 -51.66 -16.05 -12.88
CA ASN D 311 -52.66 -17.10 -12.73
C ASN D 311 -53.78 -16.59 -11.84
N ASP D 312 -55.03 -16.76 -12.31
CA ASP D 312 -56.18 -16.27 -11.58
C ASP D 312 -56.63 -17.21 -10.46
N ASN D 313 -56.02 -18.39 -10.35
CA ASN D 313 -56.42 -19.36 -9.35
C ASN D 313 -55.87 -19.05 -7.95
N PHE D 314 -55.04 -18.02 -7.81
CA PHE D 314 -54.45 -17.66 -6.54
C PHE D 314 -54.94 -16.28 -6.11
N ASP D 315 -55.04 -16.09 -4.79
CA ASP D 315 -55.60 -14.88 -4.23
C ASP D 315 -54.54 -13.77 -4.13
N THR D 316 -54.97 -12.60 -3.68
CA THR D 316 -54.07 -11.45 -3.62
C THR D 316 -52.95 -11.66 -2.61
N ASN D 317 -53.27 -12.22 -1.43
CA ASN D 317 -52.24 -12.41 -0.40
C ASN D 317 -51.19 -13.41 -0.86
N PHE D 318 -51.60 -14.48 -1.52
CA PHE D 318 -50.64 -15.47 -2.03
C PHE D 318 -49.67 -14.82 -2.99
N LYS D 319 -50.18 -13.99 -3.91
CA LYS D 319 -49.30 -13.30 -4.86
C LYS D 319 -48.40 -12.31 -4.14
N ASN D 320 -48.95 -11.60 -3.15
CA ASN D 320 -48.14 -10.65 -2.39
C ASN D 320 -46.94 -11.33 -1.74
N GLN D 321 -47.17 -12.51 -1.15
CA GLN D 321 -46.07 -13.22 -0.49
C GLN D 321 -45.12 -13.83 -1.50
N ILE D 322 -45.65 -14.43 -2.57
CA ILE D 322 -44.79 -15.12 -3.53
C ILE D 322 -43.92 -14.14 -4.28
N SER D 323 -44.40 -12.91 -4.51
CA SER D 323 -43.57 -11.91 -5.17
C SER D 323 -42.31 -11.63 -4.35
N TRP D 324 -42.47 -11.42 -3.05
CA TRP D 324 -41.31 -11.17 -2.19
C TRP D 324 -40.42 -12.40 -2.09
N LEU D 325 -41.01 -13.59 -2.02
CA LEU D 325 -40.19 -14.79 -1.97
C LEU D 325 -39.35 -14.93 -3.23
N LEU D 326 -39.95 -14.70 -4.40
CA LEU D 326 -39.21 -14.79 -5.66
C LEU D 326 -38.13 -13.73 -5.73
N PHE D 327 -38.43 -12.50 -5.27
CA PHE D 327 -37.42 -11.46 -5.27
C PHE D 327 -36.23 -11.84 -4.39
N THR D 328 -36.50 -12.37 -3.20
CA THR D 328 -35.42 -12.79 -2.30
C THR D 328 -34.59 -13.91 -2.93
N THR D 329 -35.25 -14.89 -3.53
CA THR D 329 -34.52 -16.00 -4.14
C THR D 329 -33.66 -15.52 -5.31
N ASP D 330 -34.20 -14.63 -6.15
CA ASP D 330 -33.43 -14.11 -7.26
C ASP D 330 -32.24 -13.31 -6.79
N SER D 331 -32.43 -12.47 -5.76
CA SER D 331 -31.32 -11.69 -5.22
C SER D 331 -30.24 -12.60 -4.67
N ARG D 332 -30.63 -13.66 -3.96
CA ARG D 332 -29.65 -14.59 -3.42
C ARG D 332 -28.91 -15.32 -4.54
N LEU D 333 -29.64 -15.74 -5.59
CA LEU D 333 -28.99 -16.43 -6.70
C LEU D 333 -28.03 -15.52 -7.45
N ASN D 334 -28.32 -14.21 -7.49
CA ASN D 334 -27.44 -13.27 -8.18
C ASN D 334 -26.07 -13.16 -7.52
N ASN D 335 -25.91 -13.68 -6.30
CA ASN D 335 -24.64 -13.62 -5.59
C ASN D 335 -23.83 -14.91 -5.73
N GLY D 336 -24.11 -15.72 -6.75
CA GLY D 336 -23.35 -16.92 -6.99
C GLY D 336 -23.50 -17.98 -5.91
N THR D 337 -24.72 -18.22 -5.45
CA THR D 337 -24.98 -19.20 -4.41
C THR D 337 -25.36 -20.54 -5.01
N ASN D 338 -25.29 -21.59 -4.18
CA ASN D 338 -25.66 -22.92 -4.62
C ASN D 338 -27.11 -22.94 -5.09
N GLU D 339 -27.34 -23.52 -6.27
CA GLU D 339 -28.68 -23.49 -6.86
C GLU D 339 -29.61 -24.50 -6.20
N HIS D 340 -29.09 -25.67 -5.83
CA HIS D 340 -29.92 -26.71 -5.24
C HIS D 340 -30.59 -26.23 -3.96
N ILE D 341 -29.80 -25.69 -3.03
CA ILE D 341 -30.33 -25.26 -1.74
C ILE D 341 -31.34 -24.14 -1.92
N GLN D 342 -31.00 -23.15 -2.77
CA GLN D 342 -31.91 -22.02 -2.97
C GLN D 342 -33.22 -22.46 -3.58
N LEU D 343 -33.17 -23.34 -4.58
CA LEU D 343 -34.39 -23.81 -5.21
C LEU D 343 -35.24 -24.61 -4.22
N LEU D 344 -34.61 -25.47 -3.43
CA LEU D 344 -35.37 -26.25 -2.46
C LEU D 344 -36.02 -25.34 -1.42
N ASN D 345 -35.29 -24.33 -0.93
CA ASN D 345 -35.85 -23.41 0.04
C ASN D 345 -37.03 -22.65 -0.54
N LEU D 346 -36.89 -22.15 -1.77
CA LEU D 346 -37.96 -21.41 -2.40
C LEU D 346 -39.21 -22.28 -2.57
N LEU D 347 -39.02 -23.52 -3.05
CA LEU D 347 -40.16 -24.39 -3.27
C LEU D 347 -40.84 -24.74 -1.95
N VAL D 348 -40.08 -25.00 -0.90
CA VAL D 348 -40.67 -25.32 0.39
C VAL D 348 -41.47 -24.13 0.91
N LYS D 349 -40.89 -22.92 0.82
CA LYS D 349 -41.58 -21.74 1.31
C LYS D 349 -42.87 -21.49 0.53
N ILE D 350 -42.83 -21.68 -0.79
CA ILE D 350 -44.05 -21.53 -1.58
C ILE D 350 -45.09 -22.57 -1.17
N SER D 351 -44.65 -23.81 -0.94
CA SER D 351 -45.58 -24.85 -0.54
C SER D 351 -46.22 -24.54 0.81
N GLN D 352 -45.53 -23.82 1.67
CA GLN D 352 -46.07 -23.47 2.98
C GLN D 352 -46.85 -22.15 2.97
N LEU D 353 -47.03 -21.54 1.81
CA LEU D 353 -47.81 -20.30 1.72
C LEU D 353 -49.30 -20.59 1.93
N SER E 2 -3.22 -47.69 -14.93
CA SER E 2 -4.22 -46.68 -15.25
C SER E 2 -5.60 -47.10 -14.74
N LEU E 3 -6.28 -46.18 -14.08
CA LEU E 3 -7.61 -46.47 -13.54
C LEU E 3 -8.61 -46.66 -14.68
N TRP E 4 -9.65 -47.45 -14.40
CA TRP E 4 -10.68 -47.70 -15.41
C TRP E 4 -11.41 -46.42 -15.80
N VAL E 5 -11.49 -45.45 -14.88
CA VAL E 5 -12.19 -44.21 -15.16
C VAL E 5 -11.50 -43.48 -16.31
N ASP E 6 -10.17 -43.53 -16.36
CA ASP E 6 -9.41 -42.84 -17.40
C ASP E 6 -9.03 -43.73 -18.58
N LYS E 7 -8.99 -45.05 -18.38
CA LYS E 7 -8.53 -45.96 -19.43
C LYS E 7 -9.59 -46.24 -20.48
N TYR E 8 -10.85 -45.92 -20.22
CA TYR E 8 -11.94 -46.15 -21.16
C TYR E 8 -12.67 -44.85 -21.52
N ARG E 9 -12.08 -43.71 -21.24
CA ARG E 9 -12.72 -42.45 -21.59
C ARG E 9 -12.80 -42.32 -23.11
N PRO E 10 -13.98 -42.01 -23.68
CA PRO E 10 -14.07 -41.85 -25.13
C PRO E 10 -13.23 -40.68 -25.62
N LYS E 11 -12.72 -40.80 -26.85
CA LYS E 11 -11.85 -39.79 -27.43
C LYS E 11 -12.42 -39.20 -28.71
N SER E 12 -13.68 -39.45 -29.03
CA SER E 12 -14.28 -38.89 -30.24
C SER E 12 -15.78 -38.71 -30.00
N LEU E 13 -16.38 -37.83 -30.80
CA LEU E 13 -17.81 -37.58 -30.68
C LEU E 13 -18.62 -38.84 -30.98
N ASN E 14 -18.08 -39.73 -31.80
CA ASN E 14 -18.75 -41.00 -32.09
C ASN E 14 -18.65 -41.99 -30.94
N ALA E 15 -17.72 -41.79 -30.01
CA ALA E 15 -17.54 -42.69 -28.88
C ALA E 15 -18.43 -42.34 -27.68
N LEU E 16 -19.10 -41.20 -27.71
CA LEU E 16 -20.00 -40.84 -26.63
C LEU E 16 -21.16 -41.84 -26.56
N SER E 17 -21.60 -42.12 -25.33
CA SER E 17 -22.59 -43.18 -25.10
C SER E 17 -23.73 -42.73 -24.19
N HIS E 18 -23.99 -41.43 -24.08
CA HIS E 18 -25.16 -40.97 -23.34
C HIS E 18 -25.48 -39.55 -23.78
N ASN E 19 -26.76 -39.19 -23.66
CA ASN E 19 -27.27 -37.90 -24.12
C ASN E 19 -26.97 -37.69 -25.61
N GLU E 20 -27.57 -38.57 -26.42
CA GLU E 20 -27.36 -38.52 -27.85
C GLU E 20 -27.79 -37.18 -28.45
N GLU E 21 -28.78 -36.51 -27.85
CA GLU E 21 -29.18 -35.20 -28.37
C GLU E 21 -28.05 -34.20 -28.27
N LEU E 22 -27.34 -34.19 -27.14
CA LEU E 22 -26.18 -33.30 -27.01
C LEU E 22 -25.11 -33.67 -28.02
N THR E 23 -24.92 -34.98 -28.27
CA THR E 23 -23.93 -35.39 -29.26
C THR E 23 -24.29 -34.88 -30.65
N ASN E 24 -25.57 -34.96 -31.02
CA ASN E 24 -26.00 -34.44 -32.32
C ASN E 24 -25.82 -32.92 -32.39
N PHE E 25 -26.13 -32.22 -31.30
CA PHE E 25 -25.93 -30.77 -31.28
C PHE E 25 -24.46 -30.42 -31.45
N LEU E 26 -23.57 -31.14 -30.78
CA LEU E 26 -22.14 -30.89 -30.92
C LEU E 26 -21.67 -31.20 -32.34
N LYS E 27 -22.18 -32.27 -32.94
CA LYS E 27 -21.83 -32.58 -34.32
C LYS E 27 -22.27 -31.46 -35.26
N SER E 28 -23.48 -30.94 -35.05
CA SER E 28 -23.95 -29.81 -35.86
C SER E 28 -23.04 -28.61 -35.68
N LEU E 29 -22.62 -28.33 -34.44
CA LEU E 29 -21.70 -27.22 -34.22
C LEU E 29 -20.38 -27.44 -34.95
N SER E 30 -19.87 -28.67 -34.92
CA SER E 30 -18.59 -28.98 -35.54
C SER E 30 -18.66 -29.13 -37.05
N ASP E 31 -19.87 -29.19 -37.63
CA ASP E 31 -19.99 -29.34 -39.07
C ASP E 31 -19.38 -28.16 -39.81
N GLN E 32 -19.63 -26.94 -39.34
CA GLN E 32 -19.09 -25.72 -39.94
C GLN E 32 -18.43 -24.92 -38.81
N PRO E 33 -17.22 -25.32 -38.41
CA PRO E 33 -16.61 -24.71 -37.21
C PRO E 33 -15.94 -23.36 -37.45
N ARG E 34 -15.92 -22.86 -38.70
CA ARG E 34 -15.22 -21.62 -38.96
C ARG E 34 -15.90 -20.42 -38.31
N ASP E 35 -17.22 -20.50 -38.10
CA ASP E 35 -17.99 -19.43 -37.47
C ASP E 35 -18.49 -19.84 -36.09
N LEU E 36 -17.82 -20.80 -35.46
CA LEU E 36 -18.26 -21.27 -34.15
C LEU E 36 -18.14 -20.14 -33.12
N PRO E 37 -19.22 -19.80 -32.41
CA PRO E 37 -19.10 -18.78 -31.35
C PRO E 37 -18.45 -19.35 -30.10
N HIS E 38 -18.22 -18.46 -29.14
CA HIS E 38 -17.68 -18.88 -27.85
C HIS E 38 -18.69 -19.76 -27.13
N LEU E 39 -18.19 -20.77 -26.44
CA LEU E 39 -19.04 -21.79 -25.83
C LEU E 39 -18.91 -21.76 -24.32
N LEU E 40 -20.01 -22.09 -23.64
CA LEU E 40 -20.04 -22.19 -22.18
C LEU E 40 -20.84 -23.45 -21.84
N LEU E 41 -20.14 -24.49 -21.42
CA LEU E 41 -20.76 -25.77 -21.10
C LEU E 41 -21.02 -25.84 -19.60
N TYR E 42 -22.29 -25.98 -19.22
CA TYR E 42 -22.69 -26.04 -17.82
C TYR E 42 -23.52 -27.28 -17.55
N GLY E 43 -23.31 -27.87 -16.38
CA GLY E 43 -24.03 -29.06 -15.97
C GLY E 43 -23.48 -29.64 -14.68
N PRO E 44 -24.08 -30.73 -14.21
CA PRO E 44 -23.60 -31.34 -12.96
C PRO E 44 -22.17 -31.88 -13.12
N ASN E 45 -21.53 -32.10 -11.98
CA ASN E 45 -20.16 -32.59 -11.97
C ASN E 45 -20.09 -34.06 -12.34
N GLY E 46 -19.03 -34.43 -13.03
CA GLY E 46 -18.81 -35.81 -13.40
C GLY E 46 -19.68 -36.34 -14.52
N THR E 47 -20.44 -35.46 -15.20
CA THR E 47 -21.31 -35.90 -16.27
C THR E 47 -20.55 -36.21 -17.55
N GLY E 48 -19.45 -35.52 -17.81
CA GLY E 48 -18.69 -35.72 -19.04
C GLY E 48 -18.53 -34.45 -19.85
N LYS E 49 -18.55 -33.30 -19.18
CA LYS E 49 -18.43 -32.03 -19.90
C LYS E 49 -17.06 -31.87 -20.55
N LYS E 50 -16.00 -32.14 -19.79
CA LYS E 50 -14.65 -32.02 -20.35
C LYS E 50 -14.43 -33.03 -21.47
N THR E 51 -14.96 -34.24 -21.31
CA THR E 51 -14.86 -35.22 -22.38
C THR E 51 -15.54 -34.72 -23.64
N ARG E 52 -16.71 -34.11 -23.51
CA ARG E 52 -17.41 -33.58 -24.68
C ARG E 52 -16.65 -32.42 -25.30
N CYS E 53 -16.04 -31.57 -24.47
CA CYS E 53 -15.24 -30.47 -25.01
C CYS E 53 -14.06 -31.01 -25.81
N MET E 54 -13.36 -32.01 -25.28
CA MET E 54 -12.24 -32.59 -25.99
C MET E 54 -12.71 -33.27 -27.28
N ALA E 55 -13.85 -33.94 -27.24
CA ALA E 55 -14.38 -34.56 -28.45
C ALA E 55 -14.73 -33.52 -29.50
N LEU E 56 -15.32 -32.40 -29.08
CA LEU E 56 -15.63 -31.34 -30.03
C LEU E 56 -14.37 -30.76 -30.64
N LEU E 57 -13.33 -30.56 -29.82
CA LEU E 57 -12.06 -30.06 -30.36
C LEU E 57 -11.47 -31.06 -31.35
N GLU E 58 -11.53 -32.36 -31.03
CA GLU E 58 -11.01 -33.37 -31.93
C GLU E 58 -11.81 -33.40 -33.24
N SER E 59 -13.11 -33.12 -33.16
CA SER E 59 -13.91 -33.03 -34.38
C SER E 59 -13.53 -31.81 -35.21
N ILE E 60 -13.27 -30.68 -34.55
CA ILE E 60 -12.90 -29.46 -35.26
C ILE E 60 -11.52 -29.61 -35.88
N PHE E 61 -10.51 -29.85 -35.05
CA PHE E 61 -9.15 -30.08 -35.50
C PHE E 61 -8.95 -31.58 -35.72
N GLY E 62 -7.70 -32.00 -35.84
CA GLY E 62 -7.40 -33.40 -36.01
C GLY E 62 -7.27 -34.10 -34.68
N PRO E 63 -7.10 -35.43 -34.74
CA PRO E 63 -6.82 -36.22 -33.53
C PRO E 63 -5.68 -35.69 -32.66
N GLY E 64 -4.90 -34.75 -33.18
CA GLY E 64 -3.73 -34.25 -32.47
C GLY E 64 -4.03 -33.38 -31.28
N VAL E 65 -5.30 -33.12 -30.97
CA VAL E 65 -5.63 -32.32 -29.79
C VAL E 65 -5.30 -33.05 -28.50
N TYR E 66 -5.11 -34.37 -28.56
CA TYR E 66 -4.88 -35.17 -27.36
C TYR E 66 -3.41 -35.28 -26.99
N ARG E 67 -2.49 -34.73 -27.79
CA ARG E 67 -1.07 -34.71 -27.45
C ARG E 67 -0.80 -33.46 -26.61
N LEU E 68 -1.03 -33.61 -25.31
CA LEU E 68 -0.94 -32.49 -24.38
C LEU E 68 0.44 -32.45 -23.72
N LYS E 69 0.91 -31.23 -23.46
CA LYS E 69 2.16 -31.01 -22.76
C LYS E 69 1.97 -29.90 -21.75
N ILE E 70 2.62 -30.02 -20.59
CA ILE E 70 2.49 -29.07 -19.50
C ILE E 70 3.71 -28.17 -19.47
N ASP E 71 3.48 -26.86 -19.39
CA ASP E 71 4.55 -25.88 -19.32
C ASP E 71 4.26 -24.91 -18.18
N VAL E 72 5.27 -24.12 -17.82
CA VAL E 72 5.19 -23.18 -16.71
C VAL E 72 5.32 -21.76 -17.27
N ARG E 73 4.38 -20.90 -16.91
CA ARG E 73 4.39 -19.50 -17.30
C ARG E 73 4.58 -18.63 -16.07
N GLN E 74 5.42 -17.61 -16.19
CA GLN E 74 5.77 -16.74 -15.08
C GLN E 74 5.01 -15.42 -15.20
N PHE E 75 4.59 -14.88 -14.06
CA PHE E 75 3.89 -13.61 -14.00
C PHE E 75 4.45 -12.79 -12.84
N VAL E 76 4.35 -11.47 -12.99
CA VAL E 76 4.83 -10.53 -11.98
C VAL E 76 3.68 -9.60 -11.61
N THR E 77 3.43 -9.45 -10.32
CA THR E 77 2.39 -8.56 -9.83
C THR E 77 2.95 -7.15 -9.65
N ALA E 78 2.06 -6.23 -9.29
CA ALA E 78 2.48 -4.84 -9.07
C ALA E 78 3.46 -4.71 -7.91
N SER E 79 3.47 -5.69 -7.00
CA SER E 79 4.37 -5.69 -5.86
C SER E 79 5.66 -6.45 -6.13
N ASN E 80 5.87 -6.92 -7.36
CA ASN E 80 7.03 -7.68 -7.81
C ASN E 80 6.94 -9.15 -7.37
N ARG E 81 5.87 -9.56 -6.70
CA ARG E 81 5.74 -10.95 -6.30
C ARG E 81 5.66 -11.84 -7.54
N LYS E 82 6.42 -12.93 -7.52
CA LYS E 82 6.46 -13.85 -8.65
C LYS E 82 5.37 -14.90 -8.52
N LEU E 83 4.70 -15.20 -9.63
CA LEU E 83 3.64 -16.18 -9.67
C LEU E 83 3.87 -17.13 -10.84
N GLU E 84 3.43 -18.38 -10.67
CA GLU E 84 3.62 -19.42 -11.67
C GLU E 84 2.29 -20.05 -12.01
N LEU E 85 2.07 -20.29 -13.30
CA LEU E 85 0.86 -20.94 -13.79
C LEU E 85 1.25 -22.14 -14.64
N ASN E 86 0.64 -23.29 -14.36
CA ASN E 86 0.87 -24.50 -15.14
C ASN E 86 -0.18 -24.54 -16.26
N VAL E 87 0.29 -24.45 -17.50
CA VAL E 87 -0.58 -24.41 -18.66
C VAL E 87 -0.43 -25.71 -19.44
N VAL E 88 -1.57 -26.34 -19.73
CA VAL E 88 -1.62 -27.50 -20.61
C VAL E 88 -1.88 -27.02 -22.03
N SER E 89 -1.05 -27.44 -22.96
CA SER E 89 -1.13 -26.96 -24.34
C SER E 89 -1.02 -28.12 -25.31
N SER E 90 -1.58 -27.91 -26.49
CA SER E 90 -1.54 -28.85 -27.60
C SER E 90 -1.21 -28.07 -28.85
N PRO E 91 -0.78 -28.75 -29.92
CA PRO E 91 -0.49 -28.03 -31.17
C PRO E 91 -1.68 -27.24 -31.70
N TYR E 92 -2.90 -27.53 -31.24
CA TYR E 92 -4.10 -26.88 -31.75
C TYR E 92 -4.84 -26.06 -30.71
N HIS E 93 -4.76 -26.39 -29.42
CA HIS E 93 -5.55 -25.72 -28.40
C HIS E 93 -4.68 -25.49 -27.17
N LEU E 94 -5.21 -24.66 -26.28
CA LEU E 94 -4.54 -24.29 -25.03
C LEU E 94 -5.54 -24.39 -23.89
N GLU E 95 -5.04 -24.63 -22.68
CA GLU E 95 -5.88 -24.79 -21.49
C GLU E 95 -5.31 -23.96 -20.35
N ILE E 96 -6.20 -23.33 -19.59
CA ILE E 96 -5.79 -22.53 -18.44
C ILE E 96 -6.81 -22.69 -17.31
N THR E 97 -6.32 -22.58 -16.08
CA THR E 97 -7.14 -22.60 -14.87
C THR E 97 -6.74 -21.41 -14.01
N PRO E 98 -7.13 -20.19 -14.41
CA PRO E 98 -6.63 -19.00 -13.69
C PRO E 98 -7.00 -18.99 -12.22
N SER E 99 -8.12 -19.62 -11.84
CA SER E 99 -8.53 -19.61 -10.44
C SER E 99 -7.43 -20.17 -9.52
N ASP E 100 -6.47 -20.90 -10.08
CA ASP E 100 -5.38 -21.45 -9.27
C ASP E 100 -4.58 -20.36 -8.58
N MET E 101 -4.60 -19.13 -9.12
CA MET E 101 -3.90 -18.01 -8.51
C MET E 101 -4.82 -17.09 -7.72
N GLY E 102 -6.03 -17.55 -7.41
CA GLY E 102 -6.92 -16.76 -6.58
C GLY E 102 -7.17 -15.40 -7.19
N ASN E 103 -7.05 -14.36 -6.36
CA ASN E 103 -7.35 -13.00 -6.81
C ASN E 103 -6.40 -12.55 -7.91
N ASN E 104 -5.27 -13.24 -8.12
CA ASN E 104 -4.35 -12.88 -9.17
C ASN E 104 -4.77 -13.42 -10.54
N ASP E 105 -5.85 -14.20 -10.61
CA ASP E 105 -6.28 -14.75 -11.88
C ASP E 105 -6.48 -13.67 -12.93
N ARG E 106 -6.87 -12.46 -12.50
CA ARG E 106 -7.06 -11.36 -13.43
C ARG E 106 -5.84 -11.19 -14.32
N ILE E 107 -4.65 -11.29 -13.74
CA ILE E 107 -3.43 -11.07 -14.52
C ILE E 107 -3.40 -11.97 -15.73
N VAL E 108 -3.76 -13.25 -15.55
CA VAL E 108 -3.81 -14.18 -16.68
C VAL E 108 -4.63 -13.56 -17.81
N ILE E 109 -5.88 -13.19 -17.51
CA ILE E 109 -6.77 -12.69 -18.55
C ILE E 109 -6.20 -11.46 -19.22
N GLN E 110 -5.33 -10.72 -18.54
CA GLN E 110 -4.74 -9.52 -19.10
C GLN E 110 -3.38 -9.76 -19.73
N GLU E 111 -2.71 -10.86 -19.39
CA GLU E 111 -1.36 -11.12 -19.90
C GLU E 111 -1.29 -12.34 -20.79
N LEU E 112 -1.75 -13.51 -20.32
CA LEU E 112 -1.64 -14.72 -21.12
C LEU E 112 -2.61 -14.69 -22.30
N LEU E 113 -3.91 -14.56 -22.01
CA LEU E 113 -4.91 -14.65 -23.07
C LEU E 113 -4.67 -13.60 -24.14
N LYS E 114 -4.47 -12.35 -23.74
CA LYS E 114 -4.23 -11.29 -24.71
C LYS E 114 -2.97 -11.57 -25.53
N GLU E 115 -2.00 -12.27 -24.96
CA GLU E 115 -0.82 -12.64 -25.72
C GLU E 115 -1.16 -13.67 -26.79
N VAL E 116 -2.07 -14.60 -26.48
CA VAL E 116 -2.41 -15.65 -27.42
C VAL E 116 -3.22 -15.08 -28.58
N ALA E 117 -4.16 -14.17 -28.30
CA ALA E 117 -5.09 -13.72 -29.31
C ALA E 117 -4.54 -12.59 -30.17
N GLN E 118 -3.64 -11.77 -29.62
CA GLN E 118 -3.13 -10.61 -30.33
C GLN E 118 -2.00 -10.93 -31.30
N MET E 119 -1.53 -12.17 -31.35
CA MET E 119 -0.44 -12.56 -32.22
C MET E 119 -0.78 -13.86 -32.94
N GLU E 120 -0.26 -13.99 -34.17
CA GLU E 120 -0.40 -15.22 -34.91
C GLU E 120 0.61 -16.26 -34.41
N GLN E 121 0.39 -17.51 -34.78
CA GLN E 121 1.18 -18.63 -34.29
C GLN E 121 1.82 -19.36 -35.47
N VAL E 122 3.06 -19.81 -35.27
CA VAL E 122 3.77 -20.55 -36.30
C VAL E 122 3.25 -21.99 -36.33
N ASP E 123 2.84 -22.45 -37.50
CA ASP E 123 2.35 -23.81 -37.69
C ASP E 123 3.13 -24.41 -38.86
N PHE E 124 4.13 -25.23 -38.54
CA PHE E 124 4.97 -25.85 -39.55
C PHE E 124 4.49 -27.25 -39.93
N GLN E 125 3.35 -27.67 -39.41
CA GLN E 125 2.73 -28.95 -39.77
C GLN E 125 1.38 -28.67 -40.42
N ASP E 126 1.02 -29.51 -41.39
CA ASP E 126 -0.23 -29.39 -42.16
C ASP E 126 -0.40 -28.01 -42.78
N SER E 127 0.69 -27.26 -42.94
CA SER E 127 0.67 -25.94 -43.54
C SER E 127 1.81 -25.81 -44.53
N LYS E 128 1.59 -25.00 -45.57
CA LYS E 128 2.59 -24.78 -46.61
C LYS E 128 3.40 -23.50 -46.40
N ASP E 129 2.75 -22.41 -45.98
CA ASP E 129 3.46 -21.16 -45.74
C ASP E 129 4.22 -21.18 -44.41
N GLY E 130 3.69 -21.88 -43.42
CA GLY E 130 4.29 -21.94 -42.10
C GLY E 130 3.54 -21.16 -41.03
N LEU E 131 2.49 -20.43 -41.40
CA LEU E 131 1.69 -19.67 -40.46
C LEU E 131 0.30 -20.28 -40.36
N ALA E 132 -0.19 -20.41 -39.13
CA ALA E 132 -1.48 -21.03 -38.90
C ALA E 132 -2.59 -20.23 -39.58
N HIS E 133 -3.48 -20.93 -40.28
CA HIS E 133 -4.65 -20.35 -40.92
C HIS E 133 -5.92 -20.71 -40.16
N ARG E 134 -5.83 -20.78 -38.84
CA ARG E 134 -6.92 -21.21 -38.00
C ARG E 134 -6.91 -20.40 -36.70
N TYR E 135 -8.06 -20.37 -36.03
CA TYR E 135 -8.15 -19.74 -34.73
C TYR E 135 -7.66 -20.69 -33.65
N LYS E 136 -7.21 -20.11 -32.53
CA LYS E 136 -6.72 -20.87 -31.40
C LYS E 136 -7.86 -21.03 -30.38
N CYS E 137 -8.06 -22.25 -29.90
CA CYS E 137 -9.11 -22.56 -28.95
C CYS E 137 -8.51 -22.62 -27.55
N VAL E 138 -9.01 -21.77 -26.66
CA VAL E 138 -8.55 -21.71 -25.27
C VAL E 138 -9.67 -22.22 -24.38
N ILE E 139 -9.35 -23.15 -23.50
CA ILE E 139 -10.31 -23.78 -22.59
C ILE E 139 -10.02 -23.27 -21.18
N ILE E 140 -11.00 -22.62 -20.58
CA ILE E 140 -10.92 -22.12 -19.21
C ILE E 140 -11.73 -23.07 -18.34
N ASN E 141 -11.06 -23.80 -17.47
CA ASN E 141 -11.71 -24.73 -16.55
C ASN E 141 -12.10 -24.00 -15.27
N GLU E 142 -13.15 -24.50 -14.62
CA GLU E 142 -13.66 -23.90 -13.40
C GLU E 142 -13.94 -22.41 -13.59
N ALA E 143 -14.55 -22.08 -14.73
CA ALA E 143 -14.83 -20.69 -15.05
C ALA E 143 -15.68 -20.02 -13.98
N ASN E 144 -16.50 -20.80 -13.27
CA ASN E 144 -17.33 -20.24 -12.21
C ASN E 144 -16.53 -19.80 -11.00
N SER E 145 -15.26 -20.19 -10.89
CA SER E 145 -14.41 -19.79 -9.79
C SER E 145 -13.67 -18.49 -10.06
N LEU E 146 -13.78 -17.92 -11.25
CA LEU E 146 -13.06 -16.71 -11.59
C LEU E 146 -13.65 -15.51 -10.83
N THR E 147 -12.76 -14.57 -10.49
CA THR E 147 -13.21 -13.35 -9.85
C THR E 147 -13.98 -12.48 -10.84
N LYS E 148 -14.80 -11.57 -10.30
CA LYS E 148 -15.64 -10.75 -11.15
C LYS E 148 -14.81 -9.87 -12.08
N ASP E 149 -13.73 -9.29 -11.57
CA ASP E 149 -12.86 -8.47 -12.42
C ASP E 149 -12.16 -9.33 -13.46
N ALA E 150 -11.77 -10.56 -13.10
CA ALA E 150 -11.19 -11.46 -14.09
C ALA E 150 -12.17 -11.74 -15.22
N GLN E 151 -13.44 -11.98 -14.87
CA GLN E 151 -14.45 -12.18 -15.91
C GLN E 151 -14.64 -10.92 -16.75
N ALA E 152 -14.66 -9.75 -16.11
CA ALA E 152 -14.82 -8.50 -16.84
C ALA E 152 -13.67 -8.28 -17.81
N ALA E 153 -12.48 -8.77 -17.48
CA ALA E 153 -11.34 -8.65 -18.37
C ALA E 153 -11.48 -9.46 -19.66
N LEU E 154 -12.46 -10.38 -19.72
CA LEU E 154 -12.65 -11.22 -20.88
C LEU E 154 -13.56 -10.62 -21.95
N ARG E 155 -14.33 -9.59 -21.60
CA ARG E 155 -15.40 -9.12 -22.47
C ARG E 155 -14.85 -8.62 -23.80
N ARG E 156 -14.05 -7.54 -23.75
CA ARG E 156 -13.51 -6.98 -24.98
C ARG E 156 -12.50 -7.90 -25.64
N THR E 157 -11.85 -8.78 -24.87
CA THR E 157 -10.95 -9.76 -25.46
C THR E 157 -11.73 -10.69 -26.39
N MET E 158 -12.90 -11.15 -25.95
CA MET E 158 -13.74 -11.98 -26.82
C MET E 158 -14.33 -11.17 -27.95
N GLU E 159 -14.71 -9.91 -27.70
CA GLU E 159 -15.40 -9.12 -28.70
C GLU E 159 -14.48 -8.50 -29.74
N LYS E 160 -13.16 -8.52 -29.53
CA LYS E 160 -12.22 -7.88 -30.44
C LYS E 160 -11.38 -8.86 -31.24
N TYR E 161 -10.87 -9.93 -30.61
CA TYR E 161 -9.97 -10.86 -31.26
C TYR E 161 -10.65 -12.19 -31.59
N SER E 162 -11.97 -12.15 -31.82
CA SER E 162 -12.70 -13.37 -32.14
C SER E 162 -12.19 -14.04 -33.40
N LYS E 163 -11.53 -13.29 -34.28
CA LYS E 163 -11.01 -13.86 -35.51
C LYS E 163 -9.84 -14.80 -35.28
N ASN E 164 -9.19 -14.74 -34.11
CA ASN E 164 -8.04 -15.55 -33.80
C ASN E 164 -8.20 -16.44 -32.58
N ILE E 165 -9.03 -16.06 -31.62
CA ILE E 165 -9.19 -16.80 -30.37
C ILE E 165 -10.66 -17.14 -30.18
N ARG E 166 -10.93 -18.39 -29.83
CA ARG E 166 -12.27 -18.85 -29.48
C ARG E 166 -12.19 -19.54 -28.12
N LEU E 167 -13.12 -19.20 -27.22
CA LEU E 167 -13.08 -19.66 -25.85
C LEU E 167 -14.16 -20.70 -25.60
N ILE E 168 -13.77 -21.81 -24.99
CA ILE E 168 -14.70 -22.84 -24.54
C ILE E 168 -14.56 -22.91 -23.03
N MET E 169 -15.49 -22.29 -22.30
CA MET E 169 -15.49 -22.30 -20.85
C MET E 169 -16.35 -23.45 -20.35
N VAL E 170 -15.93 -24.05 -19.24
CA VAL E 170 -16.65 -25.16 -18.62
C VAL E 170 -16.92 -24.78 -17.16
N CYS E 171 -18.17 -24.90 -16.75
CA CYS E 171 -18.54 -24.57 -15.37
C CYS E 171 -19.59 -25.56 -14.87
N ASP E 172 -19.66 -25.69 -13.55
CA ASP E 172 -20.68 -26.51 -12.92
C ASP E 172 -21.95 -25.73 -12.61
N SER E 173 -21.83 -24.45 -12.28
CA SER E 173 -22.95 -23.58 -12.03
C SER E 173 -22.75 -22.26 -12.78
N MET E 174 -23.85 -21.67 -13.24
CA MET E 174 -23.80 -20.45 -14.00
C MET E 174 -24.10 -19.20 -13.17
N SER E 175 -24.59 -19.36 -11.94
CA SER E 175 -24.89 -18.20 -11.12
C SER E 175 -23.66 -17.32 -10.87
N PRO E 176 -22.47 -17.85 -10.59
CA PRO E 176 -21.32 -16.97 -10.38
C PRO E 176 -20.92 -16.20 -11.63
N ILE E 177 -21.25 -16.70 -12.82
CA ILE E 177 -20.88 -16.01 -14.06
C ILE E 177 -21.71 -14.74 -14.20
N ILE E 178 -21.04 -13.65 -14.57
CA ILE E 178 -21.73 -12.37 -14.71
C ILE E 178 -22.54 -12.36 -16.00
N ALA E 179 -23.55 -11.49 -16.04
CA ALA E 179 -24.46 -11.46 -17.17
C ALA E 179 -23.75 -11.17 -18.50
N PRO E 180 -22.82 -10.23 -18.60
CA PRO E 180 -22.18 -9.98 -19.90
C PRO E 180 -21.49 -11.21 -20.47
N ILE E 181 -20.79 -11.98 -19.64
CA ILE E 181 -20.09 -13.16 -20.13
C ILE E 181 -21.08 -14.21 -20.61
N LYS E 182 -22.16 -14.43 -19.85
CA LYS E 182 -23.19 -15.35 -20.30
C LYS E 182 -23.82 -14.88 -21.60
N SER E 183 -23.91 -13.56 -21.80
CA SER E 183 -24.47 -13.04 -23.04
C SER E 183 -23.50 -13.20 -24.20
N ARG E 184 -22.20 -13.26 -23.93
CA ARG E 184 -21.19 -13.37 -24.97
C ARG E 184 -20.89 -14.80 -25.40
N CYS E 185 -21.58 -15.78 -24.84
CA CYS E 185 -21.27 -17.19 -25.09
C CYS E 185 -22.53 -17.94 -25.50
N LEU E 186 -22.31 -19.05 -26.21
CA LEU E 186 -23.36 -20.01 -26.50
C LEU E 186 -23.45 -21.00 -25.36
N LEU E 187 -24.59 -21.02 -24.67
CA LEU E 187 -24.75 -21.86 -23.49
C LEU E 187 -25.17 -23.26 -23.89
N ILE E 188 -24.46 -24.26 -23.38
CA ILE E 188 -24.73 -25.66 -23.66
C ILE E 188 -24.99 -26.37 -22.34
N ARG E 189 -26.21 -26.86 -22.16
CA ARG E 189 -26.57 -27.64 -20.98
C ARG E 189 -26.15 -29.10 -21.18
N CYS E 190 -25.50 -29.67 -20.17
CA CYS E 190 -25.01 -31.05 -20.23
C CYS E 190 -25.73 -31.86 -19.16
N PRO E 191 -26.83 -32.52 -19.50
CA PRO E 191 -27.55 -33.31 -18.49
C PRO E 191 -26.71 -34.47 -17.99
N ALA E 192 -26.96 -34.86 -16.75
CA ALA E 192 -26.28 -36.01 -16.18
C ALA E 192 -26.78 -37.30 -16.83
N PRO E 193 -25.93 -38.32 -16.92
CA PRO E 193 -26.39 -39.59 -17.51
C PRO E 193 -27.45 -40.25 -16.64
N SER E 194 -28.35 -40.98 -17.31
CA SER E 194 -29.38 -41.71 -16.60
C SER E 194 -28.79 -42.98 -15.98
N ASP E 195 -29.59 -43.61 -15.11
CA ASP E 195 -29.12 -44.82 -14.44
C ASP E 195 -28.87 -45.94 -15.44
N SER E 196 -29.71 -46.07 -16.46
CA SER E 196 -29.52 -47.12 -17.45
C SER E 196 -28.20 -46.93 -18.20
N GLU E 197 -27.88 -45.70 -18.59
CA GLU E 197 -26.63 -45.45 -19.31
C GLU E 197 -25.42 -45.70 -18.43
N ILE E 198 -25.49 -45.30 -17.15
CA ILE E 198 -24.40 -45.58 -16.23
C ILE E 198 -24.22 -47.08 -16.08
N SER E 199 -25.33 -47.82 -15.96
CA SER E 199 -25.25 -49.26 -15.83
C SER E 199 -24.63 -49.90 -17.06
N THR E 200 -25.00 -49.41 -18.26
CA THR E 200 -24.42 -49.93 -19.48
C THR E 200 -22.91 -49.67 -19.53
N ILE E 201 -22.49 -48.46 -19.16
CA ILE E 201 -21.07 -48.14 -19.16
C ILE E 201 -20.31 -49.02 -18.18
N LEU E 202 -20.87 -49.20 -16.98
CA LEU E 202 -20.22 -50.05 -15.98
C LEU E 202 -20.16 -51.51 -16.45
N SER E 203 -21.21 -51.97 -17.12
CA SER E 203 -21.21 -53.33 -17.65
C SER E 203 -20.12 -53.49 -18.70
N ASP E 204 -19.98 -52.51 -19.59
CA ASP E 204 -18.92 -52.57 -20.59
C ASP E 204 -17.54 -52.59 -19.92
N VAL E 205 -17.35 -51.76 -18.91
CA VAL E 205 -16.07 -51.73 -18.20
C VAL E 205 -15.79 -53.08 -17.55
N VAL E 206 -16.80 -53.66 -16.91
CA VAL E 206 -16.61 -54.94 -16.24
C VAL E 206 -16.25 -56.02 -17.25
N THR E 207 -16.97 -56.05 -18.38
CA THR E 207 -16.70 -57.05 -19.40
C THR E 207 -15.28 -56.89 -19.94
N ASN E 208 -14.85 -55.66 -20.18
CA ASN E 208 -13.48 -55.44 -20.65
C ASN E 208 -12.46 -55.89 -19.63
N GLU E 209 -12.71 -55.61 -18.35
CA GLU E 209 -11.79 -55.96 -17.27
C GLU E 209 -11.99 -57.37 -16.73
N ARG E 210 -13.06 -58.06 -17.12
CA ARG E 210 -13.31 -59.43 -16.69
C ARG E 210 -13.47 -59.50 -15.17
N ILE E 211 -14.47 -58.77 -14.66
CA ILE E 211 -14.81 -58.76 -13.25
C ILE E 211 -16.06 -59.59 -13.06
N GLN E 212 -15.97 -60.65 -12.26
CA GLN E 212 -17.10 -61.53 -12.04
C GLN E 212 -18.22 -60.77 -11.34
N LEU E 213 -19.45 -60.99 -11.81
CA LEU E 213 -20.64 -60.37 -11.24
C LEU E 213 -21.69 -61.44 -11.00
N GLU E 214 -22.21 -61.51 -9.77
CA GLU E 214 -23.29 -62.44 -9.48
C GLU E 214 -24.56 -62.06 -10.22
N THR E 215 -24.92 -60.78 -10.19
CA THR E 215 -26.07 -60.27 -10.92
C THR E 215 -25.76 -58.86 -11.40
N LYS E 216 -26.49 -58.43 -12.43
CA LYS E 216 -26.30 -57.08 -12.96
C LYS E 216 -26.86 -56.02 -12.02
N ASP E 217 -27.77 -56.40 -11.11
CA ASP E 217 -28.36 -55.42 -10.20
C ASP E 217 -27.27 -54.70 -9.41
N ILE E 218 -26.12 -55.34 -9.20
CA ILE E 218 -25.00 -54.65 -8.55
C ILE E 218 -24.75 -53.31 -9.22
N LEU E 219 -24.54 -53.34 -10.54
CA LEU E 219 -24.26 -52.12 -11.26
C LEU E 219 -25.38 -51.11 -11.12
N LYS E 220 -26.62 -51.59 -10.93
CA LYS E 220 -27.72 -50.67 -10.68
C LYS E 220 -27.50 -49.90 -9.38
N ARG E 221 -27.20 -50.62 -8.29
CA ARG E 221 -27.04 -49.96 -7.00
C ARG E 221 -25.91 -48.94 -7.06
N ILE E 222 -24.77 -49.33 -7.64
CA ILE E 222 -23.66 -48.38 -7.77
C ILE E 222 -24.10 -47.15 -8.55
N ALA E 223 -24.97 -47.34 -9.55
CA ALA E 223 -25.48 -46.19 -10.29
C ALA E 223 -26.32 -45.29 -9.39
N GLN E 224 -27.13 -45.89 -8.52
CA GLN E 224 -27.98 -45.09 -7.64
C GLN E 224 -27.18 -44.35 -6.59
N ALA E 225 -26.11 -44.98 -6.08
CA ALA E 225 -25.30 -44.36 -5.05
C ALA E 225 -24.49 -43.17 -5.56
N SER E 226 -24.31 -43.05 -6.88
CA SER E 226 -23.51 -41.97 -7.43
C SER E 226 -24.31 -40.69 -7.67
N ASN E 227 -25.64 -40.77 -7.65
CA ASN E 227 -26.49 -39.59 -7.84
C ASN E 227 -26.23 -38.92 -9.18
N GLY E 228 -25.94 -39.72 -10.22
CA GLY E 228 -25.72 -39.19 -11.55
C GLY E 228 -24.28 -38.85 -11.89
N ASN E 229 -23.34 -39.11 -10.99
CA ASN E 229 -21.93 -38.80 -11.22
C ASN E 229 -21.26 -40.05 -11.82
N LEU E 230 -20.83 -39.94 -13.07
CA LEU E 230 -20.24 -41.09 -13.76
C LEU E 230 -18.82 -41.37 -13.25
N ARG E 231 -18.04 -40.32 -12.99
CA ARG E 231 -16.69 -40.52 -12.46
C ARG E 231 -16.74 -41.24 -11.12
N VAL E 232 -17.64 -40.80 -10.24
CA VAL E 232 -17.80 -41.45 -8.95
C VAL E 232 -18.23 -42.90 -9.15
N SER E 233 -19.12 -43.16 -10.11
CA SER E 233 -19.57 -44.52 -10.38
C SER E 233 -18.40 -45.42 -10.76
N LEU E 234 -17.57 -44.95 -11.69
CA LEU E 234 -16.44 -45.77 -12.15
C LEU E 234 -15.44 -46.00 -11.02
N LEU E 235 -15.11 -44.94 -10.27
CA LEU E 235 -14.15 -45.10 -9.19
C LEU E 235 -14.70 -46.03 -8.10
N MET E 236 -15.98 -45.92 -7.78
CA MET E 236 -16.59 -46.79 -6.79
C MET E 236 -16.59 -48.24 -7.26
N LEU E 237 -16.89 -48.47 -8.54
CA LEU E 237 -16.84 -49.83 -9.08
C LEU E 237 -15.44 -50.41 -8.96
N GLU E 238 -14.43 -49.62 -9.31
CA GLU E 238 -13.06 -50.10 -9.20
C GLU E 238 -12.70 -50.41 -7.74
N SER E 239 -13.09 -49.53 -6.82
CA SER E 239 -12.77 -49.76 -5.42
C SER E 239 -13.44 -51.02 -4.89
N MET E 240 -14.73 -51.22 -5.22
CA MET E 240 -15.42 -52.41 -4.76
C MET E 240 -14.81 -53.67 -5.36
N ALA E 241 -14.46 -53.62 -6.65
CA ALA E 241 -13.84 -54.78 -7.28
C ALA E 241 -12.52 -55.13 -6.61
N LEU E 242 -11.70 -54.12 -6.31
CA LEU E 242 -10.44 -54.37 -5.64
C LEU E 242 -10.65 -54.94 -4.23
N ASN E 243 -11.62 -54.39 -3.50
CA ASN E 243 -11.88 -54.85 -2.14
C ASN E 243 -12.59 -56.19 -2.08
N ASN E 244 -13.13 -56.67 -3.21
CA ASN E 244 -13.79 -57.96 -3.27
C ASN E 244 -13.08 -58.92 -4.22
N GLU E 245 -11.76 -58.75 -4.38
CA GLU E 245 -10.93 -59.65 -5.18
C GLU E 245 -11.48 -59.78 -6.60
N LEU E 246 -11.79 -58.66 -7.21
CA LEU E 246 -12.28 -58.62 -8.59
C LEU E 246 -13.49 -59.53 -8.78
N ALA E 247 -14.39 -59.51 -7.79
CA ALA E 247 -15.60 -60.32 -7.85
C ALA E 247 -16.63 -59.71 -6.91
N LEU E 248 -17.75 -59.26 -7.47
CA LEU E 248 -18.77 -58.56 -6.72
C LEU E 248 -19.95 -59.49 -6.47
N LYS E 249 -20.35 -59.61 -5.21
CA LYS E 249 -21.48 -60.44 -4.81
C LYS E 249 -22.67 -59.57 -4.41
N SER E 250 -23.79 -60.23 -4.16
CA SER E 250 -25.01 -59.50 -3.78
C SER E 250 -24.83 -58.76 -2.46
N SER E 251 -23.95 -59.24 -1.59
CA SER E 251 -23.75 -58.65 -0.28
C SER E 251 -22.62 -57.63 -0.24
N SER E 252 -22.03 -57.30 -1.38
CA SER E 252 -20.92 -56.36 -1.40
C SER E 252 -21.40 -54.97 -0.96
N PRO E 253 -20.86 -54.41 0.11
CA PRO E 253 -21.29 -53.07 0.54
C PRO E 253 -20.85 -52.00 -0.44
N ILE E 254 -21.58 -50.88 -0.41
CA ILE E 254 -21.22 -49.70 -1.17
C ILE E 254 -20.24 -48.88 -0.35
N ILE E 255 -19.07 -48.61 -0.92
CA ILE E 255 -18.00 -47.90 -0.22
C ILE E 255 -18.19 -46.41 -0.42
N LYS E 256 -18.20 -45.66 0.69
CA LYS E 256 -18.29 -44.21 0.67
C LYS E 256 -16.95 -43.59 1.08
N PRO E 257 -16.65 -42.40 0.59
CA PRO E 257 -15.37 -41.76 0.95
C PRO E 257 -15.37 -41.29 2.39
N ASP E 258 -14.15 -41.04 2.89
CA ASP E 258 -13.98 -40.74 4.31
C ASP E 258 -14.71 -39.47 4.72
N TRP E 259 -14.62 -38.41 3.91
CA TRP E 259 -15.21 -37.14 4.30
C TRP E 259 -16.73 -37.24 4.42
N ILE E 260 -17.37 -38.04 3.57
CA ILE E 260 -18.81 -38.25 3.70
C ILE E 260 -19.13 -38.91 5.03
N ILE E 261 -18.34 -39.91 5.42
CA ILE E 261 -18.56 -40.58 6.70
C ILE E 261 -18.38 -39.60 7.85
N VAL E 262 -17.36 -38.74 7.77
CA VAL E 262 -17.15 -37.76 8.82
C VAL E 262 -18.33 -36.80 8.91
N ILE E 263 -18.84 -36.35 7.77
CA ILE E 263 -19.97 -35.44 7.76
C ILE E 263 -21.22 -36.11 8.33
N HIS E 264 -21.43 -37.39 8.00
CA HIS E 264 -22.57 -38.12 8.55
C HIS E 264 -22.46 -38.27 10.06
N LYS E 265 -21.25 -38.55 10.56
CA LYS E 265 -21.05 -38.61 12.00
C LYS E 265 -21.32 -37.27 12.65
N LEU E 266 -20.90 -36.18 11.99
CA LEU E 266 -21.17 -34.84 12.52
C LEU E 266 -22.67 -34.57 12.58
N THR E 267 -23.40 -34.98 11.55
CA THR E 267 -24.85 -34.81 11.56
C THR E 267 -25.49 -35.60 12.69
N ARG E 268 -25.06 -36.84 12.88
CA ARG E 268 -25.59 -37.66 13.96
C ARG E 268 -25.31 -37.01 15.32
N LYS E 269 -24.10 -36.50 15.49
CA LYS E 269 -23.75 -35.83 16.75
C LYS E 269 -24.60 -34.58 16.97
N ILE E 270 -24.81 -33.79 15.91
CA ILE E 270 -25.63 -32.59 16.04
C ILE E 270 -27.05 -32.96 16.45
N VAL E 271 -27.61 -34.00 15.83
CA VAL E 271 -28.96 -34.42 16.17
C VAL E 271 -29.03 -34.90 17.61
N LYS E 272 -28.06 -35.73 18.02
CA LYS E 272 -28.12 -36.33 19.35
C LYS E 272 -27.96 -35.29 20.45
N GLU E 273 -26.93 -34.44 20.34
CA GLU E 273 -26.59 -33.48 21.38
C GLU E 273 -26.72 -32.07 20.85
N ARG E 274 -27.27 -31.18 21.68
CA ARG E 274 -27.48 -29.78 21.34
C ARG E 274 -27.04 -28.92 22.52
N SER E 275 -25.79 -28.46 22.47
CA SER E 275 -25.23 -27.65 23.55
C SER E 275 -24.01 -26.92 23.01
N VAL E 276 -23.38 -26.12 23.88
CA VAL E 276 -22.21 -25.35 23.45
C VAL E 276 -20.96 -26.22 23.42
N ASN E 277 -20.85 -27.19 24.33
CA ASN E 277 -19.75 -28.14 24.26
C ASN E 277 -19.80 -28.93 22.96
N SER E 278 -21.00 -29.37 22.58
CA SER E 278 -21.18 -30.03 21.29
C SER E 278 -20.74 -29.11 20.16
N LEU E 279 -21.03 -27.82 20.27
CA LEU E 279 -20.59 -26.87 19.25
C LEU E 279 -19.07 -26.77 19.20
N ILE E 280 -18.41 -26.85 20.36
CA ILE E 280 -16.95 -26.81 20.38
C ILE E 280 -16.38 -28.02 19.66
N GLU E 281 -16.92 -29.21 19.94
CA GLU E 281 -16.44 -30.40 19.24
C GLU E 281 -16.75 -30.33 17.75
N CYS E 282 -17.90 -29.76 17.39
CA CYS E 282 -18.22 -29.57 15.98
C CYS E 282 -17.24 -28.62 15.31
N ARG E 283 -16.81 -27.58 16.02
CA ARG E 283 -15.77 -26.69 15.48
C ARG E 283 -14.48 -27.46 15.25
N ALA E 284 -14.11 -28.33 16.19
CA ALA E 284 -12.92 -29.14 15.99
C ALA E 284 -13.04 -30.00 14.74
N VAL E 285 -14.18 -30.66 14.56
CA VAL E 285 -14.39 -31.51 13.39
C VAL E 285 -14.36 -30.68 12.11
N LEU E 286 -14.95 -29.49 12.14
CA LEU E 286 -14.96 -28.62 10.97
C LEU E 286 -13.55 -28.19 10.60
N TYR E 287 -12.74 -27.84 11.59
CA TYR E 287 -11.35 -27.50 11.31
C TYR E 287 -10.61 -28.68 10.70
N ASP E 288 -10.84 -29.88 11.24
CA ASP E 288 -10.20 -31.07 10.68
C ASP E 288 -10.60 -31.27 9.22
N LEU E 289 -11.88 -31.10 8.91
CA LEU E 289 -12.35 -31.27 7.54
C LEU E 289 -11.74 -30.21 6.61
N LEU E 290 -11.71 -28.96 7.06
CA LEU E 290 -11.25 -27.88 6.20
C LEU E 290 -9.75 -27.93 5.98
N ALA E 291 -8.99 -28.45 6.94
CA ALA E 291 -7.54 -28.50 6.80
C ALA E 291 -7.08 -29.52 5.76
N HIS E 292 -7.98 -30.36 5.25
CA HIS E 292 -7.63 -31.43 4.33
C HIS E 292 -8.25 -31.22 2.95
N CYS E 293 -8.31 -29.96 2.51
CA CYS E 293 -8.71 -29.62 1.14
C CYS E 293 -10.14 -30.03 0.83
N ILE E 294 -11.02 -29.97 1.83
CA ILE E 294 -12.45 -30.21 1.63
C ILE E 294 -13.13 -28.84 1.53
N PRO E 295 -13.70 -28.46 0.39
CA PRO E 295 -14.28 -27.12 0.27
C PRO E 295 -15.41 -26.90 1.27
N ALA E 296 -15.53 -25.65 1.72
CA ALA E 296 -16.56 -25.30 2.70
C ALA E 296 -17.96 -25.44 2.11
N ASN E 297 -18.16 -25.06 0.85
CA ASN E 297 -19.47 -25.17 0.24
C ASN E 297 -19.91 -26.63 0.16
N ILE E 298 -19.00 -27.53 -0.17
CA ILE E 298 -19.32 -28.96 -0.18
C ILE E 298 -19.74 -29.42 1.21
N ILE E 299 -19.00 -28.98 2.24
CA ILE E 299 -19.34 -29.36 3.60
C ILE E 299 -20.74 -28.89 3.94
N LEU E 300 -21.06 -27.64 3.61
CA LEU E 300 -22.37 -27.09 3.91
C LEU E 300 -23.47 -27.88 3.21
N LYS E 301 -23.28 -28.16 1.92
CA LYS E 301 -24.31 -28.87 1.16
C LYS E 301 -24.55 -30.27 1.73
N GLU E 302 -23.46 -31.02 1.93
CA GLU E 302 -23.61 -32.39 2.44
C GLU E 302 -24.21 -32.39 3.84
N LEU E 303 -23.77 -31.46 4.70
CA LEU E 303 -24.33 -31.41 6.05
C LEU E 303 -25.82 -31.10 6.01
N THR E 304 -26.23 -30.14 5.19
CA THR E 304 -27.64 -29.79 5.10
C THR E 304 -28.47 -30.97 4.62
N PHE E 305 -28.00 -31.66 3.57
CA PHE E 305 -28.80 -32.75 3.02
C PHE E 305 -28.82 -33.95 3.95
N SER E 306 -27.71 -34.24 4.62
CA SER E 306 -27.70 -35.31 5.61
C SER E 306 -28.65 -35.00 6.75
N LEU E 307 -28.67 -33.74 7.22
CA LEU E 307 -29.61 -33.36 8.27
C LEU E 307 -31.05 -33.52 7.79
N LEU E 308 -31.33 -33.11 6.55
CA LEU E 308 -32.68 -33.22 6.02
C LEU E 308 -33.08 -34.66 5.75
N ASP E 309 -32.12 -35.58 5.68
CA ASP E 309 -32.39 -37.00 5.45
C ASP E 309 -32.46 -37.79 6.74
N VAL E 310 -32.86 -37.15 7.84
CA VAL E 310 -32.95 -37.80 9.14
C VAL E 310 -34.41 -38.13 9.42
N GLU E 311 -34.67 -39.37 9.85
CA GLU E 311 -36.03 -39.86 10.06
C GLU E 311 -36.58 -39.53 11.44
N THR E 312 -36.00 -38.55 12.13
CA THR E 312 -36.46 -38.13 13.44
C THR E 312 -36.96 -36.70 13.50
N LEU E 313 -36.64 -35.88 12.51
CA LEU E 313 -37.03 -34.47 12.51
C LEU E 313 -38.38 -34.29 11.82
N ASN E 314 -39.09 -33.23 12.20
CA ASN E 314 -40.39 -32.92 11.65
C ASN E 314 -40.24 -31.92 10.50
N THR E 315 -41.38 -31.54 9.92
CA THR E 315 -41.36 -30.62 8.78
C THR E 315 -40.83 -29.25 9.19
N THR E 316 -41.21 -28.76 10.37
CA THR E 316 -40.74 -27.45 10.82
C THR E 316 -39.23 -27.43 10.96
N ASN E 317 -38.65 -28.48 11.54
CA ASN E 317 -37.20 -28.55 11.69
C ASN E 317 -36.52 -28.53 10.32
N LYS E 318 -37.05 -29.30 9.37
CA LYS E 318 -36.44 -29.34 8.04
C LYS E 318 -36.54 -27.98 7.35
N SER E 319 -37.68 -27.31 7.49
CA SER E 319 -37.84 -25.98 6.90
C SER E 319 -36.84 -25.00 7.48
N SER E 320 -36.69 -25.01 8.80
CA SER E 320 -35.71 -24.13 9.44
C SER E 320 -34.30 -24.46 8.97
N ILE E 321 -33.98 -25.75 8.85
CA ILE E 321 -32.65 -26.16 8.44
C ILE E 321 -32.35 -25.66 7.03
N ILE E 322 -33.31 -25.82 6.11
CA ILE E 322 -33.06 -25.40 4.73
C ILE E 322 -32.96 -23.89 4.64
N GLU E 323 -33.77 -23.16 5.41
CA GLU E 323 -33.66 -21.70 5.41
C GLU E 323 -32.30 -21.25 5.91
N TYR E 324 -31.84 -21.82 7.02
CA TYR E 324 -30.52 -21.46 7.54
C TYR E 324 -29.42 -21.83 6.56
N SER E 325 -29.56 -22.98 5.90
CA SER E 325 -28.56 -23.39 4.92
C SER E 325 -28.49 -22.39 3.76
N SER E 326 -29.64 -21.92 3.27
CA SER E 326 -29.64 -20.92 2.22
C SER E 326 -28.96 -19.64 2.68
N VAL E 327 -29.33 -19.16 3.87
CA VAL E 327 -28.77 -17.91 4.37
C VAL E 327 -27.25 -18.02 4.51
N PHE E 328 -26.78 -19.11 5.10
CA PHE E 328 -25.35 -19.24 5.35
C PHE E 328 -24.57 -19.62 4.10
N ASP E 329 -25.20 -20.23 3.10
CA ASP E 329 -24.56 -20.37 1.80
C ASP E 329 -24.33 -19.01 1.18
N GLU E 330 -25.33 -18.12 1.25
CA GLU E 330 -25.12 -16.75 0.80
C GLU E 330 -23.99 -16.09 1.58
N ARG E 331 -23.95 -16.30 2.90
CA ARG E 331 -22.89 -15.73 3.71
C ARG E 331 -21.52 -16.23 3.25
N LEU E 332 -21.40 -17.54 3.00
CA LEU E 332 -20.14 -18.10 2.54
C LEU E 332 -19.73 -17.49 1.21
N SER E 333 -20.68 -17.30 0.31
CA SER E 333 -20.36 -16.70 -0.99
C SER E 333 -19.80 -15.29 -0.84
N LEU E 334 -20.18 -14.58 0.23
CA LEU E 334 -19.78 -13.20 0.44
C LEU E 334 -18.71 -13.04 1.52
N GLY E 335 -18.15 -14.14 2.03
CA GLY E 335 -17.20 -14.09 3.11
C GLY E 335 -15.87 -14.75 2.76
N ASN E 336 -14.94 -14.66 3.71
CA ASN E 336 -13.60 -15.21 3.56
C ASN E 336 -13.33 -16.36 4.53
N LYS E 337 -13.59 -16.16 5.82
CA LYS E 337 -13.37 -17.20 6.83
C LYS E 337 -14.59 -18.11 6.85
N ALA E 338 -14.48 -19.27 6.21
CA ALA E 338 -15.62 -20.18 6.11
C ALA E 338 -15.99 -20.79 7.46
N ILE E 339 -15.01 -20.95 8.35
CA ILE E 339 -15.28 -21.60 9.64
C ILE E 339 -16.32 -20.82 10.42
N PHE E 340 -16.27 -19.48 10.34
CA PHE E 340 -17.26 -18.67 11.07
C PHE E 340 -18.67 -18.98 10.59
N HIS E 341 -18.87 -19.03 9.27
CA HIS E 341 -20.19 -19.27 8.73
C HIS E 341 -20.67 -20.69 9.01
N LEU E 342 -19.76 -21.67 8.92
CA LEU E 342 -20.15 -23.04 9.24
C LEU E 342 -20.56 -23.17 10.70
N GLU E 343 -19.80 -22.54 11.61
CA GLU E 343 -20.14 -22.59 13.02
C GLU E 343 -21.48 -21.90 13.28
N GLY E 344 -21.71 -20.76 12.63
CA GLY E 344 -23.00 -20.09 12.79
C GLY E 344 -24.16 -20.94 12.33
N PHE E 345 -24.00 -21.61 11.18
CA PHE E 345 -25.06 -22.49 10.69
C PHE E 345 -25.30 -23.63 11.66
N ILE E 346 -24.24 -24.24 12.18
CA ILE E 346 -24.41 -25.36 13.10
C ILE E 346 -25.09 -24.89 14.38
N ALA E 347 -24.71 -23.71 14.87
CA ALA E 347 -25.34 -23.18 16.08
C ALA E 347 -26.83 -22.92 15.86
N LYS E 348 -27.18 -22.34 14.71
CA LYS E 348 -28.60 -22.09 14.42
C LYS E 348 -29.37 -23.40 14.31
N VAL E 349 -28.78 -24.40 13.66
CA VAL E 349 -29.45 -25.70 13.55
C VAL E 349 -29.66 -26.31 14.93
N MET E 350 -28.65 -26.23 15.79
CA MET E 350 -28.79 -26.75 17.15
C MET E 350 -29.89 -26.03 17.89
N CYS E 351 -29.97 -24.70 17.74
CA CYS E 351 -31.02 -23.93 18.41
C CYS E 351 -32.39 -24.35 17.92
N CYS E 352 -32.57 -24.50 16.61
CA CYS E 352 -33.89 -24.83 16.07
C CYS E 352 -34.34 -26.21 16.52
N LEU E 353 -33.42 -27.17 16.58
CA LEU E 353 -33.76 -28.52 17.02
C LEU E 353 -33.92 -28.58 18.53
N SER F 19 8.53 22.81 -46.23
CA SER F 19 7.77 22.87 -44.95
C SER F 19 7.68 24.32 -44.45
N MET F 20 6.75 24.56 -43.52
CA MET F 20 6.57 25.91 -43.00
C MET F 20 7.83 26.39 -42.29
N LEU F 21 8.36 25.59 -41.37
CA LEU F 21 9.55 25.93 -40.60
C LEU F 21 10.60 24.86 -40.84
N GLU F 22 11.80 25.29 -41.24
CA GLU F 22 12.94 24.40 -41.45
C GLU F 22 14.18 25.07 -40.87
N ALA F 23 14.75 24.48 -39.83
CA ALA F 23 15.91 25.05 -39.15
C ALA F 23 16.96 23.97 -38.98
N LYS F 24 18.16 24.19 -39.54
CA LYS F 24 19.22 23.19 -39.52
C LYS F 24 20.31 23.58 -38.54
N PHE F 25 20.60 22.67 -37.61
CA PHE F 25 21.77 22.75 -36.74
C PHE F 25 22.88 21.92 -37.38
N GLU F 26 24.03 22.56 -37.58
CA GLU F 26 25.18 21.85 -38.16
C GLU F 26 25.57 20.66 -37.31
N GLU F 27 25.63 20.85 -36.00
CA GLU F 27 25.99 19.80 -35.06
C GLU F 27 24.87 19.67 -34.03
N ALA F 28 24.33 18.45 -33.90
CA ALA F 28 23.24 18.22 -32.95
C ALA F 28 23.67 18.49 -31.52
N SER F 29 24.98 18.51 -31.25
CA SER F 29 25.44 18.77 -29.89
C SER F 29 25.04 20.15 -29.40
N LEU F 30 24.88 21.12 -30.31
CA LEU F 30 24.52 22.46 -29.89
C LEU F 30 23.15 22.49 -29.23
N PHE F 31 22.14 21.93 -29.91
CA PHE F 31 20.79 21.91 -29.35
C PHE F 31 20.73 21.02 -28.13
N LYS F 32 21.43 19.90 -28.14
CA LYS F 32 21.45 19.02 -26.97
C LYS F 32 22.01 19.74 -25.77
N ARG F 33 23.08 20.51 -25.95
CA ARG F 33 23.65 21.27 -24.85
C ARG F 33 22.71 22.37 -24.37
N ILE F 34 22.06 23.07 -25.31
CA ILE F 34 21.15 24.15 -24.91
C ILE F 34 20.00 23.59 -24.10
N ILE F 35 19.42 22.47 -24.53
CA ILE F 35 18.34 21.86 -23.78
C ILE F 35 18.85 21.32 -22.45
N ASP F 36 20.07 20.80 -22.42
CA ASP F 36 20.64 20.26 -21.20
C ASP F 36 20.84 21.33 -20.14
N GLY F 37 20.87 22.61 -20.53
CA GLY F 37 21.12 23.67 -19.58
C GLY F 37 19.96 24.00 -18.67
N PHE F 38 18.73 23.62 -19.05
CA PHE F 38 17.57 23.97 -18.23
C PHE F 38 16.55 22.83 -18.15
N LYS F 39 16.96 21.59 -18.41
CA LYS F 39 16.03 20.47 -18.35
C LYS F 39 15.78 19.98 -16.92
N ASP F 40 16.60 20.39 -15.96
CA ASP F 40 16.49 19.94 -14.58
C ASP F 40 15.68 20.88 -13.71
N CYS F 41 15.13 21.95 -14.27
CA CYS F 41 14.36 22.92 -13.49
C CYS F 41 12.95 23.16 -14.02
N VAL F 42 12.63 22.68 -15.22
CA VAL F 42 11.29 22.84 -15.79
C VAL F 42 10.86 21.51 -16.41
N GLN F 43 9.55 21.41 -16.63
CA GLN F 43 8.94 20.18 -17.15
C GLN F 43 8.37 20.34 -18.55
N LEU F 44 7.61 21.40 -18.80
CA LEU F 44 7.01 21.66 -20.10
C LEU F 44 7.54 22.97 -20.64
N VAL F 45 7.99 22.95 -21.90
CA VAL F 45 8.55 24.13 -22.54
C VAL F 45 7.65 24.53 -23.69
N ASN F 46 7.66 25.82 -24.01
CA ASN F 46 6.87 26.38 -25.11
C ASN F 46 7.82 27.17 -26.00
N PHE F 47 8.03 26.66 -27.22
CA PHE F 47 8.80 27.36 -28.23
C PHE F 47 7.86 28.19 -29.10
N GLN F 48 8.36 29.33 -29.58
CA GLN F 48 7.55 30.20 -30.43
C GLN F 48 8.53 30.72 -31.49
N CYS F 49 8.52 30.08 -32.65
CA CYS F 49 9.49 30.38 -33.70
C CYS F 49 8.98 31.51 -34.59
N LYS F 50 9.89 32.40 -34.97
CA LYS F 50 9.57 33.56 -35.81
C LYS F 50 10.63 33.66 -36.91
N GLU F 51 10.58 34.76 -37.66
CA GLU F 51 11.57 35.03 -38.69
C GLU F 51 12.88 35.52 -38.11
N ASP F 52 12.94 35.77 -36.79
CA ASP F 52 14.14 36.27 -36.13
C ASP F 52 14.66 35.27 -35.09
N GLY F 53 14.30 34.00 -35.23
CA GLY F 53 14.85 32.94 -34.41
C GLY F 53 13.80 32.24 -33.57
N ILE F 54 14.30 31.46 -32.61
CA ILE F 54 13.47 30.61 -31.75
C ILE F 54 13.58 31.12 -30.32
N ILE F 55 12.44 31.52 -29.76
CA ILE F 55 12.36 31.99 -28.38
C ILE F 55 11.45 31.03 -27.61
N ALA F 56 11.95 30.53 -26.49
CA ALA F 56 11.27 29.50 -25.71
C ALA F 56 11.16 29.93 -24.26
N GLN F 57 10.08 29.50 -23.61
CA GLN F 57 9.85 29.78 -22.20
C GLN F 57 9.45 28.51 -21.46
N ALA F 58 9.81 28.45 -20.19
CA ALA F 58 9.45 27.31 -19.35
C ALA F 58 9.33 27.76 -17.90
N VAL F 59 8.24 27.37 -17.24
CA VAL F 59 8.03 27.66 -15.83
C VAL F 59 8.08 26.35 -15.05
N ASP F 60 8.62 26.42 -13.85
CA ASP F 60 8.76 25.24 -13.01
C ASP F 60 7.47 24.97 -12.23
N ASP F 61 7.38 23.76 -11.69
CA ASP F 61 6.15 23.35 -11.01
C ASP F 61 5.85 24.22 -9.80
N SER F 62 6.88 24.73 -9.12
CA SER F 62 6.68 25.55 -7.93
C SER F 62 6.40 27.00 -8.25
N ARG F 63 6.44 27.39 -9.53
CA ARG F 63 6.19 28.77 -9.93
C ARG F 63 7.16 29.73 -9.24
N VAL F 64 8.42 29.30 -9.11
CA VAL F 64 9.45 30.09 -8.43
C VAL F 64 10.55 30.46 -9.42
N LEU F 65 10.72 29.66 -10.47
CA LEU F 65 11.78 29.85 -11.44
C LEU F 65 11.21 29.85 -12.84
N LEU F 66 11.70 30.78 -13.67
CA LEU F 66 11.32 30.87 -15.08
C LEU F 66 12.58 30.84 -15.93
N VAL F 67 12.49 30.17 -17.09
CA VAL F 67 13.61 30.04 -18.02
C VAL F 67 13.18 30.61 -19.37
N SER F 68 14.02 31.46 -19.94
CA SER F 68 13.76 32.09 -21.24
C SER F 68 14.99 31.94 -22.12
N LEU F 69 14.81 31.32 -23.29
CA LEU F 69 15.88 31.10 -24.24
C LEU F 69 15.57 31.84 -25.53
N GLU F 70 16.58 32.45 -26.16
CA GLU F 70 16.33 33.27 -27.36
C GLU F 70 17.36 32.91 -28.45
N ILE F 71 17.40 31.63 -28.83
CA ILE F 71 18.29 31.24 -29.90
C ILE F 71 18.03 32.10 -31.12
N GLY F 72 19.11 32.67 -31.70
CA GLY F 72 18.98 33.53 -32.86
C GLY F 72 19.15 32.77 -34.16
N VAL F 73 18.90 33.48 -35.27
CA VAL F 73 18.98 32.87 -36.59
C VAL F 73 20.43 32.63 -37.01
N GLU F 74 21.39 33.28 -36.36
CA GLU F 74 22.79 33.13 -36.73
C GLU F 74 23.39 31.81 -36.24
N ALA F 75 22.67 31.05 -35.42
CA ALA F 75 23.16 29.78 -34.90
C ALA F 75 22.85 28.60 -35.81
N PHE F 76 22.06 28.80 -36.86
CA PHE F 76 21.66 27.74 -37.76
C PHE F 76 22.39 27.86 -39.09
N GLN F 77 22.63 26.72 -39.73
CA GLN F 77 23.19 26.75 -41.08
C GLN F 77 22.24 27.46 -42.03
N GLU F 78 20.95 27.10 -41.98
CA GLU F 78 19.89 27.85 -42.64
C GLU F 78 18.65 27.78 -41.77
N TYR F 79 17.92 28.89 -41.69
CA TYR F 79 16.72 28.97 -40.88
C TYR F 79 15.63 29.66 -41.69
N ARG F 80 14.53 28.96 -41.95
CA ARG F 80 13.41 29.50 -42.70
C ARG F 80 12.14 29.31 -41.90
N CYS F 81 11.37 30.39 -41.74
CA CYS F 81 10.10 30.35 -41.02
C CYS F 81 9.17 31.36 -41.67
N ASP F 82 8.07 30.86 -42.24
CA ASP F 82 7.15 31.73 -42.96
C ASP F 82 6.34 32.60 -42.00
N HIS F 83 5.61 31.97 -41.09
CA HIS F 83 4.77 32.67 -40.12
C HIS F 83 5.11 32.17 -38.71
N PRO F 84 4.86 32.98 -37.68
CA PRO F 84 5.18 32.54 -36.33
C PRO F 84 4.43 31.26 -35.98
N VAL F 85 5.11 30.33 -35.32
CA VAL F 85 4.54 29.02 -35.01
C VAL F 85 4.85 28.67 -33.57
N THR F 86 3.83 28.18 -32.87
CA THR F 86 3.96 27.81 -31.46
C THR F 86 4.07 26.29 -31.34
N LEU F 87 4.90 25.83 -30.41
CA LEU F 87 5.17 24.41 -30.23
C LEU F 87 5.30 24.13 -28.74
N GLY F 88 4.31 23.45 -28.17
CA GLY F 88 4.39 23.03 -26.78
C GLY F 88 4.93 21.63 -26.66
N MET F 89 5.99 21.45 -25.87
CA MET F 89 6.68 20.17 -25.81
C MET F 89 7.03 19.84 -24.36
N ASP F 90 7.31 18.56 -24.12
CA ASP F 90 7.77 18.08 -22.83
C ASP F 90 9.26 17.81 -22.93
N LEU F 91 10.05 18.42 -22.04
CA LEU F 91 11.50 18.32 -22.15
C LEU F 91 11.99 16.89 -21.97
N THR F 92 11.25 16.07 -21.22
CA THR F 92 11.69 14.69 -21.00
C THR F 92 11.69 13.91 -22.31
N SER F 93 10.60 13.98 -23.06
CA SER F 93 10.54 13.27 -24.34
C SER F 93 11.53 13.85 -25.34
N LEU F 94 11.68 15.17 -25.35
CA LEU F 94 12.64 15.80 -26.25
C LEU F 94 14.05 15.29 -25.96
N SER F 95 14.44 15.26 -24.69
CA SER F 95 15.76 14.74 -24.33
C SER F 95 15.88 13.26 -24.69
N LYS F 96 14.83 12.49 -24.45
CA LYS F 96 14.87 11.06 -24.78
C LYS F 96 15.16 10.86 -26.25
N ILE F 97 14.46 11.60 -27.11
CA ILE F 97 14.67 11.42 -28.55
C ILE F 97 16.03 11.98 -28.97
N LEU F 98 16.42 13.13 -28.43
CA LEU F 98 17.71 13.71 -28.80
C LEU F 98 18.85 12.77 -28.43
N ARG F 99 18.70 12.02 -27.34
CA ARG F 99 19.71 11.02 -27.00
C ARG F 99 19.84 9.97 -28.09
N CYS F 100 18.74 9.70 -28.81
CA CYS F 100 18.78 8.70 -29.87
C CYS F 100 19.78 9.09 -30.95
N GLY F 101 19.73 10.34 -31.39
CA GLY F 101 20.62 10.77 -32.45
C GLY F 101 22.07 10.81 -32.01
N ASN F 102 22.97 10.62 -32.96
CA ASN F 102 24.39 10.63 -32.68
C ASN F 102 24.87 12.07 -32.51
N ASN F 103 26.09 12.19 -31.98
CA ASN F 103 26.74 13.49 -31.78
C ASN F 103 27.65 13.87 -32.94
N THR F 104 27.36 13.40 -34.15
CA THR F 104 28.13 13.77 -35.33
C THR F 104 27.25 13.97 -36.56
N ASP F 105 25.96 14.32 -36.37
CA ASP F 105 25.01 14.38 -37.46
C ASP F 105 24.28 15.71 -37.45
N THR F 106 23.90 16.19 -38.64
CA THR F 106 23.13 17.41 -38.76
C THR F 106 21.69 17.18 -38.30
N LEU F 107 21.09 18.21 -37.70
CA LEU F 107 19.76 18.10 -37.11
C LEU F 107 18.83 19.13 -37.74
N THR F 108 17.79 18.68 -38.41
CA THR F 108 16.81 19.57 -39.01
C THR F 108 15.52 19.53 -38.18
N LEU F 109 15.08 20.70 -37.73
CA LEU F 109 13.78 20.87 -37.10
C LEU F 109 12.79 21.29 -38.18
N ILE F 110 11.74 20.49 -38.37
CA ILE F 110 10.76 20.71 -39.42
C ILE F 110 9.36 20.78 -38.81
N ALA F 111 8.58 21.76 -39.28
CA ALA F 111 7.21 21.92 -38.86
C ALA F 111 6.38 22.46 -40.01
N ASP F 112 5.08 22.18 -39.96
CA ASP F 112 4.13 22.58 -40.99
C ASP F 112 3.12 23.55 -40.40
N ASN F 113 2.20 24.02 -41.25
CA ASN F 113 1.18 24.96 -40.81
C ASN F 113 0.33 24.35 -39.69
N THR F 114 0.19 25.10 -38.60
CA THR F 114 -0.55 24.63 -37.42
C THR F 114 -0.22 23.17 -37.16
N PRO F 115 1.02 22.85 -36.81
CA PRO F 115 1.44 21.44 -36.79
C PRO F 115 0.85 20.69 -35.60
N ASP F 116 0.69 19.38 -35.80
CA ASP F 116 0.37 18.48 -34.71
C ASP F 116 1.60 17.79 -34.13
N SER F 117 2.74 17.85 -34.82
CA SER F 117 3.96 17.25 -34.34
C SER F 117 5.15 18.05 -34.87
N ILE F 118 6.28 17.89 -34.19
CA ILE F 118 7.55 18.50 -34.58
C ILE F 118 8.47 17.39 -35.06
N ILE F 119 9.13 17.60 -36.19
CA ILE F 119 9.96 16.57 -36.81
C ILE F 119 11.42 16.90 -36.55
N LEU F 120 12.13 15.98 -35.91
CA LEU F 120 13.57 16.05 -35.73
C LEU F 120 14.21 15.07 -36.69
N LEU F 121 15.05 15.59 -37.59
CA LEU F 121 15.63 14.81 -38.67
C LEU F 121 17.14 14.78 -38.48
N PHE F 122 17.68 13.63 -38.07
CA PHE F 122 19.11 13.45 -37.94
C PHE F 122 19.65 12.86 -39.23
N GLU F 123 20.61 13.55 -39.84
CA GLU F 123 21.22 13.13 -41.10
C GLU F 123 22.72 13.02 -40.92
N ASP F 124 23.27 11.89 -41.36
CA ASP F 124 24.71 11.63 -41.32
C ASP F 124 25.23 11.68 -42.76
N THR F 125 25.97 12.74 -43.08
CA THR F 125 26.48 12.89 -44.45
C THR F 125 27.48 11.80 -44.80
N LYS F 126 28.08 11.14 -43.80
CA LYS F 126 29.02 10.07 -44.09
C LYS F 126 28.33 8.91 -44.81
N LYS F 127 27.10 8.60 -44.42
CA LYS F 127 26.35 7.52 -45.03
C LYS F 127 25.01 8.03 -45.56
N ASP F 128 24.13 7.12 -45.96
CA ASP F 128 22.81 7.47 -46.47
C ASP F 128 21.72 7.12 -45.45
N ARG F 129 22.02 7.30 -44.17
CA ARG F 129 21.09 6.99 -43.09
C ARG F 129 20.41 8.27 -42.63
N ILE F 130 19.07 8.25 -42.60
CA ILE F 130 18.27 9.39 -42.18
C ILE F 130 17.30 8.90 -41.11
N ALA F 131 17.29 9.58 -39.97
CA ALA F 131 16.43 9.20 -38.84
C ALA F 131 15.45 10.33 -38.57
N GLU F 132 14.17 10.07 -38.80
CA GLU F 132 13.11 11.05 -38.59
C GLU F 132 12.30 10.66 -37.36
N TYR F 133 12.14 11.59 -36.43
CA TYR F 133 11.36 11.38 -35.22
C TYR F 133 10.29 12.46 -35.12
N SER F 134 9.04 12.04 -35.00
CA SER F 134 7.92 12.98 -34.85
C SER F 134 7.48 12.98 -33.40
N LEU F 135 7.57 14.14 -32.76
CA LEU F 135 7.14 14.31 -31.38
C LEU F 135 5.80 15.06 -31.38
N LYS F 136 4.79 14.45 -30.78
CA LYS F 136 3.47 15.06 -30.73
C LYS F 136 3.49 16.28 -29.80
N LEU F 137 2.85 17.35 -30.24
CA LEU F 137 2.87 18.61 -29.52
C LEU F 137 1.76 18.64 -28.47
N MET F 138 1.83 19.64 -27.59
CA MET F 138 0.87 19.85 -26.53
C MET F 138 0.20 21.19 -26.71
N ASP F 139 -1.07 21.28 -26.29
CA ASP F 139 -1.86 22.50 -26.44
C ASP F 139 -1.56 23.43 -25.27
N ILE F 140 -0.34 23.94 -25.24
CA ILE F 140 0.13 24.86 -24.21
C ILE F 140 -0.20 26.28 -24.68
N ASP F 141 -1.13 26.93 -24.00
CA ASP F 141 -1.53 28.29 -24.33
C ASP F 141 -1.13 29.20 -23.17
N ALA F 142 -0.10 30.02 -23.40
CA ALA F 142 0.39 30.92 -22.37
C ALA F 142 1.13 32.07 -23.04
N ASP F 143 1.32 33.15 -22.28
CA ASP F 143 2.02 34.33 -22.74
C ASP F 143 3.35 34.47 -21.98
N PHE F 144 4.24 35.28 -22.56
CA PHE F 144 5.58 35.45 -21.99
C PHE F 144 5.62 36.57 -20.96
N LEU F 145 4.93 37.68 -21.22
CA LEU F 145 4.83 38.83 -20.32
C LEU F 145 6.13 39.62 -20.26
N LYS F 146 7.18 39.10 -20.89
CA LYS F 146 8.47 39.80 -21.01
C LYS F 146 8.85 40.50 -19.71
N ILE F 147 9.01 39.71 -18.66
CA ILE F 147 9.37 40.25 -17.35
C ILE F 147 10.86 40.57 -17.35
N GLU F 148 11.20 41.78 -17.75
CA GLU F 148 12.58 42.24 -17.88
C GLU F 148 12.70 43.64 -17.26
N GLU F 149 12.26 43.77 -16.00
CA GLU F 149 12.08 45.06 -15.35
C GLU F 149 13.13 46.06 -15.78
N LEU F 150 12.67 47.26 -16.18
CA LEU F 150 13.51 48.19 -16.92
C LEU F 150 14.79 48.52 -16.15
N GLN F 151 14.67 49.16 -14.99
CA GLN F 151 15.81 49.66 -14.24
C GLN F 151 15.99 48.80 -12.99
N TYR F 152 17.05 47.99 -12.99
CA TYR F 152 17.40 47.21 -11.82
C TYR F 152 18.17 48.08 -10.83
N ASP F 153 18.47 47.52 -9.66
CA ASP F 153 19.23 48.23 -8.63
C ASP F 153 20.71 47.90 -8.66
N SER F 154 21.10 46.72 -9.15
CA SER F 154 22.49 46.35 -9.24
C SER F 154 22.67 45.35 -10.37
N THR F 155 23.80 45.45 -11.07
CA THR F 155 24.10 44.57 -12.18
C THR F 155 25.58 44.18 -12.11
N LEU F 156 25.85 42.90 -11.89
CA LEU F 156 27.22 42.40 -11.78
C LEU F 156 27.45 41.34 -12.84
N SER F 157 28.71 41.19 -13.24
CA SER F 157 29.12 40.19 -14.21
C SER F 157 30.41 39.56 -13.74
N LEU F 158 30.49 38.23 -13.78
CA LEU F 158 31.67 37.54 -13.29
C LEU F 158 31.75 36.18 -13.94
N PRO F 159 32.93 35.53 -13.90
CA PRO F 159 33.06 34.20 -14.51
C PRO F 159 32.07 33.22 -13.91
N SER F 160 31.52 32.37 -14.78
CA SER F 160 30.56 31.37 -14.32
C SER F 160 31.21 30.35 -13.40
N SER F 161 32.52 30.09 -13.58
CA SER F 161 33.20 29.13 -12.73
C SER F 161 33.22 29.58 -11.27
N GLU F 162 33.53 30.86 -11.03
CA GLU F 162 33.56 31.36 -9.67
C GLU F 162 32.18 31.31 -9.03
N PHE F 163 31.14 31.70 -9.77
CA PHE F 163 29.78 31.63 -9.24
C PHE F 163 29.40 30.20 -8.91
N SER F 164 29.72 29.26 -9.80
CA SER F 164 29.40 27.86 -9.54
C SER F 164 30.12 27.35 -8.30
N LYS F 165 31.41 27.69 -8.16
CA LYS F 165 32.15 27.27 -6.98
C LYS F 165 31.54 27.83 -5.71
N ILE F 166 31.19 29.12 -5.72
CA ILE F 166 30.63 29.75 -4.53
C ILE F 166 29.31 29.09 -4.17
N VAL F 167 28.45 28.87 -5.16
CA VAL F 167 27.14 28.28 -4.90
C VAL F 167 27.31 26.86 -4.36
N ARG F 168 28.19 26.08 -4.97
CA ARG F 168 28.39 24.70 -4.51
C ARG F 168 28.94 24.68 -3.09
N ASP F 169 29.87 25.57 -2.77
CA ASP F 169 30.44 25.60 -1.43
C ASP F 169 29.42 26.02 -0.39
N LEU F 170 28.65 27.07 -0.67
CA LEU F 170 27.72 27.60 0.32
C LEU F 170 26.48 26.74 0.48
N SER F 171 26.01 26.10 -0.59
CA SER F 171 24.80 25.28 -0.48
C SER F 171 25.01 24.11 0.46
N GLN F 172 26.26 23.67 0.64
CA GLN F 172 26.55 22.58 1.56
C GLN F 172 26.36 22.98 3.02
N LEU F 173 26.29 24.28 3.31
CA LEU F 173 26.08 24.74 4.68
C LEU F 173 24.60 24.92 4.99
N SER F 174 23.86 25.57 4.10
CA SER F 174 22.45 25.87 4.32
C SER F 174 21.66 25.67 3.04
N ASP F 175 20.35 25.56 3.19
CA ASP F 175 19.45 25.45 2.05
C ASP F 175 19.05 26.82 1.49
N SER F 176 19.53 27.90 2.09
CA SER F 176 19.23 29.26 1.66
C SER F 176 20.53 30.05 1.56
N ILE F 177 20.63 30.89 0.53
CA ILE F 177 21.80 31.72 0.29
C ILE F 177 21.34 33.16 0.14
N ASN F 178 22.00 34.08 0.85
CA ASN F 178 21.67 35.49 0.82
C ASN F 178 22.77 36.23 0.07
N ILE F 179 22.37 37.09 -0.87
CA ILE F 179 23.29 37.90 -1.66
C ILE F 179 23.09 39.35 -1.27
N MET F 180 24.19 40.01 -0.87
CA MET F 180 24.19 41.42 -0.53
C MET F 180 25.08 42.16 -1.52
N ILE F 181 24.55 43.23 -2.10
CA ILE F 181 25.29 44.10 -3.01
C ILE F 181 25.44 45.45 -2.32
N THR F 182 26.68 45.82 -2.02
CA THR F 182 27.02 47.10 -1.45
C THR F 182 28.11 47.72 -2.32
N LYS F 183 28.40 49.00 -2.07
CA LYS F 183 29.39 49.72 -2.87
C LYS F 183 30.69 48.91 -2.99
N GLU F 184 31.01 48.48 -4.20
CA GLU F 184 32.23 47.72 -4.48
C GLU F 184 32.36 46.52 -3.53
N THR F 185 31.26 45.79 -3.35
CA THR F 185 31.27 44.61 -2.51
C THR F 185 30.09 43.71 -2.86
N ILE F 186 30.35 42.43 -3.09
CA ILE F 186 29.33 41.43 -3.32
C ILE F 186 29.57 40.31 -2.31
N LYS F 187 28.56 40.03 -1.49
CA LYS F 187 28.68 39.09 -0.38
C LYS F 187 27.66 37.98 -0.53
N PHE F 188 28.12 36.73 -0.43
CA PHE F 188 27.26 35.56 -0.42
C PHE F 188 27.36 34.93 0.97
N VAL F 189 26.22 34.77 1.63
CA VAL F 189 26.17 34.32 3.02
C VAL F 189 25.26 33.10 3.11
N ALA F 190 25.68 32.10 3.87
CA ALA F 190 24.88 30.95 4.20
C ALA F 190 24.95 30.70 5.70
N ASP F 191 23.81 30.40 6.31
CA ASP F 191 23.73 30.18 7.75
C ASP F 191 22.98 28.86 7.98
N GLY F 192 23.72 27.80 8.22
CA GLY F 192 23.13 26.48 8.40
C GLY F 192 23.14 26.01 9.84
N ASP F 193 23.19 24.70 10.03
CA ASP F 193 23.17 24.11 11.36
C ASP F 193 24.57 23.95 11.94
N ILE F 194 25.49 23.36 11.16
CA ILE F 194 26.85 23.16 11.65
C ILE F 194 27.58 24.49 11.79
N GLY F 195 27.21 25.49 10.97
CA GLY F 195 27.88 26.76 11.03
C GLY F 195 27.43 27.66 9.89
N SER F 196 28.23 28.71 9.66
CA SER F 196 27.92 29.72 8.65
C SER F 196 29.14 29.93 7.77
N GLY F 197 28.88 30.45 6.57
CA GLY F 197 29.93 30.74 5.61
C GLY F 197 29.66 31.99 4.81
N SER F 198 30.65 32.88 4.72
CA SER F 198 30.52 34.14 4.00
C SER F 198 31.67 34.27 3.00
N VAL F 199 31.33 34.65 1.77
CA VAL F 199 32.30 34.90 0.71
C VAL F 199 32.11 36.32 0.22
N ILE F 200 33.18 37.11 0.23
CA ILE F 200 33.15 38.51 -0.18
C ILE F 200 34.06 38.66 -1.39
N ILE F 201 33.53 39.30 -2.43
CA ILE F 201 34.29 39.56 -3.66
C ILE F 201 34.10 41.02 -4.03
N LYS F 202 35.20 41.68 -4.37
CA LYS F 202 35.14 43.07 -4.79
C LYS F 202 35.52 43.20 -6.27
N PRO F 203 35.00 44.21 -6.97
CA PRO F 203 35.32 44.35 -8.40
C PRO F 203 36.81 44.51 -8.63
N PHE F 204 37.30 43.89 -9.70
CA PHE F 204 38.68 44.05 -10.12
C PHE F 204 38.78 43.72 -11.59
N VAL F 205 39.81 44.26 -12.24
CA VAL F 205 40.01 44.10 -13.67
C VAL F 205 41.46 43.73 -13.93
N ASP F 206 41.67 42.82 -14.88
CA ASP F 206 43.00 42.40 -15.31
C ASP F 206 43.09 42.59 -16.81
N MET F 207 43.89 43.56 -17.25
CA MET F 207 44.03 43.82 -18.68
C MET F 207 44.64 42.62 -19.39
N GLU F 208 45.52 41.88 -18.72
CA GLU F 208 46.14 40.72 -19.35
C GLU F 208 45.10 39.66 -19.71
N HIS F 209 44.17 39.37 -18.79
CA HIS F 209 43.14 38.36 -19.00
C HIS F 209 41.80 38.93 -18.56
N PRO F 210 41.12 39.69 -19.44
CA PRO F 210 39.81 40.25 -19.05
C PRO F 210 38.73 39.22 -18.86
N GLU F 211 38.93 37.98 -19.34
CA GLU F 211 37.90 36.95 -19.18
C GLU F 211 37.64 36.61 -17.73
N THR F 212 38.57 36.91 -16.83
CA THR F 212 38.44 36.61 -15.42
C THR F 212 38.01 37.82 -14.59
N SER F 213 37.76 38.96 -15.21
CA SER F 213 37.44 40.17 -14.48
C SER F 213 36.03 40.10 -13.89
N ILE F 214 35.79 40.94 -12.89
CA ILE F 214 34.50 41.07 -12.24
C ILE F 214 34.06 42.53 -12.35
N LYS F 215 32.85 42.74 -12.84
CA LYS F 215 32.30 44.08 -13.02
C LYS F 215 31.05 44.24 -12.17
N LEU F 216 30.86 45.44 -11.63
CA LEU F 216 29.71 45.75 -10.80
C LEU F 216 29.26 47.18 -11.06
N GLU F 217 27.98 47.35 -11.39
CA GLU F 217 27.36 48.66 -11.51
C GLU F 217 26.21 48.73 -10.50
N MET F 218 26.28 49.72 -9.62
CA MET F 218 25.45 49.77 -8.42
C MET F 218 24.66 51.07 -8.38
N ASP F 219 23.39 50.97 -8.03
CA ASP F 219 22.51 52.12 -7.84
C ASP F 219 22.05 52.26 -6.40
N GLN F 220 21.51 51.20 -5.82
CA GLN F 220 21.09 51.18 -4.42
C GLN F 220 21.47 49.84 -3.81
N PRO F 221 21.73 49.80 -2.50
CA PRO F 221 22.12 48.53 -1.87
C PRO F 221 21.05 47.48 -2.04
N VAL F 222 21.48 46.22 -2.16
CA VAL F 222 20.56 45.11 -2.37
C VAL F 222 20.85 44.02 -1.35
N ASP F 223 19.80 43.31 -0.94
CA ASP F 223 19.94 42.19 -0.01
C ASP F 223 18.78 41.25 -0.26
N LEU F 224 19.06 40.12 -0.91
CA LEU F 224 18.01 39.20 -1.32
C LEU F 224 18.39 37.76 -1.00
N THR F 225 17.42 37.00 -0.50
CA THR F 225 17.62 35.60 -0.17
C THR F 225 17.02 34.71 -1.24
N PHE F 226 17.67 33.57 -1.49
CA PHE F 226 17.25 32.64 -2.52
C PHE F 226 17.42 31.21 -2.02
N GLY F 227 16.65 30.30 -2.60
CA GLY F 227 16.78 28.90 -2.26
C GLY F 227 18.00 28.28 -2.92
N ALA F 228 18.68 27.40 -2.17
CA ALA F 228 19.90 26.80 -2.68
C ALA F 228 19.62 25.83 -3.82
N LYS F 229 18.47 25.15 -3.80
CA LYS F 229 18.16 24.20 -4.88
C LYS F 229 18.06 24.91 -6.22
N TYR F 230 17.41 26.07 -6.26
CA TYR F 230 17.23 26.78 -7.52
C TYR F 230 18.56 27.29 -8.05
N LEU F 231 19.44 27.79 -7.18
CA LEU F 231 20.76 28.22 -7.62
C LEU F 231 21.58 27.03 -8.12
N LEU F 232 21.46 25.89 -7.44
CA LEU F 232 22.16 24.69 -7.89
C LEU F 232 21.68 24.27 -9.28
N ASP F 233 20.37 24.40 -9.53
CA ASP F 233 19.86 24.14 -10.88
C ASP F 233 20.39 25.15 -11.89
N ILE F 234 20.43 26.43 -11.50
CA ILE F 234 20.81 27.48 -12.44
C ILE F 234 22.27 27.33 -12.85
N ILE F 235 23.15 27.02 -11.90
CA ILE F 235 24.58 26.98 -12.20
C ILE F 235 24.90 25.97 -13.31
N LYS F 236 23.99 25.05 -13.61
CA LYS F 236 24.24 24.07 -14.66
C LYS F 236 24.42 24.71 -16.02
N GLY F 237 24.00 25.96 -16.19
CA GLY F 237 24.19 26.67 -17.44
C GLY F 237 25.58 27.21 -17.67
N SER F 238 26.46 27.10 -16.67
CA SER F 238 27.83 27.56 -16.84
C SER F 238 28.56 26.79 -17.94
N SER F 239 28.13 25.56 -18.24
CA SER F 239 28.75 24.80 -19.31
C SER F 239 28.54 25.42 -20.68
N LEU F 240 27.61 26.36 -20.81
CA LEU F 240 27.32 27.02 -22.08
C LEU F 240 28.06 28.34 -22.25
N SER F 241 28.29 29.07 -21.17
CA SER F 241 28.96 30.36 -21.22
C SER F 241 30.04 30.42 -20.15
N ASP F 242 31.13 31.12 -20.47
CA ASP F 242 32.24 31.27 -19.53
C ASP F 242 32.01 32.39 -18.52
N ARG F 243 31.01 33.23 -18.73
CA ARG F 243 30.68 34.33 -17.82
C ARG F 243 29.18 34.33 -17.57
N VAL F 244 28.80 34.88 -16.42
CA VAL F 244 27.40 34.99 -16.01
C VAL F 244 27.14 36.42 -15.56
N GLY F 245 25.97 36.94 -15.95
CA GLY F 245 25.53 38.25 -15.50
C GLY F 245 24.35 38.15 -14.55
N ILE F 246 24.49 38.66 -13.34
CA ILE F 246 23.44 38.62 -12.33
C ILE F 246 22.94 40.04 -12.12
N ARG F 247 21.64 40.24 -12.32
CA ARG F 247 20.99 41.52 -12.12
C ARG F 247 19.97 41.38 -10.99
N LEU F 248 20.06 42.27 -10.01
CA LEU F 248 19.24 42.21 -8.82
C LEU F 248 18.55 43.54 -8.59
N SER F 249 17.32 43.47 -8.08
CA SER F 249 16.55 44.66 -7.77
C SER F 249 15.46 44.28 -6.78
N SER F 250 15.28 45.10 -5.76
CA SER F 250 14.25 44.83 -4.76
C SER F 250 12.87 44.89 -5.40
N GLU F 251 11.97 44.03 -4.93
CA GLU F 251 10.60 43.93 -5.43
C GLU F 251 10.53 43.39 -6.85
N ALA F 252 11.60 42.76 -7.33
CA ALA F 252 11.63 42.17 -8.66
C ALA F 252 12.43 40.87 -8.60
N PRO F 253 12.14 39.92 -9.50
CA PRO F 253 12.92 38.68 -9.52
C PRO F 253 14.34 38.93 -9.98
N ALA F 254 15.25 38.07 -9.52
CA ALA F 254 16.65 38.16 -9.89
C ALA F 254 16.90 37.50 -11.23
N LEU F 255 17.70 38.15 -12.07
CA LEU F 255 17.98 37.71 -13.42
C LEU F 255 19.39 37.12 -13.48
N PHE F 256 19.50 35.90 -13.99
CA PHE F 256 20.79 35.23 -14.20
C PHE F 256 20.90 34.93 -15.69
N GLN F 257 21.76 35.66 -16.38
CA GLN F 257 21.87 35.59 -17.83
C GLN F 257 23.18 34.93 -18.22
N PHE F 258 23.10 33.94 -19.13
CA PHE F 258 24.24 33.32 -19.77
C PHE F 258 24.13 33.58 -21.27
N ASP F 259 25.09 34.34 -21.81
CA ASP F 259 25.08 34.67 -23.22
C ASP F 259 25.65 33.53 -24.05
N LEU F 260 25.07 33.33 -25.22
CA LEU F 260 25.48 32.26 -26.14
C LEU F 260 26.02 32.87 -27.43
N LYS F 261 26.28 32.02 -28.42
CA LYS F 261 26.87 32.48 -29.66
C LYS F 261 26.00 33.54 -30.34
N SER F 262 24.69 33.29 -30.39
CA SER F 262 23.75 34.24 -30.98
C SER F 262 22.57 34.57 -30.09
N GLY F 263 22.18 33.69 -29.17
CA GLY F 263 21.09 33.96 -28.25
C GLY F 263 21.57 33.99 -26.82
N PHE F 264 20.65 33.86 -25.87
CA PHE F 264 21.02 33.73 -24.47
C PHE F 264 20.00 32.88 -23.73
N LEU F 265 20.39 32.50 -22.51
CA LEU F 265 19.55 31.75 -21.59
C LEU F 265 19.43 32.55 -20.29
N GLN F 266 18.20 32.86 -19.90
CA GLN F 266 17.92 33.70 -18.75
C GLN F 266 17.11 32.91 -17.72
N PHE F 267 17.55 32.95 -16.47
CA PHE F 267 16.82 32.37 -15.35
C PHE F 267 16.31 33.51 -14.48
N PHE F 268 14.99 33.60 -14.34
CA PHE F 268 14.35 34.56 -13.45
C PHE F 268 13.94 33.81 -12.20
N LEU F 269 14.58 34.14 -11.08
CA LEU F 269 14.36 33.45 -9.81
C LEU F 269 13.73 34.42 -8.81
N ALA F 270 12.62 34.02 -8.22
CA ALA F 270 11.93 34.88 -7.26
C ALA F 270 12.58 34.75 -5.88
N PRO F 271 12.93 35.85 -5.23
CA PRO F 271 13.52 35.75 -3.89
C PRO F 271 12.50 35.31 -2.86
N LYS F 272 13.00 34.86 -1.72
CA LYS F 272 12.14 34.39 -0.64
C LYS F 272 11.59 35.55 0.17
N PHE F 273 10.39 35.36 0.70
CA PHE F 273 9.77 36.36 1.56
C PHE F 273 10.60 36.53 2.83
N ASN F 274 10.78 37.78 3.24
CA ASN F 274 11.54 38.11 4.44
C ASN F 274 10.58 38.17 5.63
N ASP F 275 10.78 37.29 6.59
CA ASP F 275 9.92 37.25 7.78
C ASP F 275 10.40 36.17 8.74
N SER G 19 39.86 39.03 19.55
CA SER G 19 40.10 37.57 19.34
C SER G 19 41.31 37.10 20.13
N MET G 20 41.06 36.23 21.11
CA MET G 20 42.12 35.77 21.99
C MET G 20 43.07 34.79 21.27
N LEU G 21 42.52 33.88 20.48
CA LEU G 21 43.31 32.96 19.66
C LEU G 21 43.27 33.44 18.22
N GLU G 22 44.45 33.67 17.64
CA GLU G 22 44.59 34.24 16.31
C GLU G 22 45.65 33.47 15.52
N ALA G 23 45.53 32.15 15.49
CA ALA G 23 46.52 31.34 14.79
C ALA G 23 46.45 31.63 13.29
N LYS G 24 47.61 31.59 12.63
CA LYS G 24 47.71 31.93 11.21
C LYS G 24 48.70 30.98 10.55
N PHE G 25 48.18 30.01 9.78
CA PHE G 25 49.04 29.14 9.00
C PHE G 25 49.54 29.84 7.75
N GLU G 26 50.76 29.51 7.35
CA GLU G 26 51.32 30.10 6.13
C GLU G 26 50.48 29.74 4.92
N GLU G 27 50.06 28.48 4.82
CA GLU G 27 49.20 28.02 3.75
C GLU G 27 48.19 27.03 4.32
N ALA G 28 47.00 26.98 3.70
CA ALA G 28 45.97 26.06 4.13
C ALA G 28 46.31 24.60 3.86
N SER G 29 47.36 24.35 3.07
CA SER G 29 47.74 22.97 2.77
C SER G 29 48.11 22.22 4.05
N LEU G 30 48.87 22.86 4.93
CA LEU G 30 49.35 22.18 6.13
C LEU G 30 48.19 21.68 6.98
N PHE G 31 47.25 22.57 7.30
CA PHE G 31 46.16 22.19 8.19
C PHE G 31 45.33 21.06 7.60
N LYS G 32 44.99 21.16 6.31
CA LYS G 32 44.22 20.12 5.67
C LYS G 32 44.97 18.80 5.66
N ARG G 33 46.29 18.85 5.46
CA ARG G 33 47.08 17.62 5.45
C ARG G 33 47.07 16.95 6.82
N ILE G 34 47.29 17.73 7.88
CA ILE G 34 47.26 17.14 9.22
C ILE G 34 45.88 16.58 9.52
N ILE G 35 44.82 17.31 9.14
CA ILE G 35 43.48 16.82 9.41
C ILE G 35 43.25 15.49 8.70
N ASP G 36 43.59 15.42 7.41
CA ASP G 36 43.44 14.18 6.66
C ASP G 36 44.31 13.07 7.22
N GLY G 37 45.39 13.41 7.92
CA GLY G 37 46.23 12.38 8.50
C GLY G 37 45.49 11.48 9.47
N PHE G 38 44.52 12.05 10.21
CA PHE G 38 43.79 11.30 11.22
C PHE G 38 42.29 11.51 11.16
N LYS G 39 41.77 11.94 10.00
CA LYS G 39 40.34 12.21 9.89
C LYS G 39 39.52 10.92 9.78
N ASP G 40 40.06 9.86 9.20
CA ASP G 40 39.30 8.66 8.91
C ASP G 40 39.15 7.72 10.09
N CYS G 41 39.79 8.01 11.24
CA CYS G 41 39.75 7.14 12.39
C CYS G 41 38.94 7.68 13.55
N VAL G 42 38.61 8.98 13.55
CA VAL G 42 37.86 9.60 14.64
C VAL G 42 36.77 10.47 14.06
N GLN G 43 35.83 10.85 14.91
CA GLN G 43 34.71 11.71 14.54
C GLN G 43 34.66 13.01 15.32
N LEU G 44 35.05 12.99 16.60
CA LEU G 44 35.09 14.18 17.43
C LEU G 44 36.52 14.38 17.93
N VAL G 45 36.99 15.63 17.88
CA VAL G 45 38.32 16.00 18.33
C VAL G 45 38.19 17.17 19.29
N ASN G 46 39.22 17.34 20.13
CA ASN G 46 39.26 18.41 21.12
C ASN G 46 40.67 19.01 21.13
N PHE G 47 40.76 20.30 20.87
CA PHE G 47 42.03 21.02 20.82
C PHE G 47 42.19 21.87 22.07
N GLN G 48 43.34 21.77 22.72
CA GLN G 48 43.80 22.79 23.66
C GLN G 48 44.83 23.66 22.95
N CYS G 49 44.54 24.95 22.85
CA CYS G 49 45.46 25.93 22.28
C CYS G 49 45.96 26.82 23.40
N LYS G 50 47.29 26.89 23.56
CA LYS G 50 47.90 27.68 24.62
C LYS G 50 48.95 28.61 24.03
N GLU G 51 49.74 29.26 24.88
CA GLU G 51 50.80 30.14 24.40
C GLU G 51 51.97 29.36 23.79
N ASP G 52 51.99 28.04 23.92
CA ASP G 52 53.09 27.24 23.40
C ASP G 52 52.73 26.45 22.14
N GLY G 53 51.47 26.40 21.76
CA GLY G 53 51.05 25.71 20.56
C GLY G 53 49.71 25.05 20.76
N ILE G 54 49.40 24.08 19.90
CA ILE G 54 48.12 23.39 19.90
C ILE G 54 48.34 21.90 20.13
N ILE G 55 47.50 21.31 20.98
CA ILE G 55 47.52 19.87 21.23
C ILE G 55 46.11 19.34 21.06
N ALA G 56 46.01 18.05 20.77
CA ALA G 56 44.72 17.42 20.51
C ALA G 56 44.80 15.94 20.84
N GLN G 57 43.74 15.44 21.47
CA GLN G 57 43.62 14.03 21.81
C GLN G 57 42.23 13.55 21.41
N ALA G 58 42.17 12.38 20.76
CA ALA G 58 40.90 11.85 20.29
C ALA G 58 40.88 10.34 20.44
N VAL G 59 39.77 9.82 20.94
CA VAL G 59 39.56 8.38 21.08
C VAL G 59 38.52 7.95 20.08
N ASP G 60 38.78 6.85 19.38
CA ASP G 60 37.86 6.37 18.36
C ASP G 60 36.58 5.84 19.02
N ASP G 61 35.56 5.62 18.18
CA ASP G 61 34.28 5.13 18.68
C ASP G 61 34.44 3.78 19.37
N SER G 62 35.38 2.96 18.93
CA SER G 62 35.61 1.65 19.51
C SER G 62 36.47 1.68 20.76
N ARG G 63 37.01 2.85 21.13
CA ARG G 63 37.82 3.01 22.34
C ARG G 63 39.06 2.11 22.29
N VAL G 64 39.64 1.98 21.09
CA VAL G 64 40.84 1.18 20.88
C VAL G 64 42.01 2.02 20.41
N LEU G 65 41.77 2.94 19.49
CA LEU G 65 42.81 3.75 18.88
C LEU G 65 42.73 5.17 19.42
N LEU G 66 43.85 5.69 19.90
CA LEU G 66 43.95 7.06 20.39
C LEU G 66 44.88 7.85 19.48
N VAL G 67 44.45 9.05 19.10
CA VAL G 67 45.22 9.94 18.26
C VAL G 67 45.69 11.12 19.10
N SER G 68 46.99 11.41 19.07
CA SER G 68 47.58 12.50 19.81
C SER G 68 48.37 13.37 18.86
N LEU G 69 47.88 14.59 18.62
CA LEU G 69 48.47 15.50 17.65
C LEU G 69 48.98 16.73 18.39
N GLU G 70 50.14 17.24 18.00
CA GLU G 70 50.59 18.52 18.53
C GLU G 70 51.32 19.30 17.45
N ILE G 71 51.01 20.58 17.37
CA ILE G 71 51.60 21.52 16.43
C ILE G 71 52.25 22.63 17.25
N GLY G 72 53.53 22.88 17.01
CA GLY G 72 54.24 23.91 17.72
C GLY G 72 54.02 25.29 17.14
N VAL G 73 54.60 26.29 17.82
CA VAL G 73 54.46 27.67 17.37
C VAL G 73 55.25 27.93 16.10
N GLU G 74 56.13 27.00 15.71
CA GLU G 74 56.95 27.22 14.52
C GLU G 74 56.20 26.90 13.24
N ALA G 75 55.08 26.21 13.32
CA ALA G 75 54.27 25.93 12.13
C ALA G 75 53.39 27.09 11.72
N PHE G 76 53.21 28.09 12.58
CA PHE G 76 52.37 29.24 12.30
C PHE G 76 53.23 30.45 11.95
N GLN G 77 52.82 31.18 10.91
CA GLN G 77 53.47 32.46 10.62
C GLN G 77 53.26 33.44 11.76
N GLU G 78 52.06 33.47 12.33
CA GLU G 78 51.77 34.29 13.50
C GLU G 78 50.89 33.48 14.45
N TYR G 79 51.08 33.69 15.75
CA TYR G 79 50.34 32.93 16.75
C TYR G 79 50.22 33.77 18.02
N ARG G 80 49.00 33.85 18.55
CA ARG G 80 48.74 34.62 19.77
C ARG G 80 47.59 33.97 20.53
N CYS G 81 47.81 33.67 21.80
CA CYS G 81 46.78 33.06 22.64
C CYS G 81 46.95 33.59 24.05
N ASP G 82 45.96 34.38 24.51
CA ASP G 82 46.07 34.99 25.84
C ASP G 82 46.03 33.94 26.94
N HIS G 83 45.03 33.07 26.91
CA HIS G 83 44.86 32.03 27.91
C HIS G 83 44.42 30.75 27.21
N PRO G 84 44.62 29.59 27.85
CA PRO G 84 44.29 28.32 27.20
C PRO G 84 42.85 28.27 26.75
N VAL G 85 42.61 27.69 25.58
CA VAL G 85 41.27 27.54 25.03
C VAL G 85 41.05 26.08 24.66
N THR G 86 39.91 25.54 25.06
CA THR G 86 39.50 24.18 24.71
C THR G 86 38.38 24.27 23.69
N LEU G 87 38.58 23.67 22.52
CA LEU G 87 37.64 23.73 21.42
C LEU G 87 37.30 22.31 20.98
N GLY G 88 36.02 21.95 21.08
CA GLY G 88 35.55 20.65 20.63
C GLY G 88 34.89 20.78 19.27
N MET G 89 35.28 19.90 18.35
CA MET G 89 34.84 19.98 16.97
C MET G 89 34.61 18.59 16.42
N ASP G 90 33.89 18.53 15.30
CA ASP G 90 33.63 17.28 14.59
C ASP G 90 34.42 17.29 13.29
N LEU G 91 35.05 16.15 13.00
CA LEU G 91 35.95 16.08 11.85
C LEU G 91 35.20 16.32 10.54
N THR G 92 33.98 15.80 10.42
CA THR G 92 33.24 15.93 9.16
C THR G 92 32.99 17.40 8.83
N SER G 93 32.46 18.16 9.78
CA SER G 93 32.15 19.57 9.51
C SER G 93 33.42 20.36 9.25
N LEU G 94 34.48 20.10 10.01
CA LEU G 94 35.74 20.81 9.81
C LEU G 94 36.29 20.54 8.41
N SER G 95 36.28 19.28 7.99
CA SER G 95 36.77 18.95 6.66
C SER G 95 35.91 19.59 5.58
N LYS G 96 34.59 19.60 5.78
CA LYS G 96 33.72 20.22 4.79
C LYS G 96 34.00 21.71 4.66
N ILE G 97 34.21 22.39 5.79
CA ILE G 97 34.51 23.82 5.73
C ILE G 97 35.88 24.06 5.11
N LEU G 98 36.86 23.20 5.43
CA LEU G 98 38.20 23.37 4.88
C LEU G 98 38.22 23.17 3.38
N ARG G 99 37.45 22.19 2.88
CA ARG G 99 37.44 21.94 1.44
C ARG G 99 36.98 23.16 0.65
N CYS G 100 36.14 24.00 1.26
CA CYS G 100 35.63 25.17 0.53
C CYS G 100 36.75 26.12 0.14
N GLY G 101 37.67 26.39 1.06
CA GLY G 101 38.77 27.29 0.75
C GLY G 101 39.78 26.66 -0.19
N ASN G 102 40.48 27.51 -0.94
CA ASN G 102 41.46 27.03 -1.89
C ASN G 102 42.72 26.56 -1.16
N ASN G 103 43.58 25.87 -1.90
CA ASN G 103 44.77 25.28 -1.29
C ASN G 103 45.84 26.32 -1.03
N THR G 104 45.93 27.35 -1.89
CA THR G 104 47.02 28.31 -1.84
C THR G 104 46.63 29.62 -1.16
N ASP G 105 45.79 29.56 -0.13
CA ASP G 105 45.41 30.74 0.64
C ASP G 105 46.04 30.69 2.02
N THR G 106 45.87 31.79 2.75
CA THR G 106 46.28 31.87 4.15
C THR G 106 45.08 31.54 5.02
N LEU G 107 45.26 30.58 5.93
CA LEU G 107 44.19 30.10 6.79
C LEU G 107 44.42 30.61 8.20
N THR G 108 43.47 31.38 8.72
CA THR G 108 43.54 31.94 10.06
C THR G 108 42.45 31.31 10.92
N LEU G 109 42.86 30.73 12.04
CA LEU G 109 41.94 30.21 13.04
C LEU G 109 41.77 31.25 14.13
N ILE G 110 40.53 31.74 14.29
CA ILE G 110 40.21 32.82 15.21
C ILE G 110 39.21 32.29 16.23
N ALA G 111 39.44 32.61 17.50
CA ALA G 111 38.53 32.24 18.57
C ALA G 111 38.58 33.29 19.66
N ASP G 112 37.40 33.68 20.15
CA ASP G 112 37.30 34.69 21.19
C ASP G 112 37.19 34.03 22.57
N ASN G 113 37.05 34.86 23.59
CA ASN G 113 36.92 34.35 24.95
C ASN G 113 35.62 33.55 25.09
N THR G 114 35.66 32.54 25.97
CA THR G 114 34.57 31.61 26.19
C THR G 114 33.88 31.25 24.87
N PRO G 115 34.64 30.75 23.89
CA PRO G 115 34.11 30.61 22.54
C PRO G 115 32.96 29.61 22.46
N ASP G 116 32.01 29.91 21.57
CA ASP G 116 30.99 28.96 21.15
C ASP G 116 31.18 28.48 19.73
N SER G 117 31.98 29.18 18.93
CA SER G 117 32.30 28.77 17.57
C SER G 117 33.70 29.23 17.24
N ILE G 118 34.29 28.58 16.23
CA ILE G 118 35.64 28.88 15.77
C ILE G 118 35.54 29.41 14.34
N ILE G 119 36.24 30.50 14.05
CA ILE G 119 36.19 31.15 12.75
C ILE G 119 37.40 30.72 11.95
N LEU G 120 37.19 30.34 10.70
CA LEU G 120 38.25 30.03 9.75
C LEU G 120 38.20 31.07 8.65
N LEU G 121 39.30 31.80 8.47
CA LEU G 121 39.40 32.85 7.47
C LEU G 121 40.39 32.41 6.40
N PHE G 122 39.90 32.24 5.17
CA PHE G 122 40.74 31.97 4.02
C PHE G 122 40.95 33.26 3.26
N GLU G 123 42.20 33.71 3.19
CA GLU G 123 42.55 34.98 2.56
C GLU G 123 43.51 34.73 1.40
N ASP G 124 43.17 35.29 0.23
CA ASP G 124 44.01 35.24 -0.96
C ASP G 124 44.43 36.67 -1.29
N THR G 125 45.72 36.95 -1.17
CA THR G 125 46.21 38.31 -1.38
C THR G 125 46.35 38.66 -2.86
N LYS G 126 46.39 37.67 -3.74
CA LYS G 126 46.49 37.95 -5.17
C LYS G 126 45.16 38.44 -5.72
N LYS G 127 44.11 37.63 -5.60
CA LYS G 127 42.77 38.05 -5.98
C LYS G 127 42.10 38.91 -4.91
N ASP G 128 42.71 39.06 -3.75
CA ASP G 128 42.14 39.85 -2.65
C ASP G 128 40.77 39.32 -2.26
N ARG G 129 40.72 38.04 -1.90
CA ARG G 129 39.48 37.35 -1.59
C ARG G 129 39.50 36.93 -0.13
N ILE G 130 38.41 37.18 0.58
CA ILE G 130 38.25 36.79 1.98
C ILE G 130 37.03 35.89 2.09
N ALA G 131 37.21 34.73 2.71
CA ALA G 131 36.11 33.80 2.95
C ALA G 131 36.11 33.41 4.42
N GLU G 132 35.01 33.70 5.11
CA GLU G 132 34.88 33.44 6.54
C GLU G 132 33.87 32.32 6.76
N TYR G 133 34.29 31.28 7.47
CA TYR G 133 33.44 30.15 7.82
C TYR G 133 33.47 29.95 9.33
N SER G 134 32.31 30.07 9.96
CA SER G 134 32.19 29.86 11.40
C SER G 134 31.67 28.44 11.64
N LEU G 135 32.38 27.68 12.47
CA LEU G 135 32.02 26.32 12.80
C LEU G 135 31.64 26.25 14.27
N LYS G 136 30.45 25.74 14.54
CA LYS G 136 29.97 25.62 15.92
C LYS G 136 30.72 24.51 16.64
N LEU G 137 31.14 24.79 17.87
CA LEU G 137 31.91 23.84 18.66
C LEU G 137 30.98 22.88 19.38
N MET G 138 31.47 21.66 19.60
CA MET G 138 30.75 20.63 20.32
C MET G 138 31.21 20.60 21.77
N ASP G 139 30.32 20.07 22.63
CA ASP G 139 30.62 19.92 24.05
C ASP G 139 31.15 18.52 24.28
N ILE G 140 32.43 18.42 24.61
CA ILE G 140 33.09 17.14 24.88
C ILE G 140 33.58 17.16 26.32
N ASP G 141 33.13 16.18 27.11
CA ASP G 141 33.47 16.12 28.53
C ASP G 141 34.61 15.17 28.85
N ALA G 142 34.93 14.24 27.93
CA ALA G 142 35.97 13.26 28.20
C ALA G 142 37.31 13.95 28.43
N ASP G 143 37.87 13.74 29.62
CA ASP G 143 39.19 14.28 29.93
C ASP G 143 40.26 13.55 29.11
N PHE G 144 41.32 14.29 28.76
CA PHE G 144 42.40 13.70 27.98
C PHE G 144 43.15 12.68 28.82
N LEU G 145 43.39 11.51 28.24
CA LEU G 145 44.13 10.47 28.95
C LEU G 145 45.58 10.88 29.09
N LYS G 146 46.11 10.76 30.31
CA LYS G 146 47.49 11.13 30.59
C LYS G 146 48.43 10.20 29.83
N ILE G 147 49.02 10.70 28.75
CA ILE G 147 49.99 9.91 27.97
C ILE G 147 51.36 10.16 28.61
N GLU G 148 51.63 9.41 29.67
CA GLU G 148 52.91 9.54 30.37
C GLU G 148 53.96 8.70 29.66
N GLU G 149 55.20 9.20 29.67
CA GLU G 149 56.28 8.52 28.96
C GLU G 149 56.42 7.09 29.46
N LEU G 150 56.53 6.16 28.52
CA LEU G 150 56.65 4.75 28.81
C LEU G 150 58.02 4.23 28.38
N GLN G 151 58.56 3.29 29.16
CA GLN G 151 59.84 2.68 28.85
C GLN G 151 59.63 1.57 27.82
N TYR G 152 59.39 2.01 26.59
CA TYR G 152 59.12 1.06 25.50
C TYR G 152 60.27 0.08 25.34
N ASP G 153 59.95 -1.20 25.32
CA ASP G 153 60.99 -2.23 25.21
C ASP G 153 61.70 -2.15 23.86
N SER G 154 60.94 -1.95 22.79
CA SER G 154 61.49 -1.92 21.43
C SER G 154 61.13 -0.60 20.76
N THR G 155 62.11 -0.03 20.06
CA THR G 155 61.94 1.24 19.34
C THR G 155 62.38 1.04 17.89
N LEU G 156 61.47 0.53 17.07
CA LEU G 156 61.71 0.37 15.65
C LEU G 156 61.50 1.69 14.92
N SER G 157 62.17 1.85 13.79
CA SER G 157 61.98 3.02 12.94
C SER G 157 62.21 2.61 11.50
N LEU G 158 61.22 2.80 10.65
CA LEU G 158 61.31 2.35 9.28
C LEU G 158 60.69 3.38 8.34
N PRO G 159 61.11 3.40 7.08
CA PRO G 159 60.57 4.40 6.15
C PRO G 159 59.08 4.20 5.92
N SER G 160 58.40 5.32 5.64
CA SER G 160 56.95 5.30 5.52
C SER G 160 56.50 4.38 4.38
N SER G 161 57.17 4.43 3.24
CA SER G 161 56.74 3.65 2.08
C SER G 161 56.78 2.16 2.37
N GLU G 162 57.87 1.68 2.99
CA GLU G 162 58.01 0.26 3.27
C GLU G 162 56.89 -0.23 4.18
N PHE G 163 56.65 0.50 5.27
CA PHE G 163 55.60 0.11 6.20
C PHE G 163 54.23 0.15 5.53
N SER G 164 53.95 1.21 4.77
CA SER G 164 52.67 1.33 4.11
C SER G 164 52.44 0.14 3.19
N LYS G 165 53.43 -0.20 2.37
CA LYS G 165 53.31 -1.32 1.45
C LYS G 165 53.11 -2.63 2.22
N ILE G 166 53.87 -2.82 3.30
CA ILE G 166 53.81 -4.09 4.03
C ILE G 166 52.43 -4.28 4.65
N VAL G 167 51.93 -3.27 5.34
CA VAL G 167 50.60 -3.40 5.96
C VAL G 167 49.52 -3.53 4.90
N ARG G 168 49.62 -2.77 3.80
CA ARG G 168 48.59 -2.88 2.77
C ARG G 168 48.56 -4.28 2.18
N ASP G 169 49.74 -4.86 1.92
CA ASP G 169 49.79 -6.21 1.36
C ASP G 169 49.28 -7.24 2.37
N LEU G 170 49.66 -7.11 3.64
CA LEU G 170 49.30 -8.12 4.62
C LEU G 170 47.81 -8.04 5.00
N SER G 171 47.20 -6.85 4.93
CA SER G 171 45.79 -6.73 5.27
C SER G 171 44.93 -7.53 4.31
N GLN G 172 45.37 -7.69 3.06
CA GLN G 172 44.60 -8.47 2.10
C GLN G 172 44.54 -9.93 2.48
N LEU G 173 45.58 -10.45 3.14
CA LEU G 173 45.62 -11.87 3.48
C LEU G 173 44.88 -12.15 4.78
N SER G 174 45.07 -11.31 5.79
CA SER G 174 44.50 -11.54 7.11
C SER G 174 43.89 -10.26 7.65
N ASP G 175 42.95 -10.42 8.58
CA ASP G 175 42.31 -9.27 9.22
C ASP G 175 43.13 -8.70 10.37
N SER G 176 44.20 -9.39 10.79
CA SER G 176 45.07 -8.90 11.85
C SER G 176 46.48 -9.39 11.58
N ILE G 177 47.47 -8.64 12.08
CA ILE G 177 48.87 -8.95 11.85
C ILE G 177 49.62 -8.89 13.18
N ASN G 178 50.56 -9.81 13.35
CA ASN G 178 51.38 -9.89 14.56
C ASN G 178 52.78 -9.39 14.24
N ILE G 179 53.22 -8.38 14.97
CA ILE G 179 54.56 -7.84 14.87
C ILE G 179 55.42 -8.52 15.92
N MET G 180 56.54 -9.10 15.48
CA MET G 180 57.51 -9.75 16.36
C MET G 180 58.84 -9.03 16.21
N ILE G 181 59.35 -8.50 17.31
CA ILE G 181 60.65 -7.83 17.36
C ILE G 181 61.58 -8.71 18.17
N THR G 182 62.65 -9.19 17.53
CA THR G 182 63.66 -10.00 18.19
C THR G 182 65.03 -9.57 17.68
N LYS G 183 66.07 -10.25 18.15
CA LYS G 183 67.45 -9.89 17.80
C LYS G 183 67.58 -9.70 16.30
N GLU G 184 67.84 -8.46 15.87
CA GLU G 184 68.01 -8.13 14.47
C GLU G 184 66.98 -8.82 13.60
N THR G 185 65.71 -8.81 14.02
CA THR G 185 64.66 -9.47 13.27
C THR G 185 63.33 -8.78 13.53
N ILE G 186 62.62 -8.47 12.46
CA ILE G 186 61.31 -7.83 12.52
C ILE G 186 60.38 -8.63 11.61
N LYS G 187 59.41 -9.31 12.20
CA LYS G 187 58.52 -10.20 11.46
C LYS G 187 57.10 -9.68 11.53
N PHE G 188 56.51 -9.38 10.37
CA PHE G 188 55.11 -8.97 10.28
C PHE G 188 54.29 -10.17 9.80
N VAL G 189 54.04 -11.09 10.74
CA VAL G 189 53.26 -12.28 10.41
C VAL G 189 51.82 -11.89 10.15
N ALA G 190 51.22 -12.50 9.13
CA ALA G 190 49.86 -12.20 8.72
C ALA G 190 49.06 -13.48 8.50
N ASP G 191 49.16 -14.40 9.46
CA ASP G 191 48.37 -15.62 9.39
C ASP G 191 46.89 -15.29 9.35
N GLY G 192 46.17 -15.93 8.43
CA GLY G 192 44.75 -15.67 8.28
C GLY G 192 44.08 -16.59 7.28
N ASP G 193 42.99 -16.11 6.67
CA ASP G 193 42.23 -16.94 5.74
C ASP G 193 43.07 -17.32 4.52
N ILE G 194 43.81 -16.36 3.97
CA ILE G 194 44.59 -16.58 2.75
C ILE G 194 46.01 -16.94 3.19
N GLY G 195 46.23 -18.24 3.40
CA GLY G 195 47.57 -18.73 3.68
C GLY G 195 48.14 -18.11 4.94
N SER G 196 49.48 -17.98 4.94
CA SER G 196 50.21 -17.40 6.06
C SER G 196 51.34 -16.51 5.59
N GLY G 197 51.16 -15.84 4.45
CA GLY G 197 52.19 -14.97 3.91
C GLY G 197 52.63 -13.90 4.89
N SER G 198 53.94 -13.76 5.06
CA SER G 198 54.51 -12.81 6.02
C SER G 198 55.71 -12.11 5.40
N VAL G 199 56.20 -11.09 6.09
CA VAL G 199 57.36 -10.32 5.66
C VAL G 199 58.34 -10.24 6.81
N ILE G 200 59.63 -10.20 6.47
CA ILE G 200 60.71 -10.18 7.44
C ILE G 200 61.72 -9.12 7.03
N ILE G 201 62.21 -8.36 8.02
CA ILE G 201 63.20 -7.32 7.80
C ILE G 201 64.27 -7.42 8.88
N LYS G 202 65.43 -6.89 8.57
CA LYS G 202 66.59 -6.88 9.47
C LYS G 202 67.19 -5.48 9.48
N PRO G 203 67.96 -5.14 10.53
CA PRO G 203 68.60 -3.82 10.56
C PRO G 203 69.44 -3.55 9.33
N PHE G 204 69.16 -2.46 8.63
CA PHE G 204 69.86 -2.10 7.40
C PHE G 204 70.21 -0.61 7.43
N VAL G 205 71.37 -0.28 6.88
CA VAL G 205 71.88 1.08 6.85
C VAL G 205 72.42 1.38 5.46
N ASP G 206 72.12 2.58 4.97
CA ASP G 206 72.61 3.04 3.67
C ASP G 206 73.17 4.45 3.81
N MET G 207 74.20 4.74 3.01
CA MET G 207 74.88 6.03 3.05
C MET G 207 74.42 6.97 1.96
N GLU G 208 74.14 6.47 0.76
CA GLU G 208 73.71 7.33 -0.34
C GLU G 208 72.40 8.02 0.01
N HIS G 209 71.45 7.28 0.58
CA HIS G 209 70.14 7.81 0.97
C HIS G 209 69.84 7.36 2.39
N PRO G 210 70.23 8.16 3.39
CA PRO G 210 69.95 7.77 4.78
C PRO G 210 68.47 7.60 5.09
N GLU G 211 67.58 8.10 4.23
CA GLU G 211 66.15 7.92 4.47
C GLU G 211 65.80 6.45 4.61
N THR G 212 66.42 5.59 3.79
CA THR G 212 66.18 4.14 3.86
C THR G 212 67.16 3.52 4.85
N SER G 213 66.91 3.82 6.13
CA SER G 213 67.75 3.32 7.23
C SER G 213 66.82 2.67 8.26
N ILE G 214 66.76 1.35 8.25
CA ILE G 214 65.93 0.60 9.19
C ILE G 214 66.80 0.27 10.40
N LYS G 215 66.38 0.73 11.58
CA LYS G 215 67.17 0.63 12.79
C LYS G 215 66.33 -0.03 13.88
N LEU G 216 66.99 -0.87 14.68
CA LEU G 216 66.34 -1.63 15.74
C LEU G 216 67.06 -1.41 17.05
N GLU G 217 66.31 -1.10 18.10
CA GLU G 217 66.85 -0.82 19.43
C GLU G 217 66.13 -1.67 20.47
N MET G 218 65.96 -2.94 20.16
CA MET G 218 65.26 -3.86 21.05
C MET G 218 65.99 -4.02 22.37
N ASP G 219 65.21 -4.18 23.44
CA ASP G 219 65.72 -4.49 24.77
C ASP G 219 65.27 -5.86 25.25
N GLN G 220 63.96 -6.14 25.20
CA GLN G 220 63.41 -7.45 25.49
C GLN G 220 62.50 -7.87 24.34
N PRO G 221 62.45 -9.15 24.00
CA PRO G 221 61.70 -9.56 22.82
C PRO G 221 60.23 -9.19 22.92
N VAL G 222 59.66 -8.78 21.79
CA VAL G 222 58.29 -8.26 21.74
C VAL G 222 57.49 -9.06 20.73
N ASP G 223 56.23 -9.33 21.06
CA ASP G 223 55.30 -10.02 20.17
C ASP G 223 53.92 -9.47 20.45
N LEU G 224 53.38 -8.67 19.53
CA LEU G 224 52.09 -8.04 19.75
C LEU G 224 51.28 -8.06 18.45
N THR G 225 49.99 -8.37 18.56
CA THR G 225 49.12 -8.49 17.40
C THR G 225 48.11 -7.35 17.39
N PHE G 226 47.84 -6.83 16.20
CA PHE G 226 46.95 -5.69 16.03
C PHE G 226 46.04 -5.92 14.84
N GLY G 227 44.84 -5.33 14.91
CA GLY G 227 43.87 -5.48 13.84
C GLY G 227 44.28 -4.73 12.58
N ALA G 228 43.70 -5.16 11.46
CA ALA G 228 44.06 -4.59 10.17
C ALA G 228 43.44 -3.21 9.96
N LYS G 229 42.22 -2.99 10.46
CA LYS G 229 41.55 -1.72 10.22
C LYS G 229 42.33 -0.55 10.81
N TYR G 230 42.76 -0.69 12.08
CA TYR G 230 43.46 0.41 12.72
C TYR G 230 44.80 0.69 12.05
N LEU G 231 45.53 -0.37 11.69
CA LEU G 231 46.80 -0.17 11.01
C LEU G 231 46.61 0.47 9.64
N LEU G 232 45.55 0.07 8.92
CA LEU G 232 45.24 0.71 7.64
C LEU G 232 44.95 2.20 7.84
N ASP G 233 44.17 2.53 8.85
CA ASP G 233 43.89 3.94 9.13
C ASP G 233 45.16 4.70 9.46
N ILE G 234 46.05 4.10 10.24
CA ILE G 234 47.30 4.76 10.61
C ILE G 234 48.16 5.01 9.37
N ILE G 235 48.34 3.98 8.54
CA ILE G 235 49.17 4.13 7.35
C ILE G 235 48.54 5.07 6.35
N LYS G 236 47.23 5.30 6.42
CA LYS G 236 46.60 6.27 5.53
C LYS G 236 47.23 7.64 5.67
N GLY G 237 47.82 7.95 6.82
CA GLY G 237 48.51 9.20 7.06
C GLY G 237 49.99 9.16 6.78
N SER G 238 50.49 8.15 6.08
CA SER G 238 51.92 8.05 5.82
C SER G 238 52.41 9.21 4.95
N SER G 239 51.54 9.77 4.12
CA SER G 239 51.94 10.86 3.24
C SER G 239 52.34 12.11 4.02
N LEU G 240 51.99 12.18 5.31
CA LEU G 240 52.30 13.35 6.11
C LEU G 240 53.72 13.34 6.67
N SER G 241 54.46 12.26 6.47
CA SER G 241 55.84 12.16 6.93
C SER G 241 56.61 11.23 6.00
N ASP G 242 57.86 10.97 6.36
CA ASP G 242 58.74 10.11 5.58
C ASP G 242 59.18 8.87 6.33
N ARG G 243 59.47 8.98 7.62
CA ARG G 243 59.88 7.86 8.45
C ARG G 243 58.92 7.72 9.61
N VAL G 244 58.54 6.48 9.91
CA VAL G 244 57.58 6.16 10.95
C VAL G 244 58.32 5.48 12.10
N GLY G 245 58.04 5.93 13.32
CA GLY G 245 58.64 5.35 14.51
C GLY G 245 57.64 4.49 15.25
N ILE G 246 57.93 3.20 15.33
CA ILE G 246 57.04 2.22 15.94
C ILE G 246 57.65 1.80 17.26
N ARG G 247 57.03 2.22 18.37
CA ARG G 247 57.47 1.83 19.69
C ARG G 247 56.54 0.74 20.21
N LEU G 248 57.13 -0.39 20.61
CA LEU G 248 56.39 -1.56 21.04
C LEU G 248 56.88 -2.00 22.41
N SER G 249 55.99 -2.64 23.17
CA SER G 249 56.29 -3.14 24.50
C SER G 249 55.72 -4.54 24.64
N SER G 250 56.10 -5.20 25.74
CA SER G 250 55.65 -6.57 25.97
C SER G 250 54.12 -6.64 26.03
N GLU G 251 53.51 -5.73 26.79
CA GLU G 251 52.04 -5.67 26.87
C GLU G 251 51.66 -4.21 27.12
N ALA G 252 51.39 -3.49 26.04
CA ALA G 252 51.01 -2.09 26.10
C ALA G 252 50.64 -1.61 24.71
N PRO G 253 49.87 -0.52 24.58
CA PRO G 253 49.54 -0.03 23.23
C PRO G 253 50.79 0.34 22.46
N ALA G 254 50.78 -0.01 21.17
CA ALA G 254 51.87 0.34 20.28
C ALA G 254 51.75 1.80 19.86
N LEU G 255 52.90 2.47 19.76
CA LEU G 255 52.95 3.90 19.48
C LEU G 255 53.54 4.10 18.09
N PHE G 256 52.72 4.62 17.16
CA PHE G 256 53.16 4.90 15.80
C PHE G 256 53.28 6.41 15.66
N GLN G 257 54.52 6.88 15.44
CA GLN G 257 54.84 8.29 15.42
C GLN G 257 55.16 8.75 14.01
N PHE G 258 54.51 9.81 13.56
CA PHE G 258 54.87 10.57 12.36
C PHE G 258 55.34 11.94 12.80
N ASP G 259 56.58 12.29 12.49
CA ASP G 259 57.12 13.60 12.83
C ASP G 259 56.76 14.62 11.77
N LEU G 260 56.30 15.79 12.22
CA LEU G 260 55.93 16.88 11.32
C LEU G 260 57.08 17.86 11.21
N LYS G 261 56.85 18.92 10.41
CA LYS G 261 57.84 19.98 10.34
C LYS G 261 58.03 20.65 11.69
N SER G 262 56.92 20.92 12.39
CA SER G 262 56.94 21.45 13.76
C SER G 262 55.85 20.73 14.55
N GLY G 263 56.21 19.61 15.17
CA GLY G 263 55.29 18.85 16.00
C GLY G 263 55.25 17.39 15.57
N PHE G 264 54.17 16.71 15.94
CA PHE G 264 54.05 15.29 15.63
C PHE G 264 52.60 14.83 15.70
N LEU G 265 52.40 13.61 15.18
CA LEU G 265 51.12 12.91 15.20
C LEU G 265 51.38 11.46 15.61
N GLN G 266 50.82 11.06 16.76
CA GLN G 266 50.97 9.72 17.30
C GLN G 266 49.65 8.97 17.24
N PHE G 267 49.75 7.67 16.99
CA PHE G 267 48.63 6.74 17.09
C PHE G 267 49.00 5.69 18.15
N PHE G 268 48.25 5.67 19.25
CA PHE G 268 48.36 4.63 20.25
C PHE G 268 47.31 3.57 19.96
N LEU G 269 47.74 2.38 19.55
CA LEU G 269 46.85 1.29 19.18
C LEU G 269 46.97 0.18 20.20
N ALA G 270 45.86 -0.12 20.89
CA ALA G 270 45.88 -1.18 21.87
C ALA G 270 46.00 -2.54 21.20
N PRO G 271 46.71 -3.49 21.82
CA PRO G 271 46.85 -4.82 21.23
C PRO G 271 45.60 -5.66 21.48
N LYS G 272 45.63 -6.89 20.97
CA LYS G 272 44.55 -7.84 21.15
C LYS G 272 44.93 -8.87 22.21
N PHE G 273 43.91 -9.55 22.74
CA PHE G 273 44.13 -10.51 23.81
C PHE G 273 45.07 -11.62 23.33
N ASN G 274 46.04 -11.96 24.17
CA ASN G 274 46.99 -13.02 23.86
C ASN G 274 47.70 -12.76 22.53
N MET H 20 32.54 -41.64 -28.56
CA MET H 20 31.93 -41.99 -29.88
C MET H 20 31.51 -40.75 -30.66
N LEU H 21 31.47 -39.61 -29.98
CA LEU H 21 31.12 -38.34 -30.61
C LEU H 21 31.93 -37.24 -29.95
N GLU H 22 32.61 -36.43 -30.76
CA GLU H 22 33.34 -35.28 -30.24
C GLU H 22 33.19 -34.12 -31.22
N ALA H 23 33.24 -32.91 -30.68
CA ALA H 23 33.06 -31.68 -31.44
C ALA H 23 34.11 -30.65 -31.02
N LYS H 24 35.37 -31.07 -30.98
CA LYS H 24 36.46 -30.17 -30.60
C LYS H 24 36.33 -28.84 -31.31
N PHE H 25 36.17 -27.78 -30.52
CA PHE H 25 35.92 -26.44 -31.04
C PHE H 25 37.23 -25.66 -31.23
N GLU H 26 37.25 -24.82 -32.25
CA GLU H 26 38.35 -23.87 -32.40
C GLU H 26 38.39 -22.90 -31.22
N GLU H 27 37.22 -22.41 -30.81
CA GLU H 27 37.12 -21.51 -29.66
C GLU H 27 35.78 -21.75 -28.99
N ALA H 28 35.81 -22.07 -27.68
CA ALA H 28 34.58 -22.33 -26.95
C ALA H 28 33.71 -21.07 -26.81
N SER H 29 34.30 -19.89 -26.98
CA SER H 29 33.51 -18.66 -26.93
C SER H 29 32.44 -18.65 -28.02
N LEU H 30 32.73 -19.26 -29.17
CA LEU H 30 31.74 -19.37 -30.23
C LEU H 30 30.51 -20.13 -29.73
N PHE H 31 30.73 -21.29 -29.09
CA PHE H 31 29.62 -22.06 -28.56
C PHE H 31 28.90 -21.31 -27.45
N LYS H 32 29.65 -20.60 -26.60
CA LYS H 32 29.03 -19.79 -25.57
C LYS H 32 28.07 -18.78 -26.18
N ARG H 33 28.53 -18.03 -27.17
CA ARG H 33 27.68 -17.03 -27.80
C ARG H 33 26.50 -17.68 -28.50
N ILE H 34 26.72 -18.83 -29.13
CA ILE H 34 25.63 -19.52 -29.83
C ILE H 34 24.53 -19.90 -28.85
N ILE H 35 24.90 -20.48 -27.72
CA ILE H 35 23.90 -20.86 -26.73
C ILE H 35 23.25 -19.62 -26.11
N ASP H 36 24.04 -18.57 -25.89
CA ASP H 36 23.51 -17.35 -25.29
C ASP H 36 22.56 -16.61 -26.24
N GLY H 37 22.64 -16.86 -27.55
CA GLY H 37 21.85 -16.12 -28.49
C GLY H 37 20.38 -16.45 -28.49
N PHE H 38 20.00 -17.61 -27.94
CA PHE H 38 18.59 -18.00 -27.93
C PHE H 38 18.18 -18.61 -26.60
N LYS H 39 18.89 -18.32 -25.51
CA LYS H 39 18.48 -18.84 -24.21
C LYS H 39 17.13 -18.28 -23.79
N ASP H 40 16.90 -16.98 -24.04
CA ASP H 40 15.63 -16.37 -23.64
C ASP H 40 14.47 -16.95 -24.43
N CYS H 41 14.64 -17.13 -25.74
CA CYS H 41 13.53 -17.61 -26.56
C CYS H 41 13.08 -19.00 -26.14
N VAL H 42 14.03 -19.93 -26.02
CA VAL H 42 13.73 -21.31 -25.64
C VAL H 42 14.75 -21.76 -24.60
N GLN H 43 14.36 -22.78 -23.83
CA GLN H 43 15.21 -23.35 -22.81
C GLN H 43 15.43 -24.86 -22.96
N LEU H 44 14.43 -25.60 -23.43
CA LEU H 44 14.55 -27.03 -23.69
C LEU H 44 14.44 -27.25 -25.19
N VAL H 45 15.59 -27.54 -25.81
CA VAL H 45 15.68 -27.72 -27.26
C VAL H 45 16.44 -29.00 -27.54
N ASN H 46 15.94 -29.79 -28.49
CA ASN H 46 16.60 -31.03 -28.88
C ASN H 46 17.73 -30.74 -29.85
N PHE H 47 18.91 -31.27 -29.55
CA PHE H 47 20.10 -31.11 -30.39
C PHE H 47 20.47 -32.45 -31.00
N GLN H 48 20.34 -32.55 -32.32
CA GLN H 48 20.71 -33.75 -33.05
C GLN H 48 22.15 -33.60 -33.54
N CYS H 49 23.01 -34.52 -33.10
CA CYS H 49 24.41 -34.54 -33.49
C CYS H 49 24.59 -35.66 -34.50
N LYS H 50 24.98 -35.30 -35.71
CA LYS H 50 25.29 -36.21 -36.81
C LYS H 50 26.70 -35.92 -37.27
N GLU H 51 27.26 -36.82 -38.09
CA GLU H 51 28.57 -36.57 -38.66
C GLU H 51 28.59 -35.26 -39.44
N ASP H 52 27.44 -34.83 -39.97
CA ASP H 52 27.36 -33.55 -40.65
C ASP H 52 27.59 -32.40 -39.69
N GLY H 53 27.04 -32.49 -38.49
CA GLY H 53 27.21 -31.43 -37.50
C GLY H 53 26.08 -31.45 -36.48
N ILE H 54 25.81 -30.27 -35.92
CA ILE H 54 24.79 -30.10 -34.90
C ILE H 54 23.58 -29.41 -35.53
N ILE H 55 22.39 -29.92 -35.24
CA ILE H 55 21.15 -29.33 -35.73
C ILE H 55 20.19 -29.22 -34.56
N ALA H 56 19.25 -28.28 -34.66
CA ALA H 56 18.24 -28.11 -33.61
C ALA H 56 17.10 -27.25 -34.14
N GLN H 57 15.88 -27.60 -33.74
CA GLN H 57 14.70 -26.83 -34.11
C GLN H 57 13.71 -26.94 -32.95
N ALA H 58 13.43 -25.80 -32.31
CA ALA H 58 12.56 -25.77 -31.14
C ALA H 58 11.48 -24.71 -31.32
N VAL H 59 10.22 -25.12 -31.14
CA VAL H 59 9.10 -24.18 -31.19
C VAL H 59 8.94 -23.52 -29.83
N ASP H 60 8.70 -22.22 -29.85
CA ASP H 60 8.56 -21.48 -28.60
C ASP H 60 7.33 -21.94 -27.83
N ASP H 61 7.38 -21.75 -26.50
CA ASP H 61 6.27 -22.19 -25.66
C ASP H 61 4.96 -21.57 -26.09
N SER H 62 4.99 -20.35 -26.61
CA SER H 62 3.79 -19.67 -27.09
C SER H 62 3.40 -20.08 -28.51
N ARG H 63 4.21 -20.90 -29.17
CA ARG H 63 3.93 -21.35 -30.53
C ARG H 63 3.87 -20.18 -31.51
N VAL H 64 4.57 -19.10 -31.20
CA VAL H 64 4.67 -17.94 -32.09
C VAL H 64 6.08 -17.71 -32.60
N LEU H 65 7.08 -18.38 -32.03
CA LEU H 65 8.47 -18.22 -32.44
C LEU H 65 9.12 -19.58 -32.54
N LEU H 66 9.98 -19.75 -33.55
CA LEU H 66 10.72 -20.99 -33.75
C LEU H 66 12.20 -20.66 -33.84
N VAL H 67 13.01 -21.40 -33.09
CA VAL H 67 14.46 -21.22 -33.06
C VAL H 67 15.08 -22.40 -33.79
N SER H 68 15.76 -22.13 -34.90
CA SER H 68 16.50 -23.13 -35.65
C SER H 68 17.98 -22.83 -35.55
N LEU H 69 18.78 -23.87 -35.39
CA LEU H 69 20.23 -23.73 -35.22
C LEU H 69 20.89 -24.85 -36.00
N GLU H 70 22.00 -24.54 -36.67
CA GLU H 70 22.83 -25.63 -37.17
C GLU H 70 24.27 -25.15 -37.30
N ILE H 71 25.18 -25.99 -36.82
CA ILE H 71 26.61 -25.77 -36.89
C ILE H 71 27.20 -26.89 -37.73
N GLY H 72 27.91 -26.52 -38.80
CA GLY H 72 28.48 -27.51 -39.69
C GLY H 72 29.75 -28.13 -39.12
N VAL H 73 30.16 -29.23 -39.75
CA VAL H 73 31.36 -29.94 -39.31
C VAL H 73 32.60 -29.07 -39.50
N GLU H 74 32.57 -28.15 -40.48
CA GLU H 74 33.73 -27.34 -40.76
C GLU H 74 34.11 -26.45 -39.58
N ALA H 75 33.09 -25.87 -38.91
CA ALA H 75 33.37 -24.91 -37.85
C ALA H 75 34.18 -25.54 -36.72
N PHE H 76 33.81 -26.76 -36.33
CA PHE H 76 34.52 -27.41 -35.23
C PHE H 76 35.97 -27.69 -35.62
N GLN H 77 36.87 -27.59 -34.65
CA GLN H 77 38.27 -27.91 -34.91
C GLN H 77 38.43 -29.37 -35.33
N GLU H 78 37.72 -30.27 -34.65
CA GLU H 78 37.75 -31.69 -35.02
C GLU H 78 36.44 -32.31 -34.56
N TYR H 79 35.57 -32.65 -35.50
CA TYR H 79 34.26 -33.21 -35.20
C TYR H 79 34.15 -34.61 -35.79
N ARG H 80 33.69 -35.56 -34.99
CA ARG H 80 33.41 -36.89 -35.48
C ARG H 80 32.26 -37.50 -34.68
N CYS H 81 31.56 -38.44 -35.32
CA CYS H 81 30.43 -39.12 -34.72
C CYS H 81 30.20 -40.44 -35.44
N ASP H 82 29.98 -41.51 -34.68
CA ASP H 82 29.77 -42.82 -35.26
C ASP H 82 28.30 -43.16 -35.48
N HIS H 83 27.40 -42.55 -34.69
CA HIS H 83 25.99 -42.82 -34.80
C HIS H 83 25.23 -41.56 -34.39
N PRO H 84 24.30 -41.07 -35.20
CA PRO H 84 23.58 -39.83 -34.84
C PRO H 84 22.89 -39.99 -33.50
N VAL H 85 22.97 -38.95 -32.67
CA VAL H 85 22.43 -39.00 -31.32
C VAL H 85 21.71 -37.69 -31.02
N THR H 86 20.52 -37.79 -30.42
CA THR H 86 19.74 -36.62 -30.04
C THR H 86 19.84 -36.41 -28.54
N LEU H 87 20.27 -35.23 -28.13
CA LEU H 87 20.42 -34.87 -26.72
C LEU H 87 19.44 -33.75 -26.38
N GLY H 88 18.71 -33.93 -25.29
CA GLY H 88 17.79 -32.91 -24.82
C GLY H 88 18.37 -32.11 -23.67
N MET H 89 19.67 -31.84 -23.73
CA MET H 89 20.34 -31.13 -22.64
C MET H 89 19.77 -29.73 -22.49
N ASP H 90 19.65 -29.28 -21.24
CA ASP H 90 19.11 -27.97 -20.95
C ASP H 90 20.08 -26.87 -21.34
N LEU H 91 19.54 -25.75 -21.83
CA LEU H 91 20.39 -24.63 -22.21
C LEU H 91 20.94 -23.89 -20.99
N THR H 92 20.13 -23.73 -19.96
CA THR H 92 20.59 -23.03 -18.76
C THR H 92 21.73 -23.77 -18.09
N SER H 93 21.64 -25.11 -18.04
CA SER H 93 22.70 -25.90 -17.44
C SER H 93 24.00 -25.78 -18.25
N LEU H 94 23.90 -25.79 -19.58
CA LEU H 94 25.09 -25.61 -20.40
C LEU H 94 25.69 -24.23 -20.20
N SER H 95 24.86 -23.20 -20.09
CA SER H 95 25.37 -21.86 -19.82
C SER H 95 26.10 -21.83 -18.48
N LYS H 96 25.52 -22.47 -17.45
CA LYS H 96 26.18 -22.55 -16.16
C LYS H 96 27.53 -23.25 -16.27
N ILE H 97 27.58 -24.34 -17.05
CA ILE H 97 28.83 -25.07 -17.23
C ILE H 97 29.87 -24.19 -17.90
N LEU H 98 29.47 -23.47 -18.95
CA LEU H 98 30.45 -22.73 -19.73
C LEU H 98 30.97 -21.52 -18.95
N ARG H 99 30.07 -20.81 -18.25
CA ARG H 99 30.43 -19.52 -17.67
C ARG H 99 31.65 -19.63 -16.76
N CYS H 100 31.85 -20.80 -16.14
CA CYS H 100 33.04 -21.01 -15.31
C CYS H 100 34.29 -21.27 -16.13
N GLY H 101 34.16 -21.48 -17.44
CA GLY H 101 35.31 -21.78 -18.27
C GLY H 101 36.15 -20.56 -18.57
N ASN H 102 37.32 -20.82 -19.15
CA ASN H 102 38.27 -19.77 -19.49
C ASN H 102 37.86 -19.13 -20.82
N ASN H 103 38.72 -18.25 -21.35
CA ASN H 103 38.39 -17.49 -22.55
C ASN H 103 38.66 -18.29 -23.82
N THR H 104 39.93 -18.65 -24.04
CA THR H 104 40.38 -19.25 -25.29
C THR H 104 40.71 -20.72 -25.06
N ASP H 105 39.70 -21.58 -25.20
CA ASP H 105 39.90 -23.02 -25.03
C ASP H 105 39.28 -23.79 -26.20
N THR H 106 39.24 -25.12 -26.10
CA THR H 106 38.87 -26.00 -27.20
C THR H 106 37.82 -27.02 -26.74
N LEU H 107 36.70 -26.50 -26.22
CA LEU H 107 35.63 -27.33 -25.67
C LEU H 107 35.33 -28.53 -26.58
N THR H 108 35.17 -29.70 -25.95
CA THR H 108 34.76 -30.92 -26.62
C THR H 108 33.58 -31.51 -25.88
N LEU H 109 32.79 -32.32 -26.59
CA LEU H 109 31.47 -32.74 -26.12
C LEU H 109 31.36 -34.26 -25.97
N ILE H 110 32.32 -34.89 -25.29
CA ILE H 110 32.39 -36.34 -25.31
C ILE H 110 31.24 -36.94 -24.50
N ALA H 111 30.86 -38.17 -24.86
CA ALA H 111 29.82 -38.90 -24.14
C ALA H 111 30.05 -40.39 -24.37
N ASP H 112 29.06 -41.21 -24.01
CA ASP H 112 29.17 -42.66 -24.14
C ASP H 112 27.94 -43.25 -24.84
N ASN H 113 27.85 -44.58 -24.86
CA ASN H 113 26.77 -45.23 -25.60
C ASN H 113 25.41 -44.91 -25.00
N THR H 114 25.31 -44.87 -23.67
CA THR H 114 24.06 -44.60 -22.96
C THR H 114 24.29 -43.43 -22.01
N PRO H 115 24.37 -42.21 -22.55
CA PRO H 115 24.77 -41.05 -21.73
C PRO H 115 23.58 -40.46 -20.98
N ASP H 116 23.63 -40.57 -19.65
CA ASP H 116 22.81 -39.73 -18.78
C ASP H 116 23.45 -38.37 -18.56
N SER H 117 24.70 -38.20 -18.95
CA SER H 117 25.40 -36.93 -18.87
C SER H 117 26.45 -36.89 -19.98
N ILE H 118 26.85 -35.67 -20.35
CA ILE H 118 27.83 -35.43 -21.39
C ILE H 118 29.01 -34.69 -20.76
N ILE H 119 30.20 -35.21 -20.96
CA ILE H 119 31.41 -34.62 -20.38
C ILE H 119 31.93 -33.55 -21.35
N LEU H 120 31.97 -32.31 -20.87
CA LEU H 120 32.44 -31.18 -21.65
C LEU H 120 33.90 -30.93 -21.26
N LEU H 121 34.81 -31.26 -22.17
CA LEU H 121 36.24 -31.14 -21.94
C LEU H 121 36.70 -29.76 -22.39
N PHE H 122 36.93 -28.86 -21.43
CA PHE H 122 37.37 -27.50 -21.71
C PHE H 122 38.90 -27.49 -21.80
N GLU H 123 39.41 -28.08 -22.88
CA GLU H 123 40.84 -28.24 -23.08
C GLU H 123 41.45 -26.97 -23.66
N ASP H 124 42.70 -26.74 -23.31
CA ASP H 124 43.45 -25.57 -23.76
C ASP H 124 44.83 -26.00 -24.23
N THR H 125 45.49 -25.11 -24.98
CA THR H 125 46.84 -25.40 -25.45
C THR H 125 47.77 -25.70 -24.28
N LYS H 126 47.69 -24.92 -23.21
CA LYS H 126 48.44 -25.20 -22.01
C LYS H 126 47.82 -26.39 -21.27
N LYS H 127 48.65 -27.07 -20.49
CA LYS H 127 48.22 -28.25 -19.75
C LYS H 127 47.67 -27.93 -18.37
N ASP H 128 47.58 -26.65 -18.00
CA ASP H 128 47.07 -26.24 -16.70
C ASP H 128 45.73 -25.53 -16.77
N ARG H 129 45.47 -24.74 -17.82
CA ARG H 129 44.23 -23.99 -17.94
C ARG H 129 43.16 -24.91 -18.54
N ILE H 130 42.62 -25.78 -17.68
CA ILE H 130 41.61 -26.74 -18.06
C ILE H 130 40.40 -26.56 -17.14
N ALA H 131 39.20 -26.63 -17.73
CA ALA H 131 37.94 -26.41 -17.01
C ALA H 131 36.95 -27.50 -17.36
N GLU H 132 37.37 -28.76 -17.25
CA GLU H 132 36.49 -29.88 -17.54
C GLU H 132 35.25 -29.84 -16.66
N TYR H 133 34.09 -30.15 -17.26
CA TYR H 133 32.83 -30.17 -16.54
C TYR H 133 31.97 -31.30 -17.08
N SER H 134 30.80 -31.48 -16.45
CA SER H 134 29.82 -32.47 -16.90
C SER H 134 28.43 -31.82 -16.90
N LEU H 135 27.64 -32.14 -17.92
CA LEU H 135 26.33 -31.55 -18.12
C LEU H 135 25.28 -32.65 -18.18
N LYS H 136 24.27 -32.56 -17.34
CA LYS H 136 23.20 -33.56 -17.34
C LYS H 136 22.35 -33.42 -18.60
N LEU H 137 21.80 -34.54 -19.05
CA LEU H 137 20.96 -34.59 -20.24
C LEU H 137 19.52 -34.89 -19.85
N MET H 138 18.58 -34.19 -20.48
CA MET H 138 17.16 -34.35 -20.23
C MET H 138 16.50 -35.04 -21.42
N ASP H 139 15.47 -35.84 -21.11
CA ASP H 139 14.76 -36.60 -22.13
C ASP H 139 13.65 -35.73 -22.71
N ILE H 140 14.04 -34.84 -23.61
CA ILE H 140 13.09 -33.95 -24.27
C ILE H 140 12.53 -34.66 -25.50
N ASP H 141 11.31 -34.31 -25.87
CA ASP H 141 10.62 -34.92 -27.01
C ASP H 141 10.84 -34.07 -28.25
N ALA H 142 11.16 -34.73 -29.36
CA ALA H 142 11.42 -34.06 -30.63
C ALA H 142 10.43 -34.53 -31.68
N ASP H 143 9.92 -33.59 -32.47
CA ASP H 143 9.00 -33.88 -33.57
C ASP H 143 9.68 -33.61 -34.89
N PHE H 144 9.04 -34.05 -35.97
CA PHE H 144 9.60 -33.91 -37.32
C PHE H 144 9.22 -32.53 -37.89
N LEU H 145 9.85 -31.51 -37.33
CA LEU H 145 9.65 -30.15 -37.82
C LEU H 145 10.19 -30.02 -39.24
N LYS H 146 9.40 -29.36 -40.09
CA LYS H 146 9.77 -29.12 -41.48
C LYS H 146 9.90 -27.63 -41.73
N ILE H 147 11.01 -27.23 -42.34
CA ILE H 147 11.29 -25.83 -42.63
C ILE H 147 11.43 -25.65 -44.13
N GLU H 148 10.66 -26.42 -44.90
CA GLU H 148 10.71 -26.39 -46.36
C GLU H 148 10.84 -24.97 -46.88
N GLU H 149 11.80 -24.76 -47.77
CA GLU H 149 12.08 -23.43 -48.29
C GLU H 149 10.87 -22.89 -49.03
N LEU H 150 10.65 -21.58 -48.92
CA LEU H 150 9.56 -20.89 -49.58
C LEU H 150 10.12 -19.75 -50.41
N GLN H 151 9.37 -19.37 -51.45
CA GLN H 151 9.76 -18.26 -52.32
C GLN H 151 9.50 -16.94 -51.60
N TYR H 152 10.37 -16.65 -50.64
CA TYR H 152 10.24 -15.42 -49.87
C TYR H 152 10.33 -14.21 -50.80
N ASP H 153 9.39 -13.28 -50.64
CA ASP H 153 9.31 -12.16 -51.57
C ASP H 153 10.54 -11.26 -51.47
N SER H 154 11.03 -11.00 -50.25
CA SER H 154 12.15 -10.10 -50.05
C SER H 154 13.18 -10.73 -49.13
N THR H 155 14.45 -10.38 -49.35
CA THR H 155 15.50 -10.81 -48.44
C THR H 155 16.65 -9.81 -48.50
N LEU H 156 17.13 -9.40 -47.32
CA LEU H 156 18.17 -8.40 -47.20
C LEU H 156 19.16 -8.84 -46.14
N SER H 157 20.31 -8.17 -46.12
CA SER H 157 21.35 -8.39 -45.12
C SER H 157 21.96 -7.05 -44.75
N LEU H 158 22.04 -6.77 -43.45
CA LEU H 158 22.59 -5.52 -42.97
C LEU H 158 23.45 -5.78 -41.74
N PRO H 159 24.38 -4.88 -41.42
CA PRO H 159 25.27 -5.11 -40.28
C PRO H 159 24.51 -5.30 -38.98
N SER H 160 25.04 -6.16 -38.12
CA SER H 160 24.38 -6.46 -36.85
C SER H 160 24.35 -5.25 -35.93
N SER H 161 25.42 -4.45 -35.93
CA SER H 161 25.47 -3.28 -35.05
C SER H 161 24.38 -2.28 -35.41
N GLU H 162 24.16 -2.05 -36.71
CA GLU H 162 23.11 -1.13 -37.12
C GLU H 162 21.74 -1.62 -36.67
N PHE H 163 21.48 -2.93 -36.83
CA PHE H 163 20.21 -3.48 -36.37
C PHE H 163 20.05 -3.34 -34.86
N SER H 164 21.12 -3.60 -34.12
CA SER H 164 21.05 -3.48 -32.66
C SER H 164 20.72 -2.04 -32.27
N LYS H 165 21.40 -1.07 -32.87
CA LYS H 165 21.13 0.34 -32.57
C LYS H 165 19.69 0.69 -32.92
N ILE H 166 19.23 0.27 -34.10
CA ILE H 166 17.88 0.63 -34.55
C ILE H 166 16.84 0.04 -33.61
N VAL H 167 17.02 -1.22 -33.22
CA VAL H 167 16.04 -1.88 -32.35
C VAL H 167 16.04 -1.25 -30.97
N ARG H 168 17.23 -1.04 -30.39
CA ARG H 168 17.30 -0.43 -29.07
C ARG H 168 16.79 1.00 -29.09
N ASP H 169 16.79 1.65 -30.25
CA ASP H 169 16.24 3.00 -30.36
C ASP H 169 14.72 2.98 -30.47
N LEU H 170 14.20 2.14 -31.36
CA LEU H 170 12.76 2.13 -31.62
C LEU H 170 11.98 1.44 -30.52
N SER H 171 12.62 0.59 -29.71
CA SER H 171 11.90 -0.05 -28.61
C SER H 171 11.47 0.97 -27.56
N GLN H 172 12.24 2.05 -27.40
CA GLN H 172 11.87 3.08 -26.44
C GLN H 172 10.60 3.83 -26.86
N LEU H 173 10.39 4.00 -28.16
CA LEU H 173 9.29 4.80 -28.67
C LEU H 173 8.03 3.96 -28.96
N SER H 174 8.09 2.65 -28.80
CA SER H 174 6.93 1.81 -29.10
C SER H 174 7.27 0.37 -28.71
N ASP H 175 6.25 -0.49 -28.79
CA ASP H 175 6.39 -1.91 -28.54
C ASP H 175 6.22 -2.74 -29.81
N SER H 176 5.77 -2.14 -30.91
CA SER H 176 5.60 -2.81 -32.18
C SER H 176 6.47 -2.12 -33.23
N ILE H 177 7.21 -2.91 -34.00
CA ILE H 177 8.11 -2.40 -35.02
C ILE H 177 7.67 -2.95 -36.37
N ASN H 178 7.44 -2.05 -37.32
CA ASN H 178 7.04 -2.43 -38.67
C ASN H 178 8.25 -2.36 -39.59
N ILE H 179 8.49 -3.44 -40.33
CA ILE H 179 9.61 -3.52 -41.26
C ILE H 179 9.07 -3.47 -42.68
N MET H 180 8.95 -2.27 -43.23
CA MET H 180 8.43 -2.09 -44.58
C MET H 180 9.56 -2.27 -45.58
N ILE H 181 9.52 -3.36 -46.35
CA ILE H 181 10.50 -3.54 -47.42
C ILE H 181 9.78 -3.33 -48.74
N THR H 182 10.02 -2.17 -49.34
CA THR H 182 9.51 -1.79 -50.65
C THR H 182 10.70 -1.70 -51.62
N LYS H 183 10.44 -1.23 -52.84
CA LYS H 183 11.50 -1.06 -53.81
C LYS H 183 12.64 -0.22 -53.24
N GLU H 184 13.81 -0.85 -53.11
CA GLU H 184 15.03 -0.15 -52.72
C GLU H 184 14.88 0.59 -51.39
N THR H 185 14.01 0.09 -50.51
CA THR H 185 13.76 0.73 -49.22
C THR H 185 13.67 -0.34 -48.14
N ILE H 186 14.24 -0.03 -46.97
CA ILE H 186 14.28 -0.95 -45.83
C ILE H 186 13.61 -0.27 -44.64
N LYS H 187 12.54 0.48 -44.91
CA LYS H 187 11.99 1.41 -43.94
C LYS H 187 11.66 0.72 -42.61
N PHE H 188 12.08 1.36 -41.52
CA PHE H 188 11.73 0.96 -40.17
C PHE H 188 10.69 1.93 -39.62
N VAL H 189 9.70 1.40 -38.91
CA VAL H 189 8.65 2.23 -38.33
C VAL H 189 8.38 1.78 -36.90
N ALA H 190 8.18 2.73 -36.00
CA ALA H 190 7.78 2.43 -34.63
C ALA H 190 6.91 3.56 -34.12
N ASP H 191 5.62 3.30 -33.96
CA ASP H 191 4.66 4.31 -33.54
C ASP H 191 4.26 4.04 -32.09
N GLY H 192 4.27 5.09 -31.26
CA GLY H 192 3.91 4.97 -29.87
C GLY H 192 3.12 6.15 -29.35
N ASP H 193 3.00 6.24 -28.03
CA ASP H 193 2.20 7.31 -27.43
C ASP H 193 2.89 8.66 -27.54
N ILE H 194 4.19 8.71 -27.23
CA ILE H 194 4.90 9.99 -27.24
C ILE H 194 5.07 10.49 -28.68
N GLY H 195 5.30 9.58 -29.62
CA GLY H 195 5.51 9.98 -30.99
C GLY H 195 5.91 8.78 -31.84
N SER H 196 6.49 9.07 -33.00
CA SER H 196 6.87 8.05 -33.96
C SER H 196 8.37 8.13 -34.23
N GLY H 197 8.94 6.98 -34.60
CA GLY H 197 10.34 6.90 -34.95
C GLY H 197 10.55 6.09 -36.22
N SER H 198 11.26 6.69 -37.18
CA SER H 198 11.56 6.04 -38.45
C SER H 198 13.01 6.28 -38.79
N VAL H 199 13.73 5.21 -39.14
CA VAL H 199 15.13 5.28 -39.52
C VAL H 199 15.25 4.56 -40.87
N ILE H 200 15.23 5.33 -41.95
CA ILE H 200 15.25 4.75 -43.30
C ILE H 200 16.67 4.39 -43.67
N ILE H 201 16.86 3.14 -44.12
CA ILE H 201 18.14 2.67 -44.62
C ILE H 201 17.98 2.34 -46.09
N LYS H 202 19.07 2.48 -46.84
CA LYS H 202 19.09 2.28 -48.27
C LYS H 202 20.25 1.37 -48.65
N PRO H 203 20.15 0.66 -49.79
CA PRO H 203 21.29 -0.15 -50.25
C PRO H 203 22.59 0.65 -50.22
N PHE H 204 23.58 0.14 -49.51
CA PHE H 204 24.81 0.87 -49.20
C PHE H 204 26.00 -0.01 -49.49
N VAL H 205 27.01 0.54 -50.16
CA VAL H 205 28.23 -0.19 -50.49
C VAL H 205 29.41 0.75 -50.27
N ASP H 206 30.46 0.25 -49.62
CA ASP H 206 31.70 0.98 -49.40
C ASP H 206 32.84 0.15 -49.98
N MET H 207 33.49 0.67 -51.02
CA MET H 207 34.61 -0.05 -51.62
C MET H 207 35.76 -0.19 -50.65
N GLU H 208 36.03 0.84 -49.86
CA GLU H 208 37.13 0.80 -48.90
C GLU H 208 36.83 -0.13 -47.72
N HIS H 209 35.56 -0.35 -47.41
CA HIS H 209 35.16 -1.29 -46.35
C HIS H 209 33.81 -1.88 -46.71
N PRO H 210 33.78 -2.84 -47.64
CA PRO H 210 32.51 -3.45 -48.04
C PRO H 210 31.85 -4.31 -46.96
N GLU H 211 32.52 -4.53 -45.83
CA GLU H 211 31.95 -5.38 -44.79
C GLU H 211 30.64 -4.83 -44.24
N THR H 212 30.41 -3.51 -44.34
CA THR H 212 29.21 -2.88 -43.82
C THR H 212 28.26 -2.46 -44.94
N SER H 213 28.24 -3.22 -46.03
CA SER H 213 27.41 -2.90 -47.18
C SER H 213 26.02 -3.51 -47.00
N ILE H 214 24.99 -2.69 -47.19
CA ILE H 214 23.61 -3.16 -47.09
C ILE H 214 23.25 -3.87 -48.38
N LYS H 215 22.85 -5.14 -48.27
CA LYS H 215 22.46 -5.94 -49.42
C LYS H 215 20.95 -6.15 -49.40
N LEU H 216 20.34 -6.12 -50.57
CA LEU H 216 18.89 -6.26 -50.69
C LEU H 216 18.55 -6.95 -52.00
N GLU H 217 17.52 -7.80 -51.97
CA GLU H 217 16.90 -8.30 -53.20
C GLU H 217 15.41 -8.49 -52.92
N MET H 218 14.60 -7.89 -53.78
CA MET H 218 13.20 -7.61 -53.49
C MET H 218 12.36 -7.79 -54.73
N ASP H 219 11.31 -8.60 -54.61
CA ASP H 219 10.43 -8.95 -55.72
C ASP H 219 9.04 -8.33 -55.56
N GLN H 220 8.37 -8.59 -54.45
CA GLN H 220 7.06 -8.00 -54.18
C GLN H 220 7.06 -7.36 -52.80
N PRO H 221 6.45 -6.18 -52.65
CA PRO H 221 6.60 -5.45 -51.39
C PRO H 221 6.10 -6.26 -50.21
N VAL H 222 6.79 -6.15 -49.08
CA VAL H 222 6.47 -6.92 -47.88
C VAL H 222 6.25 -5.96 -46.71
N ASP H 223 5.10 -6.13 -46.06
CA ASP H 223 4.70 -5.35 -44.88
C ASP H 223 4.51 -6.36 -43.75
N LEU H 224 5.30 -6.22 -42.69
CA LEU H 224 5.17 -7.08 -41.52
C LEU H 224 5.53 -6.28 -40.27
N THR H 225 4.64 -6.32 -39.28
CA THR H 225 4.87 -5.66 -38.01
C THR H 225 5.02 -6.72 -36.93
N PHE H 226 6.11 -6.62 -36.16
CA PHE H 226 6.45 -7.60 -35.14
C PHE H 226 6.49 -6.92 -33.77
N GLY H 227 6.57 -7.75 -32.74
CA GLY H 227 6.67 -7.24 -31.38
C GLY H 227 8.09 -6.79 -31.05
N ALA H 228 8.18 -5.67 -30.34
CA ALA H 228 9.49 -5.12 -30.00
C ALA H 228 10.27 -6.06 -29.09
N LYS H 229 9.58 -6.72 -28.15
CA LYS H 229 10.26 -7.62 -27.23
C LYS H 229 10.91 -8.78 -27.98
N TYR H 230 10.19 -9.35 -28.95
CA TYR H 230 10.75 -10.46 -29.72
C TYR H 230 11.99 -10.02 -30.50
N LEU H 231 11.92 -8.85 -31.14
CA LEU H 231 13.07 -8.36 -31.90
C LEU H 231 14.25 -8.08 -30.98
N LEU H 232 14.00 -7.52 -29.80
CA LEU H 232 15.07 -7.27 -28.84
C LEU H 232 15.72 -8.58 -28.43
N ASP H 233 14.91 -9.59 -28.11
CA ASP H 233 15.46 -10.88 -27.71
C ASP H 233 16.26 -11.49 -28.85
N ILE H 234 15.80 -11.33 -30.09
CA ILE H 234 16.51 -11.89 -31.23
C ILE H 234 17.87 -11.21 -31.39
N ILE H 235 17.89 -9.87 -31.30
CA ILE H 235 19.15 -9.16 -31.46
C ILE H 235 20.09 -9.39 -30.29
N LYS H 236 19.57 -9.86 -29.14
CA LYS H 236 20.46 -10.24 -28.05
C LYS H 236 21.50 -11.25 -28.53
N GLY H 237 21.14 -12.08 -29.50
CA GLY H 237 22.05 -13.10 -30.01
C GLY H 237 22.65 -12.76 -31.36
N SER H 238 22.72 -11.46 -31.68
CA SER H 238 23.25 -11.00 -32.96
C SER H 238 24.76 -10.88 -32.96
N SER H 239 25.42 -11.13 -31.82
CA SER H 239 26.88 -11.03 -31.77
C SER H 239 27.55 -12.12 -32.58
N LEU H 240 26.83 -13.18 -32.95
CA LEU H 240 27.42 -14.27 -33.72
C LEU H 240 28.00 -13.76 -35.04
N SER H 241 27.20 -13.02 -35.80
CA SER H 241 27.60 -12.52 -37.11
C SER H 241 27.56 -11.00 -37.10
N ASP H 242 28.56 -10.40 -37.76
CA ASP H 242 28.56 -8.96 -37.96
C ASP H 242 27.43 -8.51 -38.88
N ARG H 243 26.77 -9.44 -39.56
CA ARG H 243 25.64 -9.14 -40.43
C ARG H 243 24.49 -10.06 -40.11
N VAL H 244 23.27 -9.52 -40.21
CA VAL H 244 22.03 -10.26 -40.00
C VAL H 244 21.22 -10.19 -41.29
N GLY H 245 20.65 -11.34 -41.66
CA GLY H 245 19.82 -11.43 -42.85
C GLY H 245 18.35 -11.61 -42.53
N ILE H 246 17.53 -10.69 -43.03
CA ILE H 246 16.09 -10.70 -42.80
C ILE H 246 15.41 -11.19 -44.07
N ARG H 247 14.60 -12.24 -43.95
CA ARG H 247 13.83 -12.79 -45.06
C ARG H 247 12.36 -12.58 -44.76
N LEU H 248 11.68 -11.84 -45.64
CA LEU H 248 10.30 -11.43 -45.43
C LEU H 248 9.42 -12.02 -46.53
N SER H 249 8.35 -12.70 -46.11
CA SER H 249 7.30 -13.20 -46.98
C SER H 249 5.96 -12.76 -46.42
N SER H 250 5.07 -12.29 -47.30
CA SER H 250 3.80 -11.74 -46.84
C SER H 250 2.95 -12.80 -46.15
N GLU H 251 2.87 -14.01 -46.72
CA GLU H 251 1.98 -15.05 -46.23
C GLU H 251 2.69 -16.09 -45.37
N ALA H 252 3.97 -15.92 -45.10
CA ALA H 252 4.74 -16.86 -44.31
C ALA H 252 5.52 -16.13 -43.22
N PRO H 253 5.86 -16.80 -42.12
CA PRO H 253 6.62 -16.14 -41.05
C PRO H 253 8.00 -15.73 -41.55
N ALA H 254 8.29 -14.43 -41.41
CA ALA H 254 9.61 -13.93 -41.74
C ALA H 254 10.65 -14.50 -40.77
N LEU H 255 11.88 -14.62 -41.26
CA LEU H 255 12.95 -15.24 -40.48
C LEU H 255 14.19 -14.35 -40.46
N PHE H 256 14.83 -14.27 -39.30
CA PHE H 256 16.07 -13.53 -39.12
C PHE H 256 17.20 -14.52 -38.90
N GLN H 257 18.27 -14.38 -39.68
CA GLN H 257 19.38 -15.32 -39.70
C GLN H 257 20.66 -14.63 -39.30
N PHE H 258 21.46 -15.31 -38.47
CA PHE H 258 22.79 -14.86 -38.09
C PHE H 258 23.77 -15.97 -38.46
N ASP H 259 24.70 -15.66 -39.35
CA ASP H 259 25.61 -16.68 -39.87
C ASP H 259 26.61 -17.11 -38.81
N LEU H 260 26.90 -18.41 -38.78
CA LEU H 260 27.92 -18.97 -37.91
C LEU H 260 29.18 -19.26 -38.75
N LYS H 261 30.17 -19.88 -38.11
CA LYS H 261 31.40 -20.21 -38.83
C LYS H 261 31.13 -21.17 -39.98
N SER H 262 30.27 -22.18 -39.76
CA SER H 262 29.95 -23.14 -40.81
C SER H 262 28.47 -23.49 -40.84
N GLY H 263 27.61 -22.64 -40.28
CA GLY H 263 26.19 -22.87 -40.29
C GLY H 263 25.48 -21.55 -40.10
N PHE H 264 24.34 -21.59 -39.41
CA PHE H 264 23.67 -20.35 -39.04
C PHE H 264 22.62 -20.61 -37.98
N LEU H 265 22.18 -19.51 -37.36
CA LEU H 265 21.13 -19.49 -36.36
C LEU H 265 19.97 -18.69 -36.92
N GLN H 266 18.85 -19.35 -37.20
CA GLN H 266 17.67 -18.71 -37.76
C GLN H 266 16.57 -18.63 -36.71
N PHE H 267 15.74 -17.60 -36.85
CA PHE H 267 14.61 -17.37 -35.94
C PHE H 267 13.40 -17.03 -36.79
N PHE H 268 12.41 -17.92 -36.81
CA PHE H 268 11.15 -17.68 -37.51
C PHE H 268 10.20 -17.05 -36.49
N LEU H 269 10.00 -15.74 -36.61
CA LEU H 269 9.16 -14.97 -35.70
C LEU H 269 7.86 -14.64 -36.40
N ALA H 270 6.75 -15.10 -35.84
CA ALA H 270 5.46 -14.89 -36.46
C ALA H 270 5.09 -13.41 -36.46
N PRO H 271 4.34 -12.96 -37.47
CA PRO H 271 3.96 -11.54 -37.50
C PRO H 271 2.79 -11.25 -36.59
N LYS H 272 2.79 -10.03 -36.04
CA LYS H 272 1.70 -9.58 -35.21
C LYS H 272 0.40 -9.55 -36.02
N PHE H 273 -0.67 -10.08 -35.42
CA PHE H 273 -1.95 -10.15 -36.10
C PHE H 273 -2.51 -8.75 -36.36
N ASN H 274 -3.11 -8.57 -37.53
CA ASN H 274 -3.72 -7.30 -37.93
C ASN H 274 -5.23 -7.44 -37.77
N ASP H 275 -5.79 -6.68 -36.85
CA ASP H 275 -7.23 -6.70 -36.60
C ASP H 275 -7.98 -5.58 -37.30
N GLU H 276 -7.34 -4.41 -37.47
CA GLU H 276 -7.99 -3.30 -38.15
C GLU H 276 -8.26 -3.59 -39.62
N GLU H 277 -7.51 -4.52 -40.21
CA GLU H 277 -7.69 -4.87 -41.62
C GLU H 277 -8.79 -5.92 -41.77
MG MG M . 17.48 1.95 29.14
PG AGS N . 14.15 2.20 29.41
S1G AGS N . 12.46 2.90 28.83
O2G AGS N . 15.36 2.84 28.45
O3G AGS N . 14.16 0.52 29.28
PB AGS N . 15.21 1.73 32.09
O1B AGS N . 16.56 1.31 31.53
O2B AGS N . 14.40 0.49 32.39
O3B AGS N . 14.41 2.65 30.98
PA AGS N . 16.66 3.59 33.72
O1A AGS N . 17.00 4.34 32.47
O2A AGS N . 17.87 2.76 34.14
O3A AGS N . 15.43 2.60 33.46
O5' AGS N . 16.28 4.65 34.95
C5' AGS N . 16.05 5.99 34.65
C4' AGS N . 15.92 6.79 35.90
O4' AGS N . 14.81 6.47 36.52
C3' AGS N . 17.18 6.42 36.93
O3' AGS N . 18.31 7.36 36.71
C2' AGS N . 16.71 6.59 38.08
O2' AGS N . 16.77 8.03 38.45
C1' AGS N . 15.18 6.10 37.94
N9 AGS N . 15.07 4.80 38.10
C8 AGS N . 14.71 3.80 37.30
N7 AGS N . 14.76 2.66 37.98
C5 AGS N . 15.15 2.96 39.23
C6 AGS N . 15.35 2.16 40.34
N6 AGS N . 15.20 0.71 40.41
N1 AGS N . 15.74 2.71 41.47
C2 AGS N . 15.94 4.03 41.54
N3 AGS N . 15.73 4.81 40.46
C4 AGS N . 15.33 4.26 39.30
HOG2 AGS N . 15.03 3.41 27.92
H21 AGS N . 14.97 0.26 29.19
H5'1 AGS N . 15.23 6.06 34.13
H5'2 AGS N . 16.79 6.33 34.13
H4' AGS N . 15.92 7.74 35.70
H3' AGS N . 17.45 5.51 36.82
HO3' AGS N . 19.04 6.96 36.90
H2' AGS N . 17.20 6.04 38.72
HO2' AGS N . 16.68 8.10 39.29
H1' AGS N . 14.62 6.58 38.57
H8 AGS N . 14.46 3.89 36.40
HN61 AGS N . 15.77 0.19 40.05
HN62 AGS N . 14.52 0.37 40.82
H2 AGS N . 16.22 4.42 42.34
MG MG O . -0.58 23.97 16.76
PG AGS P . -3.31 21.89 16.94
S1G AGS P . -4.66 21.40 15.66
O2G AGS P . -1.81 21.64 16.26
O3G AGS P . -3.48 20.94 18.31
PB AGS P . -3.16 24.12 18.82
O1B AGS P . -3.83 23.29 19.89
O2B AGS P . -1.66 24.14 19.04
O3B AGS P . -3.49 23.48 17.32
PA AGS P . -2.86 26.96 18.57
O1A AGS P . -1.78 27.09 19.62
O2A AGS P . -2.22 26.85 17.21
O3A AGS P . -3.74 25.65 18.86
O5' AGS P . -3.85 28.31 18.62
C5' AGS P . -4.21 28.90 17.42
C4' AGS P . -4.85 30.22 17.68
O4' AGS P . -5.97 30.05 18.35
C3' AGS P . -3.85 31.15 18.62
O3' AGS P . -2.97 31.99 17.76
C2' AGS P . -4.59 31.87 19.30
O2' AGS P . -4.93 33.10 18.54
C1' AGS P . -5.91 30.99 19.53
N9 AGS P . -5.83 30.26 20.64
C8 AGS P . -5.74 28.96 20.88
N7 AGS P . -5.70 28.79 22.21
C5 AGS P . -5.77 29.99 22.79
C6 AGS P . -5.76 30.39 24.10
N6 AGS P . -5.68 29.51 25.27
N1 AGS P . -5.83 31.67 24.40
C2 AGS P . -5.91 32.59 23.42
N3 AGS P . -5.92 32.21 22.13
C4 AGS P . -5.85 30.90 21.82
HOG2 AGS P . -1.59 22.33 15.81
H21 AGS P . -2.97 20.26 18.25
H5'1 AGS P . -4.83 28.31 16.96
H5'2 AGS P . -3.41 29.02 16.88
H4' AGS P . -5.02 30.67 16.84
H3' AGS P . -3.30 30.59 19.20
HO3' AGS P . -2.53 31.49 17.23
H2' AGS P . -4.16 32.10 20.14
HO2' AGS P . -5.44 33.59 19.00
H1' AGS P . -6.69 31.55 19.55
H8 AGS P . -5.72 28.28 20.25
HN61 AGS P . -5.34 28.73 25.19
HN62 AGS P . -5.97 29.79 26.04
H2 AGS P . -5.96 33.49 23.63
MG MG Q . -15.12 21.76 -9.05
PG AGS R . -17.71 19.67 -8.05
S1G AGS R . -18.42 17.97 -8.60
O2G AGS R . -16.05 19.63 -8.14
O3G AGS R . -18.17 19.99 -6.48
PB AGS R . -18.52 22.42 -8.64
O1B AGS R . -19.35 22.50 -7.37
O2B AGS R . -17.17 23.09 -8.40
O3B AGS R . -18.28 20.84 -9.06
PA AGS R . -18.58 23.86 -11.11
O1A AGS R . -17.89 25.11 -10.66
O2A AGS R . -17.57 22.90 -11.70
O3A AGS R . -19.31 23.16 -9.85
O5' AGS R . -19.72 24.24 -12.28
C5' AGS R . -19.79 23.43 -13.40
C4' AGS R . -20.74 24.02 -14.39
O4' AGS R . -21.96 24.01 -13.91
C3' AGS R . -20.31 25.62 -14.66
O3' AGS R . -19.58 25.71 -15.95
C2' AGS R . -21.36 26.27 -14.74
O2' AGS R . -21.77 26.42 -16.16
C1' AGS R . -22.47 25.42 -13.94
N9 AGS R . -22.65 25.86 -12.70
C8 AGS R . -22.45 25.31 -11.50
N7 AGS R . -22.82 26.19 -10.57
C5 AGS R . -23.24 27.29 -11.19
C6 AGS R . -23.72 28.49 -10.71
N6 AGS R . -23.88 28.86 -9.30
N1 AGS R . -24.08 29.43 -11.56
C2 AGS R . -23.98 29.22 -12.89
N3 AGS R . -23.52 28.05 -13.36
C4 AGS R . -23.15 27.09 -12.50
HOG2 AGS R . -15.81 19.10 -8.77
H21 AGS R . -17.86 19.39 -5.95
H5'1 AGS R . -18.92 23.36 -13.80
H5'2 AGS R . -20.10 22.55 -13.14
H4' AGS R . -20.71 23.53 -15.22
H3' AGS R . -19.76 25.94 -13.93
HO3' AGS R . -18.76 25.51 -15.84
H2' AGS R . -21.24 27.14 -14.32
HO2' AGS R . -22.17 27.16 -16.27
H1' AGS R . -23.31 25.45 -14.42
H8 AGS R . -22.12 24.45 -11.35
HN61 AGS R . -24.62 29.22 -9.04
HN62 AGS R . -23.24 28.73 -8.75
H2 AGS R . -24.24 29.89 -13.47
MG MG S . -19.57 -3.22 -24.44
PG AGS T . -22.21 -4.74 -22.88
S1G AGS T . -22.48 -6.45 -22.06
O2G AGS T . -20.61 -4.28 -22.72
O3G AGS T . -23.20 -3.60 -22.14
PB AGS T . -23.24 -3.64 -25.38
O1B AGS T . -24.39 -3.00 -24.64
O2B AGS T . -22.17 -2.59 -25.68
O3B AGS T . -22.58 -4.85 -24.47
PA AGS T . -22.89 -4.47 -28.11
O1A AGS T . -22.60 -3.13 -28.70
O2A AGS T . -21.59 -5.16 -27.76
O3A AGS T . -23.79 -4.30 -26.77
O5' AGS T . -23.74 -5.41 -29.20
C5' AGS T . -23.37 -6.74 -29.37
C4' AGS T . -24.07 -7.30 -30.56
O4' AGS T . -25.35 -7.39 -30.34
C3' AGS T . -23.86 -6.29 -31.86
O3' AGS T . -22.68 -6.74 -32.66
C2' AGS T . -24.88 -6.39 -32.54
O2' AGS T . -24.77 -7.55 -33.46
C1' AGS T . -26.05 -6.66 -31.46
N9 AGS T . -26.59 -5.54 -30.99
C8 AGS T . -26.64 -5.00 -29.78
N7 AGS T . -27.32 -3.86 -29.86
C5 AGS T . -27.69 -3.69 -31.13
C6 AGS T . -28.40 -2.70 -31.76
N6 AGS T . -28.95 -1.49 -31.13
N1 AGS T . -28.63 -2.77 -33.05
C2 AGS T . -28.17 -3.82 -33.76
N3 AGS T . -27.48 -4.80 -33.14
C4 AGS T . -27.24 -4.72 -31.83
HOG2 AGS T . -20.18 -4.51 -23.41
H21 AGS T . -23.04 -3.59 -21.31
H5'1 AGS T . -23.62 -7.24 -28.58
H5'2 AGS T . -22.42 -6.79 -29.50
H4' AGS T . -23.72 -8.18 -30.77
H3' AGS T . -23.73 -5.38 -31.56
HO3' AGS T . -22.94 -7.11 -33.37
H2' AGS T . -25.04 -5.57 -33.04
HO2' AGS T . -25.23 -7.39 -34.16
H1' AGS T . -26.73 -7.22 -31.85
H8 AGS T . -26.27 -5.36 -29.01
HN61 AGS T . -28.45 -0.84 -30.91
HN62 AGS T . -29.81 -1.43 -30.97
H2 AGS T . -28.34 -3.87 -34.67
PB GDP U . -16.83 -33.29 -15.79
O1B GDP U . -18.08 -32.89 -16.56
O2B GDP U . -15.63 -32.59 -16.38
O3B GDP U . -16.99 -32.91 -14.34
O3A GDP U . -16.63 -34.93 -15.91
PA GDP U . -15.65 -35.67 -17.00
O1A GDP U . -15.79 -35.01 -18.35
O2A GDP U . -14.22 -35.56 -16.55
O5' GDP U . -16.07 -37.25 -17.11
C5' GDP U . -15.85 -38.08 -16.00
C4' GDP U . -15.60 -39.51 -16.45
O4' GDP U . -16.95 -40.10 -17.10
C3' GDP U . -14.65 -39.57 -17.35
O3' GDP U . -13.42 -40.15 -16.73
C2' GDP U . -15.16 -40.50 -18.47
O2' GDP U . -14.45 -41.65 -18.45
C1' GDP U . -16.64 -40.78 -18.18
N9 GDP U . -17.49 -40.32 -19.29
C8 GDP U . -17.93 -39.09 -19.58
N7 GDP U . -18.68 -39.19 -20.70
C5 GDP U . -18.69 -40.47 -21.08
C6 GDP U . -19.36 -41.16 -22.26
O6 GDP U . -20.00 -40.55 -23.03
N1 GDP U . -19.20 -42.58 -22.44
C2 GDP U . -18.41 -43.33 -21.50
N2 GDP U . -18.24 -44.76 -21.67
N3 GDP U . -17.77 -42.65 -20.37
C4 GDP U . -17.93 -41.18 -20.19
H5' GDP U . -16.63 -38.06 -15.43
H5'' GDP U . -15.08 -37.76 -15.51
H4' GDP U . -15.35 -40.05 -15.68
H3' GDP U . -14.46 -38.69 -17.70
HO3' GDP U . -12.84 -39.54 -16.60
H2' GDP U . -15.07 -40.06 -19.33
HO2' GDP U . -14.05 -41.76 -19.20
H1' GDP U . -16.77 -41.73 -18.01
H8 GDP U . -17.76 -38.32 -19.10
HN1 GDP U . -19.57 -42.98 -23.09
HN21 GDP U . -17.77 -45.21 -21.10
HN22 GDP U . -18.62 -45.17 -22.33
#